data_2XTA
#
_entry.id   2XTA
#
_cell.length_a   80.550
_cell.length_b   83.580
_cell.length_c   160.070
_cell.angle_alpha   99.59
_cell.angle_beta   98.94
_cell.angle_gamma   100.68
#
_symmetry.space_group_name_H-M   'P 1'
#
loop_
_entity.id
_entity.type
_entity.pdbx_description
1 polymer '2-OXOGLUTARATE DECARBOXYLASE'
2 non-polymer 'THIAMINE DIPHOSPHATE'
3 non-polymer 'MAGNESIUM ION'
4 non-polymer 'CALCIUM ION'
5 non-polymer 'ACETYL COENZYME *A'
6 water water
#
_entity_poly.entity_id   1
_entity_poly.type   'polypeptide(L)'
_entity_poly.pdbx_seq_one_letter_code
;GDSIEDKNARVIELIAAYRNRGHLMADIDPLRLDNTRFRSHPDLDVNSHGLTLWDLDREFKVDGFAGVQRKKLRDILSVL
RDAYCRHVGVEYTHILEPEQQRWIQERVETKHDKPTVAEQKYILSKLNAAEAFETFLQTKYVGQKRFSLEGAETVIPMMD
AVIDQCAEHGLDEVVIAMPHRGRLNVLANIVGKPYSQIFSEFEGNLNPSQAHGSGDVKYHLGATGTYIQMFGDNDIEVSL
TANPSHLEAVDPVLEGLVRAKQDLLDTGEEGSDNRFSVVPLMLHGDAAFAGQGVVAETLNLALLRGYRTGGTIHIVVNNQ
IGFTTAPTDSRSSEYCTDVAKMIGAPIFHVNGDDPEACAWVARLAVDFRQAFKKDVVIDMLCYRRRGHNEGDDPSMTQPY
MYDVIDTKRGSRKAYTEALIGRGDISMKEAEDALRDYQGQLERVFNEVRELEKHEIEPSESVEADQQIPSKLATAVDKAM
LQRIGDAHLALPEGFTVHPRVRPVLEKRREMAYEGRIDWAFAELLALGSLIAEGKLVRLSGQDTQRGTFTQRHAVIVDRK
TGEEFTPLQLLATNPDGTPTGGKFLVYNSALSEFAAVGFEYGYSVGNPDAMVLWEAQFGDFVNGAQSIIDEFISSGEAKW
GQLSDVVLLLPHGHEGQGPDHTSGRIERFLQLWAEGSMTIAMPSTPANYFHLLRRHGKDGIQRPLIVFTPKSMLRNKAAV
SDIRDFTESKFRSVLEEPMYTDGEGDRNKVTRLLLTSGKIYYELAARKAKENREDVAIVRIEQLAPLPRRRLAETLDRYP
NVKEKFWVQEEPANQGAWPSFGLTLPEILPDHFTGLKRISRRAMSAPSSGSSKVHAVEQQEILDTAFG
;
_entity_poly.pdbx_strand_id   A,B,C,D
#
# COMPACT_ATOMS: atom_id res chain seq x y z
N LYS A 7 -20.90 38.95 -75.53
CA LYS A 7 -20.16 37.71 -75.71
C LYS A 7 -19.18 37.47 -74.55
N ASN A 8 -18.43 38.52 -74.16
CA ASN A 8 -17.46 38.49 -73.07
C ASN A 8 -18.15 38.21 -71.73
N ALA A 9 -19.45 38.59 -71.61
CA ALA A 9 -20.26 38.37 -70.42
C ALA A 9 -20.68 36.90 -70.34
N ARG A 10 -20.99 36.28 -71.50
CA ARG A 10 -21.39 34.87 -71.62
C ARG A 10 -20.21 33.91 -71.28
N VAL A 11 -18.97 34.40 -71.45
CA VAL A 11 -17.73 33.67 -71.15
C VAL A 11 -17.52 33.71 -69.62
N ILE A 12 -17.68 34.91 -69.00
CA ILE A 12 -17.55 35.15 -67.56
C ILE A 12 -18.54 34.24 -66.80
N GLU A 13 -19.78 34.10 -67.33
CA GLU A 13 -20.82 33.21 -66.78
C GLU A 13 -20.44 31.74 -66.96
N LEU A 14 -19.77 31.40 -68.09
CA LEU A 14 -19.33 30.03 -68.38
C LEU A 14 -18.21 29.64 -67.39
N ILE A 15 -17.25 30.55 -67.15
CA ILE A 15 -16.15 30.35 -66.21
C ILE A 15 -16.74 30.11 -64.79
N ALA A 16 -17.66 30.97 -64.34
CA ALA A 16 -18.30 30.86 -63.03
C ALA A 16 -19.06 29.53 -62.92
N ALA A 17 -19.76 29.10 -63.98
CA ALA A 17 -20.51 27.84 -64.03
C ALA A 17 -19.61 26.63 -63.81
N TYR A 18 -18.41 26.59 -64.43
CA TYR A 18 -17.47 25.48 -64.23
C TYR A 18 -16.92 25.49 -62.79
N ARG A 19 -16.53 26.68 -62.30
CA ARG A 19 -16.00 26.85 -60.95
C ARG A 19 -17.04 26.49 -59.89
N ASN A 20 -18.30 26.89 -60.07
CA ASN A 20 -19.38 26.62 -59.10
C ASN A 20 -20.00 25.25 -59.21
N ARG A 21 -20.32 24.78 -60.44
CA ARG A 21 -21.06 23.55 -60.61
C ARG A 21 -20.41 22.46 -61.47
N GLY A 22 -19.17 22.67 -61.91
CA GLY A 22 -18.46 21.69 -62.74
C GLY A 22 -18.36 20.32 -62.11
N HIS A 23 -18.26 20.28 -60.76
CA HIS A 23 -18.21 19.06 -59.93
C HIS A 23 -19.43 18.14 -60.16
N LEU A 24 -20.58 18.68 -60.59
CA LEU A 24 -21.80 17.90 -60.85
C LEU A 24 -21.68 17.04 -62.15
N MET A 25 -20.70 17.38 -63.02
CA MET A 25 -20.43 16.69 -64.28
C MET A 25 -19.10 15.94 -64.28
N ALA A 26 -18.32 16.07 -63.21
CA ALA A 26 -17.03 15.39 -63.08
C ALA A 26 -17.21 13.85 -63.06
N ASP A 27 -16.27 13.11 -63.69
CA ASP A 27 -16.31 11.65 -63.70
C ASP A 27 -15.63 11.13 -62.41
N ILE A 28 -16.36 11.18 -61.30
CA ILE A 28 -15.89 10.82 -59.96
C ILE A 28 -16.30 9.40 -59.50
N ASP A 29 -17.37 8.82 -60.05
CA ASP A 29 -17.83 7.50 -59.63
C ASP A 29 -17.14 6.40 -60.46
N PRO A 30 -16.30 5.53 -59.84
CA PRO A 30 -15.66 4.44 -60.61
C PRO A 30 -16.63 3.35 -61.09
N LEU A 31 -17.86 3.32 -60.56
CA LEU A 31 -18.91 2.36 -60.95
C LEU A 31 -19.83 2.94 -62.02
N ARG A 32 -19.82 4.30 -62.22
CA ARG A 32 -20.67 5.04 -63.16
C ARG A 32 -22.13 4.57 -63.05
N LEU A 33 -22.65 4.49 -61.81
CA LEU A 33 -24.01 4.01 -61.54
C LEU A 33 -25.08 4.92 -62.14
N ASP A 34 -24.99 6.25 -61.92
CA ASP A 34 -25.94 7.22 -62.47
C ASP A 34 -25.54 7.54 -63.89
N ASN A 35 -26.32 7.03 -64.85
CA ASN A 35 -26.07 7.19 -66.29
C ASN A 35 -26.52 8.56 -66.80
N THR A 36 -27.44 9.23 -66.08
CA THR A 36 -28.01 10.54 -66.44
C THR A 36 -27.08 11.71 -66.07
N ARG A 37 -26.04 11.43 -65.27
CA ARG A 37 -25.03 12.39 -64.77
C ARG A 37 -24.37 13.22 -65.89
N PHE A 38 -24.05 12.60 -67.04
CA PHE A 38 -23.37 13.28 -68.15
C PHE A 38 -24.33 13.95 -69.15
N ARG A 39 -25.60 13.50 -69.19
CA ARG A 39 -26.62 14.15 -70.04
C ARG A 39 -27.31 15.26 -69.24
N SER A 40 -27.86 16.28 -69.93
CA SER A 40 -28.58 17.42 -69.32
C SER A 40 -27.73 18.19 -68.24
N HIS A 41 -26.83 19.06 -68.73
CA HIS A 41 -25.96 19.98 -67.99
C HIS A 41 -25.80 21.24 -68.88
N PRO A 42 -26.82 22.15 -68.89
CA PRO A 42 -26.76 23.32 -69.79
C PRO A 42 -25.86 24.44 -69.28
N ASP A 43 -25.63 24.47 -67.94
CA ASP A 43 -24.77 25.43 -67.23
C ASP A 43 -23.36 25.45 -67.81
N LEU A 44 -22.88 24.28 -68.21
CA LEU A 44 -21.54 24.08 -68.72
C LEU A 44 -21.50 24.04 -70.26
N ASP A 45 -22.68 23.94 -70.90
CA ASP A 45 -22.85 23.91 -72.35
C ASP A 45 -22.64 25.31 -72.94
N VAL A 46 -21.85 25.39 -74.03
CA VAL A 46 -21.46 26.60 -74.75
C VAL A 46 -22.67 27.30 -75.41
N ASN A 47 -23.53 26.52 -76.11
CA ASN A 47 -24.72 27.00 -76.82
C ASN A 47 -25.82 27.46 -75.85
N SER A 48 -25.83 26.91 -74.61
CA SER A 48 -26.78 27.28 -73.57
C SER A 48 -26.33 28.56 -72.81
N HIS A 49 -25.27 29.23 -73.32
CA HIS A 49 -24.73 30.48 -72.78
C HIS A 49 -24.73 31.59 -73.85
N GLY A 50 -25.05 31.23 -75.10
CA GLY A 50 -25.08 32.17 -76.21
C GLY A 50 -23.76 32.31 -76.93
N LEU A 51 -23.02 31.18 -77.04
CA LEU A 51 -21.72 31.10 -77.71
C LEU A 51 -21.73 29.96 -78.73
N THR A 52 -20.95 30.12 -79.80
CA THR A 52 -20.85 29.16 -80.91
C THR A 52 -19.42 28.64 -81.10
N LEU A 53 -19.21 27.74 -82.10
CA LEU A 53 -17.92 27.17 -82.48
C LEU A 53 -16.97 28.25 -83.03
N TRP A 54 -17.53 29.35 -83.53
CA TRP A 54 -16.80 30.48 -84.10
C TRP A 54 -16.12 31.28 -83.01
N ASP A 55 -16.75 31.36 -81.83
CA ASP A 55 -16.27 32.06 -80.65
C ASP A 55 -15.09 31.34 -79.98
N LEU A 56 -14.95 30.02 -80.19
CA LEU A 56 -13.91 29.16 -79.60
C LEU A 56 -12.48 29.59 -79.94
N ASP A 57 -12.27 30.18 -81.13
CA ASP A 57 -10.96 30.63 -81.58
C ASP A 57 -10.72 32.12 -81.32
N ARG A 58 -11.74 32.84 -80.78
CA ARG A 58 -11.65 34.26 -80.43
C ARG A 58 -10.98 34.42 -79.05
N GLU A 59 -10.09 35.42 -78.93
CA GLU A 59 -9.40 35.74 -77.68
C GLU A 59 -10.29 36.61 -76.81
N PHE A 60 -10.37 36.27 -75.50
CA PHE A 60 -11.16 36.96 -74.47
C PHE A 60 -10.28 37.37 -73.31
N LYS A 61 -10.72 38.40 -72.56
CA LYS A 61 -10.05 38.88 -71.35
C LYS A 61 -10.56 38.09 -70.14
N VAL A 62 -9.64 37.40 -69.43
CA VAL A 62 -9.93 36.58 -68.26
C VAL A 62 -8.89 36.81 -67.17
N GLN A 69 -5.60 38.82 -68.36
CA GLN A 69 -4.90 38.01 -69.37
C GLN A 69 -5.78 37.75 -70.60
N ARG A 70 -5.14 37.62 -71.78
CA ARG A 70 -5.82 37.35 -73.06
C ARG A 70 -5.59 35.89 -73.49
N LYS A 71 -6.67 35.08 -73.50
CA LYS A 71 -6.62 33.67 -73.88
C LYS A 71 -7.83 33.30 -74.74
N LYS A 72 -7.63 32.36 -75.69
CA LYS A 72 -8.71 31.87 -76.58
C LYS A 72 -9.75 31.11 -75.76
N LEU A 73 -11.03 31.20 -76.17
CA LEU A 73 -12.14 30.53 -75.50
C LEU A 73 -11.88 29.01 -75.39
N ARG A 74 -11.33 28.39 -76.47
CA ARG A 74 -11.01 26.95 -76.51
C ARG A 74 -10.01 26.55 -75.40
N ASP A 75 -9.05 27.44 -75.08
CA ASP A 75 -8.02 27.21 -74.06
C ASP A 75 -8.61 27.41 -72.69
N ILE A 76 -9.53 28.38 -72.53
CA ILE A 76 -10.27 28.64 -71.29
C ILE A 76 -11.07 27.37 -70.97
N LEU A 77 -11.86 26.88 -71.94
CA LEU A 77 -12.73 25.71 -71.84
C LEU A 77 -11.96 24.41 -71.57
N SER A 78 -10.78 24.21 -72.21
CA SER A 78 -9.96 23.01 -71.96
C SER A 78 -9.40 23.05 -70.50
N VAL A 79 -8.94 24.25 -70.04
CA VAL A 79 -8.44 24.48 -68.69
C VAL A 79 -9.56 24.20 -67.67
N LEU A 80 -10.79 24.72 -67.93
CA LEU A 80 -11.94 24.50 -67.03
C LEU A 80 -12.34 23.00 -66.93
N ARG A 81 -12.56 22.32 -68.08
CA ARG A 81 -12.94 20.89 -68.13
C ARG A 81 -11.91 19.97 -67.46
N ASP A 82 -10.59 20.21 -67.66
CA ASP A 82 -9.53 19.39 -67.08
C ASP A 82 -9.48 19.58 -65.57
N ALA A 83 -9.67 20.81 -65.09
CA ALA A 83 -9.62 21.17 -63.69
C ALA A 83 -10.87 20.79 -62.92
N TYR A 84 -12.07 20.88 -63.53
CA TYR A 84 -13.33 20.65 -62.81
C TYR A 84 -14.20 19.47 -63.28
N CYS A 85 -13.93 18.86 -64.44
CA CYS A 85 -14.82 17.83 -64.97
C CYS A 85 -14.12 16.52 -65.31
N ARG A 86 -12.94 16.28 -64.75
CA ARG A 86 -12.26 15.03 -65.06
C ARG A 86 -12.47 14.06 -63.89
N HIS A 87 -11.42 13.65 -63.16
CA HIS A 87 -11.62 12.70 -62.06
C HIS A 87 -11.71 13.39 -60.69
N VAL A 88 -11.62 14.72 -60.65
CA VAL A 88 -11.71 15.52 -59.43
C VAL A 88 -12.87 16.52 -59.53
N GLY A 89 -13.80 16.42 -58.59
CA GLY A 89 -14.91 17.36 -58.43
C GLY A 89 -14.55 18.32 -57.31
N VAL A 90 -14.34 19.59 -57.65
CA VAL A 90 -13.91 20.61 -56.67
C VAL A 90 -15.06 21.52 -56.23
N GLU A 91 -15.34 21.57 -54.91
CA GLU A 91 -16.34 22.46 -54.32
C GLU A 91 -15.62 23.48 -53.46
N TYR A 92 -15.62 24.75 -53.87
CA TYR A 92 -14.88 25.76 -53.11
C TYR A 92 -15.49 27.17 -53.18
N THR A 93 -16.44 27.43 -54.08
CA THR A 93 -16.96 28.79 -54.26
C THR A 93 -17.92 29.21 -53.12
N HIS A 94 -18.20 28.30 -52.17
CA HIS A 94 -18.99 28.54 -50.94
C HIS A 94 -18.10 29.16 -49.86
N ILE A 95 -16.76 29.18 -50.07
CA ILE A 95 -15.80 29.72 -49.12
C ILE A 95 -15.92 31.25 -49.13
N LEU A 96 -16.20 31.85 -47.97
CA LEU A 96 -16.40 33.30 -47.87
C LEU A 96 -15.10 34.11 -48.01
N GLU A 97 -13.93 33.51 -47.71
CA GLU A 97 -12.62 34.16 -47.79
C GLU A 97 -12.15 34.21 -49.28
N PRO A 98 -12.06 35.41 -49.90
CA PRO A 98 -11.67 35.48 -51.33
C PRO A 98 -10.26 34.97 -51.60
N GLU A 99 -9.34 35.12 -50.62
CA GLU A 99 -7.94 34.67 -50.76
C GLU A 99 -7.85 33.15 -50.80
N GLN A 100 -8.80 32.45 -50.14
CA GLN A 100 -8.82 31.00 -50.12
C GLN A 100 -9.32 30.45 -51.45
N GLN A 101 -10.39 31.07 -52.00
CA GLN A 101 -10.95 30.74 -53.30
C GLN A 101 -9.88 30.93 -54.36
N ARG A 102 -9.17 32.08 -54.33
CA ARG A 102 -8.10 32.39 -55.31
C ARG A 102 -6.94 31.39 -55.22
N TRP A 103 -6.52 31.00 -53.99
CA TRP A 103 -5.45 30.01 -53.74
C TRP A 103 -5.77 28.66 -54.44
N ILE A 104 -7.00 28.13 -54.23
CA ILE A 104 -7.45 26.86 -54.83
C ILE A 104 -7.48 27.00 -56.35
N GLN A 105 -8.17 28.04 -56.84
CA GLN A 105 -8.35 28.42 -58.24
C GLN A 105 -7.03 28.38 -59.00
N GLU A 106 -5.99 29.05 -58.48
CA GLU A 106 -4.66 29.11 -59.09
C GLU A 106 -3.99 27.73 -59.18
N ARG A 107 -4.10 26.90 -58.12
CA ARG A 107 -3.46 25.58 -58.08
C ARG A 107 -4.21 24.51 -58.89
N VAL A 108 -5.51 24.65 -59.04
CA VAL A 108 -6.38 23.70 -59.74
C VAL A 108 -6.45 24.03 -61.25
N GLU A 109 -6.45 25.32 -61.60
CA GLU A 109 -6.58 25.78 -62.98
C GLU A 109 -5.23 25.91 -63.75
N THR A 110 -4.11 25.48 -63.17
CA THR A 110 -2.83 25.51 -63.89
C THR A 110 -2.54 24.12 -64.46
N LYS A 111 -1.90 24.05 -65.64
CA LYS A 111 -1.58 22.76 -66.25
C LYS A 111 -0.37 22.15 -65.51
N HIS A 112 -0.64 21.15 -64.64
CA HIS A 112 0.37 20.47 -63.84
C HIS A 112 1.16 19.49 -64.70
N ASP A 113 2.48 19.40 -64.43
CA ASP A 113 3.36 18.49 -65.13
C ASP A 113 3.04 17.07 -64.68
N LYS A 114 2.89 16.13 -65.64
CA LYS A 114 2.57 14.72 -65.39
C LYS A 114 3.54 14.10 -64.36
N PRO A 115 3.09 13.21 -63.45
CA PRO A 115 4.03 12.64 -62.45
C PRO A 115 5.13 11.82 -63.13
N THR A 116 6.33 11.80 -62.52
CA THR A 116 7.47 11.04 -63.03
C THR A 116 7.20 9.55 -62.86
N VAL A 117 7.83 8.72 -63.72
CA VAL A 117 7.70 7.26 -63.69
C VAL A 117 8.02 6.75 -62.28
N ALA A 118 9.04 7.36 -61.62
CA ALA A 118 9.43 7.06 -60.23
C ALA A 118 8.26 7.28 -59.25
N GLU A 119 7.51 8.40 -59.41
CA GLU A 119 6.36 8.74 -58.59
C GLU A 119 5.20 7.79 -58.89
N GLN A 120 4.97 7.47 -60.18
CA GLN A 120 3.92 6.54 -60.64
C GLN A 120 4.17 5.12 -60.12
N LYS A 121 5.42 4.65 -60.16
CA LYS A 121 5.79 3.32 -59.65
C LYS A 121 5.69 3.28 -58.14
N TYR A 122 5.98 4.42 -57.47
CA TYR A 122 5.83 4.50 -56.02
C TYR A 122 4.34 4.37 -55.63
N ILE A 123 3.45 5.03 -56.39
CA ILE A 123 1.99 4.97 -56.18
C ILE A 123 1.54 3.54 -56.45
N LEU A 124 2.03 2.92 -57.54
CA LEU A 124 1.69 1.54 -57.85
C LEU A 124 2.20 0.59 -56.74
N SER A 125 3.40 0.83 -56.19
CA SER A 125 3.98 0.04 -55.08
C SER A 125 3.08 0.08 -53.81
N LYS A 126 2.50 1.24 -53.51
CA LYS A 126 1.60 1.38 -52.36
C LYS A 126 0.27 0.62 -52.58
N LEU A 127 -0.26 0.57 -53.83
CA LEU A 127 -1.45 -0.24 -54.20
C LEU A 127 -1.15 -1.73 -54.16
N ASN A 128 0.10 -2.11 -54.54
CA ASN A 128 0.61 -3.49 -54.55
C ASN A 128 0.64 -4.02 -53.13
N ALA A 129 1.17 -3.19 -52.20
CA ALA A 129 1.27 -3.49 -50.78
C ALA A 129 -0.13 -3.57 -50.12
N ALA A 130 -1.08 -2.73 -50.56
CA ALA A 130 -2.44 -2.70 -50.01
C ALA A 130 -3.28 -3.90 -50.47
N GLU A 131 -3.31 -4.19 -51.79
CA GLU A 131 -4.02 -5.34 -52.33
C GLU A 131 -3.42 -6.67 -51.84
N ALA A 132 -2.11 -6.74 -51.69
CA ALA A 132 -1.46 -7.95 -51.17
C ALA A 132 -1.84 -8.18 -49.71
N PHE A 133 -1.99 -7.09 -48.92
CA PHE A 133 -2.42 -7.17 -47.52
C PHE A 133 -3.86 -7.69 -47.44
N GLU A 134 -4.76 -7.13 -48.27
CA GLU A 134 -6.17 -7.50 -48.37
C GLU A 134 -6.34 -8.95 -48.80
N THR A 135 -5.51 -9.42 -49.76
CA THR A 135 -5.55 -10.80 -50.28
C THR A 135 -5.17 -11.81 -49.17
N PHE A 136 -4.10 -11.55 -48.42
CA PHE A 136 -3.67 -12.38 -47.29
C PHE A 136 -4.76 -12.42 -46.22
N LEU A 137 -5.32 -11.26 -45.82
CA LEU A 137 -6.37 -11.20 -44.79
C LEU A 137 -7.56 -12.12 -45.06
N GLN A 138 -8.10 -12.09 -46.30
CA GLN A 138 -9.27 -12.89 -46.64
C GLN A 138 -8.92 -14.36 -46.86
N THR A 139 -7.69 -14.65 -47.26
CA THR A 139 -7.24 -16.01 -47.56
C THR A 139 -6.77 -16.74 -46.29
N LYS A 140 -5.96 -16.09 -45.42
CA LYS A 140 -5.40 -16.72 -44.22
C LYS A 140 -6.42 -16.91 -43.11
N TYR A 141 -7.26 -15.89 -42.85
CA TYR A 141 -8.22 -15.98 -41.76
C TYR A 141 -9.68 -15.94 -42.22
N VAL A 142 -10.57 -16.47 -41.35
CA VAL A 142 -12.02 -16.51 -41.51
C VAL A 142 -12.64 -15.40 -40.64
N GLY A 143 -13.79 -14.88 -41.08
CA GLY A 143 -14.50 -13.80 -40.41
C GLY A 143 -13.84 -12.44 -40.56
N GLN A 144 -13.11 -12.23 -41.67
CA GLN A 144 -12.39 -10.98 -41.93
C GLN A 144 -13.05 -10.11 -43.04
N LYS A 145 -14.15 -10.60 -43.67
CA LYS A 145 -14.88 -9.89 -44.74
C LYS A 145 -15.34 -8.48 -44.32
N ARG A 146 -15.77 -8.28 -43.07
CA ARG A 146 -16.25 -6.97 -42.56
C ARG A 146 -15.17 -5.86 -42.54
N PHE A 147 -13.90 -6.23 -42.48
CA PHE A 147 -12.80 -5.29 -42.43
C PHE A 147 -12.15 -5.08 -43.79
N SER A 148 -12.65 -5.77 -44.84
CA SER A 148 -12.09 -5.68 -46.19
C SER A 148 -12.10 -4.26 -46.75
N LEU A 149 -10.95 -3.84 -47.27
CA LEU A 149 -10.70 -2.56 -47.95
C LEU A 149 -10.76 -2.78 -49.46
N GLU A 150 -11.12 -4.01 -49.93
CA GLU A 150 -11.24 -4.35 -51.35
C GLU A 150 -12.27 -3.42 -52.05
N GLY A 151 -11.78 -2.69 -53.04
CA GLY A 151 -12.52 -1.71 -53.81
C GLY A 151 -12.17 -0.28 -53.41
N ALA A 152 -11.41 -0.12 -52.30
CA ALA A 152 -11.03 1.16 -51.70
C ALA A 152 -9.52 1.23 -51.32
N GLU A 153 -8.67 0.38 -51.92
CA GLU A 153 -7.23 0.31 -51.60
C GLU A 153 -6.46 1.57 -51.94
N THR A 154 -7.03 2.44 -52.82
CA THR A 154 -6.46 3.74 -53.19
C THR A 154 -6.33 4.65 -51.93
N VAL A 155 -7.08 4.35 -50.84
CA VAL A 155 -6.98 5.13 -49.59
C VAL A 155 -5.55 5.00 -49.00
N ILE A 156 -4.83 3.87 -49.25
CA ILE A 156 -3.46 3.64 -48.77
C ILE A 156 -2.48 4.63 -49.48
N PRO A 157 -2.29 4.67 -50.84
CA PRO A 157 -1.39 5.69 -51.40
C PRO A 157 -1.89 7.14 -51.16
N MET A 158 -3.22 7.33 -50.93
CA MET A 158 -3.77 8.64 -50.60
C MET A 158 -3.30 9.09 -49.20
N MET A 159 -3.37 8.19 -48.20
CA MET A 159 -2.94 8.49 -46.81
C MET A 159 -1.43 8.67 -46.78
N ASP A 160 -0.72 7.89 -47.57
CA ASP A 160 0.74 7.97 -47.69
C ASP A 160 1.17 9.35 -48.19
N ALA A 161 0.43 9.90 -49.18
CA ALA A 161 0.68 11.23 -49.76
C ALA A 161 0.41 12.32 -48.74
N VAL A 162 -0.65 12.16 -47.90
CA VAL A 162 -0.98 13.10 -46.83
C VAL A 162 0.21 13.22 -45.87
N ILE A 163 0.67 12.07 -45.34
CA ILE A 163 1.72 11.96 -44.33
C ILE A 163 3.07 12.44 -44.89
N ASP A 164 3.40 12.04 -46.15
CA ASP A 164 4.62 12.46 -46.84
C ASP A 164 4.63 13.98 -47.07
N GLN A 165 3.46 14.58 -47.38
CA GLN A 165 3.36 16.04 -47.58
C GLN A 165 3.49 16.75 -46.22
N CYS A 166 2.99 16.14 -45.13
CA CYS A 166 3.11 16.71 -43.77
C CYS A 166 4.60 16.70 -43.36
N ALA A 167 5.34 15.63 -43.72
CA ALA A 167 6.79 15.49 -43.48
C ALA A 167 7.56 16.52 -44.31
N GLU A 168 7.08 16.81 -45.54
CA GLU A 168 7.69 17.79 -46.44
C GLU A 168 7.54 19.23 -45.87
N HIS A 169 6.49 19.49 -45.06
CA HIS A 169 6.30 20.78 -44.40
C HIS A 169 7.10 20.85 -43.08
N GLY A 170 7.80 19.76 -42.74
CA GLY A 170 8.60 19.62 -41.54
C GLY A 170 7.79 19.50 -40.27
N LEU A 171 6.57 18.94 -40.36
CA LEU A 171 5.67 18.81 -39.22
C LEU A 171 6.09 17.66 -38.28
N ASP A 172 5.57 17.65 -37.05
CA ASP A 172 6.02 16.74 -36.01
C ASP A 172 5.28 15.40 -35.95
N GLU A 173 3.94 15.43 -36.09
CA GLU A 173 3.17 14.19 -36.01
C GLU A 173 1.87 14.27 -36.78
N VAL A 174 1.41 13.11 -37.25
CA VAL A 174 0.11 12.91 -37.87
C VAL A 174 -0.63 11.94 -36.95
N VAL A 175 -1.82 12.32 -36.45
CA VAL A 175 -2.57 11.43 -35.59
C VAL A 175 -3.80 11.04 -36.35
N ILE A 176 -4.01 9.72 -36.53
CA ILE A 176 -5.12 9.14 -37.27
C ILE A 176 -6.22 8.62 -36.35
N ALA A 177 -7.45 8.84 -36.79
CA ALA A 177 -8.68 8.29 -36.22
C ALA A 177 -9.44 7.69 -37.36
N MET A 178 -9.90 6.44 -37.20
CA MET A 178 -10.63 5.80 -38.30
C MET A 178 -11.64 4.73 -37.80
N PRO A 179 -12.67 4.35 -38.60
CA PRO A 179 -13.44 3.16 -38.24
C PRO A 179 -12.62 1.87 -38.58
N HIS A 180 -13.20 0.66 -38.43
CA HIS A 180 -12.45 -0.60 -38.59
C HIS A 180 -12.05 -1.01 -40.04
N ARG A 181 -12.77 -0.54 -41.10
CA ARG A 181 -12.47 -0.95 -42.48
C ARG A 181 -11.04 -0.55 -42.92
N GLY A 182 -10.22 -1.56 -43.23
CA GLY A 182 -8.84 -1.39 -43.66
C GLY A 182 -7.88 -0.97 -42.57
N ARG A 183 -8.27 -1.12 -41.30
CA ARG A 183 -7.45 -0.68 -40.17
C ARG A 183 -6.10 -1.35 -40.07
N LEU A 184 -6.04 -2.69 -40.19
CA LEU A 184 -4.77 -3.42 -40.08
C LEU A 184 -3.87 -3.12 -41.27
N ASN A 185 -4.47 -2.78 -42.43
CA ASN A 185 -3.77 -2.40 -43.64
C ASN A 185 -3.06 -1.08 -43.38
N VAL A 186 -3.73 -0.12 -42.70
CA VAL A 186 -3.20 1.18 -42.30
C VAL A 186 -2.08 0.93 -41.29
N LEU A 187 -2.27 0.01 -40.33
CA LEU A 187 -1.22 -0.33 -39.37
C LEU A 187 0.05 -0.80 -40.06
N ALA A 188 -0.08 -1.66 -41.09
CA ALA A 188 1.07 -2.20 -41.82
C ALA A 188 1.66 -1.22 -42.84
N ASN A 189 0.81 -0.54 -43.64
CA ASN A 189 1.34 0.25 -44.76
C ASN A 189 1.38 1.77 -44.55
N ILE A 190 0.98 2.28 -43.37
CA ILE A 190 0.97 3.72 -43.06
C ILE A 190 1.71 3.95 -41.72
N VAL A 191 1.25 3.29 -40.65
CA VAL A 191 1.87 3.40 -39.32
C VAL A 191 3.23 2.65 -39.38
N GLY A 192 3.32 1.65 -40.27
CA GLY A 192 4.52 0.85 -40.48
C GLY A 192 4.76 -0.20 -39.42
N LYS A 193 3.70 -0.68 -38.73
CA LYS A 193 3.86 -1.72 -37.71
C LYS A 193 4.24 -3.06 -38.36
N PRO A 194 5.19 -3.83 -37.79
CA PRO A 194 5.56 -5.11 -38.43
C PRO A 194 4.42 -6.13 -38.27
N TYR A 195 4.33 -7.07 -39.23
CA TYR A 195 3.35 -8.16 -39.26
C TYR A 195 3.40 -9.01 -37.99
N SER A 196 4.61 -9.19 -37.37
CA SER A 196 4.80 -9.95 -36.12
C SER A 196 4.02 -9.31 -34.96
N GLN A 197 3.97 -7.97 -34.91
CA GLN A 197 3.21 -7.22 -33.90
C GLN A 197 1.71 -7.23 -34.23
N ILE A 198 1.35 -7.07 -35.53
CA ILE A 198 -0.05 -7.01 -35.98
C ILE A 198 -0.76 -8.35 -35.78
N PHE A 199 -0.17 -9.47 -36.26
CA PHE A 199 -0.84 -10.77 -36.24
C PHE A 199 -0.39 -11.71 -35.09
N SER A 200 0.05 -11.14 -33.95
CA SER A 200 0.44 -11.93 -32.78
C SER A 200 -0.80 -12.38 -31.98
N GLU A 201 -0.73 -13.61 -31.39
CA GLU A 201 -1.73 -14.24 -30.53
C GLU A 201 -3.15 -14.12 -31.10
N ASP A 216 -11.82 -8.80 -33.65
CA ASP A 216 -10.70 -8.73 -32.70
C ASP A 216 -10.62 -7.34 -32.02
N VAL A 217 -9.85 -7.26 -30.90
CA VAL A 217 -9.59 -6.03 -30.14
C VAL A 217 -8.56 -5.19 -30.90
N LYS A 218 -7.70 -5.86 -31.71
CA LYS A 218 -6.65 -5.24 -32.53
C LYS A 218 -7.22 -4.12 -33.42
N TYR A 219 -8.50 -4.22 -33.77
CA TYR A 219 -9.25 -3.24 -34.58
C TYR A 219 -9.74 -2.03 -33.75
N HIS A 220 -9.41 -1.98 -32.47
CA HIS A 220 -9.84 -0.89 -31.61
C HIS A 220 -8.67 -0.28 -30.84
N LEU A 221 -7.48 -0.92 -30.85
CA LEU A 221 -6.31 -0.44 -30.11
C LEU A 221 -5.56 0.71 -30.80
N GLY A 222 -4.87 1.50 -29.98
CA GLY A 222 -4.01 2.58 -30.44
C GLY A 222 -2.69 2.02 -30.93
N ALA A 223 -1.89 2.88 -31.59
CA ALA A 223 -0.57 2.50 -32.13
C ALA A 223 0.27 3.73 -32.45
N THR A 224 1.60 3.58 -32.41
CA THR A 224 2.55 4.63 -32.75
C THR A 224 3.62 4.05 -33.63
N GLY A 225 4.09 4.85 -34.57
CA GLY A 225 5.15 4.49 -35.51
C GLY A 225 5.83 5.71 -36.08
N THR A 226 6.84 5.48 -36.93
CA THR A 226 7.59 6.54 -37.57
C THR A 226 7.51 6.38 -39.07
N TYR A 227 7.10 7.45 -39.75
CA TYR A 227 7.08 7.48 -41.21
C TYR A 227 8.39 8.09 -41.69
N ILE A 228 9.08 7.39 -42.60
CA ILE A 228 10.34 7.83 -43.18
C ILE A 228 10.08 8.10 -44.66
N GLN A 229 10.34 9.34 -45.12
CA GLN A 229 10.11 9.72 -46.52
C GLN A 229 10.92 8.84 -47.48
N MET A 230 10.28 8.42 -48.57
CA MET A 230 10.88 7.60 -49.63
C MET A 230 11.85 8.43 -50.47
N PHE A 231 11.40 9.59 -51.00
CA PHE A 231 12.19 10.47 -51.85
C PHE A 231 12.64 11.75 -51.11
N GLY A 232 12.48 11.79 -49.80
CA GLY A 232 12.88 12.92 -48.99
C GLY A 232 13.79 12.52 -47.84
N ASP A 233 14.25 13.52 -47.07
CA ASP A 233 15.14 13.27 -45.95
C ASP A 233 14.45 13.60 -44.61
N ASN A 234 13.12 13.77 -44.64
CA ASN A 234 12.35 14.04 -43.41
C ASN A 234 11.67 12.78 -42.89
N ASP A 235 11.39 12.80 -41.58
CA ASP A 235 10.62 11.78 -40.92
C ASP A 235 9.54 12.47 -40.11
N ILE A 236 8.47 11.72 -39.82
CA ILE A 236 7.34 12.23 -39.07
C ILE A 236 6.72 11.09 -38.25
N GLU A 237 6.30 11.42 -37.01
CA GLU A 237 5.63 10.48 -36.13
C GLU A 237 4.22 10.24 -36.66
N VAL A 238 3.75 8.99 -36.62
CA VAL A 238 2.42 8.60 -37.07
C VAL A 238 1.80 7.78 -35.95
N SER A 239 0.61 8.18 -35.50
CA SER A 239 -0.08 7.46 -34.48
C SER A 239 -1.54 7.23 -34.86
N LEU A 240 -2.13 6.19 -34.30
CA LEU A 240 -3.51 5.78 -34.49
C LEU A 240 -4.17 5.72 -33.12
N THR A 241 -5.30 6.36 -32.98
CA THR A 241 -5.94 6.38 -31.68
C THR A 241 -6.93 5.21 -31.53
N ALA A 242 -7.20 4.81 -30.28
CA ALA A 242 -8.15 3.76 -29.94
C ALA A 242 -9.59 4.26 -30.16
N ASN A 243 -10.53 3.35 -30.48
CA ASN A 243 -11.93 3.78 -30.67
C ASN A 243 -12.92 2.63 -30.45
N PRO A 244 -14.22 2.91 -30.13
CA PRO A 244 -15.19 1.82 -30.05
C PRO A 244 -15.77 1.49 -31.44
N SER A 245 -16.78 0.61 -31.49
CA SER A 245 -17.46 0.29 -32.74
C SER A 245 -18.42 1.45 -33.12
N HIS A 246 -18.76 2.35 -32.16
CA HIS A 246 -19.62 3.53 -32.37
C HIS A 246 -18.95 4.45 -33.34
N LEU A 247 -19.45 4.46 -34.58
CA LEU A 247 -18.91 5.21 -35.69
C LEU A 247 -18.95 6.71 -35.40
N GLU A 248 -17.83 7.41 -35.71
CA GLU A 248 -17.63 8.87 -35.55
C GLU A 248 -17.50 9.35 -34.09
N ALA A 249 -17.78 8.49 -33.07
CA ALA A 249 -17.66 8.90 -31.66
C ALA A 249 -16.23 9.38 -31.29
N VAL A 250 -15.20 8.89 -31.99
CA VAL A 250 -13.77 9.20 -31.76
C VAL A 250 -13.39 10.58 -32.35
N ASP A 251 -14.23 11.13 -33.25
CA ASP A 251 -13.91 12.40 -33.91
C ASP A 251 -13.51 13.52 -32.93
N PRO A 252 -14.28 13.84 -31.88
CA PRO A 252 -13.86 14.92 -30.99
C PRO A 252 -12.67 14.53 -30.14
N VAL A 253 -12.52 13.22 -29.84
CA VAL A 253 -11.44 12.63 -29.03
C VAL A 253 -10.10 12.89 -29.74
N LEU A 254 -10.06 12.70 -31.08
CA LEU A 254 -8.86 12.93 -31.91
C LEU A 254 -8.44 14.38 -31.81
N GLU A 255 -9.42 15.31 -31.94
CA GLU A 255 -9.18 16.74 -31.85
C GLU A 255 -8.56 17.11 -30.50
N GLY A 256 -9.17 16.65 -29.41
CA GLY A 256 -8.64 16.92 -28.06
C GLY A 256 -7.21 16.42 -27.88
N LEU A 257 -6.97 15.16 -28.31
CA LEU A 257 -5.68 14.48 -28.25
C LEU A 257 -4.63 15.28 -29.02
N VAL A 258 -4.95 15.71 -30.26
CA VAL A 258 -4.05 16.50 -31.10
C VAL A 258 -3.80 17.87 -30.47
N ARG A 259 -4.86 18.58 -30.03
CA ARG A 259 -4.68 19.87 -29.35
C ARG A 259 -3.79 19.75 -28.11
N ALA A 260 -3.91 18.65 -27.33
CA ALA A 260 -3.06 18.42 -26.14
C ALA A 260 -1.58 18.29 -26.55
N LYS A 261 -1.32 17.62 -27.67
CA LYS A 261 0.03 17.43 -28.22
C LYS A 261 0.57 18.76 -28.74
N GLN A 262 -0.27 19.54 -29.44
CA GLN A 262 0.13 20.87 -29.93
C GLN A 262 0.51 21.78 -28.75
N ASP A 263 -0.28 21.77 -27.65
CA ASP A 263 0.01 22.57 -26.46
C ASP A 263 1.36 22.18 -25.85
N LEU A 264 1.71 20.89 -25.79
CA LEU A 264 2.99 20.38 -25.27
C LEU A 264 4.18 20.79 -26.16
N LEU A 265 3.98 20.80 -27.49
CA LEU A 265 5.05 21.16 -28.43
C LEU A 265 5.20 22.67 -28.63
N ASP A 266 4.39 23.48 -27.92
CA ASP A 266 4.37 24.94 -28.02
C ASP A 266 4.06 25.38 -29.48
N THR A 267 3.19 24.60 -30.15
CA THR A 267 2.75 24.87 -31.51
C THR A 267 1.26 25.13 -31.49
N GLY A 268 0.79 25.94 -32.42
CA GLY A 268 -0.62 26.27 -32.47
C GLY A 268 -1.08 27.47 -31.67
N GLU A 269 -2.37 27.44 -31.29
CA GLU A 269 -3.18 28.45 -30.60
C GLU A 269 -2.57 28.90 -29.24
N GLU A 270 -2.13 27.97 -28.41
CA GLU A 270 -1.52 28.32 -27.13
C GLU A 270 0.04 28.32 -27.22
N GLY A 271 0.60 28.20 -28.43
CA GLY A 271 2.04 28.19 -28.65
C GLY A 271 2.59 29.40 -29.40
N SER A 272 3.92 29.64 -29.25
CA SER A 272 4.63 30.74 -29.89
C SER A 272 4.68 30.57 -31.41
N ASP A 273 4.82 29.32 -31.91
CA ASP A 273 4.82 29.07 -33.35
C ASP A 273 3.39 28.77 -33.81
N ASN A 274 3.04 29.29 -34.99
CA ASN A 274 1.71 29.12 -35.58
C ASN A 274 1.72 27.99 -36.61
N ARG A 275 2.53 26.93 -36.36
CA ARG A 275 2.61 25.83 -37.32
C ARG A 275 1.53 24.78 -37.14
N PHE A 276 1.01 24.58 -35.89
CA PHE A 276 0.01 23.53 -35.59
C PHE A 276 0.58 22.20 -36.16
N SER A 277 1.83 21.93 -35.77
CA SER A 277 2.73 20.87 -36.24
C SER A 277 2.26 19.43 -35.96
N VAL A 278 1.09 19.26 -35.29
CA VAL A 278 0.47 17.95 -35.07
C VAL A 278 -0.81 17.98 -35.88
N VAL A 279 -0.93 17.07 -36.87
CA VAL A 279 -2.04 17.07 -37.81
C VAL A 279 -3.06 15.96 -37.52
N PRO A 280 -4.35 16.31 -37.36
CA PRO A 280 -5.38 15.25 -37.25
C PRO A 280 -5.74 14.75 -38.66
N LEU A 281 -5.64 13.43 -38.89
CA LEU A 281 -6.06 12.79 -40.13
C LEU A 281 -7.23 11.93 -39.76
N MET A 282 -8.44 12.41 -40.06
CA MET A 282 -9.66 11.72 -39.65
C MET A 282 -10.33 10.98 -40.83
N LEU A 283 -10.44 9.63 -40.71
CA LEU A 283 -11.06 8.79 -41.74
C LEU A 283 -12.53 8.55 -41.40
N HIS A 284 -13.36 8.43 -42.42
CA HIS A 284 -14.80 8.22 -42.25
C HIS A 284 -15.38 7.31 -43.32
N GLY A 285 -16.60 6.85 -43.07
CA GLY A 285 -17.44 6.13 -44.01
C GLY A 285 -18.52 7.12 -44.45
N ASP A 286 -19.14 6.90 -45.63
CA ASP A 286 -20.09 7.82 -46.21
C ASP A 286 -21.43 7.88 -45.47
N ALA A 287 -22.01 6.75 -45.08
CA ALA A 287 -23.30 6.76 -44.38
C ALA A 287 -23.14 7.39 -42.96
N ALA A 288 -22.07 7.07 -42.25
CA ALA A 288 -21.79 7.59 -40.90
C ALA A 288 -21.45 9.09 -40.88
N PHE A 289 -20.71 9.60 -41.90
CA PHE A 289 -20.32 11.02 -41.99
C PHE A 289 -21.54 11.90 -42.16
N ALA A 290 -22.56 11.41 -42.86
CA ALA A 290 -23.78 12.20 -43.08
C ALA A 290 -24.82 12.06 -41.94
N GLY A 291 -24.87 10.91 -41.29
CA GLY A 291 -25.88 10.68 -40.28
C GLY A 291 -25.55 10.96 -38.82
N GLN A 292 -24.27 11.02 -38.44
CA GLN A 292 -23.90 11.18 -37.02
C GLN A 292 -23.71 12.64 -36.67
N GLY A 293 -24.47 13.11 -35.68
CA GLY A 293 -24.46 14.51 -35.24
C GLY A 293 -23.14 14.98 -34.68
N VAL A 294 -22.34 14.06 -34.14
CA VAL A 294 -21.03 14.39 -33.59
C VAL A 294 -20.05 14.93 -34.70
N VAL A 295 -20.32 14.61 -35.97
CA VAL A 295 -19.55 15.11 -37.09
C VAL A 295 -19.68 16.64 -37.11
N ALA A 296 -20.93 17.17 -37.15
CA ALA A 296 -21.21 18.61 -37.14
C ALA A 296 -20.69 19.31 -35.86
N GLU A 297 -20.82 18.65 -34.69
CA GLU A 297 -20.34 19.17 -33.41
C GLU A 297 -18.84 19.35 -33.41
N THR A 298 -18.11 18.40 -34.03
CA THR A 298 -16.64 18.39 -34.10
C THR A 298 -16.15 19.40 -35.14
N LEU A 299 -16.80 19.48 -36.32
CA LEU A 299 -16.53 20.49 -37.33
C LEU A 299 -16.73 21.91 -36.73
N ASN A 300 -17.73 22.07 -35.88
CA ASN A 300 -18.04 23.35 -35.25
C ASN A 300 -16.91 23.84 -34.29
N LEU A 301 -16.02 22.93 -33.84
CA LEU A 301 -14.88 23.24 -32.96
C LEU A 301 -13.66 23.77 -33.73
N ALA A 302 -13.59 23.52 -35.05
CA ALA A 302 -12.42 23.72 -35.95
C ALA A 302 -11.74 25.08 -35.86
N LEU A 303 -12.46 26.16 -35.58
CA LEU A 303 -11.80 27.48 -35.53
C LEU A 303 -11.95 28.16 -34.18
N LEU A 304 -12.43 27.42 -33.15
CA LEU A 304 -12.61 27.98 -31.80
C LEU A 304 -11.26 28.10 -31.10
N ARG A 305 -11.01 29.19 -30.39
CA ARG A 305 -9.73 29.40 -29.69
C ARG A 305 -9.43 28.26 -28.68
N GLY A 306 -10.44 27.71 -28.04
CA GLY A 306 -10.24 26.63 -27.07
C GLY A 306 -10.15 25.22 -27.63
N TYR A 307 -10.47 25.05 -28.94
CA TYR A 307 -10.57 23.73 -29.52
C TYR A 307 -9.87 23.57 -30.88
N ARG A 308 -9.55 24.66 -31.61
CA ARG A 308 -8.92 24.57 -32.95
C ARG A 308 -7.60 23.78 -32.92
N THR A 309 -7.38 22.99 -34.00
CA THR A 309 -6.16 22.19 -34.13
C THR A 309 -5.42 22.56 -35.43
N GLY A 310 -5.72 23.74 -35.97
CA GLY A 310 -5.10 24.24 -37.20
C GLY A 310 -5.55 23.54 -38.45
N GLY A 311 -6.71 22.91 -38.38
CA GLY A 311 -7.32 22.20 -39.50
C GLY A 311 -7.05 20.71 -39.53
N THR A 312 -8.13 19.94 -39.73
CA THR A 312 -8.17 18.49 -39.85
C THR A 312 -8.25 18.08 -41.33
N ILE A 313 -7.48 17.05 -41.73
CA ILE A 313 -7.59 16.45 -43.07
C ILE A 313 -8.61 15.32 -42.94
N HIS A 314 -9.77 15.46 -43.57
CA HIS A 314 -10.81 14.42 -43.53
C HIS A 314 -10.77 13.58 -44.80
N ILE A 315 -10.81 12.26 -44.65
CA ILE A 315 -10.88 11.37 -45.80
C ILE A 315 -12.12 10.54 -45.62
N VAL A 316 -13.08 10.67 -46.55
CA VAL A 316 -14.29 9.86 -46.52
C VAL A 316 -14.11 8.73 -47.52
N VAL A 317 -14.16 7.47 -47.02
CA VAL A 317 -14.11 6.27 -47.86
C VAL A 317 -15.54 6.07 -48.31
N ASN A 318 -15.89 6.72 -49.43
CA ASN A 318 -17.24 6.75 -49.97
C ASN A 318 -17.48 5.61 -50.93
N ASN A 319 -17.88 4.44 -50.39
CA ASN A 319 -18.15 3.23 -51.17
C ASN A 319 -19.63 3.16 -51.58
N GLN A 320 -20.35 4.29 -51.39
CA GLN A 320 -21.72 4.57 -51.84
C GLN A 320 -22.72 3.52 -51.36
N ILE A 321 -22.56 3.10 -50.08
CA ILE A 321 -23.34 2.07 -49.40
C ILE A 321 -22.99 2.10 -47.93
N GLY A 322 -23.99 1.77 -47.14
CA GLY A 322 -23.89 1.68 -45.68
C GLY A 322 -24.59 0.40 -45.30
N PHE A 323 -23.81 -0.71 -45.22
CA PHE A 323 -24.32 -2.06 -44.95
C PHE A 323 -25.25 -2.51 -46.10
N THR A 324 -26.59 -2.39 -45.97
CA THR A 324 -27.54 -2.74 -47.05
C THR A 324 -28.26 -1.48 -47.60
N THR A 325 -27.96 -0.31 -47.01
CA THR A 325 -28.65 0.96 -47.26
C THR A 325 -27.99 1.79 -48.34
N ALA A 326 -28.81 2.22 -49.30
CA ALA A 326 -28.39 3.08 -50.40
C ALA A 326 -28.24 4.54 -49.90
N PRO A 327 -27.34 5.35 -50.51
CA PRO A 327 -27.20 6.76 -50.12
C PRO A 327 -28.51 7.57 -50.08
N THR A 328 -29.50 7.26 -50.94
CA THR A 328 -30.78 7.97 -50.98
C THR A 328 -31.61 7.79 -49.69
N ASP A 329 -31.31 6.76 -48.87
CA ASP A 329 -31.95 6.53 -47.56
C ASP A 329 -31.03 6.97 -46.40
N SER A 330 -29.77 7.34 -46.72
CA SER A 330 -28.77 7.72 -45.70
C SER A 330 -28.58 9.25 -45.57
N ARG A 331 -28.91 10.02 -46.61
CA ARG A 331 -28.69 11.48 -46.57
C ARG A 331 -29.67 12.22 -47.46
N SER A 332 -29.90 13.49 -47.16
CA SER A 332 -30.82 14.38 -47.89
C SER A 332 -30.08 15.39 -48.77
N SER A 333 -28.77 15.17 -49.01
CA SER A 333 -27.93 16.06 -49.82
C SER A 333 -27.24 15.28 -50.92
N GLU A 334 -26.73 16.01 -51.94
CA GLU A 334 -26.03 15.45 -53.10
C GLU A 334 -24.79 14.64 -52.65
N TYR A 335 -24.01 15.18 -51.73
CA TYR A 335 -22.78 14.57 -51.25
C TYR A 335 -22.83 14.25 -49.77
N CYS A 336 -22.12 13.16 -49.35
CA CYS A 336 -22.07 12.74 -47.95
C CYS A 336 -21.28 13.72 -47.11
N THR A 337 -20.49 14.60 -47.77
CA THR A 337 -19.57 15.59 -47.20
C THR A 337 -20.18 17.00 -47.07
N ASP A 338 -21.45 17.20 -47.51
CA ASP A 338 -22.09 18.52 -47.52
C ASP A 338 -22.15 19.21 -46.14
N VAL A 339 -22.11 18.46 -45.04
CA VAL A 339 -22.06 18.98 -43.67
C VAL A 339 -20.79 19.88 -43.49
N ALA A 340 -19.65 19.53 -44.15
CA ALA A 340 -18.39 20.27 -44.07
C ALA A 340 -18.46 21.70 -44.63
N LYS A 341 -19.52 22.01 -45.39
CA LYS A 341 -19.77 23.35 -45.93
C LYS A 341 -20.11 24.33 -44.79
N MET A 342 -20.64 23.80 -43.67
CA MET A 342 -20.95 24.49 -42.42
C MET A 342 -19.79 25.41 -41.98
N ILE A 343 -18.52 24.99 -42.18
CA ILE A 343 -17.34 25.75 -41.74
C ILE A 343 -16.53 26.27 -42.94
N GLY A 344 -17.12 26.22 -44.13
CA GLY A 344 -16.52 26.70 -45.36
C GLY A 344 -15.25 25.96 -45.74
N ALA A 345 -15.25 24.63 -45.51
CA ALA A 345 -14.12 23.77 -45.85
C ALA A 345 -14.13 23.47 -47.34
N PRO A 346 -12.98 23.48 -48.04
CA PRO A 346 -12.99 23.05 -49.47
C PRO A 346 -13.22 21.54 -49.54
N ILE A 347 -13.98 21.07 -50.55
CA ILE A 347 -14.30 19.63 -50.68
C ILE A 347 -13.83 19.12 -52.02
N PHE A 348 -13.10 18.00 -52.00
CA PHE A 348 -12.61 17.36 -53.22
C PHE A 348 -13.19 15.98 -53.33
N HIS A 349 -14.04 15.78 -54.35
CA HIS A 349 -14.63 14.49 -54.69
C HIS A 349 -13.69 13.88 -55.69
N VAL A 350 -13.11 12.72 -55.39
CA VAL A 350 -12.12 12.17 -56.30
C VAL A 350 -12.41 10.69 -56.59
N ASN A 351 -12.17 10.31 -57.85
CA ASN A 351 -12.35 8.97 -58.38
C ASN A 351 -11.28 8.02 -57.81
N GLY A 352 -11.72 7.06 -57.00
CA GLY A 352 -10.87 6.08 -56.34
C GLY A 352 -10.15 5.13 -57.29
N ASP A 353 -10.54 5.13 -58.57
CA ASP A 353 -9.88 4.32 -59.59
C ASP A 353 -8.75 5.11 -60.25
N ASP A 354 -8.50 6.37 -59.80
CA ASP A 354 -7.39 7.20 -60.28
C ASP A 354 -6.47 7.52 -59.08
N PRO A 355 -5.50 6.63 -58.80
CA PRO A 355 -4.61 6.83 -57.64
C PRO A 355 -3.72 8.09 -57.71
N GLU A 356 -3.42 8.58 -58.92
CA GLU A 356 -2.60 9.79 -59.15
C GLU A 356 -3.37 11.02 -58.76
N ALA A 357 -4.65 11.12 -59.20
CA ALA A 357 -5.53 12.24 -58.85
C ALA A 357 -5.77 12.25 -57.33
N CYS A 358 -5.88 11.05 -56.72
CA CYS A 358 -6.07 10.84 -55.28
C CYS A 358 -4.84 11.30 -54.48
N ALA A 359 -3.62 10.99 -54.95
CA ALA A 359 -2.38 11.40 -54.29
C ALA A 359 -2.19 12.91 -54.44
N TRP A 360 -2.53 13.47 -55.62
CA TRP A 360 -2.42 14.90 -55.91
C TRP A 360 -3.35 15.71 -55.01
N VAL A 361 -4.61 15.27 -54.85
CA VAL A 361 -5.61 15.95 -54.02
C VAL A 361 -5.19 15.89 -52.53
N ALA A 362 -4.58 14.77 -52.09
CA ALA A 362 -4.10 14.60 -50.71
C ALA A 362 -3.02 15.62 -50.36
N ARG A 363 -2.06 15.87 -51.31
CA ARG A 363 -0.95 16.82 -51.13
C ARG A 363 -1.46 18.27 -51.16
N LEU A 364 -2.43 18.57 -52.05
CA LEU A 364 -3.08 19.88 -52.15
C LEU A 364 -3.83 20.20 -50.85
N ALA A 365 -4.48 19.17 -50.24
CA ALA A 365 -5.22 19.27 -48.98
C ALA A 365 -4.29 19.67 -47.83
N VAL A 366 -3.09 19.07 -47.76
CA VAL A 366 -2.09 19.37 -46.72
C VAL A 366 -1.59 20.81 -46.90
N ASP A 367 -1.35 21.24 -48.16
CA ASP A 367 -0.90 22.60 -48.48
C ASP A 367 -1.95 23.65 -48.09
N PHE A 368 -3.26 23.36 -48.33
CA PHE A 368 -4.35 24.27 -47.98
C PHE A 368 -4.45 24.40 -46.44
N ARG A 369 -4.36 23.27 -45.73
CA ARG A 369 -4.41 23.22 -44.27
C ARG A 369 -3.26 24.03 -43.71
N GLN A 370 -2.06 23.89 -44.29
CA GLN A 370 -0.87 24.64 -43.86
C GLN A 370 -1.03 26.14 -44.12
N ALA A 371 -1.59 26.50 -45.29
CA ALA A 371 -1.76 27.90 -45.66
C ALA A 371 -2.88 28.62 -44.88
N PHE A 372 -3.99 27.94 -44.56
CA PHE A 372 -5.10 28.64 -43.93
C PHE A 372 -5.54 28.14 -42.55
N LYS A 373 -4.93 27.04 -42.04
CA LYS A 373 -5.21 26.46 -40.70
C LYS A 373 -6.70 26.14 -40.53
N LYS A 374 -7.27 25.57 -41.60
CA LYS A 374 -8.69 25.19 -41.71
C LYS A 374 -8.82 23.74 -42.30
N ASP A 375 -9.94 23.05 -41.98
CA ASP A 375 -10.25 21.69 -42.43
C ASP A 375 -10.38 21.57 -43.96
N VAL A 376 -9.95 20.41 -44.49
CA VAL A 376 -10.09 20.02 -45.90
C VAL A 376 -10.77 18.66 -45.90
N VAL A 377 -11.73 18.46 -46.81
CA VAL A 377 -12.44 17.19 -46.92
C VAL A 377 -12.18 16.55 -48.26
N ILE A 378 -11.72 15.29 -48.23
CA ILE A 378 -11.50 14.50 -49.44
C ILE A 378 -12.55 13.40 -49.41
N ASP A 379 -13.42 13.41 -50.43
CA ASP A 379 -14.48 12.43 -50.62
C ASP A 379 -13.97 11.41 -51.68
N MET A 380 -13.46 10.25 -51.22
CA MET A 380 -12.92 9.26 -52.17
C MET A 380 -14.00 8.32 -52.62
N LEU A 381 -14.43 8.47 -53.86
CA LEU A 381 -15.47 7.61 -54.43
C LEU A 381 -14.86 6.28 -54.81
N CYS A 382 -15.44 5.22 -54.27
CA CYS A 382 -14.95 3.86 -54.45
C CYS A 382 -16.13 2.88 -54.34
N TYR A 383 -15.85 1.60 -54.03
CA TYR A 383 -16.89 0.59 -53.86
C TYR A 383 -16.43 -0.44 -52.80
N ARG A 384 -17.38 -1.26 -52.33
CA ARG A 384 -17.12 -2.30 -51.36
C ARG A 384 -17.29 -3.63 -52.08
N ARG A 385 -16.19 -4.34 -52.37
CA ARG A 385 -16.19 -5.55 -53.21
C ARG A 385 -17.05 -6.71 -52.68
N ARG A 386 -17.02 -6.96 -51.38
CA ARG A 386 -17.74 -8.07 -50.77
C ARG A 386 -19.00 -7.57 -50.06
N GLY A 387 -19.67 -8.50 -49.41
CA GLY A 387 -20.78 -8.19 -48.53
C GLY A 387 -20.23 -7.49 -47.31
N HIS A 388 -21.12 -6.86 -46.54
CA HIS A 388 -20.74 -6.13 -45.34
C HIS A 388 -20.06 -7.05 -44.31
N ASN A 389 -20.53 -8.31 -44.20
CA ASN A 389 -19.98 -9.32 -43.30
C ASN A 389 -20.21 -10.73 -43.88
N GLU A 390 -19.80 -11.76 -43.12
CA GLU A 390 -19.87 -13.18 -43.51
C GLU A 390 -21.27 -13.62 -44.00
N GLY A 391 -22.31 -13.16 -43.32
CA GLY A 391 -23.69 -13.46 -43.69
C GLY A 391 -24.32 -12.49 -44.68
N ASP A 392 -23.51 -11.92 -45.60
CA ASP A 392 -24.03 -10.97 -46.57
C ASP A 392 -23.68 -11.32 -48.01
N ASP A 393 -24.75 -11.54 -48.81
CA ASP A 393 -24.75 -11.64 -50.25
C ASP A 393 -25.34 -10.29 -50.64
N PRO A 394 -24.52 -9.26 -50.92
CA PRO A 394 -25.07 -7.90 -51.11
C PRO A 394 -25.91 -7.71 -52.38
N SER A 395 -26.05 -8.74 -53.25
CA SER A 395 -26.95 -8.67 -54.42
C SER A 395 -28.42 -8.88 -53.96
N MET A 396 -28.64 -9.31 -52.68
CA MET A 396 -29.97 -9.49 -52.10
C MET A 396 -30.69 -8.14 -51.98
N THR A 397 -29.94 -7.12 -51.54
CA THR A 397 -30.45 -5.78 -51.29
C THR A 397 -29.99 -4.78 -52.35
N GLN A 398 -28.84 -5.04 -53.01
CA GLN A 398 -28.37 -4.08 -54.02
C GLN A 398 -27.95 -4.83 -55.32
N PRO A 399 -28.91 -5.50 -56.01
CA PRO A 399 -28.56 -6.30 -57.22
C PRO A 399 -27.81 -5.55 -58.32
N TYR A 400 -28.24 -4.31 -58.63
CA TYR A 400 -27.66 -3.47 -59.69
C TYR A 400 -26.20 -3.10 -59.40
N MET A 401 -25.94 -2.53 -58.23
CA MET A 401 -24.59 -2.13 -57.79
C MET A 401 -23.64 -3.33 -57.87
N TYR A 402 -24.09 -4.45 -57.33
CA TYR A 402 -23.26 -5.63 -57.27
C TYR A 402 -23.13 -6.36 -58.58
N ASP A 403 -24.00 -6.14 -59.59
CA ASP A 403 -23.75 -6.72 -60.93
C ASP A 403 -22.66 -5.88 -61.59
N VAL A 404 -22.59 -4.56 -61.27
CA VAL A 404 -21.57 -3.65 -61.79
C VAL A 404 -20.18 -3.93 -61.10
N ILE A 405 -20.13 -4.08 -59.77
CA ILE A 405 -18.90 -4.39 -59.01
C ILE A 405 -18.25 -5.71 -59.48
N ASP A 406 -19.07 -6.74 -59.82
CA ASP A 406 -18.64 -8.06 -60.34
C ASP A 406 -17.89 -7.97 -61.69
N THR A 407 -18.10 -6.90 -62.48
CA THR A 407 -17.41 -6.70 -63.77
C THR A 407 -16.16 -5.79 -63.61
N LYS A 408 -15.82 -5.42 -62.38
CA LYS A 408 -14.68 -4.54 -62.13
C LYS A 408 -13.46 -5.27 -61.59
N ARG A 409 -12.30 -5.02 -62.22
CA ARG A 409 -11.00 -5.51 -61.77
C ARG A 409 -10.43 -4.44 -60.84
N GLY A 410 -9.77 -4.85 -59.76
CA GLY A 410 -9.22 -3.98 -58.70
C GLY A 410 -8.40 -2.78 -59.13
N SER A 411 -8.26 -1.80 -58.22
CA SER A 411 -7.49 -0.55 -58.42
C SER A 411 -6.08 -0.82 -58.95
N ARG A 412 -5.34 -1.76 -58.31
CA ARG A 412 -3.97 -2.12 -58.65
C ARG A 412 -3.87 -2.51 -60.13
N LYS A 413 -4.66 -3.52 -60.56
CA LYS A 413 -4.68 -4.06 -61.93
C LYS A 413 -5.07 -3.02 -62.97
N ALA A 414 -6.12 -2.24 -62.70
CA ALA A 414 -6.63 -1.18 -63.58
C ALA A 414 -5.57 -0.09 -63.78
N TYR A 415 -4.86 0.28 -62.69
CA TYR A 415 -3.81 1.30 -62.71
C TYR A 415 -2.59 0.80 -63.49
N THR A 416 -2.29 -0.51 -63.37
CA THR A 416 -1.18 -1.15 -64.08
C THR A 416 -1.48 -1.11 -65.57
N GLU A 417 -2.74 -1.40 -65.95
CA GLU A 417 -3.18 -1.38 -67.34
C GLU A 417 -3.21 0.04 -67.92
N ALA A 418 -3.57 1.05 -67.10
CA ALA A 418 -3.62 2.44 -67.54
C ALA A 418 -2.21 2.95 -67.93
N LEU A 419 -1.22 2.76 -67.03
CA LEU A 419 0.21 3.11 -67.21
C LEU A 419 0.78 2.50 -68.48
N ILE A 420 0.30 1.30 -68.86
CA ILE A 420 0.71 0.56 -70.06
C ILE A 420 0.21 1.29 -71.31
N GLY A 421 -1.09 1.61 -71.35
CA GLY A 421 -1.76 2.30 -72.45
C GLY A 421 -1.20 3.68 -72.71
N ARG A 422 -0.89 4.43 -71.63
CA ARG A 422 -0.32 5.77 -71.69
C ARG A 422 1.17 5.74 -72.11
N GLY A 423 1.75 4.53 -72.20
CA GLY A 423 3.15 4.32 -72.56
C GLY A 423 4.13 4.74 -71.48
N ASP A 424 3.61 5.01 -70.26
CA ASP A 424 4.37 5.45 -69.09
C ASP A 424 5.30 4.35 -68.55
N ILE A 425 4.90 3.05 -68.71
CA ILE A 425 5.70 1.88 -68.32
C ILE A 425 5.68 0.84 -69.45
N SER A 426 6.67 -0.07 -69.47
CA SER A 426 6.83 -1.16 -70.46
C SER A 426 6.22 -2.48 -69.94
N MET A 427 6.16 -3.52 -70.82
CA MET A 427 5.63 -4.85 -70.51
C MET A 427 6.49 -5.52 -69.42
N LYS A 428 7.83 -5.30 -69.43
CA LYS A 428 8.79 -5.80 -68.46
C LYS A 428 8.54 -5.15 -67.09
N GLU A 429 8.27 -3.82 -67.08
CA GLU A 429 8.00 -3.03 -65.88
C GLU A 429 6.67 -3.44 -65.24
N ALA A 430 5.64 -3.73 -66.06
CA ALA A 430 4.33 -4.19 -65.54
C ALA A 430 4.50 -5.57 -64.92
N GLU A 431 5.29 -6.45 -65.58
CA GLU A 431 5.62 -7.79 -65.08
C GLU A 431 6.37 -7.67 -63.74
N ASP A 432 7.33 -6.71 -63.64
CA ASP A 432 8.09 -6.37 -62.44
C ASP A 432 7.17 -5.86 -61.31
N ALA A 433 6.11 -5.09 -61.65
CA ALA A 433 5.13 -4.59 -60.67
C ALA A 433 4.28 -5.74 -60.15
N LEU A 434 4.02 -6.75 -61.01
CA LEU A 434 3.27 -7.95 -60.66
C LEU A 434 4.14 -8.85 -59.79
N ARG A 435 5.49 -8.78 -60.00
CA ARG A 435 6.48 -9.50 -59.20
C ARG A 435 6.57 -8.83 -57.84
N ASP A 436 6.50 -7.47 -57.81
CA ASP A 436 6.48 -6.69 -56.57
C ASP A 436 5.24 -7.05 -55.75
N TYR A 437 4.05 -7.17 -56.41
CA TYR A 437 2.80 -7.57 -55.76
C TYR A 437 2.94 -8.98 -55.14
N GLN A 438 3.45 -9.97 -55.94
CA GLN A 438 3.67 -11.36 -55.52
C GLN A 438 4.66 -11.45 -54.34
N GLY A 439 5.71 -10.64 -54.40
CA GLY A 439 6.71 -10.56 -53.34
C GLY A 439 6.12 -10.03 -52.05
N GLN A 440 5.32 -8.93 -52.13
CA GLN A 440 4.65 -8.35 -50.97
C GLN A 440 3.69 -9.37 -50.37
N LEU A 441 2.95 -10.11 -51.23
CA LEU A 441 2.00 -11.15 -50.83
C LEU A 441 2.71 -12.39 -50.19
N GLU A 442 3.91 -12.73 -50.69
CA GLU A 442 4.68 -13.84 -50.13
C GLU A 442 5.23 -13.49 -48.75
N ARG A 443 5.78 -12.27 -48.63
CA ARG A 443 6.36 -11.71 -47.41
C ARG A 443 5.37 -11.77 -46.22
N VAL A 444 4.08 -11.39 -46.42
CA VAL A 444 3.07 -11.44 -45.35
C VAL A 444 2.91 -12.87 -44.90
N PHE A 445 2.53 -13.75 -45.83
CA PHE A 445 2.36 -15.19 -45.62
C PHE A 445 3.56 -15.81 -44.87
N ASN A 446 4.82 -15.51 -45.33
CA ASN A 446 6.08 -16.01 -44.75
C ASN A 446 6.34 -15.50 -43.32
N GLU A 447 6.34 -14.16 -43.13
CA GLU A 447 6.60 -13.52 -41.83
C GLU A 447 5.61 -13.98 -40.76
N VAL A 448 4.31 -14.14 -41.14
CA VAL A 448 3.24 -14.61 -40.23
C VAL A 448 3.45 -16.13 -40.00
N ARG A 449 3.84 -16.90 -41.05
CA ARG A 449 4.11 -18.35 -40.92
C ARG A 449 5.17 -18.59 -39.84
N GLU A 450 6.30 -17.84 -39.92
CA GLU A 450 7.42 -17.88 -38.98
C GLU A 450 6.97 -17.49 -37.58
N LEU A 451 6.07 -16.48 -37.49
CA LEU A 451 5.49 -15.98 -36.25
C LEU A 451 4.61 -17.06 -35.59
N GLU A 452 3.83 -17.81 -36.40
CA GLU A 452 2.97 -18.92 -35.94
C GLU A 452 3.81 -20.10 -35.43
N LYS A 453 5.01 -20.30 -35.99
CA LYS A 453 5.93 -21.38 -35.64
C LYS A 453 6.56 -21.16 -34.26
N HIS A 454 6.89 -19.90 -33.94
CA HIS A 454 7.54 -19.53 -32.68
C HIS A 454 6.58 -19.04 -31.61
N GLU A 455 5.25 -19.00 -31.91
CA GLU A 455 4.22 -18.55 -30.96
C GLU A 455 3.94 -19.61 -29.89
N LEU A 472 0.96 10.77 -1.38
CA LEU A 472 1.36 12.17 -1.52
C LEU A 472 0.54 13.11 -0.61
N ALA A 473 1.15 14.23 -0.16
CA ALA A 473 0.47 15.20 0.68
C ALA A 473 -0.15 16.29 -0.19
N THR A 474 -1.40 16.66 0.08
CA THR A 474 -2.11 17.66 -0.70
C THR A 474 -2.18 19.02 0.01
N ALA A 475 -1.79 19.07 1.31
CA ALA A 475 -1.81 20.32 2.09
C ALA A 475 -0.79 21.32 1.57
N VAL A 476 -1.14 22.61 1.53
CA VAL A 476 -0.23 23.66 1.07
C VAL A 476 0.13 24.56 2.24
N ASP A 477 1.14 25.43 2.10
CA ASP A 477 1.44 26.36 3.17
C ASP A 477 0.46 27.57 3.04
N LYS A 478 0.18 28.27 4.15
CA LYS A 478 -0.73 29.43 4.20
C LYS A 478 -0.29 30.52 3.21
N ALA A 479 1.03 30.67 2.96
CA ALA A 479 1.57 31.63 1.99
C ALA A 479 1.10 31.30 0.56
N MET A 480 0.84 30.00 0.25
CA MET A 480 0.32 29.59 -1.05
C MET A 480 -1.11 30.13 -1.24
N LEU A 481 -1.94 29.97 -0.19
CA LEU A 481 -3.31 30.48 -0.14
C LEU A 481 -3.33 32.00 -0.29
N GLN A 482 -2.43 32.69 0.45
CA GLN A 482 -2.33 34.15 0.43
C GLN A 482 -1.95 34.67 -0.97
N ARG A 483 -1.02 33.96 -1.65
CA ARG A 483 -0.54 34.27 -3.00
C ARG A 483 -1.68 34.21 -4.02
N ILE A 484 -2.53 33.17 -3.92
CA ILE A 484 -3.66 32.99 -4.85
C ILE A 484 -4.71 34.10 -4.55
N GLY A 485 -4.86 34.47 -3.28
CA GLY A 485 -5.74 35.55 -2.84
C GLY A 485 -5.26 36.90 -3.33
N ASP A 486 -3.95 37.17 -3.20
CA ASP A 486 -3.31 38.40 -3.66
C ASP A 486 -3.41 38.55 -5.20
N ALA A 487 -3.32 37.42 -5.94
CA ALA A 487 -3.40 37.36 -7.41
C ALA A 487 -4.72 37.97 -7.95
N HIS A 488 -5.83 37.83 -7.19
CA HIS A 488 -7.16 38.35 -7.56
C HIS A 488 -7.21 39.88 -7.52
N LEU A 489 -6.27 40.52 -6.82
CA LEU A 489 -6.20 41.97 -6.75
C LEU A 489 -4.97 42.53 -7.49
N ALA A 490 -4.12 41.65 -8.07
CA ALA A 490 -2.92 42.08 -8.82
C ALA A 490 -3.31 42.35 -10.28
N LEU A 491 -4.16 43.35 -10.47
CA LEU A 491 -4.72 43.74 -11.76
C LEU A 491 -3.70 44.41 -12.68
N PRO A 492 -3.79 44.18 -14.02
CA PRO A 492 -2.87 44.86 -14.94
C PRO A 492 -3.10 46.36 -14.90
N GLU A 493 -2.06 47.16 -15.22
CA GLU A 493 -2.14 48.63 -15.19
C GLU A 493 -3.26 49.11 -16.14
N GLY A 494 -4.12 49.98 -15.60
CA GLY A 494 -5.25 50.56 -16.31
C GLY A 494 -6.47 49.66 -16.50
N PHE A 495 -6.50 48.48 -15.84
CA PHE A 495 -7.63 47.56 -15.95
C PHE A 495 -8.85 48.09 -15.15
N THR A 496 -10.07 48.00 -15.77
CA THR A 496 -11.32 48.44 -15.13
C THR A 496 -12.15 47.21 -14.80
N VAL A 497 -12.28 46.91 -13.51
CA VAL A 497 -13.05 45.77 -13.04
C VAL A 497 -14.52 46.19 -13.00
N HIS A 498 -15.41 45.28 -13.42
CA HIS A 498 -16.85 45.48 -13.33
C HIS A 498 -17.21 45.66 -11.84
N PRO A 499 -18.02 46.69 -11.48
CA PRO A 499 -18.30 46.96 -10.05
C PRO A 499 -18.85 45.76 -9.22
N ARG A 500 -19.53 44.77 -9.86
CA ARG A 500 -20.07 43.59 -9.18
C ARG A 500 -19.03 42.49 -9.00
N VAL A 501 -17.92 42.56 -9.75
CA VAL A 501 -16.84 41.57 -9.71
C VAL A 501 -15.79 41.96 -8.65
N ARG A 502 -15.53 43.28 -8.49
CA ARG A 502 -14.57 43.82 -7.50
C ARG A 502 -14.81 43.24 -6.07
N PRO A 503 -16.06 43.16 -5.50
CA PRO A 503 -16.20 42.57 -4.15
C PRO A 503 -15.78 41.10 -4.09
N VAL A 504 -15.94 40.33 -5.20
CA VAL A 504 -15.56 38.90 -5.28
C VAL A 504 -14.04 38.81 -5.11
N LEU A 505 -13.29 39.69 -5.82
CA LEU A 505 -11.81 39.75 -5.77
C LEU A 505 -11.31 40.09 -4.37
N GLU A 506 -11.93 41.10 -3.71
CA GLU A 506 -11.58 41.57 -2.38
C GLU A 506 -11.94 40.52 -1.33
N LYS A 507 -13.10 39.82 -1.48
CA LYS A 507 -13.51 38.76 -0.55
C LYS A 507 -12.56 37.54 -0.66
N ARG A 508 -11.99 37.28 -1.85
CA ARG A 508 -11.04 36.18 -2.03
C ARG A 508 -9.70 36.47 -1.29
N ARG A 509 -9.22 37.73 -1.28
CA ARG A 509 -8.00 38.09 -0.54
C ARG A 509 -8.27 37.98 0.98
N GLU A 510 -9.47 38.38 1.44
CA GLU A 510 -9.81 38.24 2.86
C GLU A 510 -9.91 36.76 3.24
N MET A 511 -10.56 35.95 2.40
CA MET A 511 -10.72 34.51 2.63
C MET A 511 -9.36 33.83 2.73
N ALA A 512 -8.41 34.18 1.84
CA ALA A 512 -7.05 33.63 1.80
C ALA A 512 -6.27 33.89 3.10
N TYR A 513 -6.50 35.05 3.76
CA TYR A 513 -5.78 35.42 4.97
C TYR A 513 -6.55 35.14 6.26
N GLU A 514 -7.89 35.17 6.21
CA GLU A 514 -8.70 35.07 7.43
C GLU A 514 -9.55 33.82 7.58
N GLY A 515 -9.79 33.10 6.47
CA GLY A 515 -10.59 31.88 6.50
C GLY A 515 -11.98 32.05 5.97
N ARG A 516 -12.90 31.15 6.38
CA ARG A 516 -14.28 31.07 5.90
C ARG A 516 -14.26 30.94 4.34
N ILE A 517 -13.32 30.12 3.83
CA ILE A 517 -13.13 29.88 2.41
C ILE A 517 -14.36 29.11 1.84
N ASP A 518 -15.06 29.72 0.84
CA ASP A 518 -16.22 29.11 0.20
C ASP A 518 -15.78 28.11 -0.90
N TRP A 519 -16.74 27.36 -1.48
CA TRP A 519 -16.51 26.31 -2.47
C TRP A 519 -15.76 26.82 -3.72
N ALA A 520 -16.27 27.90 -4.31
CA ALA A 520 -15.75 28.50 -5.54
C ALA A 520 -14.28 28.91 -5.40
N PHE A 521 -13.92 29.49 -4.25
CA PHE A 521 -12.53 29.92 -4.07
C PHE A 521 -11.64 28.71 -3.80
N ALA A 522 -12.14 27.69 -3.06
CA ALA A 522 -11.39 26.47 -2.75
C ALA A 522 -10.95 25.75 -4.05
N GLU A 523 -11.83 25.73 -5.04
CA GLU A 523 -11.58 25.17 -6.36
C GLU A 523 -10.41 25.88 -7.00
N LEU A 524 -10.40 27.21 -7.00
CA LEU A 524 -9.33 28.03 -7.59
C LEU A 524 -8.05 27.93 -6.77
N LEU A 525 -8.16 27.70 -5.43
CA LEU A 525 -7.01 27.48 -4.56
C LEU A 525 -6.32 26.18 -4.97
N ALA A 526 -7.10 25.12 -5.29
CA ALA A 526 -6.55 23.83 -5.72
C ALA A 526 -5.88 23.95 -7.10
N LEU A 527 -6.58 24.59 -8.08
CA LEU A 527 -6.05 24.74 -9.43
C LEU A 527 -4.83 25.66 -9.45
N GLY A 528 -4.90 26.76 -8.70
CA GLY A 528 -3.82 27.73 -8.57
C GLY A 528 -2.55 27.17 -7.97
N SER A 529 -2.69 26.33 -6.93
CA SER A 529 -1.54 25.70 -6.28
C SER A 529 -0.89 24.66 -7.19
N LEU A 530 -1.68 23.99 -8.06
CA LEU A 530 -1.15 23.03 -9.03
C LEU A 530 -0.33 23.75 -10.11
N ILE A 531 -0.81 24.90 -10.61
CA ILE A 531 -0.10 25.74 -11.61
C ILE A 531 1.23 26.21 -11.00
N ALA A 532 1.18 26.67 -9.72
CA ALA A 532 2.36 27.13 -8.97
C ALA A 532 3.41 26.01 -8.83
N GLU A 533 2.96 24.74 -8.80
CA GLU A 533 3.84 23.57 -8.72
C GLU A 533 4.31 23.11 -10.11
N GLY A 534 3.83 23.74 -11.18
CA GLY A 534 4.26 23.43 -12.54
C GLY A 534 3.28 22.65 -13.40
N LYS A 535 2.05 22.45 -12.91
CA LYS A 535 1.07 21.67 -13.67
C LYS A 535 0.30 22.52 -14.68
N LEU A 536 -0.05 21.91 -15.83
CA LEU A 536 -0.90 22.50 -16.84
C LEU A 536 -2.33 22.17 -16.41
N VAL A 537 -3.16 23.22 -16.25
CA VAL A 537 -4.55 23.06 -15.88
C VAL A 537 -5.42 23.54 -17.03
N ARG A 538 -6.25 22.64 -17.54
CA ARG A 538 -7.19 22.97 -18.60
C ARG A 538 -8.61 22.79 -18.03
N LEU A 539 -9.37 23.88 -17.99
CA LEU A 539 -10.74 23.94 -17.48
C LEU A 539 -11.67 24.52 -18.56
N SER A 540 -12.76 23.84 -18.89
CA SER A 540 -13.69 24.33 -19.92
C SER A 540 -15.12 23.84 -19.65
N GLY A 541 -16.07 24.35 -20.41
CA GLY A 541 -17.47 23.98 -20.27
C GLY A 541 -18.33 25.18 -20.52
N GLN A 542 -19.66 25.00 -20.48
CA GLN A 542 -20.56 26.08 -20.84
C GLN A 542 -20.54 27.18 -19.78
N ASP A 543 -20.13 28.39 -20.21
CA ASP A 543 -20.04 29.60 -19.36
C ASP A 543 -19.12 29.40 -18.14
N THR A 544 -18.09 28.54 -18.30
CA THR A 544 -17.17 28.13 -17.24
C THR A 544 -16.25 29.29 -16.78
N GLN A 545 -15.92 30.27 -17.65
CA GLN A 545 -15.02 31.37 -17.23
C GLN A 545 -15.64 32.18 -16.07
N ARG A 546 -16.92 32.55 -16.21
CA ARG A 546 -17.59 33.29 -15.17
C ARG A 546 -18.17 32.32 -14.12
N GLY A 547 -18.73 31.23 -14.59
CA GLY A 547 -19.43 30.26 -13.76
C GLY A 547 -20.91 30.40 -14.03
N THR A 548 -21.62 29.26 -14.13
CA THR A 548 -23.07 29.20 -14.35
C THR A 548 -23.79 29.94 -13.22
N PHE A 549 -23.26 29.82 -11.98
CA PHE A 549 -23.89 30.39 -10.80
C PHE A 549 -23.19 31.66 -10.36
N THR A 550 -22.52 32.35 -11.34
CA THR A 550 -21.78 33.61 -11.20
C THR A 550 -20.77 33.51 -10.02
N GLN A 551 -20.23 32.31 -9.80
CA GLN A 551 -19.35 32.06 -8.66
C GLN A 551 -17.85 31.94 -8.99
N ARG A 552 -17.48 31.58 -10.23
CA ARG A 552 -16.06 31.29 -10.49
C ARG A 552 -15.21 32.55 -10.76
N HIS A 553 -15.51 33.33 -11.82
CA HIS A 553 -14.70 34.51 -12.22
C HIS A 553 -13.23 34.11 -12.43
N ALA A 554 -13.00 33.00 -13.19
CA ALA A 554 -11.68 32.46 -13.55
C ALA A 554 -11.02 33.46 -14.51
N VAL A 555 -11.85 34.12 -15.31
CA VAL A 555 -11.50 35.18 -16.24
C VAL A 555 -12.37 36.37 -15.88
N ILE A 556 -11.78 37.57 -15.76
CA ILE A 556 -12.54 38.78 -15.48
C ILE A 556 -12.37 39.69 -16.72
N VAL A 557 -13.41 40.46 -17.04
CA VAL A 557 -13.46 41.23 -18.29
C VAL A 557 -13.42 42.75 -18.00
N ASP A 558 -12.51 43.47 -18.69
CA ASP A 558 -12.36 44.91 -18.54
C ASP A 558 -13.67 45.58 -18.96
N ARG A 559 -14.28 46.31 -18.00
CA ARG A 559 -15.56 47.00 -18.13
C ARG A 559 -15.58 48.00 -19.32
N LYS A 560 -14.41 48.56 -19.70
CA LYS A 560 -14.31 49.52 -20.81
C LYS A 560 -13.76 48.93 -22.13
N THR A 561 -12.83 47.95 -22.08
CA THR A 561 -12.20 47.45 -23.32
C THR A 561 -12.62 46.04 -23.72
N GLY A 562 -13.05 45.25 -22.75
CA GLY A 562 -13.42 43.87 -23.03
C GLY A 562 -12.23 42.94 -22.89
N GLU A 563 -11.05 43.48 -22.54
CA GLU A 563 -9.83 42.67 -22.33
C GLU A 563 -10.03 41.69 -21.19
N GLU A 564 -9.56 40.47 -21.41
CA GLU A 564 -9.66 39.40 -20.42
C GLU A 564 -8.43 39.39 -19.51
N PHE A 565 -8.62 39.09 -18.23
CA PHE A 565 -7.57 38.96 -17.24
C PHE A 565 -7.82 37.69 -16.46
N THR A 566 -6.79 36.84 -16.36
CA THR A 566 -6.89 35.56 -15.67
C THR A 566 -6.01 35.60 -14.41
N PRO A 567 -6.58 35.88 -13.21
CA PRO A 567 -5.76 35.94 -11.99
C PRO A 567 -4.87 34.70 -11.73
N LEU A 568 -5.37 33.45 -11.93
CA LEU A 568 -4.56 32.23 -11.69
C LEU A 568 -3.33 32.10 -12.61
N GLN A 569 -3.31 32.78 -13.78
CA GLN A 569 -2.17 32.73 -14.71
C GLN A 569 -0.90 33.39 -14.11
N LEU A 570 -1.05 34.26 -13.10
CA LEU A 570 0.06 34.91 -12.38
C LEU A 570 0.86 33.88 -11.55
N LEU A 571 0.23 32.74 -11.21
CA LEU A 571 0.86 31.69 -10.40
C LEU A 571 1.77 30.77 -11.23
N ALA A 572 1.81 30.98 -12.56
CA ALA A 572 2.68 30.27 -13.52
C ALA A 572 4.10 30.86 -13.48
N THR A 573 4.27 31.96 -12.73
CA THR A 573 5.55 32.64 -12.54
C THR A 573 5.87 32.65 -11.04
N ASN A 574 7.06 32.15 -10.67
CA ASN A 574 7.52 32.15 -9.27
C ASN A 574 7.83 33.60 -8.80
N PRO A 575 7.84 33.89 -7.48
CA PRO A 575 8.14 35.27 -7.03
C PRO A 575 9.47 35.87 -7.59
N ASP A 576 10.46 35.01 -7.92
CA ASP A 576 11.76 35.43 -8.49
C ASP A 576 11.66 35.75 -10.01
N GLY A 577 10.50 35.51 -10.62
CA GLY A 577 10.25 35.81 -12.02
C GLY A 577 10.44 34.65 -12.98
N THR A 578 10.92 33.51 -12.48
CA THR A 578 11.15 32.30 -13.30
C THR A 578 9.83 31.58 -13.53
N PRO A 579 9.61 30.96 -14.72
CA PRO A 579 8.37 30.20 -14.92
C PRO A 579 8.32 28.94 -14.03
N THR A 580 7.11 28.53 -13.65
CA THR A 580 6.91 27.31 -12.85
C THR A 580 6.82 26.11 -13.78
N GLY A 581 6.50 26.38 -15.04
CA GLY A 581 6.27 25.38 -16.08
C GLY A 581 4.77 25.11 -16.20
N GLY A 582 4.01 25.69 -15.28
CA GLY A 582 2.55 25.56 -15.21
C GLY A 582 1.84 26.56 -16.09
N LYS A 583 0.54 26.33 -16.33
CA LYS A 583 -0.30 27.17 -17.16
C LYS A 583 -1.76 26.98 -16.82
N PHE A 584 -2.57 28.03 -16.99
CA PHE A 584 -4.01 27.95 -16.77
C PHE A 584 -4.69 28.22 -18.08
N LEU A 585 -5.37 27.19 -18.61
CA LEU A 585 -6.11 27.25 -19.86
C LEU A 585 -7.59 27.12 -19.55
N VAL A 586 -8.33 28.24 -19.65
CA VAL A 586 -9.73 28.21 -19.29
C VAL A 586 -10.57 28.81 -20.44
N TYR A 587 -11.56 28.02 -20.87
CA TYR A 587 -12.42 28.42 -21.97
C TYR A 587 -13.89 28.19 -21.70
N ASN A 588 -14.70 28.99 -22.38
CA ASN A 588 -16.13 28.80 -22.52
C ASN A 588 -16.27 27.85 -23.70
N SER A 589 -16.99 26.76 -23.52
CA SER A 589 -17.19 25.80 -24.59
C SER A 589 -18.35 26.22 -25.50
N ALA A 590 -18.43 25.58 -26.69
CA ALA A 590 -19.58 25.73 -27.58
C ALA A 590 -20.74 25.02 -26.88
N LEU A 591 -21.98 25.18 -27.35
CA LEU A 591 -23.12 24.54 -26.72
C LEU A 591 -23.21 23.09 -27.21
N SER A 592 -22.20 22.29 -26.81
CA SER A 592 -22.04 20.86 -27.09
C SER A 592 -21.72 20.09 -25.84
N GLU A 593 -22.24 18.87 -25.73
CA GLU A 593 -21.88 17.99 -24.63
C GLU A 593 -21.04 16.86 -25.19
N PHE A 594 -21.54 16.18 -26.24
CA PHE A 594 -20.88 15.04 -26.89
C PHE A 594 -19.46 15.43 -27.39
N ALA A 595 -19.33 16.47 -28.22
CA ALA A 595 -18.01 16.86 -28.73
C ALA A 595 -17.12 17.46 -27.64
N ALA A 596 -17.67 18.28 -26.71
CA ALA A 596 -16.87 18.88 -25.66
C ALA A 596 -16.31 17.85 -24.67
N VAL A 597 -17.12 16.88 -24.19
CA VAL A 597 -16.66 15.82 -23.26
C VAL A 597 -15.63 14.90 -24.02
N GLY A 598 -15.91 14.60 -25.30
CA GLY A 598 -15.02 13.81 -26.14
C GLY A 598 -13.66 14.47 -26.26
N PHE A 599 -13.64 15.79 -26.48
CA PHE A 599 -12.43 16.61 -26.62
C PHE A 599 -11.60 16.57 -25.35
N GLU A 600 -12.23 16.76 -24.19
CA GLU A 600 -11.55 16.79 -22.89
C GLU A 600 -10.99 15.42 -22.53
N TYR A 601 -11.72 14.33 -22.88
CA TYR A 601 -11.20 12.97 -22.65
C TYR A 601 -9.92 12.79 -23.52
N GLY A 602 -10.02 13.15 -24.81
CA GLY A 602 -8.91 13.12 -25.76
C GLY A 602 -7.72 13.92 -25.29
N TYR A 603 -7.96 15.13 -24.75
CA TYR A 603 -6.92 16.00 -24.21
C TYR A 603 -6.17 15.31 -23.04
N SER A 604 -6.88 14.65 -22.11
CA SER A 604 -6.23 13.95 -20.97
C SER A 604 -5.37 12.79 -21.48
N VAL A 605 -5.77 12.12 -22.59
CA VAL A 605 -4.99 11.03 -23.22
C VAL A 605 -3.73 11.64 -23.93
N GLY A 606 -3.93 12.74 -24.65
CA GLY A 606 -2.86 13.44 -25.35
C GLY A 606 -1.77 13.98 -24.45
N ASN A 607 -2.14 14.45 -23.23
CA ASN A 607 -1.20 14.94 -22.22
C ASN A 607 -1.60 14.35 -20.86
N PRO A 608 -1.03 13.17 -20.52
CA PRO A 608 -1.32 12.53 -19.22
C PRO A 608 -0.93 13.37 -18.00
N ASP A 609 -0.01 14.34 -18.16
CA ASP A 609 0.49 15.21 -17.09
C ASP A 609 -0.41 16.43 -16.85
N ALA A 610 -1.38 16.67 -17.73
CA ALA A 610 -2.30 17.80 -17.59
C ALA A 610 -3.42 17.50 -16.63
N MET A 611 -3.91 18.55 -15.93
CA MET A 611 -5.10 18.52 -15.08
C MET A 611 -6.20 18.98 -16.01
N VAL A 612 -7.12 18.09 -16.39
CA VAL A 612 -8.15 18.38 -17.38
C VAL A 612 -9.50 18.27 -16.74
N LEU A 613 -10.26 19.35 -16.75
CA LEU A 613 -11.59 19.37 -16.14
C LEU A 613 -12.64 19.89 -17.12
N TRP A 614 -13.76 19.19 -17.22
CA TRP A 614 -14.91 19.58 -18.02
C TRP A 614 -16.07 19.79 -17.08
N GLU A 615 -16.78 20.93 -17.23
CA GLU A 615 -17.90 21.23 -16.38
C GLU A 615 -19.21 21.29 -17.15
N ALA A 616 -20.20 20.51 -16.68
CA ALA A 616 -21.55 20.56 -17.23
C ALA A 616 -22.24 21.82 -16.69
N GLN A 617 -23.15 22.45 -17.47
CA GLN A 617 -23.88 23.64 -16.99
C GLN A 617 -24.68 23.20 -15.75
N PHE A 618 -25.34 22.03 -15.92
CA PHE A 618 -26.03 21.26 -14.90
C PHE A 618 -25.71 19.82 -15.22
N GLY A 619 -25.54 18.97 -14.20
CA GLY A 619 -25.24 17.55 -14.44
C GLY A 619 -26.26 16.84 -15.33
N ASP A 620 -27.52 17.36 -15.33
CA ASP A 620 -28.65 16.83 -16.11
C ASP A 620 -28.38 16.77 -17.65
N PHE A 621 -27.41 17.56 -18.14
CA PHE A 621 -27.14 17.68 -19.58
C PHE A 621 -26.00 16.78 -20.03
N VAL A 622 -25.29 16.13 -19.09
CA VAL A 622 -24.19 15.24 -19.45
C VAL A 622 -24.68 13.99 -20.24
N ASN A 623 -25.98 13.60 -20.14
CA ASN A 623 -26.52 12.47 -20.92
C ASN A 623 -26.42 12.73 -22.45
N GLY A 624 -26.18 13.98 -22.86
CA GLY A 624 -25.92 14.35 -24.26
C GLY A 624 -24.55 13.79 -24.67
N ALA A 625 -23.69 13.43 -23.70
CA ALA A 625 -22.38 12.85 -23.95
C ALA A 625 -22.32 11.40 -23.47
N GLN A 626 -23.48 10.73 -23.39
CA GLN A 626 -23.50 9.37 -22.88
C GLN A 626 -22.52 8.40 -23.62
N SER A 627 -22.43 8.48 -24.96
CA SER A 627 -21.55 7.63 -25.75
C SER A 627 -20.11 7.78 -25.30
N ILE A 628 -19.65 8.99 -25.02
CA ILE A 628 -18.26 9.23 -24.57
C ILE A 628 -18.11 8.63 -23.16
N ILE A 629 -19.14 8.79 -22.31
CA ILE A 629 -19.07 8.27 -20.93
C ILE A 629 -19.00 6.74 -20.99
N ASP A 630 -19.92 6.12 -21.75
CA ASP A 630 -20.00 4.65 -21.88
C ASP A 630 -18.81 4.02 -22.62
N GLU A 631 -18.41 4.62 -23.75
CA GLU A 631 -17.42 4.04 -24.66
C GLU A 631 -15.97 4.40 -24.42
N PHE A 632 -15.71 5.54 -23.80
CA PHE A 632 -14.33 5.96 -23.60
C PHE A 632 -13.96 6.13 -22.13
N ILE A 633 -14.63 7.03 -21.43
CA ILE A 633 -14.31 7.40 -20.05
C ILE A 633 -14.32 6.20 -19.08
N SER A 634 -15.47 5.54 -18.95
CA SER A 634 -15.67 4.49 -17.98
C SER A 634 -15.00 3.19 -18.36
N SER A 635 -14.76 2.97 -19.65
CA SER A 635 -14.36 1.67 -20.15
C SER A 635 -13.08 1.59 -20.98
N GLY A 636 -12.51 2.73 -21.36
CA GLY A 636 -11.29 2.77 -22.17
C GLY A 636 -10.09 2.00 -21.62
N GLU A 637 -9.88 2.04 -20.30
CA GLU A 637 -8.76 1.37 -19.65
C GLU A 637 -8.88 -0.17 -19.76
N ALA A 638 -10.04 -0.73 -19.43
CA ALA A 638 -10.27 -2.18 -19.46
C ALA A 638 -10.23 -2.74 -20.88
N LYS A 639 -10.77 -1.99 -21.85
CA LYS A 639 -10.89 -2.47 -23.22
C LYS A 639 -9.62 -2.30 -24.02
N TRP A 640 -8.91 -1.18 -23.85
CA TRP A 640 -7.77 -0.90 -24.73
C TRP A 640 -6.46 -0.63 -24.00
N GLY A 641 -6.50 -0.48 -22.69
CA GLY A 641 -5.31 -0.12 -21.92
C GLY A 641 -5.05 1.38 -22.02
N GLN A 642 -6.02 2.13 -22.61
CA GLN A 642 -5.91 3.57 -22.77
C GLN A 642 -6.31 4.23 -21.44
N LEU A 643 -5.43 5.09 -20.91
CA LEU A 643 -5.68 5.72 -19.62
C LEU A 643 -6.11 7.17 -19.77
N SER A 644 -7.08 7.60 -18.96
CA SER A 644 -7.55 8.99 -18.95
C SER A 644 -7.72 9.48 -17.54
N ASP A 645 -7.22 10.68 -17.28
CA ASP A 645 -7.29 11.37 -15.99
C ASP A 645 -8.37 12.48 -16.01
N VAL A 646 -9.28 12.46 -17.00
CA VAL A 646 -10.28 13.52 -17.17
C VAL A 646 -11.19 13.67 -15.92
N VAL A 647 -11.53 14.92 -15.59
CA VAL A 647 -12.42 15.27 -14.48
C VAL A 647 -13.73 15.78 -15.07
N LEU A 648 -14.87 15.25 -14.60
CA LEU A 648 -16.20 15.75 -14.98
C LEU A 648 -16.83 16.39 -13.75
N LEU A 649 -17.16 17.69 -13.83
CA LEU A 649 -17.80 18.46 -12.76
C LEU A 649 -19.28 18.56 -13.10
N LEU A 650 -20.13 17.92 -12.30
CA LEU A 650 -21.54 17.83 -12.61
C LEU A 650 -22.41 18.45 -11.54
N PRO A 651 -22.86 19.73 -11.73
CA PRO A 651 -23.73 20.36 -10.71
C PRO A 651 -24.95 19.47 -10.47
N HIS A 652 -25.17 19.21 -9.17
CA HIS A 652 -26.20 18.27 -8.75
C HIS A 652 -26.85 18.71 -7.45
N GLY A 653 -28.14 18.42 -7.31
CA GLY A 653 -28.87 18.72 -6.07
C GLY A 653 -30.32 19.14 -6.26
N HIS A 654 -31.19 18.57 -5.41
CA HIS A 654 -32.64 18.85 -5.39
C HIS A 654 -32.86 20.19 -4.73
N GLU A 655 -33.37 21.17 -5.49
CA GLU A 655 -33.63 22.54 -5.03
C GLU A 655 -34.96 23.12 -5.58
N GLY A 656 -35.77 22.29 -6.23
CA GLY A 656 -37.05 22.71 -6.82
C GLY A 656 -36.98 23.34 -8.20
N GLN A 657 -35.86 23.14 -8.94
CA GLN A 657 -35.73 23.73 -10.28
C GLN A 657 -36.11 22.76 -11.40
N GLY A 658 -36.78 21.66 -11.06
CA GLY A 658 -37.28 20.73 -12.08
C GLY A 658 -36.42 19.55 -12.44
N PRO A 659 -36.97 18.62 -13.26
CA PRO A 659 -36.24 17.38 -13.58
C PRO A 659 -34.98 17.54 -14.44
N ASP A 660 -34.74 18.73 -15.03
CA ASP A 660 -33.55 18.97 -15.85
C ASP A 660 -32.57 19.92 -15.20
N HIS A 661 -32.76 20.23 -13.91
CA HIS A 661 -31.87 21.10 -13.15
C HIS A 661 -31.75 20.56 -11.75
N THR A 662 -31.65 19.23 -11.62
CA THR A 662 -31.60 18.57 -10.33
C THR A 662 -30.58 17.42 -10.24
N SER A 663 -30.43 16.60 -11.28
CA SER A 663 -29.57 15.43 -11.14
C SER A 663 -28.52 15.21 -12.22
N GLY A 664 -27.32 14.83 -11.78
CA GLY A 664 -26.22 14.43 -12.64
C GLY A 664 -26.22 12.92 -12.84
N ARG A 665 -27.28 12.24 -12.37
CA ARG A 665 -27.54 10.81 -12.46
C ARG A 665 -26.39 9.99 -11.81
N ILE A 666 -26.20 10.22 -10.49
CA ILE A 666 -25.20 9.51 -9.66
C ILE A 666 -25.30 7.98 -9.86
N GLU A 667 -26.55 7.46 -9.84
CA GLU A 667 -26.90 6.05 -9.97
C GLU A 667 -26.33 5.43 -11.28
N ARG A 668 -26.28 6.22 -12.39
CA ARG A 668 -25.77 5.77 -13.67
C ARG A 668 -24.24 5.62 -13.63
N PHE A 669 -23.55 6.59 -13.02
CA PHE A 669 -22.07 6.51 -12.88
C PHE A 669 -21.67 5.37 -11.93
N LEU A 670 -22.45 5.16 -10.85
CA LEU A 670 -22.17 4.10 -9.88
C LEU A 670 -22.37 2.73 -10.53
N GLN A 671 -23.33 2.62 -11.47
CA GLN A 671 -23.64 1.41 -12.25
C GLN A 671 -22.52 1.09 -13.22
N LEU A 672 -21.90 2.13 -13.83
CA LEU A 672 -20.81 1.97 -14.79
C LEU A 672 -19.48 1.57 -14.12
N TRP A 673 -19.27 2.02 -12.87
CA TRP A 673 -18.07 1.77 -12.10
C TRP A 673 -17.88 0.27 -11.87
N ALA A 674 -16.63 -0.20 -11.99
CA ALA A 674 -16.20 -1.55 -11.64
C ALA A 674 -14.71 -1.60 -11.53
N GLU A 675 -14.18 -2.43 -10.62
CA GLU A 675 -12.74 -2.71 -10.42
C GLU A 675 -11.85 -1.46 -10.41
N GLY A 676 -12.26 -0.44 -9.66
CA GLY A 676 -11.55 0.83 -9.54
C GLY A 676 -11.32 1.61 -10.83
N SER A 677 -12.22 1.49 -11.80
CA SER A 677 -12.11 2.17 -13.11
C SER A 677 -12.13 3.70 -13.03
N MET A 678 -12.88 4.28 -12.07
CA MET A 678 -13.03 5.74 -11.85
C MET A 678 -13.13 6.09 -10.38
N THR A 679 -12.99 7.40 -10.06
CA THR A 679 -13.26 7.91 -8.70
C THR A 679 -14.56 8.68 -8.82
N ILE A 680 -15.52 8.42 -7.92
CA ILE A 680 -16.81 9.10 -7.93
C ILE A 680 -16.97 9.77 -6.57
N ALA A 681 -17.10 11.11 -6.56
CA ALA A 681 -17.20 11.83 -5.29
C ALA A 681 -18.29 12.89 -5.26
N MET A 682 -18.80 13.16 -4.06
CA MET A 682 -19.79 14.20 -3.81
C MET A 682 -19.37 14.95 -2.54
N PRO A 683 -18.37 15.87 -2.64
CA PRO A 683 -17.88 16.55 -1.43
C PRO A 683 -18.90 17.54 -0.87
N SER A 684 -18.95 17.68 0.46
CA SER A 684 -19.87 18.56 1.19
C SER A 684 -19.17 19.81 1.71
N THR A 685 -17.84 19.85 1.58
CA THR A 685 -17.04 20.93 2.13
C THR A 685 -16.05 21.51 1.10
N PRO A 686 -15.81 22.85 1.10
CA PRO A 686 -14.81 23.43 0.19
C PRO A 686 -13.41 22.83 0.31
N ALA A 687 -12.90 22.64 1.53
CA ALA A 687 -11.56 22.08 1.76
C ALA A 687 -11.45 20.64 1.29
N ASN A 688 -12.53 19.85 1.47
CA ASN A 688 -12.52 18.46 1.02
C ASN A 688 -12.52 18.39 -0.51
N TYR A 689 -13.18 19.35 -1.18
CA TYR A 689 -13.16 19.43 -2.65
C TYR A 689 -11.75 19.81 -3.10
N PHE A 690 -11.13 20.80 -2.41
CA PHE A 690 -9.77 21.25 -2.68
C PHE A 690 -8.78 20.06 -2.63
N HIS A 691 -8.85 19.26 -1.55
CA HIS A 691 -7.95 18.11 -1.35
C HIS A 691 -8.24 17.02 -2.37
N LEU A 692 -9.51 16.84 -2.77
CA LEU A 692 -9.92 15.88 -3.81
C LEU A 692 -9.25 16.22 -5.16
N LEU A 693 -9.28 17.51 -5.57
CA LEU A 693 -8.69 17.96 -6.85
C LEU A 693 -7.17 17.86 -6.81
N ARG A 694 -6.54 18.24 -5.69
CA ARG A 694 -5.08 18.17 -5.56
C ARG A 694 -4.60 16.72 -5.54
N ARG A 695 -5.32 15.79 -4.85
CA ARG A 695 -4.95 14.36 -4.82
C ARG A 695 -5.01 13.83 -6.26
N HIS A 696 -6.10 14.13 -6.98
CA HIS A 696 -6.27 13.71 -8.39
C HIS A 696 -5.16 14.26 -9.28
N GLY A 697 -4.78 15.51 -9.08
CA GLY A 697 -3.71 16.11 -9.86
C GLY A 697 -2.31 15.66 -9.53
N LYS A 698 -2.10 15.05 -8.34
CA LYS A 698 -0.75 14.68 -7.87
C LYS A 698 -0.52 13.16 -7.62
N ASP A 699 -1.57 12.33 -7.53
CA ASP A 699 -1.49 10.90 -7.22
C ASP A 699 -0.85 10.02 -8.33
N GLY A 700 -0.77 10.51 -9.56
CA GLY A 700 -0.22 9.72 -10.66
C GLY A 700 -1.08 8.56 -11.13
N ILE A 701 -2.32 8.44 -10.62
CA ILE A 701 -3.31 7.42 -11.01
C ILE A 701 -4.09 7.98 -12.19
N GLN A 702 -3.83 7.49 -13.41
CA GLN A 702 -4.52 7.95 -14.62
C GLN A 702 -5.90 7.31 -14.74
N ARG A 703 -6.87 7.80 -13.95
CA ARG A 703 -8.26 7.29 -13.96
C ARG A 703 -9.22 8.45 -13.83
N PRO A 704 -10.40 8.42 -14.51
CA PRO A 704 -11.31 9.57 -14.44
C PRO A 704 -11.86 9.87 -13.05
N LEU A 705 -12.20 11.14 -12.80
CA LEU A 705 -12.77 11.61 -11.56
C LEU A 705 -14.13 12.24 -11.86
N ILE A 706 -15.19 11.71 -11.22
CA ILE A 706 -16.54 12.24 -11.39
C ILE A 706 -16.93 12.97 -10.13
N VAL A 707 -17.20 14.29 -10.25
CA VAL A 707 -17.54 15.11 -9.09
C VAL A 707 -18.93 15.68 -9.23
N PHE A 708 -19.79 15.40 -8.25
CA PHE A 708 -21.14 15.95 -8.14
C PHE A 708 -21.00 17.21 -7.29
N THR A 709 -21.07 18.38 -7.96
CA THR A 709 -20.76 19.71 -7.42
C THR A 709 -22.03 20.49 -7.05
N PRO A 710 -21.92 21.48 -6.12
CA PRO A 710 -23.13 22.16 -5.66
C PRO A 710 -23.57 23.32 -6.51
N LYS A 711 -24.78 23.82 -6.19
CA LYS A 711 -25.45 24.95 -6.82
C LYS A 711 -25.80 25.97 -5.71
N SER A 712 -26.86 25.77 -4.92
CA SER A 712 -27.16 26.67 -3.79
C SER A 712 -26.11 26.54 -2.62
N MET A 713 -25.55 25.35 -2.39
CA MET A 713 -24.54 25.08 -1.34
C MET A 713 -23.24 25.93 -1.57
N LEU A 714 -23.04 26.46 -2.79
CA LEU A 714 -21.95 27.40 -3.09
C LEU A 714 -22.04 28.63 -2.19
N ARG A 715 -23.28 29.06 -1.86
CA ARG A 715 -23.50 30.25 -1.05
C ARG A 715 -24.04 29.94 0.35
N ASN A 716 -24.07 28.65 0.74
CA ASN A 716 -24.47 28.27 2.09
C ASN A 716 -23.36 28.69 3.05
N LYS A 717 -23.68 29.57 4.03
CA LYS A 717 -22.71 30.13 4.97
C LYS A 717 -22.17 29.10 5.97
N ALA A 718 -22.84 27.93 6.10
CA ALA A 718 -22.33 26.84 6.95
C ALA A 718 -21.30 26.02 6.17
N ALA A 719 -21.37 26.05 4.82
CA ALA A 719 -20.48 25.30 3.92
C ALA A 719 -19.22 26.10 3.55
N VAL A 720 -18.44 26.49 4.56
CA VAL A 720 -17.17 27.24 4.43
C VAL A 720 -16.09 26.46 5.22
N SER A 721 -14.82 26.66 4.86
CA SER A 721 -13.72 25.97 5.48
C SER A 721 -12.68 26.90 6.10
N ASP A 722 -11.98 26.42 7.15
CA ASP A 722 -10.92 27.17 7.83
C ASP A 722 -9.60 27.00 7.10
N ILE A 723 -8.65 27.94 7.28
CA ILE A 723 -7.32 27.92 6.66
C ILE A 723 -6.62 26.58 6.95
N ARG A 724 -6.69 26.09 8.22
CA ARG A 724 -6.04 24.85 8.70
C ARG A 724 -6.56 23.60 7.98
N ASP A 725 -7.80 23.64 7.45
CA ASP A 725 -8.37 22.53 6.68
C ASP A 725 -7.62 22.35 5.36
N PHE A 726 -6.96 23.41 4.87
CA PHE A 726 -6.18 23.40 3.62
C PHE A 726 -4.69 23.18 3.86
N THR A 727 -4.18 23.67 5.01
CA THR A 727 -2.76 23.66 5.37
C THR A 727 -2.34 22.48 6.25
N GLU A 728 -3.27 21.83 6.95
CA GLU A 728 -2.86 20.74 7.84
C GLU A 728 -3.80 19.52 7.78
N SER A 729 -4.52 19.37 6.68
CA SER A 729 -5.40 18.22 6.51
C SER A 729 -5.15 17.56 5.16
N LYS A 730 -6.01 16.62 4.80
CA LYS A 730 -5.97 15.92 3.51
C LYS A 730 -7.41 15.52 3.16
N PHE A 731 -7.60 14.87 2.02
CA PHE A 731 -8.93 14.42 1.60
C PHE A 731 -9.47 13.40 2.58
N ARG A 732 -10.73 13.61 2.98
CA ARG A 732 -11.44 12.74 3.90
C ARG A 732 -12.58 12.10 3.13
N SER A 733 -12.51 10.78 2.95
CA SER A 733 -13.52 10.01 2.22
C SER A 733 -14.79 9.82 3.06
N VAL A 734 -14.67 9.86 4.38
CA VAL A 734 -15.78 9.74 5.34
C VAL A 734 -15.65 10.94 6.31
N LEU A 735 -16.74 11.69 6.54
CA LEU A 735 -16.72 12.82 7.47
C LEU A 735 -17.74 12.69 8.59
N GLU A 736 -17.29 12.95 9.82
CA GLU A 736 -18.15 13.01 11.00
C GLU A 736 -18.51 14.46 11.24
N GLU A 737 -19.51 14.69 12.10
CA GLU A 737 -19.91 16.03 12.55
C GLU A 737 -18.79 16.65 13.39
N PRO A 738 -18.49 17.96 13.16
CA PRO A 738 -17.42 18.61 13.93
C PRO A 738 -17.62 18.60 15.47
N MET A 739 -18.88 18.45 15.97
CA MET A 739 -19.13 18.39 17.42
C MET A 739 -18.45 17.17 18.08
N TYR A 740 -18.22 16.08 17.31
CA TYR A 740 -17.59 14.87 17.83
C TYR A 740 -16.06 14.91 17.68
N THR A 741 -15.55 15.50 16.57
CA THR A 741 -14.11 15.57 16.30
C THR A 741 -13.44 16.81 16.92
N ASP A 742 -14.14 17.94 17.02
CA ASP A 742 -13.57 19.21 17.52
C ASP A 742 -14.35 19.77 18.70
N GLY A 743 -15.62 19.40 18.85
CA GLY A 743 -16.49 19.91 19.92
C GLY A 743 -16.58 19.05 21.16
N GLU A 744 -17.68 19.23 21.90
CA GLU A 744 -17.95 18.52 23.16
C GLU A 744 -19.11 17.49 23.01
N GLY A 745 -19.37 17.02 21.79
CA GLY A 745 -20.40 16.03 21.51
C GLY A 745 -20.02 14.65 22.03
N ASP A 746 -21.03 13.87 22.50
CA ASP A 746 -20.83 12.52 23.03
C ASP A 746 -21.40 11.47 22.06
N ARG A 747 -20.49 10.74 21.39
CA ARG A 747 -20.76 9.65 20.46
C ARG A 747 -21.52 8.47 21.10
N ASN A 748 -21.40 8.27 22.42
CA ASN A 748 -22.02 7.15 23.13
C ASN A 748 -23.54 7.32 23.33
N LYS A 749 -24.06 8.57 23.26
CA LYS A 749 -25.49 8.87 23.37
C LYS A 749 -26.23 8.50 22.07
N VAL A 750 -25.49 8.34 20.95
CA VAL A 750 -26.03 8.07 19.60
C VAL A 750 -26.59 6.63 19.51
N THR A 751 -27.89 6.53 19.14
CA THR A 751 -28.60 5.25 18.95
C THR A 751 -29.10 5.15 17.49
N ARG A 752 -29.20 6.28 16.79
CA ARG A 752 -29.62 6.30 15.38
C ARG A 752 -28.54 6.95 14.54
N LEU A 753 -28.05 6.22 13.55
CA LEU A 753 -27.03 6.74 12.67
C LEU A 753 -27.59 7.00 11.26
N LEU A 754 -27.43 8.25 10.81
CA LEU A 754 -27.85 8.67 9.49
C LEU A 754 -26.62 8.79 8.59
N LEU A 755 -26.60 8.00 7.50
CA LEU A 755 -25.52 8.00 6.51
C LEU A 755 -26.02 8.73 5.30
N THR A 756 -25.23 9.66 4.81
CA THR A 756 -25.65 10.50 3.71
C THR A 756 -24.45 10.99 2.89
N SER A 757 -24.74 11.87 1.91
CA SER A 757 -23.76 12.49 1.03
C SER A 757 -24.31 13.80 0.47
N GLY A 758 -23.47 14.82 0.40
CA GLY A 758 -23.84 16.09 -0.18
C GLY A 758 -24.51 17.06 0.77
N LYS A 759 -25.11 18.10 0.18
CA LYS A 759 -25.75 19.24 0.85
C LYS A 759 -26.85 18.89 1.88
N ILE A 760 -27.54 17.71 1.78
CA ILE A 760 -28.63 17.39 2.73
C ILE A 760 -28.09 17.31 4.18
N TYR A 761 -26.76 17.09 4.34
CA TYR A 761 -26.10 17.04 5.63
C TYR A 761 -26.41 18.30 6.44
N TYR A 762 -26.32 19.50 5.81
CA TYR A 762 -26.54 20.78 6.50
C TYR A 762 -27.96 20.92 7.04
N GLU A 763 -28.95 20.43 6.27
CA GLU A 763 -30.36 20.46 6.68
C GLU A 763 -30.61 19.49 7.83
N LEU A 764 -29.96 18.31 7.78
CA LEU A 764 -30.06 17.29 8.82
C LEU A 764 -29.38 17.80 10.09
N ALA A 765 -28.21 18.47 9.95
CA ALA A 765 -27.43 19.05 11.06
C ALA A 765 -28.22 20.16 11.74
N ALA A 766 -28.86 21.07 10.96
CA ALA A 766 -29.68 22.18 11.49
C ALA A 766 -30.87 21.63 12.28
N ARG A 767 -31.54 20.58 11.77
CA ARG A 767 -32.67 19.95 12.44
C ARG A 767 -32.22 19.25 13.74
N LYS A 768 -31.03 18.61 13.74
CA LYS A 768 -30.47 17.98 14.93
C LYS A 768 -30.22 19.04 16.02
N ALA A 769 -29.60 20.17 15.62
CA ALA A 769 -29.29 21.29 16.49
C ALA A 769 -30.56 21.93 17.07
N LYS A 770 -31.60 22.09 16.25
CA LYS A 770 -32.88 22.70 16.63
C LYS A 770 -33.57 21.93 17.76
N GLU A 771 -33.64 20.59 17.65
CA GLU A 771 -34.30 19.71 18.61
C GLU A 771 -33.34 19.17 19.69
N ASN A 772 -32.03 19.55 19.66
CA ASN A 772 -30.97 19.06 20.55
C ASN A 772 -30.99 17.48 20.56
N ARG A 773 -30.89 16.85 19.37
CA ARG A 773 -30.98 15.40 19.28
C ARG A 773 -29.58 14.72 19.31
N GLU A 774 -29.15 14.41 20.55
CA GLU A 774 -27.87 13.77 20.90
C GLU A 774 -27.89 12.28 20.63
N ASP A 775 -29.10 11.73 20.44
CA ASP A 775 -29.38 10.33 20.13
C ASP A 775 -29.20 10.05 18.61
N VAL A 776 -28.97 11.09 17.78
CA VAL A 776 -28.78 10.99 16.32
C VAL A 776 -27.42 11.58 15.86
N ALA A 777 -26.65 10.84 15.04
CA ALA A 777 -25.39 11.31 14.46
C ALA A 777 -25.47 11.19 12.93
N ILE A 778 -24.85 12.15 12.21
CA ILE A 778 -24.87 12.20 10.74
C ILE A 778 -23.45 11.96 10.21
N VAL A 779 -23.28 10.90 9.41
CA VAL A 779 -21.98 10.55 8.84
C VAL A 779 -22.07 10.73 7.33
N ARG A 780 -21.08 11.41 6.74
CA ARG A 780 -21.06 11.67 5.29
C ARG A 780 -20.09 10.78 4.56
N ILE A 781 -20.51 10.27 3.40
CA ILE A 781 -19.67 9.49 2.51
C ILE A 781 -19.34 10.45 1.38
N GLU A 782 -18.10 10.99 1.40
CA GLU A 782 -17.59 11.96 0.43
C GLU A 782 -17.14 11.25 -0.86
N GLN A 783 -16.52 10.07 -0.73
CA GLN A 783 -16.08 9.26 -1.86
C GLN A 783 -17.05 8.11 -2.04
N LEU A 784 -17.88 8.17 -3.10
CA LEU A 784 -18.90 7.15 -3.33
C LEU A 784 -18.30 5.88 -3.95
N ALA A 785 -17.26 6.04 -4.76
CA ALA A 785 -16.61 4.96 -5.47
C ALA A 785 -15.12 5.27 -5.67
N PRO A 786 -14.18 4.33 -5.40
CA PRO A 786 -14.39 3.07 -4.68
C PRO A 786 -14.88 3.36 -3.25
N LEU A 787 -15.80 2.56 -2.71
CA LEU A 787 -16.32 2.78 -1.38
C LEU A 787 -15.18 2.70 -0.33
N PRO A 788 -15.04 3.71 0.56
CA PRO A 788 -13.97 3.65 1.57
C PRO A 788 -14.37 2.71 2.70
N ARG A 789 -14.28 1.38 2.44
CA ARG A 789 -14.71 0.28 3.31
C ARG A 789 -14.09 0.37 4.73
N ARG A 790 -12.76 0.47 4.82
CA ARG A 790 -12.03 0.54 6.08
C ARG A 790 -12.42 1.82 6.84
N ARG A 791 -12.27 2.99 6.21
CA ARG A 791 -12.61 4.27 6.82
C ARG A 791 -14.08 4.28 7.32
N LEU A 792 -15.01 3.67 6.55
CA LEU A 792 -16.42 3.56 6.93
C LEU A 792 -16.57 2.71 8.19
N ALA A 793 -15.95 1.51 8.22
CA ALA A 793 -15.98 0.57 9.34
C ALA A 793 -15.42 1.17 10.62
N GLU A 794 -14.24 1.84 10.55
CA GLU A 794 -13.57 2.47 11.71
C GLU A 794 -14.40 3.63 12.28
N THR A 795 -15.08 4.40 11.42
CA THR A 795 -15.89 5.52 11.87
C THR A 795 -17.13 5.03 12.61
N LEU A 796 -17.85 4.02 12.04
CA LEU A 796 -19.08 3.49 12.67
C LEU A 796 -18.78 2.77 13.98
N ASP A 797 -17.54 2.23 14.14
CA ASP A 797 -17.10 1.56 15.37
C ASP A 797 -16.99 2.54 16.53
N ARG A 798 -16.95 3.85 16.23
CA ARG A 798 -16.85 4.95 17.23
C ARG A 798 -18.21 5.31 17.85
N TYR A 799 -19.29 4.64 17.44
CA TYR A 799 -20.67 4.84 17.90
C TYR A 799 -21.20 3.49 18.39
N PRO A 800 -20.81 3.00 19.58
CA PRO A 800 -21.18 1.63 19.98
C PRO A 800 -22.65 1.38 20.32
N ASN A 801 -23.44 2.44 20.59
CA ASN A 801 -24.81 2.21 21.01
C ASN A 801 -25.84 2.42 19.90
N VAL A 802 -25.39 2.38 18.61
CA VAL A 802 -26.29 2.56 17.47
C VAL A 802 -27.17 1.30 17.34
N LYS A 803 -28.50 1.50 17.33
CA LYS A 803 -29.48 0.42 17.22
C LYS A 803 -30.12 0.39 15.83
N GLU A 804 -30.03 1.50 15.07
CA GLU A 804 -30.60 1.58 13.71
C GLU A 804 -29.76 2.49 12.81
N LYS A 805 -29.60 2.09 11.55
CA LYS A 805 -28.85 2.82 10.53
C LYS A 805 -29.72 3.10 9.32
N PHE A 806 -29.60 4.34 8.78
CA PHE A 806 -30.35 4.77 7.62
C PHE A 806 -29.48 5.46 6.61
N TRP A 807 -29.68 5.10 5.33
CA TRP A 807 -29.08 5.82 4.22
C TRP A 807 -30.10 6.88 3.85
N VAL A 808 -29.71 8.18 3.99
CA VAL A 808 -30.61 9.31 3.70
C VAL A 808 -30.15 10.02 2.43
N GLN A 809 -31.09 10.25 1.51
CA GLN A 809 -30.80 10.94 0.25
C GLN A 809 -32.00 11.75 -0.24
N GLU A 810 -31.71 12.80 -0.99
CA GLU A 810 -32.71 13.64 -1.63
C GLU A 810 -33.30 12.97 -2.86
N GLU A 811 -32.50 12.16 -3.56
CA GLU A 811 -32.92 11.55 -4.85
C GLU A 811 -33.97 10.46 -4.67
N PRO A 812 -34.83 10.25 -5.68
CA PRO A 812 -35.81 9.14 -5.64
C PRO A 812 -35.14 7.78 -5.32
N ALA A 813 -35.89 6.82 -4.75
CA ALA A 813 -35.44 5.50 -4.31
C ALA A 813 -34.69 4.71 -5.41
N ASN A 814 -35.04 4.89 -6.70
CA ASN A 814 -34.40 4.20 -7.83
C ASN A 814 -33.20 5.00 -8.37
N GLN A 815 -32.86 6.11 -7.69
CA GLN A 815 -31.79 7.03 -8.10
C GLN A 815 -30.86 7.33 -6.94
N GLY A 816 -29.84 8.15 -7.18
CA GLY A 816 -28.84 8.47 -6.18
C GLY A 816 -27.95 7.29 -5.89
N ALA A 817 -27.39 7.22 -4.67
CA ALA A 817 -26.47 6.14 -4.31
C ALA A 817 -27.18 4.88 -3.78
N TRP A 818 -28.47 4.97 -3.39
CA TRP A 818 -29.21 3.85 -2.80
C TRP A 818 -29.24 2.59 -3.66
N PRO A 819 -29.58 2.60 -4.97
CA PRO A 819 -29.60 1.34 -5.74
C PRO A 819 -28.28 0.52 -5.66
N SER A 820 -27.13 1.18 -5.55
CA SER A 820 -25.86 0.43 -5.42
C SER A 820 -25.48 0.22 -3.93
N PHE A 821 -25.60 1.26 -3.08
CA PHE A 821 -25.28 1.15 -1.63
C PHE A 821 -26.19 0.17 -0.91
N GLY A 822 -27.47 0.16 -1.27
CA GLY A 822 -28.47 -0.72 -0.67
C GLY A 822 -28.14 -2.19 -0.88
N LEU A 823 -27.44 -2.51 -1.97
CA LEU A 823 -27.02 -3.86 -2.29
C LEU A 823 -25.56 -4.13 -1.81
N THR A 824 -24.66 -3.16 -1.98
CA THR A 824 -23.24 -3.31 -1.67
C THR A 824 -22.91 -3.26 -0.16
N LEU A 825 -23.33 -2.18 0.57
CA LEU A 825 -23.02 -2.01 2.00
C LEU A 825 -23.35 -3.24 2.86
N PRO A 826 -24.55 -3.89 2.79
CA PRO A 826 -24.76 -5.09 3.62
C PRO A 826 -23.85 -6.28 3.25
N GLU A 827 -23.32 -6.32 2.00
CA GLU A 827 -22.47 -7.41 1.53
C GLU A 827 -21.00 -7.14 1.93
N ILE A 828 -20.47 -5.92 1.65
CA ILE A 828 -19.08 -5.54 1.94
C ILE A 828 -18.83 -5.39 3.48
N LEU A 829 -19.81 -4.86 4.24
CA LEU A 829 -19.71 -4.69 5.69
C LEU A 829 -20.94 -5.32 6.38
N PRO A 830 -21.04 -6.68 6.41
CA PRO A 830 -22.22 -7.33 6.99
C PRO A 830 -22.46 -7.06 8.48
N ASP A 831 -21.41 -6.86 9.27
CA ASP A 831 -21.57 -6.62 10.70
C ASP A 831 -22.02 -5.17 11.00
N HIS A 832 -21.84 -4.25 10.03
CA HIS A 832 -22.24 -2.86 10.21
C HIS A 832 -23.55 -2.50 9.50
N PHE A 833 -23.81 -3.07 8.31
CA PHE A 833 -24.97 -2.62 7.53
C PHE A 833 -26.09 -3.65 7.27
N THR A 834 -26.13 -4.78 8.01
CA THR A 834 -27.25 -5.71 7.87
C THR A 834 -28.43 -5.03 8.55
N GLY A 835 -29.52 -4.84 7.82
CA GLY A 835 -30.69 -4.15 8.35
C GLY A 835 -30.72 -2.67 8.03
N LEU A 836 -29.80 -2.21 7.14
CA LEU A 836 -29.73 -0.83 6.66
C LEU A 836 -31.03 -0.47 5.96
N LYS A 837 -31.61 0.66 6.34
CA LYS A 837 -32.87 1.12 5.77
C LYS A 837 -32.66 2.41 4.96
N ARG A 838 -33.56 2.67 4.01
CA ARG A 838 -33.49 3.85 3.15
C ARG A 838 -34.52 4.94 3.55
N ILE A 839 -34.07 6.21 3.54
CA ILE A 839 -34.89 7.41 3.66
C ILE A 839 -34.58 8.21 2.41
N SER A 840 -35.56 8.35 1.54
CA SER A 840 -35.38 9.07 0.29
C SER A 840 -36.71 9.55 -0.26
N ARG A 841 -36.69 10.08 -1.49
CA ARG A 841 -37.89 10.37 -2.21
C ARG A 841 -38.38 9.05 -2.78
N ARG A 842 -39.68 8.94 -3.06
CA ARG A 842 -40.24 7.74 -3.69
C ARG A 842 -39.60 7.55 -5.09
N ALA A 843 -39.63 6.32 -5.62
CA ALA A 843 -39.09 6.02 -6.94
C ALA A 843 -39.86 6.83 -7.99
N MET A 844 -39.14 7.48 -8.93
CA MET A 844 -39.74 8.34 -9.96
C MET A 844 -39.16 8.03 -11.32
N SER A 845 -39.96 8.22 -12.40
CA SER A 845 -39.53 7.98 -13.77
C SER A 845 -38.75 9.19 -14.34
N ALA A 846 -38.62 10.27 -13.54
CA ALA A 846 -37.87 11.50 -13.82
C ALA A 846 -37.01 11.86 -12.58
N PRO A 847 -35.93 12.68 -12.70
CA PRO A 847 -35.08 12.95 -11.50
C PRO A 847 -35.80 13.66 -10.35
N SER A 848 -36.90 14.36 -10.66
CA SER A 848 -37.68 15.09 -9.66
C SER A 848 -39.03 15.48 -10.25
N SER A 849 -39.85 16.15 -9.43
CA SER A 849 -41.14 16.74 -9.80
C SER A 849 -40.85 18.05 -10.54
N GLY A 850 -41.79 18.51 -11.35
CA GLY A 850 -41.67 19.79 -12.03
C GLY A 850 -42.03 20.95 -11.11
N SER A 851 -42.75 20.67 -10.00
CA SER A 851 -43.21 21.69 -9.06
C SER A 851 -42.23 21.91 -7.88
N SER A 852 -41.91 23.20 -7.58
CA SER A 852 -41.04 23.56 -6.46
C SER A 852 -41.82 23.41 -5.16
N LYS A 853 -43.18 23.45 -5.22
CA LYS A 853 -44.04 23.26 -4.04
C LYS A 853 -43.96 21.78 -3.62
N VAL A 854 -44.07 20.85 -4.60
CA VAL A 854 -43.98 19.39 -4.37
C VAL A 854 -42.57 19.08 -3.85
N HIS A 855 -41.50 19.67 -4.48
CA HIS A 855 -40.13 19.49 -3.99
C HIS A 855 -40.01 19.81 -2.46
N ALA A 856 -40.51 20.98 -2.03
CA ALA A 856 -40.45 21.48 -0.66
C ALA A 856 -41.14 20.55 0.34
N VAL A 857 -42.31 20.00 -0.02
CA VAL A 857 -43.08 19.07 0.81
C VAL A 857 -42.27 17.76 0.95
N GLU A 858 -41.74 17.24 -0.17
CA GLU A 858 -40.93 16.01 -0.19
C GLU A 858 -39.62 16.18 0.62
N GLN A 859 -39.00 17.40 0.55
CA GLN A 859 -37.76 17.71 1.28
C GLN A 859 -38.00 17.65 2.78
N GLN A 860 -39.13 18.25 3.24
CA GLN A 860 -39.52 18.26 4.63
C GLN A 860 -39.90 16.85 5.11
N GLU A 861 -40.56 16.06 4.26
CA GLU A 861 -40.96 14.67 4.54
C GLU A 861 -39.72 13.81 4.87
N ILE A 862 -38.59 14.01 4.13
CA ILE A 862 -37.31 13.29 4.31
C ILE A 862 -36.74 13.65 5.68
N LEU A 863 -36.69 14.97 5.97
CA LEU A 863 -36.17 15.49 7.24
C LEU A 863 -36.99 15.01 8.43
N ASP A 864 -38.33 14.96 8.29
CA ASP A 864 -39.21 14.49 9.38
C ASP A 864 -39.08 12.99 9.59
N THR A 865 -38.90 12.19 8.51
CA THR A 865 -38.75 10.73 8.58
C THR A 865 -37.43 10.40 9.30
N ALA A 866 -36.36 11.17 9.01
CA ALA A 866 -35.03 10.97 9.60
C ALA A 866 -35.03 11.24 11.11
N PHE A 867 -35.92 12.14 11.59
CA PHE A 867 -36.01 12.51 13.01
C PHE A 867 -37.32 12.05 13.66
N GLY A 868 -38.03 11.13 13.00
CA GLY A 868 -39.28 10.54 13.49
C GLY A 868 -39.08 9.54 14.62
N ASP B 6 -16.18 45.60 -72.44
CA ASP B 6 -15.60 45.22 -71.16
C ASP B 6 -16.43 45.75 -69.97
N LYS B 7 -17.21 46.84 -70.20
CA LYS B 7 -18.08 47.47 -69.19
C LYS B 7 -19.28 46.59 -68.87
N ASN B 8 -19.90 45.98 -69.89
CA ASN B 8 -21.06 45.08 -69.75
C ASN B 8 -20.67 43.80 -68.99
N ALA B 9 -19.38 43.43 -69.06
CA ALA B 9 -18.81 42.26 -68.36
C ALA B 9 -18.62 42.57 -66.88
N ARG B 10 -18.20 43.82 -66.56
CA ARG B 10 -18.00 44.33 -65.21
C ARG B 10 -19.35 44.45 -64.45
N VAL B 11 -20.46 44.61 -65.19
CA VAL B 11 -21.82 44.69 -64.67
C VAL B 11 -22.29 43.26 -64.30
N ILE B 12 -22.05 42.28 -65.20
CA ILE B 12 -22.38 40.85 -65.01
C ILE B 12 -21.68 40.32 -63.74
N GLU B 13 -20.41 40.72 -63.53
CA GLU B 13 -19.61 40.36 -62.35
C GLU B 13 -20.16 41.02 -61.10
N LEU B 14 -20.65 42.28 -61.25
CA LEU B 14 -21.23 43.06 -60.15
C LEU B 14 -22.54 42.43 -59.70
N ILE B 15 -23.42 42.02 -60.67
CA ILE B 15 -24.69 41.33 -60.40
C ILE B 15 -24.40 40.03 -59.61
N ALA B 16 -23.45 39.18 -60.10
CA ALA B 16 -23.09 37.92 -59.45
C ALA B 16 -22.56 38.16 -58.03
N ALA B 17 -21.75 39.22 -57.83
CA ALA B 17 -21.18 39.60 -56.53
C ALA B 17 -22.27 39.91 -55.50
N TYR B 18 -23.32 40.67 -55.90
CA TYR B 18 -24.44 40.99 -55.02
C TYR B 18 -25.25 39.75 -54.68
N ARG B 19 -25.55 38.92 -55.70
CA ARG B 19 -26.29 37.67 -55.52
C ARG B 19 -25.55 36.67 -54.63
N ASN B 20 -24.22 36.54 -54.80
CA ASN B 20 -23.43 35.58 -54.02
C ASN B 20 -23.02 36.08 -52.66
N ARG B 21 -22.56 37.33 -52.54
CA ARG B 21 -21.97 37.80 -51.30
C ARG B 21 -22.58 39.09 -50.72
N GLY B 22 -23.63 39.63 -51.34
CA GLY B 22 -24.31 40.84 -50.85
C GLY B 22 -24.74 40.78 -49.40
N HIS B 23 -25.11 39.56 -48.92
CA HIS B 23 -25.52 39.27 -47.54
C HIS B 23 -24.43 39.64 -46.52
N LEU B 24 -23.13 39.68 -46.94
CA LEU B 24 -22.01 40.03 -46.06
C LEU B 24 -21.96 41.54 -45.75
N MET B 25 -22.68 42.35 -46.54
CA MET B 25 -22.75 43.81 -46.40
C MET B 25 -24.15 44.28 -46.00
N ALA B 26 -25.13 43.35 -45.90
CA ALA B 26 -26.50 43.70 -45.53
C ALA B 26 -26.56 44.24 -44.08
N ASP B 27 -27.44 45.24 -43.84
CA ASP B 27 -27.63 45.83 -42.51
C ASP B 27 -28.63 44.97 -41.73
N ILE B 28 -28.16 43.81 -41.24
CA ILE B 28 -28.97 42.81 -40.54
C ILE B 28 -28.88 42.90 -39.01
N ASP B 29 -27.80 43.49 -38.45
CA ASP B 29 -27.63 43.55 -36.99
C ASP B 29 -28.28 44.82 -36.43
N PRO B 30 -29.35 44.71 -35.60
CA PRO B 30 -29.97 45.93 -35.04
C PRO B 30 -29.07 46.66 -34.02
N LEU B 31 -28.01 46.00 -33.51
CA LEU B 31 -27.07 46.59 -32.57
C LEU B 31 -25.85 47.21 -33.26
N ARG B 32 -25.63 46.88 -34.54
CA ARG B 32 -24.50 47.33 -35.38
C ARG B 32 -23.17 47.19 -34.60
N LEU B 33 -22.95 46.01 -33.99
CA LEU B 33 -21.77 45.74 -33.16
C LEU B 33 -20.50 45.77 -33.98
N ASP B 34 -20.49 45.14 -35.15
CA ASP B 34 -19.31 45.14 -36.01
C ASP B 34 -19.37 46.35 -36.95
N ASN B 35 -18.47 47.31 -36.69
CA ASN B 35 -18.37 48.53 -37.50
C ASN B 35 -17.64 48.24 -38.81
N THR B 36 -16.64 47.34 -38.77
CA THR B 36 -15.81 46.95 -39.92
C THR B 36 -16.63 46.30 -41.06
N ARG B 37 -17.87 45.86 -40.76
CA ARG B 37 -18.82 45.20 -41.66
C ARG B 37 -19.06 45.98 -42.97
N PHE B 38 -19.21 47.31 -42.87
CA PHE B 38 -19.51 48.15 -44.04
C PHE B 38 -18.26 48.66 -44.76
N ARG B 39 -17.11 48.72 -44.07
CA ARG B 39 -15.84 49.13 -44.67
C ARG B 39 -15.14 47.92 -45.29
N THR B 52 -17.65 53.95 -63.91
CA THR B 52 -17.62 55.32 -63.41
C THR B 52 -19.05 55.86 -63.22
N LEU B 53 -19.17 57.11 -62.72
CA LEU B 53 -20.43 57.80 -62.47
C LEU B 53 -21.21 58.09 -63.76
N TRP B 54 -20.50 58.19 -64.91
CA TRP B 54 -21.10 58.45 -66.21
C TRP B 54 -21.84 57.20 -66.71
N ASP B 55 -21.30 56.01 -66.36
CA ASP B 55 -21.87 54.71 -66.73
C ASP B 55 -23.20 54.42 -66.01
N LEU B 56 -23.45 55.07 -64.84
CA LEU B 56 -24.64 54.91 -64.01
C LEU B 56 -25.95 55.28 -64.72
N ASP B 57 -25.91 56.24 -65.65
CA ASP B 57 -27.09 56.70 -66.40
C ASP B 57 -27.18 56.02 -67.78
N ARG B 58 -26.19 55.17 -68.14
CA ARG B 58 -26.17 54.42 -69.40
C ARG B 58 -27.01 53.16 -69.28
N GLU B 59 -27.76 52.84 -70.36
CA GLU B 59 -28.62 51.66 -70.42
C GLU B 59 -27.79 50.40 -70.77
N PHE B 60 -28.12 49.27 -70.11
CA PHE B 60 -27.45 47.98 -70.28
C PHE B 60 -28.45 46.84 -70.53
N LYS B 61 -28.04 45.82 -71.30
CA LYS B 61 -28.84 44.64 -71.59
C LYS B 61 -28.69 43.63 -70.44
N VAL B 62 -29.81 43.29 -69.76
CA VAL B 62 -29.86 42.37 -68.62
C VAL B 62 -31.07 41.44 -68.74
N VAL B 68 -34.41 39.37 -72.43
CA VAL B 68 -33.46 40.47 -72.55
C VAL B 68 -34.18 41.81 -72.42
N GLN B 69 -33.84 42.56 -71.35
CA GLN B 69 -34.39 43.87 -71.00
C GLN B 69 -33.29 44.96 -71.02
N ARG B 70 -33.70 46.22 -71.24
CA ARG B 70 -32.81 47.38 -71.26
C ARG B 70 -33.11 48.29 -70.06
N LYS B 71 -32.12 48.42 -69.14
CA LYS B 71 -32.23 49.22 -67.91
C LYS B 71 -30.94 49.96 -67.57
N LYS B 72 -31.08 51.19 -66.99
CA LYS B 72 -29.96 52.05 -66.59
C LYS B 72 -29.24 51.46 -65.38
N LEU B 73 -27.88 51.43 -65.42
CA LEU B 73 -27.00 50.87 -64.39
C LEU B 73 -27.42 51.27 -62.97
N ARG B 74 -27.81 52.54 -62.76
CA ARG B 74 -28.26 53.05 -61.45
C ARG B 74 -29.49 52.27 -60.93
N ASP B 75 -30.41 51.88 -61.84
CA ASP B 75 -31.64 51.15 -61.52
C ASP B 75 -31.35 49.68 -61.26
N ILE B 76 -30.40 49.07 -62.01
CA ILE B 76 -29.98 47.67 -61.78
C ILE B 76 -29.34 47.57 -60.39
N LEU B 77 -28.42 48.51 -60.07
CA LEU B 77 -27.66 48.56 -58.82
C LEU B 77 -28.55 48.84 -57.59
N SER B 78 -29.59 49.66 -57.75
CA SER B 78 -30.53 50.00 -56.67
C SER B 78 -31.39 48.77 -56.35
N VAL B 79 -31.78 48.00 -57.40
CA VAL B 79 -32.54 46.74 -57.25
C VAL B 79 -31.68 45.72 -56.46
N LEU B 80 -30.37 45.63 -56.78
CA LEU B 80 -29.40 44.73 -56.16
C LEU B 80 -29.11 45.10 -54.70
N ARG B 81 -29.05 46.40 -54.38
CA ARG B 81 -28.82 46.89 -53.02
C ARG B 81 -30.06 46.67 -52.14
N ASP B 82 -31.26 46.99 -52.67
CA ASP B 82 -32.51 46.81 -51.94
C ASP B 82 -32.77 45.34 -51.63
N ALA B 83 -32.52 44.47 -52.61
CA ALA B 83 -32.75 43.04 -52.49
C ALA B 83 -31.74 42.33 -51.60
N TYR B 84 -30.45 42.69 -51.70
CA TYR B 84 -29.40 41.95 -51.01
C TYR B 84 -28.62 42.69 -49.91
N CYS B 85 -28.65 44.03 -49.87
CA CYS B 85 -27.84 44.77 -48.91
C CYS B 85 -28.64 45.70 -48.04
N ARG B 86 -29.93 45.41 -47.86
CA ARG B 86 -30.76 46.25 -47.02
C ARG B 86 -30.88 45.61 -45.65
N HIS B 87 -32.10 45.22 -45.25
CA HIS B 87 -32.36 44.60 -43.97
C HIS B 87 -32.45 43.10 -44.07
N VAL B 88 -32.34 42.53 -45.27
CA VAL B 88 -32.40 41.08 -45.51
C VAL B 88 -31.13 40.61 -46.22
N GLY B 89 -30.45 39.65 -45.62
CA GLY B 89 -29.28 39.01 -46.18
C GLY B 89 -29.74 37.68 -46.75
N VAL B 90 -29.69 37.52 -48.08
CA VAL B 90 -30.15 36.31 -48.75
C VAL B 90 -28.98 35.40 -49.18
N GLU B 91 -28.99 34.14 -48.70
CA GLU B 91 -28.01 33.11 -49.09
C GLU B 91 -28.72 32.04 -49.87
N TYR B 92 -28.47 31.95 -51.18
CA TYR B 92 -29.17 30.98 -51.99
C TYR B 92 -28.34 30.43 -53.15
N THR B 93 -27.19 31.01 -53.48
CA THR B 93 -26.43 30.58 -54.65
C THR B 93 -25.69 29.23 -54.40
N HIS B 94 -25.79 28.66 -53.17
CA HIS B 94 -25.25 27.35 -52.80
C HIS B 94 -26.23 26.24 -53.15
N ILE B 95 -27.48 26.61 -53.51
CA ILE B 95 -28.53 25.66 -53.88
C ILE B 95 -28.17 25.05 -55.25
N LEU B 96 -28.08 23.72 -55.31
CA LEU B 96 -27.70 23.01 -56.53
C LEU B 96 -28.80 23.00 -57.60
N GLU B 97 -30.07 23.16 -57.22
CA GLU B 97 -31.19 23.16 -58.14
C GLU B 97 -31.33 24.55 -58.82
N PRO B 98 -31.08 24.64 -60.16
CA PRO B 98 -31.16 25.97 -60.82
C PRO B 98 -32.54 26.61 -60.76
N GLU B 99 -33.62 25.79 -60.77
CA GLU B 99 -35.00 26.28 -60.70
C GLU B 99 -35.31 26.94 -59.33
N GLN B 100 -34.66 26.47 -58.24
CA GLN B 100 -34.85 27.01 -56.90
C GLN B 100 -34.15 28.36 -56.75
N GLN B 101 -32.92 28.50 -57.32
CA GLN B 101 -32.16 29.75 -57.38
C GLN B 101 -32.93 30.80 -58.18
N ARG B 102 -33.48 30.39 -59.35
CA ARG B 102 -34.28 31.21 -60.25
C ARG B 102 -35.54 31.74 -59.55
N TRP B 103 -36.25 30.86 -58.83
CA TRP B 103 -37.48 31.18 -58.08
C TRP B 103 -37.22 32.29 -57.03
N ILE B 104 -36.16 32.15 -56.21
CA ILE B 104 -35.78 33.11 -55.17
C ILE B 104 -35.41 34.44 -55.82
N GLN B 105 -34.49 34.40 -56.81
CA GLN B 105 -33.98 35.52 -57.61
C GLN B 105 -35.10 36.40 -58.12
N GLU B 106 -36.11 35.79 -58.77
CA GLU B 106 -37.26 36.50 -59.32
C GLU B 106 -38.09 37.22 -58.23
N ARG B 107 -38.35 36.57 -57.09
CA ARG B 107 -39.16 37.13 -56.01
C ARG B 107 -38.44 38.17 -55.16
N VAL B 108 -37.11 38.06 -55.05
CA VAL B 108 -36.28 38.96 -54.25
C VAL B 108 -35.86 40.20 -55.09
N GLU B 109 -35.61 40.03 -56.40
CA GLU B 109 -35.14 41.11 -57.26
C GLU B 109 -36.26 41.94 -57.92
N THR B 110 -37.54 41.70 -57.60
CA THR B 110 -38.62 42.52 -58.18
C THR B 110 -39.01 43.60 -57.18
N LYS B 111 -39.43 44.78 -57.68
CA LYS B 111 -39.86 45.89 -56.82
C LYS B 111 -41.25 45.58 -56.25
N HIS B 112 -41.28 45.15 -54.97
CA HIS B 112 -42.52 44.81 -54.28
C HIS B 112 -43.29 46.05 -53.87
N ASP B 113 -44.62 45.97 -53.94
CA ASP B 113 -45.49 47.07 -53.53
C ASP B 113 -45.44 47.15 -52.00
N LYS B 114 -45.23 48.38 -51.46
CA LYS B 114 -45.14 48.65 -50.02
C LYS B 114 -46.36 48.04 -49.27
N PRO B 115 -46.21 47.54 -48.02
CA PRO B 115 -47.40 46.98 -47.34
C PRO B 115 -48.48 48.04 -47.11
N THR B 116 -49.76 47.61 -47.16
CA THR B 116 -50.89 48.50 -46.96
C THR B 116 -50.90 48.99 -45.52
N VAL B 117 -51.47 50.20 -45.29
CA VAL B 117 -51.61 50.85 -43.98
C VAL B 117 -52.24 49.86 -43.00
N ALA B 118 -53.22 49.07 -43.48
CA ALA B 118 -53.93 48.03 -42.74
C ALA B 118 -52.97 46.91 -42.28
N GLU B 119 -52.03 46.48 -43.16
CA GLU B 119 -51.03 45.44 -42.86
C GLU B 119 -50.04 45.98 -41.85
N GLN B 120 -49.68 47.27 -41.96
CA GLN B 120 -48.74 47.92 -41.04
C GLN B 120 -49.33 48.07 -39.65
N LYS B 121 -50.63 48.43 -39.60
CA LYS B 121 -51.36 48.61 -38.35
C LYS B 121 -51.53 47.27 -37.68
N TYR B 122 -51.68 46.19 -38.48
CA TYR B 122 -51.84 44.83 -37.99
C TYR B 122 -50.52 44.32 -37.39
N ILE B 123 -49.39 44.52 -38.11
CA ILE B 123 -48.08 44.11 -37.59
C ILE B 123 -47.83 44.81 -36.24
N LEU B 124 -48.14 46.12 -36.17
CA LEU B 124 -47.96 46.95 -34.98
C LEU B 124 -48.78 46.43 -33.79
N SER B 125 -50.04 46.02 -34.01
CA SER B 125 -50.92 45.48 -32.95
C SER B 125 -50.30 44.19 -32.40
N LYS B 126 -49.67 43.41 -33.30
CA LYS B 126 -48.98 42.19 -32.89
C LYS B 126 -47.73 42.52 -32.06
N LEU B 127 -47.03 43.63 -32.35
CA LEU B 127 -45.88 44.11 -31.58
C LEU B 127 -46.32 44.66 -30.22
N ASN B 128 -47.52 45.24 -30.16
CA ASN B 128 -48.13 45.77 -28.95
C ASN B 128 -48.51 44.65 -27.99
N ALA B 129 -49.20 43.62 -28.52
CA ALA B 129 -49.64 42.45 -27.77
C ALA B 129 -48.45 41.74 -27.14
N ALA B 130 -47.38 41.54 -27.92
CA ALA B 130 -46.16 40.87 -27.53
C ALA B 130 -45.38 41.61 -26.43
N GLU B 131 -45.23 42.95 -26.55
CA GLU B 131 -44.49 43.78 -25.60
C GLU B 131 -45.26 43.93 -24.30
N ALA B 132 -46.59 44.14 -24.37
CA ALA B 132 -47.47 44.24 -23.20
C ALA B 132 -47.40 42.92 -22.44
N PHE B 133 -47.52 41.77 -23.17
CA PHE B 133 -47.37 40.45 -22.53
C PHE B 133 -46.03 40.41 -21.77
N GLU B 134 -44.90 40.80 -22.41
CA GLU B 134 -43.56 40.82 -21.77
C GLU B 134 -43.48 41.73 -20.54
N THR B 135 -44.07 42.95 -20.64
CA THR B 135 -44.10 43.94 -19.57
C THR B 135 -44.88 43.34 -18.40
N PHE B 136 -46.04 42.69 -18.68
CA PHE B 136 -46.84 42.02 -17.65
C PHE B 136 -46.02 40.94 -16.92
N LEU B 137 -45.35 40.05 -17.67
CA LEU B 137 -44.57 38.92 -17.12
C LEU B 137 -43.48 39.34 -16.12
N GLN B 138 -42.66 40.34 -16.46
CA GLN B 138 -41.58 40.80 -15.58
C GLN B 138 -42.08 41.66 -14.40
N THR B 139 -43.26 42.27 -14.54
CA THR B 139 -43.83 43.12 -13.49
C THR B 139 -44.66 42.29 -12.48
N LYS B 140 -45.52 41.38 -12.96
CA LYS B 140 -46.42 40.59 -12.10
C LYS B 140 -45.68 39.50 -11.31
N TYR B 141 -44.78 38.76 -11.98
CA TYR B 141 -44.10 37.65 -11.33
C TYR B 141 -42.59 37.85 -11.21
N VAL B 142 -41.99 37.12 -10.27
CA VAL B 142 -40.55 37.12 -9.98
C VAL B 142 -39.96 35.83 -10.55
N GLY B 143 -38.69 35.89 -10.96
CA GLY B 143 -37.99 34.75 -11.55
C GLY B 143 -38.38 34.47 -12.99
N GLN B 144 -38.84 35.50 -13.72
CA GLN B 144 -39.29 35.34 -15.11
C GLN B 144 -38.32 35.93 -16.15
N LYS B 145 -37.17 36.51 -15.70
CA LYS B 145 -36.17 37.14 -16.59
C LYS B 145 -35.62 36.16 -17.65
N ARG B 146 -35.40 34.88 -17.30
CA ARG B 146 -34.87 33.83 -18.18
C ARG B 146 -35.72 33.60 -19.43
N PHE B 147 -37.04 33.78 -19.31
CA PHE B 147 -38.00 33.55 -20.39
C PHE B 147 -38.34 34.82 -21.19
N SER B 148 -37.73 35.97 -20.84
CA SER B 148 -37.98 37.27 -21.51
C SER B 148 -37.65 37.21 -23.00
N LEU B 149 -38.59 37.69 -23.80
CA LEU B 149 -38.53 37.84 -25.25
C LEU B 149 -38.21 39.30 -25.58
N GLU B 150 -37.86 40.14 -24.55
CA GLU B 150 -37.53 41.56 -24.75
C GLU B 150 -36.26 41.69 -25.61
N GLY B 151 -36.44 42.35 -26.74
CA GLY B 151 -35.40 42.54 -27.74
C GLY B 151 -35.60 41.66 -28.95
N ALA B 152 -36.55 40.71 -28.85
CA ALA B 152 -36.86 39.71 -29.86
C ALA B 152 -38.37 39.57 -30.14
N GLU B 153 -39.18 40.57 -29.73
CA GLU B 153 -40.65 40.62 -29.90
C GLU B 153 -41.10 40.47 -31.36
N THR B 154 -40.23 40.83 -32.33
CA THR B 154 -40.53 40.74 -33.77
C THR B 154 -40.79 39.27 -34.19
N VAL B 155 -40.33 38.28 -33.38
CA VAL B 155 -40.58 36.87 -33.67
C VAL B 155 -42.12 36.59 -33.65
N ILE B 156 -42.92 37.34 -32.86
CA ILE B 156 -44.38 37.18 -32.77
C ILE B 156 -45.03 37.60 -34.13
N PRO B 157 -44.94 38.86 -34.68
CA PRO B 157 -45.52 39.09 -36.03
C PRO B 157 -44.87 38.23 -37.13
N MET B 158 -43.62 37.76 -36.94
CA MET B 158 -42.94 36.86 -37.90
C MET B 158 -43.63 35.48 -37.91
N MET B 159 -43.92 34.92 -36.72
CA MET B 159 -44.60 33.63 -36.59
C MET B 159 -46.03 33.72 -37.08
N ASP B 160 -46.68 34.85 -36.82
CA ASP B 160 -48.03 35.13 -37.24
C ASP B 160 -48.12 35.11 -38.78
N ALA B 161 -47.11 35.70 -39.47
CA ALA B 161 -47.03 35.74 -40.93
C ALA B 161 -46.82 34.33 -41.49
N VAL B 162 -46.01 33.50 -40.82
CA VAL B 162 -45.77 32.10 -41.22
C VAL B 162 -47.12 31.35 -41.25
N ILE B 163 -47.84 31.38 -40.13
CA ILE B 163 -49.10 30.67 -39.91
C ILE B 163 -50.19 31.20 -40.83
N ASP B 164 -50.31 32.53 -40.98
CA ASP B 164 -51.25 33.18 -41.88
C ASP B 164 -50.99 32.80 -43.35
N GLN B 165 -49.70 32.67 -43.75
CA GLN B 165 -49.36 32.28 -45.12
C GLN B 165 -49.68 30.78 -45.33
N CYS B 166 -49.52 29.93 -44.27
CA CYS B 166 -49.85 28.50 -44.32
C CYS B 166 -51.38 28.34 -44.47
N ALA B 167 -52.18 29.23 -43.82
CA ALA B 167 -53.65 29.28 -43.91
C ALA B 167 -54.06 29.74 -45.32
N GLU B 168 -53.28 30.67 -45.92
CA GLU B 168 -53.52 31.17 -47.27
C GLU B 168 -53.31 30.05 -48.32
N HIS B 169 -52.43 29.06 -48.03
CA HIS B 169 -52.19 27.92 -48.91
C HIS B 169 -53.24 26.81 -48.67
N GLY B 170 -54.15 27.07 -47.71
CA GLY B 170 -55.21 26.15 -47.30
C GLY B 170 -54.72 24.92 -46.57
N LEU B 171 -53.59 25.04 -45.84
CA LEU B 171 -53.00 23.91 -45.13
C LEU B 171 -53.80 23.57 -43.85
N ASP B 172 -53.57 22.37 -43.30
CA ASP B 172 -54.37 21.86 -42.18
C ASP B 172 -53.85 22.23 -40.80
N GLU B 173 -52.54 22.16 -40.56
CA GLU B 173 -51.98 22.45 -39.24
C GLU B 173 -50.54 22.93 -39.32
N VAL B 174 -50.17 23.76 -38.36
CA VAL B 174 -48.79 24.19 -38.11
C VAL B 174 -48.44 23.63 -36.74
N VAL B 175 -47.36 22.85 -36.64
CA VAL B 175 -46.95 22.31 -35.35
C VAL B 175 -45.64 22.99 -35.00
N ILE B 176 -45.60 23.60 -33.81
CA ILE B 176 -44.45 24.34 -33.31
C ILE B 176 -43.66 23.57 -32.27
N ALA B 177 -42.33 23.71 -32.35
CA ALA B 177 -41.38 23.24 -31.37
C ALA B 177 -40.48 24.41 -31.09
N MET B 178 -40.22 24.67 -29.79
CA MET B 178 -39.36 25.80 -29.45
C MET B 178 -38.68 25.63 -28.10
N PRO B 179 -37.57 26.33 -27.82
CA PRO B 179 -37.06 26.37 -26.43
C PRO B 179 -37.98 27.29 -25.56
N HIS B 180 -37.64 27.54 -24.30
CA HIS B 180 -38.50 28.29 -23.37
C HIS B 180 -38.63 29.82 -23.59
N ARG B 181 -37.64 30.49 -24.23
CA ARG B 181 -37.72 31.96 -24.39
C ARG B 181 -38.93 32.40 -25.22
N GLY B 182 -39.80 33.20 -24.60
CA GLY B 182 -41.01 33.73 -25.21
C GLY B 182 -42.12 32.72 -25.38
N ARG B 183 -42.02 31.54 -24.74
CA ARG B 183 -42.99 30.46 -24.90
C ARG B 183 -44.41 30.85 -24.54
N LEU B 184 -44.64 31.47 -23.37
CA LEU B 184 -45.99 31.87 -22.95
C LEU B 184 -46.54 32.98 -23.86
N ASN B 185 -45.63 33.75 -24.46
CA ASN B 185 -46.00 34.80 -25.40
C ASN B 185 -46.55 34.16 -26.68
N VAL B 186 -45.94 33.08 -27.13
CA VAL B 186 -46.35 32.28 -28.28
C VAL B 186 -47.70 31.66 -27.96
N LEU B 187 -47.85 31.12 -26.72
CA LEU B 187 -49.14 30.53 -26.32
C LEU B 187 -50.29 31.54 -26.41
N ALA B 188 -50.06 32.79 -25.95
CA ALA B 188 -51.08 33.82 -25.97
C ALA B 188 -51.28 34.46 -27.35
N ASN B 189 -50.19 34.81 -28.06
CA ASN B 189 -50.34 35.59 -29.28
C ASN B 189 -50.22 34.83 -30.61
N ILE B 190 -50.01 33.50 -30.58
CA ILE B 190 -49.87 32.66 -31.77
C ILE B 190 -50.84 31.47 -31.67
N VAL B 191 -50.74 30.66 -30.60
CA VAL B 191 -51.61 29.51 -30.36
C VAL B 191 -53.01 30.06 -29.99
N GLY B 192 -53.05 31.27 -29.44
CA GLY B 192 -54.28 31.96 -29.05
C GLY B 192 -54.90 31.46 -27.77
N LYS B 193 -54.10 30.82 -26.87
CA LYS B 193 -54.62 30.32 -25.59
C LYS B 193 -55.05 31.48 -24.68
N PRO B 194 -56.22 31.42 -24.00
CA PRO B 194 -56.60 32.54 -23.13
C PRO B 194 -55.70 32.62 -21.88
N TYR B 195 -55.60 33.84 -21.31
CA TYR B 195 -54.83 34.16 -20.10
C TYR B 195 -55.23 33.30 -18.91
N SER B 196 -56.54 32.94 -18.81
CA SER B 196 -57.09 32.10 -17.74
C SER B 196 -56.48 30.68 -17.77
N GLN B 197 -56.26 30.13 -18.99
CA GLN B 197 -55.64 28.83 -19.19
C GLN B 197 -54.12 28.90 -18.99
N ILE B 198 -53.47 29.98 -19.47
CA ILE B 198 -52.01 30.17 -19.37
C ILE B 198 -51.59 30.38 -17.91
N PHE B 199 -52.28 31.31 -17.22
CA PHE B 199 -51.97 31.69 -15.84
C PHE B 199 -52.94 31.02 -14.83
N SER B 200 -52.81 29.69 -14.70
CA SER B 200 -53.60 28.86 -13.78
C SER B 200 -52.68 27.87 -13.06
N GLU B 201 -52.87 27.70 -11.73
CA GLU B 201 -52.09 26.78 -10.89
C GLU B 201 -52.80 26.52 -9.56
N ASP B 216 -41.05 26.57 -14.26
CA ASP B 216 -42.46 26.15 -14.30
C ASP B 216 -42.70 25.20 -15.44
N VAL B 217 -43.51 24.14 -15.14
CA VAL B 217 -43.91 23.04 -16.03
C VAL B 217 -44.60 23.59 -17.26
N LYS B 218 -45.34 24.73 -17.12
CA LYS B 218 -46.07 25.41 -18.19
C LYS B 218 -45.18 25.69 -19.41
N TYR B 219 -43.86 25.88 -19.17
CA TYR B 219 -42.83 26.13 -20.19
C TYR B 219 -42.38 24.84 -20.91
N HIS B 220 -42.98 23.71 -20.58
CA HIS B 220 -42.59 22.43 -21.18
C HIS B 220 -43.79 21.67 -21.72
N LEU B 221 -45.03 22.09 -21.40
CA LEU B 221 -46.25 21.40 -21.82
C LEU B 221 -46.67 21.70 -23.27
N GLY B 222 -47.38 20.75 -23.86
CA GLY B 222 -47.96 20.87 -25.20
C GLY B 222 -49.22 21.71 -25.15
N ALA B 223 -49.72 22.15 -26.33
CA ALA B 223 -50.93 22.97 -26.45
C ALA B 223 -51.51 22.93 -27.85
N THR B 224 -52.84 23.12 -27.99
CA THR B 224 -53.51 23.16 -29.29
C THR B 224 -54.45 24.36 -29.31
N GLY B 225 -54.58 24.96 -30.48
CA GLY B 225 -55.44 26.12 -30.71
C GLY B 225 -55.80 26.26 -32.18
N THR B 226 -56.61 27.26 -32.50
CA THR B 226 -57.05 27.54 -33.86
C THR B 226 -56.67 28.96 -34.22
N TYR B 227 -55.98 29.10 -35.36
CA TYR B 227 -55.61 30.40 -35.90
C TYR B 227 -56.67 30.79 -36.90
N ILE B 228 -57.23 32.00 -36.74
CA ILE B 228 -58.24 32.55 -37.63
C ILE B 228 -57.60 33.74 -38.35
N GLN B 229 -57.59 33.71 -39.71
CA GLN B 229 -57.03 34.79 -40.52
C GLN B 229 -57.73 36.12 -40.25
N MET B 230 -56.95 37.18 -40.10
CA MET B 230 -57.45 38.53 -39.84
C MET B 230 -58.09 39.12 -41.11
N PHE B 231 -57.34 39.09 -42.25
CA PHE B 231 -57.79 39.66 -43.52
C PHE B 231 -58.18 38.58 -44.55
N GLY B 232 -58.26 37.34 -44.11
CA GLY B 232 -58.66 36.21 -44.94
C GLY B 232 -59.86 35.47 -44.38
N ASP B 233 -60.31 34.45 -45.09
CA ASP B 233 -61.47 33.65 -44.65
C ASP B 233 -61.03 32.22 -44.27
N ASN B 234 -59.72 31.97 -44.17
CA ASN B 234 -59.22 30.65 -43.80
C ASN B 234 -58.85 30.56 -42.32
N ASP B 235 -58.88 29.34 -41.80
CA ASP B 235 -58.43 29.01 -40.46
C ASP B 235 -57.50 27.83 -40.57
N ILE B 236 -56.64 27.68 -39.56
CA ILE B 236 -55.65 26.63 -39.50
C ILE B 236 -55.39 26.24 -38.03
N GLU B 237 -55.21 24.92 -37.79
CA GLU B 237 -54.88 24.39 -36.47
C GLU B 237 -53.43 24.75 -36.13
N VAL B 238 -53.19 25.14 -34.88
CA VAL B 238 -51.85 25.51 -34.40
C VAL B 238 -51.61 24.73 -33.13
N SER B 239 -50.51 23.98 -33.09
CA SER B 239 -50.18 23.22 -31.89
C SER B 239 -48.71 23.44 -31.52
N LEU B 240 -48.42 23.27 -30.23
CA LEU B 240 -47.11 23.41 -29.63
C LEU B 240 -46.77 22.09 -28.95
N THR B 241 -45.60 21.54 -29.23
CA THR B 241 -45.26 20.25 -28.64
C THR B 241 -44.51 20.42 -27.32
N ALA B 242 -44.54 19.39 -26.48
CA ALA B 242 -43.87 19.37 -25.18
C ALA B 242 -42.38 19.16 -25.40
N ASN B 243 -41.52 19.67 -24.49
CA ASN B 243 -40.08 19.47 -24.64
C ASN B 243 -39.33 19.58 -23.31
N PRO B 244 -38.11 18.99 -23.19
CA PRO B 244 -37.34 19.20 -21.94
C PRO B 244 -36.54 20.52 -22.02
N SER B 245 -35.69 20.76 -21.04
CA SER B 245 -34.79 21.90 -21.02
C SER B 245 -33.64 21.69 -21.99
N HIS B 246 -33.38 20.41 -22.41
CA HIS B 246 -32.33 19.99 -23.34
C HIS B 246 -32.62 20.62 -24.68
N LEU B 247 -31.85 21.65 -25.01
CA LEU B 247 -32.02 22.45 -26.24
C LEU B 247 -31.83 21.58 -27.46
N GLU B 248 -32.75 21.76 -28.45
CA GLU B 248 -32.77 21.10 -29.77
C GLU B 248 -33.14 19.59 -29.70
N ALA B 249 -33.23 18.97 -28.49
CA ALA B 249 -33.59 17.54 -28.40
C ALA B 249 -34.98 17.23 -29.00
N VAL B 250 -35.90 18.21 -29.03
CA VAL B 250 -37.27 18.11 -29.52
C VAL B 250 -37.32 18.17 -31.06
N ASP B 251 -36.21 18.59 -31.71
CA ASP B 251 -36.19 18.74 -33.17
C ASP B 251 -36.65 17.47 -33.92
N PRO B 252 -36.07 16.24 -33.73
CA PRO B 252 -36.56 15.08 -34.50
C PRO B 252 -37.92 14.60 -34.02
N VAL B 253 -38.28 14.90 -32.75
CA VAL B 253 -39.60 14.59 -32.16
C VAL B 253 -40.72 15.35 -32.94
N LEU B 254 -40.51 16.65 -33.25
CA LEU B 254 -41.45 17.48 -34.00
C LEU B 254 -41.66 16.89 -35.41
N GLU B 255 -40.55 16.50 -36.07
CA GLU B 255 -40.57 15.89 -37.39
C GLU B 255 -41.41 14.60 -37.39
N GLY B 256 -41.19 13.71 -36.41
CA GLY B 256 -41.93 12.46 -36.32
C GLY B 256 -43.40 12.68 -36.06
N LEU B 257 -43.71 13.63 -35.17
CA LEU B 257 -45.07 14.01 -34.83
C LEU B 257 -45.79 14.52 -36.06
N VAL B 258 -45.13 15.41 -36.84
CA VAL B 258 -45.70 16.00 -38.04
C VAL B 258 -45.93 14.91 -39.12
N ARG B 259 -44.93 14.02 -39.36
CA ARG B 259 -45.05 12.94 -40.34
C ARG B 259 -46.22 12.02 -40.02
N ALA B 260 -46.43 11.66 -38.74
CA ALA B 260 -47.54 10.83 -38.26
C ALA B 260 -48.91 11.49 -38.59
N LYS B 261 -48.99 12.83 -38.42
CA LYS B 261 -50.18 13.63 -38.74
C LYS B 261 -50.37 13.68 -40.26
N GLN B 262 -49.27 13.87 -40.99
CA GLN B 262 -49.31 13.90 -42.47
C GLN B 262 -49.79 12.56 -43.00
N ASP B 263 -49.29 11.43 -42.41
CA ASP B 263 -49.74 10.09 -42.79
C ASP B 263 -51.25 9.89 -42.52
N LEU B 264 -51.76 10.32 -41.34
CA LEU B 264 -53.19 10.24 -40.99
C LEU B 264 -54.09 11.03 -41.93
N LEU B 265 -53.61 12.20 -42.41
CA LEU B 265 -54.40 13.03 -43.32
C LEU B 265 -54.27 12.59 -44.79
N ASP B 266 -53.46 11.53 -45.05
CA ASP B 266 -53.18 10.97 -46.37
C ASP B 266 -52.53 12.07 -47.27
N THR B 267 -51.65 12.87 -46.65
CA THR B 267 -50.94 13.95 -47.34
C THR B 267 -49.42 13.65 -47.32
N GLY B 268 -48.75 14.04 -48.40
CA GLY B 268 -47.31 13.89 -48.48
C GLY B 268 -46.78 12.57 -49.00
N GLU B 269 -45.61 12.16 -48.47
CA GLU B 269 -44.83 10.99 -48.87
C GLU B 269 -45.66 9.70 -48.94
N GLU B 270 -46.42 9.37 -47.89
CA GLU B 270 -47.23 8.15 -47.92
C GLU B 270 -48.69 8.41 -48.34
N GLY B 271 -49.01 9.67 -48.71
CA GLY B 271 -50.36 10.10 -49.07
C GLY B 271 -50.68 10.24 -50.55
N SER B 272 -51.94 10.56 -50.87
CA SER B 272 -52.41 10.71 -52.26
C SER B 272 -52.15 12.12 -52.83
N ASP B 273 -51.74 13.08 -51.99
CA ASP B 273 -51.43 14.41 -52.47
C ASP B 273 -50.01 14.84 -52.04
N ASN B 274 -49.49 15.88 -52.71
CA ASN B 274 -48.15 16.39 -52.42
C ASN B 274 -48.22 17.70 -51.64
N ARG B 275 -49.34 17.98 -50.95
CA ARG B 275 -49.48 19.24 -50.23
C ARG B 275 -48.68 19.29 -48.89
N PHE B 276 -48.41 18.11 -48.24
CA PHE B 276 -47.71 18.03 -46.91
C PHE B 276 -48.33 19.08 -45.96
N SER B 277 -49.68 19.07 -45.87
CA SER B 277 -50.57 20.05 -45.22
C SER B 277 -50.37 20.20 -43.69
N VAL B 278 -49.39 19.52 -43.13
CA VAL B 278 -49.02 19.72 -41.73
C VAL B 278 -47.60 20.24 -41.78
N VAL B 279 -47.41 21.48 -41.30
CA VAL B 279 -46.13 22.17 -41.38
C VAL B 279 -45.38 22.19 -40.04
N PRO B 280 -44.11 21.73 -40.01
CA PRO B 280 -43.31 21.91 -38.79
C PRO B 280 -42.74 23.34 -38.76
N LEU B 281 -42.96 24.06 -37.68
CA LEU B 281 -42.39 25.41 -37.45
C LEU B 281 -41.43 25.24 -36.27
N MET B 282 -40.13 25.24 -36.53
CA MET B 282 -39.13 24.97 -35.52
C MET B 282 -38.37 26.23 -35.09
N LEU B 283 -38.42 26.55 -33.77
CA LEU B 283 -37.72 27.71 -33.19
C LEU B 283 -36.45 27.29 -32.56
N HIS B 284 -35.42 28.13 -32.72
CA HIS B 284 -34.09 27.88 -32.15
C HIS B 284 -33.45 29.14 -31.56
N GLY B 285 -32.40 28.93 -30.76
CA GLY B 285 -31.47 29.93 -30.25
C GLY B 285 -30.20 29.80 -31.08
N ASP B 286 -29.38 30.87 -31.21
CA ASP B 286 -28.20 30.89 -32.06
C ASP B 286 -27.05 30.00 -31.58
N ALA B 287 -26.77 29.95 -30.26
CA ALA B 287 -25.69 29.12 -29.75
C ALA B 287 -26.04 27.63 -29.86
N ALA B 288 -27.30 27.28 -29.59
CA ALA B 288 -27.85 25.93 -29.64
C ALA B 288 -27.84 25.37 -31.07
N PHE B 289 -28.31 26.16 -32.03
CA PHE B 289 -28.46 25.76 -33.44
C PHE B 289 -27.10 25.40 -34.04
N ALA B 290 -26.04 26.06 -33.63
CA ALA B 290 -24.71 25.77 -34.17
C ALA B 290 -23.98 24.63 -33.44
N GLY B 291 -24.22 24.46 -32.14
CA GLY B 291 -23.48 23.49 -31.35
C GLY B 291 -24.08 22.11 -31.15
N GLN B 292 -25.40 21.95 -31.28
CA GLN B 292 -26.03 20.65 -31.04
C GLN B 292 -26.07 19.79 -32.29
N GLY B 293 -25.47 18.58 -32.20
CA GLY B 293 -25.37 17.60 -33.26
C GLY B 293 -26.70 17.12 -33.78
N VAL B 294 -27.72 17.10 -32.92
CA VAL B 294 -29.08 16.66 -33.31
C VAL B 294 -29.69 17.58 -34.41
N VAL B 295 -29.22 18.86 -34.51
CA VAL B 295 -29.67 19.79 -35.54
C VAL B 295 -29.31 19.19 -36.90
N ALA B 296 -28.02 18.87 -37.14
CA ALA B 296 -27.54 18.24 -38.38
C ALA B 296 -28.23 16.88 -38.65
N GLU B 297 -28.43 16.07 -37.62
CA GLU B 297 -29.08 14.75 -37.74
C GLU B 297 -30.52 14.90 -38.23
N THR B 298 -31.22 15.96 -37.75
CA THR B 298 -32.64 16.22 -38.08
C THR B 298 -32.73 16.83 -39.48
N LEU B 299 -31.79 17.74 -39.84
CA LEU B 299 -31.71 18.31 -41.18
C LEU B 299 -31.46 17.19 -42.21
N ASN B 300 -30.64 16.18 -41.82
CA ASN B 300 -30.31 15.05 -42.66
C ASN B 300 -31.54 14.18 -43.02
N LEU B 301 -32.61 14.25 -42.22
CA LEU B 301 -33.87 13.51 -42.46
C LEU B 301 -34.80 14.18 -43.47
N ALA B 302 -34.63 15.51 -43.73
CA ALA B 302 -35.52 16.40 -44.48
C ALA B 302 -36.03 15.91 -45.82
N LEU B 303 -35.23 15.13 -46.56
CA LEU B 303 -35.70 14.67 -47.89
C LEU B 303 -35.73 13.15 -47.99
N LEU B 304 -35.57 12.43 -46.85
CA LEU B 304 -35.60 10.97 -46.85
C LEU B 304 -37.05 10.46 -47.00
N ARG B 305 -37.26 9.39 -47.77
CA ARG B 305 -38.61 8.85 -47.98
C ARG B 305 -39.29 8.42 -46.65
N GLY B 306 -38.53 7.92 -45.68
CA GLY B 306 -39.12 7.51 -44.41
C GLY B 306 -39.32 8.60 -43.39
N TYR B 307 -38.73 9.80 -43.64
CA TYR B 307 -38.71 10.85 -42.62
C TYR B 307 -39.10 12.24 -43.09
N ARG B 308 -39.18 12.49 -44.42
CA ARG B 308 -39.48 13.82 -44.91
C ARG B 308 -40.88 14.29 -44.51
N THR B 309 -41.03 15.60 -44.24
CA THR B 309 -42.28 16.23 -43.83
C THR B 309 -42.63 17.36 -44.78
N GLY B 310 -41.97 17.40 -45.95
CA GLY B 310 -42.24 18.39 -46.98
C GLY B 310 -41.64 19.74 -46.72
N GLY B 311 -40.63 19.76 -45.84
CA GLY B 311 -39.93 20.97 -45.48
C GLY B 311 -40.38 21.60 -44.19
N THR B 312 -39.40 21.94 -43.34
CA THR B 312 -39.58 22.62 -42.06
C THR B 312 -39.23 24.11 -42.19
N ILE B 313 -40.05 24.98 -41.59
CA ILE B 313 -39.75 26.42 -41.49
C ILE B 313 -38.95 26.60 -40.18
N HIS B 314 -37.66 26.98 -40.30
CA HIS B 314 -36.82 27.20 -39.12
C HIS B 314 -36.72 28.67 -38.82
N ILE B 315 -36.87 29.06 -37.56
CA ILE B 315 -36.68 30.43 -37.15
C ILE B 315 -35.63 30.42 -36.06
N VAL B 316 -34.48 31.07 -36.31
CA VAL B 316 -33.45 31.18 -35.29
C VAL B 316 -33.59 32.56 -34.65
N VAL B 317 -33.80 32.58 -33.33
CA VAL B 317 -33.89 33.82 -32.55
C VAL B 317 -32.45 34.13 -32.20
N ASN B 318 -31.77 34.82 -33.11
CA ASN B 318 -30.35 35.14 -33.04
C ASN B 318 -30.10 36.41 -32.29
N ASN B 319 -29.98 36.30 -30.95
CA ASN B 319 -29.75 37.45 -30.06
C ASN B 319 -28.25 37.68 -29.85
N GLN B 320 -27.41 36.95 -30.63
CA GLN B 320 -25.95 37.07 -30.77
C GLN B 320 -25.24 36.84 -29.44
N ILE B 321 -25.81 35.93 -28.65
CA ILE B 321 -25.36 35.56 -27.30
C ILE B 321 -25.95 34.21 -26.93
N GLY B 322 -25.21 33.48 -26.10
CA GLY B 322 -25.62 32.20 -25.53
C GLY B 322 -25.23 32.27 -24.08
N PHE B 323 -26.16 32.70 -23.21
CA PHE B 323 -25.96 32.90 -21.75
C PHE B 323 -24.90 34.04 -21.53
N THR B 324 -23.62 33.71 -21.31
CA THR B 324 -22.52 34.67 -21.16
C THR B 324 -21.49 34.54 -22.34
N THR B 325 -21.71 33.58 -23.26
CA THR B 325 -20.81 33.20 -24.36
C THR B 325 -21.06 33.99 -25.63
N ALA B 326 -19.98 34.54 -26.18
CA ALA B 326 -20.01 35.28 -27.44
C ALA B 326 -20.05 34.30 -28.64
N PRO B 327 -20.68 34.68 -29.79
CA PRO B 327 -20.67 33.79 -30.97
C PRO B 327 -19.30 33.25 -31.40
N THR B 328 -18.22 34.01 -31.20
CA THR B 328 -16.85 33.55 -31.59
C THR B 328 -16.38 32.32 -30.77
N ASP B 329 -17.02 32.03 -29.61
CA ASP B 329 -16.72 30.83 -28.80
C ASP B 329 -17.78 29.75 -29.01
N SER B 330 -18.89 30.08 -29.72
CA SER B 330 -20.00 29.15 -29.94
C SER B 330 -19.99 28.48 -31.33
N ARG B 331 -19.32 29.08 -32.34
CA ARG B 331 -19.31 28.50 -33.70
C ARG B 331 -18.07 28.93 -34.49
N SER B 332 -17.69 28.13 -35.48
CA SER B 332 -16.53 28.32 -36.37
C SER B 332 -16.97 28.79 -37.77
N SER B 333 -18.20 29.27 -37.90
CA SER B 333 -18.72 29.78 -39.16
C SER B 333 -19.27 31.19 -39.01
N GLU B 334 -19.43 31.90 -40.15
CA GLU B 334 -19.94 33.28 -40.20
C GLU B 334 -21.32 33.39 -39.57
N TYR B 335 -22.21 32.45 -39.88
CA TYR B 335 -23.60 32.44 -39.41
C TYR B 335 -23.90 31.21 -38.58
N CYS B 336 -24.83 31.34 -37.62
CA CYS B 336 -25.26 30.24 -36.74
C CYS B 336 -26.06 29.20 -37.52
N THR B 337 -26.55 29.58 -38.71
CA THR B 337 -27.40 28.80 -39.60
C THR B 337 -26.65 28.05 -40.69
N ASP B 338 -25.30 28.18 -40.76
CA ASP B 338 -24.50 27.59 -41.83
C ASP B 338 -24.64 26.05 -41.95
N VAL B 339 -25.04 25.36 -40.87
CA VAL B 339 -25.30 23.91 -40.86
C VAL B 339 -26.42 23.56 -41.88
N ALA B 340 -27.41 24.47 -42.07
CA ALA B 340 -28.54 24.28 -42.98
C ALA B 340 -28.12 24.23 -44.47
N LYS B 341 -26.87 24.62 -44.77
CA LYS B 341 -26.33 24.57 -46.13
C LYS B 341 -26.12 23.10 -46.55
N MET B 342 -25.94 22.21 -45.55
CA MET B 342 -25.82 20.75 -45.67
C MET B 342 -26.92 20.14 -46.60
N ILE B 343 -28.15 20.70 -46.58
CA ILE B 343 -29.27 20.18 -47.35
C ILE B 343 -29.71 21.20 -48.43
N GLY B 344 -28.86 22.21 -48.68
CA GLY B 344 -29.10 23.23 -49.69
C GLY B 344 -30.34 24.05 -49.41
N ALA B 345 -30.58 24.36 -48.13
CA ALA B 345 -31.73 25.16 -47.72
C ALA B 345 -31.46 26.65 -47.98
N PRO B 346 -32.43 27.45 -48.49
CA PRO B 346 -32.16 28.91 -48.61
C PRO B 346 -32.16 29.53 -47.20
N ILE B 347 -31.27 30.51 -46.96
CA ILE B 347 -31.17 31.14 -45.65
C ILE B 347 -31.42 32.64 -45.77
N PHE B 348 -32.31 33.16 -44.89
CA PHE B 348 -32.61 34.59 -44.87
C PHE B 348 -32.22 35.15 -43.52
N HIS B 349 -31.20 36.03 -43.50
CA HIS B 349 -30.76 36.74 -42.32
C HIS B 349 -31.54 38.04 -42.31
N VAL B 350 -32.36 38.28 -41.29
CA VAL B 350 -33.19 39.47 -41.31
C VAL B 350 -33.06 40.28 -40.00
N ASN B 351 -33.08 41.62 -40.17
CA ASN B 351 -32.98 42.60 -39.09
C ASN B 351 -34.28 42.58 -38.25
N GLY B 352 -34.15 42.17 -36.98
CA GLY B 352 -35.27 42.08 -36.03
C GLY B 352 -35.91 43.40 -35.69
N ASP B 353 -35.25 44.52 -36.04
CA ASP B 353 -35.80 45.85 -35.81
C ASP B 353 -36.62 46.32 -37.04
N ASP B 354 -36.78 45.44 -38.06
CA ASP B 354 -37.62 45.72 -39.23
C ASP B 354 -38.71 44.64 -39.29
N PRO B 355 -39.84 44.86 -38.59
CA PRO B 355 -40.92 43.85 -38.56
C PRO B 355 -41.57 43.57 -39.92
N GLU B 356 -41.56 44.52 -40.86
CA GLU B 356 -42.10 44.38 -42.21
C GLU B 356 -41.26 43.43 -43.05
N ALA B 357 -39.92 43.60 -43.01
CA ALA B 357 -38.99 42.72 -43.71
C ALA B 357 -39.08 41.31 -43.12
N CYS B 358 -39.28 41.21 -41.78
CA CYS B 358 -39.43 39.96 -41.05
C CYS B 358 -40.70 39.21 -41.44
N ALA B 359 -41.83 39.93 -41.59
CA ALA B 359 -43.11 39.35 -42.01
C ALA B 359 -43.04 38.93 -43.48
N TRP B 360 -42.39 39.75 -44.32
CA TRP B 360 -42.21 39.48 -45.75
C TRP B 360 -41.40 38.20 -45.98
N VAL B 361 -40.26 38.03 -45.23
CA VAL B 361 -39.37 36.89 -45.33
C VAL B 361 -40.08 35.60 -44.85
N ALA B 362 -40.95 35.73 -43.82
CA ALA B 362 -41.73 34.60 -43.28
C ALA B 362 -42.71 34.04 -44.34
N ARG B 363 -43.38 34.93 -45.09
CA ARG B 363 -44.34 34.56 -46.15
C ARG B 363 -43.63 33.96 -47.37
N LEU B 364 -42.44 34.49 -47.72
CA LEU B 364 -41.60 33.99 -48.81
C LEU B 364 -41.11 32.58 -48.47
N ALA B 365 -40.78 32.34 -47.18
CA ALA B 365 -40.31 31.04 -46.69
C ALA B 365 -41.39 29.97 -46.85
N VAL B 366 -42.65 30.30 -46.52
CA VAL B 366 -43.80 29.39 -46.64
C VAL B 366 -44.03 29.06 -48.13
N ASP B 367 -43.94 30.06 -49.02
CA ASP B 367 -44.10 29.88 -50.47
C ASP B 367 -43.02 28.97 -51.06
N PHE B 368 -41.75 29.11 -50.58
CA PHE B 368 -40.64 28.28 -51.04
C PHE B 368 -40.85 26.83 -50.61
N ARG B 369 -41.25 26.63 -49.33
CA ARG B 369 -41.52 25.32 -48.76
C ARG B 369 -42.64 24.65 -49.55
N GLN B 370 -43.71 25.40 -49.89
CA GLN B 370 -44.82 24.87 -50.68
C GLN B 370 -44.38 24.50 -52.10
N ALA B 371 -43.55 25.34 -52.73
CA ALA B 371 -43.07 25.12 -54.10
C ALA B 371 -42.04 23.98 -54.20
N PHE B 372 -41.15 23.80 -53.23
CA PHE B 372 -40.11 22.79 -53.40
C PHE B 372 -40.05 21.68 -52.36
N LYS B 373 -40.94 21.71 -51.32
CA LYS B 373 -41.04 20.68 -50.26
C LYS B 373 -39.69 20.46 -49.56
N LYS B 374 -38.99 21.57 -49.29
CA LYS B 374 -37.67 21.64 -48.68
C LYS B 374 -37.63 22.70 -47.56
N ASP B 375 -36.71 22.52 -46.58
CA ASP B 375 -36.51 23.41 -45.44
C ASP B 375 -36.08 24.83 -45.84
N VAL B 376 -36.57 25.82 -45.10
CA VAL B 376 -36.19 27.25 -45.21
C VAL B 376 -35.73 27.69 -43.83
N VAL B 377 -34.63 28.44 -43.76
CA VAL B 377 -34.12 28.93 -42.49
C VAL B 377 -34.18 30.46 -42.45
N ILE B 378 -34.83 30.99 -41.42
CA ILE B 378 -34.89 32.42 -41.16
C ILE B 378 -34.04 32.69 -39.91
N ASP B 379 -32.98 33.48 -40.07
CA ASP B 379 -32.06 33.91 -39.03
C ASP B 379 -32.48 35.32 -38.59
N MET B 380 -33.24 35.43 -37.49
CA MET B 380 -33.71 36.73 -37.03
C MET B 380 -32.70 37.38 -36.09
N LEU B 381 -31.98 38.39 -36.59
CA LEU B 381 -31.00 39.10 -35.77
C LEU B 381 -31.70 40.05 -34.82
N CYS B 382 -31.44 39.89 -33.53
CA CYS B 382 -32.07 40.64 -32.48
C CYS B 382 -31.10 40.77 -31.28
N TYR B 383 -31.60 41.01 -30.08
CA TYR B 383 -30.74 41.12 -28.88
C TYR B 383 -31.50 40.63 -27.67
N ARG B 384 -30.77 40.38 -26.58
CA ARG B 384 -31.38 39.93 -25.33
C ARG B 384 -31.28 41.12 -24.38
N ARG B 385 -32.36 41.86 -24.18
CA ARG B 385 -32.40 43.09 -23.38
C ARG B 385 -31.90 42.90 -21.91
N ARG B 386 -32.36 41.82 -21.28
CA ARG B 386 -32.05 41.50 -19.90
C ARG B 386 -30.96 40.47 -19.82
N GLY B 387 -30.55 40.16 -18.58
CA GLY B 387 -29.58 39.13 -18.31
C GLY B 387 -30.19 37.78 -18.62
N HIS B 388 -29.38 36.74 -18.61
CA HIS B 388 -29.86 35.39 -18.92
C HIS B 388 -30.88 34.90 -17.88
N ASN B 389 -30.66 35.22 -16.60
CA ASN B 389 -31.52 34.85 -15.47
C ASN B 389 -31.35 35.88 -14.33
N GLU B 390 -32.06 35.67 -13.22
CA GLU B 390 -32.09 36.58 -12.05
C GLU B 390 -30.72 36.94 -11.49
N GLY B 391 -29.78 35.99 -11.50
CA GLY B 391 -28.43 36.25 -11.01
C GLY B 391 -27.43 36.67 -12.09
N ASP B 392 -27.91 37.37 -13.14
CA ASP B 392 -27.03 37.81 -14.22
C ASP B 392 -27.08 39.31 -14.48
N ASP B 393 -25.93 40.01 -14.32
CA ASP B 393 -25.66 41.39 -14.73
C ASP B 393 -24.84 41.16 -15.98
N PRO B 394 -25.47 41.18 -17.18
CA PRO B 394 -24.76 40.76 -18.41
C PRO B 394 -23.55 41.60 -18.80
N SER B 395 -23.44 42.81 -18.29
CA SER B 395 -22.29 43.66 -18.60
C SER B 395 -20.99 43.12 -17.93
N MET B 396 -21.09 42.13 -17.01
CA MET B 396 -19.92 41.50 -16.36
C MET B 396 -19.05 40.76 -17.40
N THR B 397 -19.72 40.06 -18.31
CA THR B 397 -19.10 39.21 -19.35
C THR B 397 -19.22 39.84 -20.76
N GLN B 398 -20.24 40.70 -21.00
CA GLN B 398 -20.36 41.35 -22.30
C GLN B 398 -20.55 42.87 -22.13
N PRO B 399 -19.54 43.61 -21.59
CA PRO B 399 -19.74 45.04 -21.35
C PRO B 399 -20.08 45.86 -22.58
N TYR B 400 -19.44 45.60 -23.72
CA TYR B 400 -19.64 46.34 -24.97
C TYR B 400 -21.07 46.15 -25.51
N MET B 401 -21.51 44.88 -25.67
CA MET B 401 -22.85 44.57 -26.17
C MET B 401 -23.93 45.24 -25.30
N TYR B 402 -23.80 45.17 -23.95
CA TYR B 402 -24.80 45.71 -23.05
C TYR B 402 -24.70 47.20 -22.90
N ASP B 403 -23.58 47.83 -23.27
CA ASP B 403 -23.59 49.30 -23.27
C ASP B 403 -24.36 49.76 -24.52
N VAL B 404 -24.34 48.95 -25.60
CA VAL B 404 -25.08 49.23 -26.84
C VAL B 404 -26.60 48.93 -26.61
N ILE B 405 -26.93 47.81 -25.92
CA ILE B 405 -28.34 47.41 -25.64
C ILE B 405 -29.01 48.48 -24.75
N ASP B 406 -28.29 49.04 -23.78
CA ASP B 406 -28.82 50.06 -22.86
C ASP B 406 -29.13 51.40 -23.58
N THR B 407 -28.81 51.50 -24.88
CA THR B 407 -29.04 52.67 -25.72
C THR B 407 -30.26 52.44 -26.64
N LYS B 408 -30.68 51.16 -26.78
CA LYS B 408 -31.77 50.73 -27.65
C LYS B 408 -33.18 50.95 -27.07
N ARG B 409 -34.08 51.45 -27.92
CA ARG B 409 -35.51 51.58 -27.63
C ARG B 409 -36.15 50.32 -28.22
N GLY B 410 -37.27 49.85 -27.69
CA GLY B 410 -37.93 48.63 -28.18
C GLY B 410 -38.33 48.64 -29.66
N SER B 411 -38.41 47.44 -30.31
CA SER B 411 -38.76 47.37 -31.73
C SER B 411 -40.21 47.84 -31.95
N ARG B 412 -41.03 47.92 -30.88
CA ARG B 412 -42.40 48.44 -30.93
C ARG B 412 -42.31 49.95 -31.07
N LYS B 413 -41.68 50.64 -30.08
CA LYS B 413 -41.47 52.09 -30.04
C LYS B 413 -40.78 52.56 -31.32
N ALA B 414 -39.78 51.80 -31.81
CA ALA B 414 -39.04 52.12 -33.03
C ALA B 414 -39.94 52.05 -34.26
N TYR B 415 -40.73 50.96 -34.42
CA TYR B 415 -41.65 50.76 -35.55
C TYR B 415 -42.78 51.80 -35.54
N THR B 416 -43.33 52.15 -34.36
CA THR B 416 -44.41 53.15 -34.30
C THR B 416 -43.83 54.53 -34.67
N GLU B 417 -42.58 54.83 -34.23
CA GLU B 417 -41.90 56.08 -34.58
C GLU B 417 -41.54 56.10 -36.07
N ALA B 418 -41.13 54.93 -36.61
CA ALA B 418 -40.78 54.76 -38.03
C ALA B 418 -42.00 54.93 -38.94
N LEU B 419 -43.20 54.54 -38.45
CA LEU B 419 -44.45 54.69 -39.21
C LEU B 419 -44.90 56.15 -39.21
N ILE B 420 -44.51 56.90 -38.15
CA ILE B 420 -44.79 58.33 -38.01
C ILE B 420 -43.76 59.10 -38.86
N GLY B 421 -42.51 58.64 -38.83
CA GLY B 421 -41.38 59.22 -39.55
C GLY B 421 -41.44 59.08 -41.06
N ARG B 422 -42.24 58.11 -41.56
CA ARG B 422 -42.43 57.86 -42.99
C ARG B 422 -43.81 58.39 -43.47
N GLY B 423 -44.66 58.77 -42.52
CA GLY B 423 -45.99 59.29 -42.77
C GLY B 423 -47.02 58.24 -43.16
N ASP B 424 -46.77 56.96 -42.80
CA ASP B 424 -47.69 55.85 -43.08
C ASP B 424 -48.94 55.87 -42.15
N ILE B 425 -48.84 56.49 -40.94
CA ILE B 425 -49.95 56.63 -39.98
C ILE B 425 -50.00 58.07 -39.43
N SER B 426 -51.21 58.52 -39.00
CA SER B 426 -51.41 59.87 -38.47
C SER B 426 -51.04 59.95 -36.97
N MET B 427 -50.98 61.18 -36.42
CA MET B 427 -50.64 61.42 -35.01
C MET B 427 -51.72 60.83 -34.10
N LYS B 428 -53.00 60.87 -34.54
CA LYS B 428 -54.15 60.30 -33.81
C LYS B 428 -54.04 58.76 -33.78
N GLU B 429 -53.65 58.15 -34.92
CA GLU B 429 -53.47 56.71 -35.08
C GLU B 429 -52.28 56.20 -34.24
N ALA B 430 -51.19 57.01 -34.17
CA ALA B 430 -49.97 56.72 -33.40
C ALA B 430 -50.24 56.73 -31.90
N GLU B 431 -51.17 57.62 -31.46
CA GLU B 431 -51.64 57.72 -30.08
C GLU B 431 -52.55 56.55 -29.80
N ASP B 432 -53.42 56.16 -30.78
CA ASP B 432 -54.33 55.01 -30.69
C ASP B 432 -53.53 53.70 -30.56
N ALA B 433 -52.45 53.58 -31.35
CA ALA B 433 -51.52 52.44 -31.31
C ALA B 433 -50.85 52.38 -29.92
N LEU B 434 -50.50 53.55 -29.34
CA LEU B 434 -49.94 53.69 -28.00
C LEU B 434 -51.01 53.36 -26.95
N ARG B 435 -52.29 53.69 -27.23
CA ARG B 435 -53.43 53.41 -26.35
C ARG B 435 -53.86 51.94 -26.50
N ASP B 436 -53.53 51.29 -27.64
CA ASP B 436 -53.81 49.88 -27.88
C ASP B 436 -52.88 49.06 -26.98
N TYR B 437 -51.65 49.57 -26.77
CA TYR B 437 -50.63 48.96 -25.92
C TYR B 437 -51.09 48.96 -24.45
N GLN B 438 -51.61 50.11 -23.95
CA GLN B 438 -52.11 50.29 -22.59
C GLN B 438 -53.29 49.37 -22.30
N GLY B 439 -54.23 49.27 -23.24
CA GLY B 439 -55.39 48.38 -23.15
C GLY B 439 -54.99 46.92 -23.20
N GLN B 440 -53.93 46.61 -23.96
CA GLN B 440 -53.39 45.27 -24.02
C GLN B 440 -52.69 44.93 -22.71
N LEU B 441 -52.01 45.93 -22.09
CA LEU B 441 -51.31 45.73 -20.82
C LEU B 441 -52.33 45.60 -19.64
N GLU B 442 -53.37 46.43 -19.64
CA GLU B 442 -54.44 46.43 -18.63
C GLU B 442 -55.23 45.12 -18.67
N ARG B 443 -55.58 44.65 -19.88
CA ARG B 443 -56.35 43.42 -20.11
C ARG B 443 -55.71 42.21 -19.43
N VAL B 444 -54.37 41.97 -19.62
CA VAL B 444 -53.68 40.82 -19.01
C VAL B 444 -53.80 40.88 -17.49
N PHE B 445 -53.41 42.04 -16.90
CA PHE B 445 -53.47 42.29 -15.47
C PHE B 445 -54.87 42.01 -14.91
N ASN B 446 -55.92 42.60 -15.53
CA ASN B 446 -57.31 42.46 -15.11
C ASN B 446 -57.86 41.02 -15.29
N GLU B 447 -57.47 40.33 -16.38
CA GLU B 447 -57.90 38.94 -16.62
C GLU B 447 -57.20 37.99 -15.64
N VAL B 448 -55.90 38.23 -15.35
CA VAL B 448 -55.15 37.42 -14.39
C VAL B 448 -55.62 37.77 -12.95
N ARG B 449 -56.12 39.00 -12.73
CA ARG B 449 -56.70 39.43 -11.45
C ARG B 449 -58.01 38.68 -11.21
N GLU B 450 -58.90 38.67 -12.23
CA GLU B 450 -60.19 37.99 -12.23
C GLU B 450 -60.03 36.47 -12.01
N LEU B 451 -58.98 35.84 -12.61
CA LEU B 451 -58.70 34.41 -12.45
C LEU B 451 -58.27 34.10 -11.00
N GLU B 452 -57.54 35.04 -10.36
CA GLU B 452 -57.04 34.92 -8.98
C GLU B 452 -58.20 35.07 -7.98
N LYS B 471 -57.31 -7.20 -20.84
CA LYS B 471 -58.70 -6.98 -21.28
C LYS B 471 -58.97 -7.58 -22.68
N LEU B 472 -57.93 -7.74 -23.51
CA LEU B 472 -58.09 -8.26 -24.87
C LEU B 472 -57.24 -9.50 -25.14
N ALA B 473 -57.75 -10.40 -26.02
CA ALA B 473 -57.08 -11.65 -26.38
C ALA B 473 -56.16 -11.41 -27.57
N THR B 474 -54.96 -11.99 -27.51
CA THR B 474 -53.94 -11.80 -28.55
C THR B 474 -53.83 -13.00 -29.50
N ALA B 475 -54.47 -14.14 -29.17
CA ALA B 475 -54.44 -15.33 -30.01
C ALA B 475 -55.19 -15.08 -31.35
N VAL B 476 -54.62 -15.59 -32.44
CA VAL B 476 -55.22 -15.49 -33.78
C VAL B 476 -55.64 -16.88 -34.22
N ASP B 477 -56.47 -16.99 -35.25
CA ASP B 477 -56.88 -18.31 -35.77
C ASP B 477 -55.80 -18.79 -36.76
N LYS B 478 -55.68 -20.13 -36.97
CA LYS B 478 -54.72 -20.80 -37.86
C LYS B 478 -54.83 -20.28 -39.31
N ALA B 479 -56.01 -19.82 -39.73
CA ALA B 479 -56.21 -19.23 -41.06
C ALA B 479 -55.47 -17.90 -41.19
N MET B 480 -55.33 -17.13 -40.07
CA MET B 480 -54.61 -15.84 -40.06
C MET B 480 -53.11 -16.12 -40.30
N LEU B 481 -52.56 -17.13 -39.60
CA LEU B 481 -51.16 -17.55 -39.73
C LEU B 481 -50.92 -18.02 -41.16
N GLN B 482 -51.87 -18.84 -41.72
CA GLN B 482 -51.80 -19.40 -43.07
C GLN B 482 -51.75 -18.30 -44.12
N ARG B 483 -52.56 -17.26 -43.94
CA ARG B 483 -52.66 -16.08 -44.81
C ARG B 483 -51.34 -15.28 -44.86
N ILE B 484 -50.70 -15.06 -43.69
CA ILE B 484 -49.44 -14.32 -43.60
C ILE B 484 -48.33 -15.16 -44.28
N GLY B 485 -48.40 -16.50 -44.13
CA GLY B 485 -47.49 -17.43 -44.77
C GLY B 485 -47.65 -17.45 -46.29
N ASP B 486 -48.90 -17.50 -46.75
CA ASP B 486 -49.25 -17.46 -48.17
C ASP B 486 -48.82 -16.14 -48.83
N ALA B 487 -48.92 -15.00 -48.10
CA ALA B 487 -48.52 -13.65 -48.56
C ALA B 487 -47.05 -13.58 -49.02
N HIS B 488 -46.15 -14.38 -48.37
CA HIS B 488 -44.71 -14.44 -48.70
C HIS B 488 -44.45 -15.09 -50.08
N LEU B 489 -45.44 -15.83 -50.60
CA LEU B 489 -45.33 -16.47 -51.90
C LEU B 489 -46.27 -15.82 -52.94
N ALA B 490 -47.08 -14.83 -52.52
CA ALA B 490 -48.02 -14.13 -53.44
C ALA B 490 -47.29 -12.95 -54.12
N LEU B 491 -46.28 -13.31 -54.91
CA LEU B 491 -45.41 -12.38 -55.62
C LEU B 491 -46.11 -11.66 -56.78
N PRO B 492 -45.78 -10.37 -57.06
CA PRO B 492 -46.38 -9.69 -58.22
C PRO B 492 -45.93 -10.37 -59.50
N GLU B 493 -46.75 -10.29 -60.57
CA GLU B 493 -46.45 -10.94 -61.85
C GLU B 493 -45.13 -10.44 -62.41
N GLY B 494 -44.28 -11.40 -62.81
CA GLY B 494 -42.96 -11.14 -63.35
C GLY B 494 -41.87 -10.76 -62.35
N PHE B 495 -42.16 -10.86 -61.02
CA PHE B 495 -41.18 -10.56 -59.97
C PHE B 495 -40.12 -11.66 -59.90
N THR B 496 -38.82 -11.27 -59.81
CA THR B 496 -37.70 -12.21 -59.72
C THR B 496 -37.12 -12.13 -58.31
N VAL B 497 -37.36 -13.19 -57.52
CA VAL B 497 -36.85 -13.26 -56.17
C VAL B 497 -35.40 -13.69 -56.22
N HIS B 498 -34.56 -13.07 -55.39
CA HIS B 498 -33.15 -13.45 -55.25
C HIS B 498 -33.10 -14.92 -54.80
N PRO B 499 -32.28 -15.78 -55.45
CA PRO B 499 -32.27 -17.21 -55.10
C PRO B 499 -32.07 -17.56 -53.61
N ARG B 500 -31.42 -16.72 -52.82
CA ARG B 500 -31.20 -16.95 -51.38
C ARG B 500 -32.37 -16.50 -50.51
N VAL B 501 -33.28 -15.67 -51.07
CA VAL B 501 -34.46 -15.15 -50.38
C VAL B 501 -35.66 -16.12 -50.57
N ARG B 502 -35.77 -16.74 -51.76
CA ARG B 502 -36.84 -17.71 -52.09
C ARG B 502 -36.99 -18.82 -51.00
N PRO B 503 -35.92 -19.50 -50.48
CA PRO B 503 -36.14 -20.50 -49.43
C PRO B 503 -36.76 -19.92 -48.15
N VAL B 504 -36.46 -18.64 -47.81
CA VAL B 504 -37.01 -17.95 -46.63
C VAL B 504 -38.54 -17.84 -46.80
N LEU B 505 -39.00 -17.44 -48.00
CA LEU B 505 -40.42 -17.29 -48.34
C LEU B 505 -41.15 -18.63 -48.28
N GLU B 506 -40.54 -19.68 -48.87
CA GLU B 506 -41.10 -21.03 -48.87
C GLU B 506 -41.15 -21.61 -47.43
N LYS B 507 -40.06 -21.43 -46.62
CA LYS B 507 -40.01 -21.90 -45.23
C LYS B 507 -41.07 -21.20 -44.36
N ARG B 508 -41.46 -19.94 -44.70
CA ARG B 508 -42.50 -19.20 -43.98
C ARG B 508 -43.88 -19.76 -44.27
N ARG B 509 -44.15 -20.17 -45.52
CA ARG B 509 -45.43 -20.80 -45.85
C ARG B 509 -45.50 -22.17 -45.16
N GLU B 510 -44.37 -22.92 -45.09
CA GLU B 510 -44.28 -24.21 -44.37
C GLU B 510 -44.53 -23.99 -42.85
N MET B 511 -43.86 -22.99 -42.20
CA MET B 511 -44.03 -22.70 -40.77
C MET B 511 -45.48 -22.33 -40.39
N ALA B 512 -46.12 -21.51 -41.25
CA ALA B 512 -47.50 -21.07 -41.07
C ALA B 512 -48.49 -22.25 -41.01
N TYR B 513 -48.23 -23.34 -41.76
CA TYR B 513 -49.11 -24.51 -41.83
C TYR B 513 -48.65 -25.65 -40.94
N GLU B 514 -47.32 -25.81 -40.73
CA GLU B 514 -46.79 -26.99 -40.04
C GLU B 514 -46.15 -26.74 -38.67
N GLY B 515 -45.86 -25.49 -38.32
CA GLY B 515 -45.27 -25.16 -37.04
C GLY B 515 -43.78 -24.91 -37.09
N ARG B 516 -43.10 -25.07 -35.92
CA ARG B 516 -41.67 -24.80 -35.73
C ARG B 516 -41.38 -23.35 -36.17
N ILE B 517 -42.25 -22.42 -35.76
CA ILE B 517 -42.15 -21.00 -36.12
C ILE B 517 -40.96 -20.35 -35.38
N ASP B 518 -40.02 -19.79 -36.17
CA ASP B 518 -38.86 -19.12 -35.61
C ASP B 518 -39.21 -17.66 -35.17
N TRP B 519 -38.26 -16.97 -34.51
CA TRP B 519 -38.42 -15.64 -33.97
C TRP B 519 -38.82 -14.61 -35.04
N ALA B 520 -38.05 -14.54 -36.13
CA ALA B 520 -38.24 -13.59 -37.21
C ALA B 520 -39.62 -13.71 -37.85
N PHE B 521 -40.12 -14.94 -38.05
CA PHE B 521 -41.43 -15.09 -38.66
C PHE B 521 -42.54 -14.73 -37.65
N ALA B 522 -42.36 -15.08 -36.35
CA ALA B 522 -43.33 -14.75 -35.28
C ALA B 522 -43.58 -13.26 -35.20
N GLU B 523 -42.50 -12.47 -35.34
CA GLU B 523 -42.54 -11.01 -35.37
C GLU B 523 -43.45 -10.52 -36.51
N LEU B 524 -43.27 -11.08 -37.72
CA LEU B 524 -44.06 -10.70 -38.90
C LEU B 524 -45.50 -11.21 -38.78
N LEU B 525 -45.70 -12.32 -38.06
CA LEU B 525 -47.04 -12.87 -37.79
C LEU B 525 -47.79 -11.89 -36.91
N ALA B 526 -47.11 -11.29 -35.90
CA ALA B 526 -47.72 -10.31 -35.01
C ALA B 526 -48.06 -9.01 -35.76
N LEU B 527 -47.09 -8.47 -36.51
CA LEU B 527 -47.28 -7.23 -37.26
C LEU B 527 -48.33 -7.40 -38.36
N GLY B 528 -48.25 -8.53 -39.09
CA GLY B 528 -49.19 -8.88 -40.15
C GLY B 528 -50.63 -8.99 -39.70
N SER B 529 -50.86 -9.64 -38.56
CA SER B 529 -52.20 -9.82 -37.98
C SER B 529 -52.78 -8.48 -37.51
N LEU B 530 -51.91 -7.54 -37.05
CA LEU B 530 -52.35 -6.20 -36.62
C LEU B 530 -52.82 -5.39 -37.82
N ILE B 531 -52.06 -5.42 -38.95
CA ILE B 531 -52.42 -4.76 -40.22
C ILE B 531 -53.76 -5.31 -40.70
N ALA B 532 -53.94 -6.66 -40.66
CA ALA B 532 -55.16 -7.35 -41.07
C ALA B 532 -56.37 -6.88 -40.24
N GLU B 533 -56.13 -6.48 -38.98
CA GLU B 533 -57.16 -5.97 -38.06
C GLU B 533 -57.38 -4.44 -38.23
N GLY B 534 -56.60 -3.79 -39.09
CA GLY B 534 -56.75 -2.37 -39.39
C GLY B 534 -55.73 -1.42 -38.79
N LYS B 535 -54.67 -1.96 -38.15
CA LYS B 535 -53.67 -1.13 -37.52
C LYS B 535 -52.58 -0.66 -38.50
N LEU B 536 -52.10 0.59 -38.28
CA LEU B 536 -50.97 1.15 -39.00
C LEU B 536 -49.72 0.68 -38.25
N VAL B 537 -48.81 0.00 -38.97
CA VAL B 537 -47.55 -0.49 -38.40
C VAL B 537 -46.42 0.23 -39.07
N ARG B 538 -45.62 0.95 -38.27
CA ARG B 538 -44.44 1.65 -38.76
C ARG B 538 -43.23 1.02 -38.07
N LEU B 539 -42.36 0.42 -38.89
CA LEU B 539 -41.13 -0.28 -38.47
C LEU B 539 -39.92 0.33 -39.17
N SER B 540 -38.91 0.71 -38.38
CA SER B 540 -37.71 1.30 -38.96
C SER B 540 -36.50 1.10 -38.08
N GLY B 541 -35.35 1.30 -38.67
CA GLY B 541 -34.05 1.15 -38.01
C GLY B 541 -32.99 0.91 -39.05
N GLN B 542 -31.73 0.82 -38.62
CA GLN B 542 -30.62 0.60 -39.57
C GLN B 542 -30.68 -0.78 -40.19
N ASP B 543 -30.85 -0.82 -41.53
CA ASP B 543 -30.95 -2.07 -42.31
C ASP B 543 -32.13 -2.97 -41.88
N THR B 544 -33.20 -2.35 -41.35
CA THR B 544 -34.38 -3.02 -40.82
C THR B 544 -35.21 -3.77 -41.89
N GLN B 545 -35.22 -3.32 -43.16
CA GLN B 545 -36.02 -4.00 -44.20
C GLN B 545 -35.55 -5.47 -44.39
N ARG B 546 -34.24 -5.69 -44.50
CA ARG B 546 -33.71 -7.03 -44.64
C ARG B 546 -33.51 -7.67 -43.26
N GLY B 547 -33.03 -6.89 -42.30
CA GLY B 547 -32.66 -7.34 -40.98
C GLY B 547 -31.15 -7.43 -40.88
N THR B 548 -30.58 -6.92 -39.79
CA THR B 548 -29.15 -6.93 -39.50
C THR B 548 -28.60 -8.35 -39.58
N PHE B 549 -29.40 -9.35 -39.15
CA PHE B 549 -28.97 -10.74 -39.10
C PHE B 549 -29.55 -11.53 -40.25
N THR B 550 -29.92 -10.82 -41.37
CA THR B 550 -30.47 -11.37 -42.61
C THR B 550 -31.70 -12.25 -42.31
N GLN B 551 -32.44 -11.90 -41.26
CA GLN B 551 -33.56 -12.70 -40.82
C GLN B 551 -34.96 -12.13 -41.15
N ARG B 552 -35.11 -10.82 -41.37
CA ARG B 552 -36.46 -10.26 -41.49
C ARG B 552 -37.06 -10.39 -42.90
N HIS B 553 -36.43 -9.78 -43.92
CA HIS B 553 -36.93 -9.75 -45.31
C HIS B 553 -38.38 -9.20 -45.33
N ALA B 554 -38.58 -8.04 -44.65
CA ALA B 554 -39.86 -7.31 -44.59
C ALA B 554 -40.15 -6.75 -45.99
N VAL B 555 -39.08 -6.39 -46.70
CA VAL B 555 -39.05 -5.91 -48.07
C VAL B 555 -38.11 -6.83 -48.83
N ILE B 556 -38.54 -7.32 -49.99
CA ILE B 556 -37.69 -8.16 -50.83
C ILE B 556 -37.47 -7.39 -52.15
N VAL B 557 -36.28 -7.55 -52.74
CA VAL B 557 -35.86 -6.78 -53.89
C VAL B 557 -35.78 -7.66 -55.16
N ASP B 558 -36.42 -7.18 -56.26
CA ASP B 558 -36.41 -7.87 -57.55
C ASP B 558 -34.96 -7.95 -58.04
N ARG B 559 -34.48 -9.21 -58.24
CA ARG B 559 -33.13 -9.54 -58.66
C ARG B 559 -32.73 -8.86 -60.00
N LYS B 560 -33.71 -8.61 -60.90
CA LYS B 560 -33.48 -7.98 -62.21
C LYS B 560 -33.82 -6.47 -62.29
N THR B 561 -34.80 -5.97 -61.53
CA THR B 561 -35.22 -4.56 -61.66
C THR B 561 -34.89 -3.69 -60.44
N GLY B 562 -34.79 -4.33 -59.28
CA GLY B 562 -34.53 -3.58 -58.05
C GLY B 562 -35.82 -3.13 -57.40
N GLU B 563 -36.98 -3.50 -58.00
CA GLU B 563 -38.30 -3.16 -57.44
C GLU B 563 -38.48 -3.81 -56.08
N GLU B 564 -39.06 -3.06 -55.16
CA GLU B 564 -39.32 -3.53 -53.80
C GLU B 564 -40.71 -4.16 -53.73
N PHE B 565 -40.85 -5.23 -52.92
CA PHE B 565 -42.12 -5.92 -52.67
C PHE B 565 -42.22 -6.17 -51.20
N THR B 566 -43.35 -5.79 -50.60
CA THR B 566 -43.59 -5.93 -49.17
C THR B 566 -44.71 -6.96 -48.94
N PRO B 567 -44.37 -8.25 -48.66
CA PRO B 567 -45.42 -9.26 -48.43
C PRO B 567 -46.51 -8.88 -47.39
N LEU B 568 -46.15 -8.29 -46.23
CA LEU B 568 -47.15 -7.91 -45.21
C LEU B 568 -48.16 -6.83 -45.68
N GLN B 569 -47.85 -6.06 -46.73
CA GLN B 569 -48.75 -5.02 -47.27
C GLN B 569 -50.02 -5.64 -47.92
N LEU B 570 -49.97 -6.93 -48.28
CA LEU B 570 -51.10 -7.66 -48.84
C LEU B 570 -52.19 -7.89 -47.77
N LEU B 571 -51.81 -7.85 -46.49
CA LEU B 571 -52.74 -8.07 -45.38
C LEU B 571 -53.56 -6.81 -45.03
N ALA B 572 -53.28 -5.68 -45.71
CA ALA B 572 -54.02 -4.42 -45.61
C ALA B 572 -55.31 -4.47 -46.45
N THR B 573 -55.48 -5.57 -47.20
CA THR B 573 -56.65 -5.84 -48.03
C THR B 573 -57.27 -7.14 -47.57
N ASN B 574 -58.56 -7.09 -47.18
CA ASN B 574 -59.33 -8.28 -46.78
C ASN B 574 -59.51 -9.25 -47.98
N PRO B 575 -59.81 -10.55 -47.76
CA PRO B 575 -60.00 -11.49 -48.90
C PRO B 575 -61.01 -11.05 -49.95
N ASP B 576 -62.04 -10.26 -49.55
CA ASP B 576 -63.08 -9.74 -50.46
C ASP B 576 -62.57 -8.53 -51.30
N GLY B 577 -61.36 -8.05 -51.04
CA GLY B 577 -60.77 -6.94 -51.77
C GLY B 577 -60.92 -5.58 -51.13
N THR B 578 -61.68 -5.48 -50.02
CA THR B 578 -61.89 -4.22 -49.32
C THR B 578 -60.69 -3.90 -48.42
N PRO B 579 -60.33 -2.61 -48.22
CA PRO B 579 -59.21 -2.30 -47.32
C PRO B 579 -59.54 -2.61 -45.86
N THR B 580 -58.52 -2.96 -45.07
CA THR B 580 -58.68 -3.24 -43.64
C THR B 580 -58.59 -1.95 -42.85
N GLY B 581 -57.95 -0.95 -43.47
CA GLY B 581 -57.66 0.34 -42.87
C GLY B 581 -56.23 0.36 -42.34
N GLY B 582 -55.60 -0.82 -42.36
CA GLY B 582 -54.22 -1.03 -41.92
C GLY B 582 -53.20 -0.74 -42.99
N LYS B 583 -51.92 -0.64 -42.58
CA LYS B 583 -50.81 -0.34 -43.47
C LYS B 583 -49.50 -0.78 -42.87
N PHE B 584 -48.55 -1.18 -43.73
CA PHE B 584 -47.20 -1.54 -43.28
C PHE B 584 -46.22 -0.55 -43.86
N LEU B 585 -45.60 0.24 -42.98
CA LEU B 585 -44.62 1.26 -43.32
C LEU B 585 -43.27 0.81 -42.78
N VAL B 586 -42.38 0.37 -43.66
CA VAL B 586 -41.10 -0.14 -43.22
C VAL B 586 -39.96 0.55 -43.98
N TYR B 587 -39.02 1.11 -43.20
CA TYR B 587 -37.91 1.83 -43.77
C TYR B 587 -36.59 1.47 -43.17
N ASN B 588 -35.54 1.67 -43.98
CA ASN B 588 -34.16 1.68 -43.58
C ASN B 588 -33.90 3.10 -43.10
N SER B 589 -33.38 3.27 -41.89
CA SER B 589 -33.10 4.60 -41.36
C SER B 589 -31.73 5.10 -41.82
N ALA B 590 -31.48 6.40 -41.60
CA ALA B 590 -30.16 7.00 -41.77
C ALA B 590 -29.28 6.46 -40.64
N LEU B 591 -27.95 6.70 -40.69
CA LEU B 591 -27.09 6.17 -39.64
C LEU B 591 -27.12 7.14 -38.44
N SER B 592 -28.28 7.21 -37.78
CA SER B 592 -28.59 8.05 -36.63
C SER B 592 -29.30 7.27 -35.59
N GLU B 593 -28.99 7.57 -34.32
CA GLU B 593 -29.70 6.97 -33.20
C GLU B 593 -30.54 8.06 -32.56
N PHE B 594 -29.93 9.22 -32.24
CA PHE B 594 -30.61 10.34 -31.58
C PHE B 594 -31.82 10.84 -32.39
N ALA B 595 -31.62 11.20 -33.68
CA ALA B 595 -32.72 11.69 -34.51
C ALA B 595 -33.73 10.60 -34.81
N ALA B 596 -33.28 9.35 -35.11
CA ALA B 596 -34.19 8.26 -35.44
C ALA B 596 -35.11 7.85 -34.27
N VAL B 597 -34.56 7.70 -33.05
CA VAL B 597 -35.34 7.34 -31.85
C VAL B 597 -36.30 8.50 -31.52
N GLY B 598 -35.81 9.74 -31.59
CA GLY B 598 -36.61 10.95 -31.39
C GLY B 598 -37.80 11.02 -32.33
N PHE B 599 -37.56 10.70 -33.63
CA PHE B 599 -38.59 10.70 -34.68
C PHE B 599 -39.68 9.67 -34.38
N GLU B 600 -39.27 8.43 -34.01
CA GLU B 600 -40.21 7.34 -33.74
C GLU B 600 -41.02 7.61 -32.48
N TYR B 601 -40.42 8.22 -31.44
CA TYR B 601 -41.16 8.63 -30.24
C TYR B 601 -42.22 9.68 -30.67
N GLY B 602 -41.78 10.68 -31.45
CA GLY B 602 -42.64 11.75 -31.97
C GLY B 602 -43.78 11.24 -32.86
N TYR B 603 -43.49 10.20 -33.66
CA TYR B 603 -44.49 9.53 -34.50
C TYR B 603 -45.56 8.85 -33.60
N SER B 604 -45.11 8.17 -32.51
CA SER B 604 -46.03 7.51 -31.59
C SER B 604 -47.01 8.54 -30.93
N VAL B 605 -46.52 9.75 -30.60
CA VAL B 605 -47.30 10.87 -30.01
C VAL B 605 -48.24 11.45 -31.09
N GLY B 606 -47.73 11.64 -32.32
CA GLY B 606 -48.52 12.17 -33.44
C GLY B 606 -49.70 11.30 -33.85
N ASN B 607 -49.55 9.97 -33.74
CA ASN B 607 -50.60 9.00 -34.04
C ASN B 607 -50.61 7.95 -32.95
N PRO B 608 -51.41 8.17 -31.87
CA PRO B 608 -51.46 7.18 -30.75
C PRO B 608 -52.00 5.81 -31.16
N ASP B 609 -52.73 5.73 -32.30
CA ASP B 609 -53.33 4.49 -32.81
C ASP B 609 -52.34 3.65 -33.65
N ALA B 610 -51.17 4.22 -33.97
CA ALA B 610 -50.16 3.52 -34.75
C ALA B 610 -49.30 2.57 -33.88
N MET B 611 -48.83 1.49 -34.49
CA MET B 611 -47.90 0.53 -33.90
C MET B 611 -46.55 0.98 -34.46
N VAL B 612 -45.70 1.57 -33.59
CA VAL B 612 -44.43 2.20 -33.95
C VAL B 612 -43.29 1.47 -33.30
N LEU B 613 -42.40 0.93 -34.14
CA LEU B 613 -41.24 0.19 -33.65
C LEU B 613 -39.96 0.73 -34.24
N TRP B 614 -38.97 0.97 -33.37
CA TRP B 614 -37.64 1.38 -33.76
C TRP B 614 -36.68 0.27 -33.39
N GLU B 615 -35.80 -0.11 -34.34
CA GLU B 615 -34.84 -1.19 -34.08
C GLU B 615 -33.40 -0.71 -34.13
N ALA B 616 -32.66 -0.98 -33.04
CA ALA B 616 -31.22 -0.69 -33.01
C ALA B 616 -30.51 -1.77 -33.81
N GLN B 617 -29.37 -1.45 -34.47
CA GLN B 617 -28.59 -2.45 -35.20
C GLN B 617 -28.16 -3.52 -34.19
N PHE B 618 -27.64 -3.03 -33.05
CA PHE B 618 -27.29 -3.75 -31.83
C PHE B 618 -27.72 -2.84 -30.71
N GLY B 619 -28.23 -3.38 -29.61
CA GLY B 619 -28.67 -2.59 -28.46
C GLY B 619 -27.61 -1.65 -27.91
N ASP B 620 -26.32 -2.00 -28.10
CA ASP B 620 -25.13 -1.26 -27.68
C ASP B 620 -25.06 0.19 -28.23
N PHE B 621 -25.76 0.46 -29.35
CA PHE B 621 -25.72 1.77 -30.01
C PHE B 621 -26.86 2.68 -29.60
N VAL B 622 -27.84 2.17 -28.81
CA VAL B 622 -28.97 3.02 -28.37
C VAL B 622 -28.50 4.15 -27.41
N ASN B 623 -27.32 4.01 -26.77
CA ASN B 623 -26.81 5.08 -25.89
C ASN B 623 -26.56 6.40 -26.67
N GLY B 624 -26.49 6.32 -27.99
CA GLY B 624 -26.41 7.48 -28.90
C GLY B 624 -27.71 8.30 -28.85
N ALA B 625 -28.81 7.69 -28.36
CA ALA B 625 -30.11 8.33 -28.20
C ALA B 625 -30.48 8.45 -26.70
N GLN B 626 -29.48 8.48 -25.80
CA GLN B 626 -29.74 8.55 -24.36
C GLN B 626 -30.61 9.75 -23.93
N SER B 627 -30.42 10.94 -24.55
CA SER B 627 -31.26 12.13 -24.24
C SER B 627 -32.73 11.86 -24.54
N ILE B 628 -33.07 11.18 -25.65
CA ILE B 628 -34.47 10.86 -25.99
C ILE B 628 -35.02 9.86 -24.99
N ILE B 629 -34.24 8.79 -24.65
CA ILE B 629 -34.65 7.79 -23.68
C ILE B 629 -34.93 8.45 -22.32
N ASP B 630 -33.98 9.27 -21.84
CA ASP B 630 -34.06 9.97 -20.52
C ASP B 630 -35.13 11.08 -20.47
N GLU B 631 -35.18 11.92 -21.51
CA GLU B 631 -36.02 13.12 -21.53
C GLU B 631 -37.42 12.98 -22.08
N PHE B 632 -37.67 11.99 -22.92
CA PHE B 632 -38.97 11.84 -23.53
C PHE B 632 -39.62 10.50 -23.22
N ILE B 633 -38.98 9.40 -23.64
CA ILE B 633 -39.55 8.05 -23.55
C ILE B 633 -39.87 7.63 -22.13
N SER B 634 -38.87 7.64 -21.24
CA SER B 634 -39.06 7.13 -19.88
C SER B 634 -39.80 8.08 -18.97
N SER B 635 -39.83 9.38 -19.29
CA SER B 635 -40.31 10.39 -18.37
C SER B 635 -41.40 11.36 -18.89
N GLY B 636 -41.70 11.36 -20.21
CA GLY B 636 -42.67 12.28 -20.77
C GLY B 636 -44.05 12.25 -20.11
N GLU B 637 -44.57 11.05 -19.79
CA GLU B 637 -45.90 10.89 -19.18
C GLU B 637 -45.98 11.56 -17.79
N ALA B 638 -45.02 11.28 -16.90
CA ALA B 638 -45.01 11.87 -15.56
C ALA B 638 -44.80 13.39 -15.59
N LYS B 639 -43.96 13.90 -16.51
CA LYS B 639 -43.63 15.32 -16.52
C LYS B 639 -44.65 16.17 -17.26
N TRP B 640 -45.18 15.66 -18.37
CA TRP B 640 -46.04 16.49 -19.21
C TRP B 640 -47.44 15.92 -19.48
N GLY B 641 -47.70 14.67 -19.09
CA GLY B 641 -48.96 14.02 -19.41
C GLY B 641 -48.95 13.57 -20.87
N GLN B 642 -47.77 13.62 -21.53
CA GLN B 642 -47.63 13.22 -22.92
C GLN B 642 -47.43 11.72 -22.96
N LEU B 643 -48.26 11.01 -23.73
CA LEU B 643 -48.21 9.55 -23.79
C LEU B 643 -47.57 9.05 -25.05
N SER B 644 -46.73 8.01 -24.93
CA SER B 644 -46.09 7.39 -26.07
C SER B 644 -46.15 5.89 -25.98
N ASP B 645 -46.50 5.24 -27.09
CA ASP B 645 -46.60 3.80 -27.23
C ASP B 645 -45.40 3.24 -28.01
N VAL B 646 -44.33 4.02 -28.16
CA VAL B 646 -43.15 3.62 -28.96
C VAL B 646 -42.52 2.30 -28.45
N VAL B 647 -42.10 1.45 -29.41
CA VAL B 647 -41.41 0.19 -29.15
C VAL B 647 -39.93 0.35 -29.52
N LEU B 648 -39.01 -0.03 -28.62
CA LEU B 648 -37.58 -0.07 -28.94
C LEU B 648 -37.14 -1.53 -28.95
N LEU B 649 -36.64 -2.02 -30.09
CA LEU B 649 -36.13 -3.38 -30.27
C LEU B 649 -34.61 -3.34 -30.18
N LEU B 650 -34.06 -3.92 -29.12
CA LEU B 650 -32.64 -3.83 -28.85
C LEU B 650 -31.94 -5.18 -28.87
N PRO B 651 -31.26 -5.54 -30.01
CA PRO B 651 -30.50 -6.82 -30.07
C PRO B 651 -29.47 -6.93 -28.94
N HIS B 652 -29.66 -7.96 -28.11
CA HIS B 652 -28.90 -8.13 -26.87
C HIS B 652 -28.49 -9.60 -26.68
N GLY B 653 -27.31 -9.81 -26.10
CA GLY B 653 -26.83 -11.14 -25.76
C GLY B 653 -25.33 -11.33 -25.85
N HIS B 654 -24.76 -12.01 -24.84
CA HIS B 654 -23.34 -12.38 -24.77
C HIS B 654 -23.06 -13.53 -25.71
N GLU B 655 -22.26 -13.26 -26.76
CA GLU B 655 -21.92 -14.27 -27.80
C GLU B 655 -20.45 -14.19 -28.23
N GLY B 656 -19.64 -13.41 -27.53
CA GLY B 656 -18.22 -13.23 -27.85
C GLY B 656 -17.91 -12.22 -28.93
N GLN B 657 -18.82 -11.29 -29.23
CA GLN B 657 -18.58 -10.30 -30.29
C GLN B 657 -18.11 -8.95 -29.75
N GLY B 658 -17.71 -8.93 -28.49
CA GLY B 658 -17.13 -7.73 -27.89
C GLY B 658 -18.05 -6.81 -27.15
N PRO B 659 -17.48 -5.76 -26.50
CA PRO B 659 -18.28 -4.88 -25.64
C PRO B 659 -19.28 -3.98 -26.34
N ASP B 660 -19.22 -3.86 -27.68
CA ASP B 660 -20.17 -3.04 -28.46
C ASP B 660 -21.11 -3.88 -29.30
N HIS B 661 -21.15 -5.20 -29.08
CA HIS B 661 -22.06 -6.10 -29.80
C HIS B 661 -22.56 -7.13 -28.82
N THR B 662 -22.85 -6.69 -27.57
CA THR B 662 -23.28 -7.61 -26.51
C THR B 662 -24.47 -7.10 -25.70
N SER B 663 -24.54 -5.79 -25.39
CA SER B 663 -25.54 -5.36 -24.44
C SER B 663 -26.35 -4.13 -24.85
N GLY B 664 -27.66 -4.22 -24.61
CA GLY B 664 -28.60 -3.13 -24.77
C GLY B 664 -28.76 -2.35 -23.47
N ARG B 665 -27.91 -2.66 -22.44
CA ARG B 665 -27.86 -2.06 -21.10
C ARG B 665 -29.22 -2.15 -20.39
N ILE B 666 -29.69 -3.40 -20.18
CA ILE B 666 -30.94 -3.75 -19.46
C ILE B 666 -31.02 -2.99 -18.12
N GLU B 667 -29.89 -2.99 -17.36
CA GLU B 667 -29.75 -2.36 -16.03
C GLU B 667 -30.09 -0.87 -16.05
N ARG B 668 -29.79 -0.17 -17.17
CA ARG B 668 -30.07 1.27 -17.32
C ARG B 668 -31.58 1.50 -17.51
N PHE B 669 -32.25 0.66 -18.31
CA PHE B 669 -33.71 0.80 -18.52
C PHE B 669 -34.46 0.44 -17.23
N LEU B 670 -33.98 -0.58 -16.50
CA LEU B 670 -34.60 -0.99 -15.23
C LEU B 670 -34.46 0.09 -14.16
N GLN B 671 -33.35 0.86 -14.21
CA GLN B 671 -33.06 1.98 -13.29
C GLN B 671 -33.98 3.15 -13.59
N LEU B 672 -34.29 3.39 -14.89
CA LEU B 672 -35.17 4.48 -15.32
C LEU B 672 -36.65 4.23 -15.00
N TRP B 673 -37.05 2.96 -14.98
CA TRP B 673 -38.41 2.51 -14.72
C TRP B 673 -38.87 2.90 -13.33
N ALA B 674 -40.11 3.33 -13.22
CA ALA B 674 -40.81 3.63 -11.95
C ALA B 674 -42.28 3.75 -12.21
N GLU B 675 -43.09 3.31 -11.25
CA GLU B 675 -44.55 3.47 -11.24
C GLU B 675 -45.25 3.16 -12.59
N GLY B 676 -44.92 2.03 -13.19
CA GLY B 676 -45.52 1.58 -14.44
C GLY B 676 -45.29 2.45 -15.65
N SER B 677 -44.19 3.22 -15.68
CA SER B 677 -43.89 4.14 -16.79
C SER B 677 -43.69 3.44 -18.15
N MET B 678 -43.12 2.22 -18.16
CA MET B 678 -42.79 1.46 -19.37
C MET B 678 -42.95 -0.04 -19.15
N THR B 679 -43.00 -0.81 -20.25
CA THR B 679 -42.92 -2.28 -20.19
C THR B 679 -41.50 -2.65 -20.65
N ILE B 680 -40.80 -3.51 -19.89
CA ILE B 680 -39.44 -3.95 -20.24
C ILE B 680 -39.49 -5.47 -20.31
N ALA B 681 -39.17 -6.04 -21.49
CA ALA B 681 -39.23 -7.48 -21.67
C ALA B 681 -38.03 -8.07 -22.38
N MET B 682 -37.73 -9.35 -22.07
CA MET B 682 -36.70 -10.13 -22.74
C MET B 682 -37.30 -11.52 -23.05
N PRO B 683 -38.10 -11.65 -24.12
CA PRO B 683 -38.74 -12.95 -24.41
C PRO B 683 -37.73 -13.98 -24.89
N SER B 684 -37.96 -15.26 -24.52
CA SER B 684 -37.13 -16.41 -24.86
C SER B 684 -37.74 -17.27 -25.95
N THR B 685 -38.99 -16.98 -26.31
CA THR B 685 -39.70 -17.78 -27.28
C THR B 685 -40.36 -16.94 -28.39
N PRO B 686 -40.38 -17.43 -29.67
CA PRO B 686 -41.04 -16.68 -30.75
C PRO B 686 -42.52 -16.36 -30.45
N ALA B 687 -43.31 -17.34 -29.94
CA ALA B 687 -44.73 -17.12 -29.63
C ALA B 687 -44.94 -16.11 -28.51
N ASN B 688 -44.04 -16.10 -27.51
CA ASN B 688 -44.16 -15.16 -26.42
C ASN B 688 -43.84 -13.75 -26.90
N TYR B 689 -42.91 -13.59 -27.84
CA TYR B 689 -42.61 -12.30 -28.46
C TYR B 689 -43.83 -11.84 -29.28
N PHE B 690 -44.44 -12.76 -30.07
CA PHE B 690 -45.63 -12.50 -30.87
C PHE B 690 -46.78 -11.95 -29.97
N HIS B 691 -47.05 -12.61 -28.84
CA HIS B 691 -48.10 -12.21 -27.92
C HIS B 691 -47.76 -10.89 -27.21
N LEU B 692 -46.46 -10.62 -26.95
CA LEU B 692 -45.98 -9.37 -26.36
C LEU B 692 -46.29 -8.17 -27.30
N LEU B 693 -46.00 -8.32 -28.60
CA LEU B 693 -46.25 -7.28 -29.61
C LEU B 693 -47.75 -7.04 -29.82
N ARG B 694 -48.53 -8.14 -29.89
CA ARG B 694 -49.97 -8.01 -30.10
C ARG B 694 -50.66 -7.40 -28.88
N ARG B 695 -50.24 -7.75 -27.63
CA ARG B 695 -50.80 -7.16 -26.42
C ARG B 695 -50.52 -5.65 -26.45
N HIS B 696 -49.27 -5.26 -26.76
CA HIS B 696 -48.88 -3.85 -26.82
C HIS B 696 -49.70 -3.11 -27.88
N GLY B 697 -49.94 -3.73 -29.02
CA GLY B 697 -50.70 -3.11 -30.10
C GLY B 697 -52.21 -3.05 -29.87
N LYS B 698 -52.74 -3.85 -28.93
CA LYS B 698 -54.19 -3.94 -28.73
C LYS B 698 -54.69 -3.55 -27.32
N ASP B 699 -53.81 -3.46 -26.30
CA ASP B 699 -54.19 -3.17 -24.90
C ASP B 699 -54.68 -1.73 -24.62
N GLY B 700 -54.44 -0.79 -25.54
CA GLY B 700 -54.85 0.61 -25.35
C GLY B 700 -54.08 1.37 -24.27
N ILE B 701 -52.97 0.78 -23.75
CA ILE B 701 -52.10 1.39 -22.75
C ILE B 701 -51.00 2.13 -23.49
N GLN B 702 -51.07 3.47 -23.55
CA GLN B 702 -50.08 4.28 -24.26
C GLN B 702 -48.81 4.45 -23.40
N ARG B 703 -47.98 3.39 -23.35
CA ARG B 703 -46.72 3.40 -22.60
C ARG B 703 -45.63 2.72 -23.39
N PRO B 704 -44.36 3.20 -23.34
CA PRO B 704 -43.32 2.56 -24.17
C PRO B 704 -43.03 1.10 -23.82
N LEU B 705 -42.59 0.34 -24.83
CA LEU B 705 -42.21 -1.06 -24.68
C LEU B 705 -40.75 -1.21 -25.06
N ILE B 706 -39.93 -1.75 -24.13
CA ILE B 706 -38.52 -1.99 -24.38
C ILE B 706 -38.31 -3.50 -24.52
N VAL B 707 -37.86 -3.94 -25.71
CA VAL B 707 -37.66 -5.37 -25.95
C VAL B 707 -36.18 -5.68 -26.23
N PHE B 708 -35.61 -6.59 -25.44
CA PHE B 708 -34.26 -7.08 -25.63
C PHE B 708 -34.41 -8.32 -26.49
N THR B 709 -34.11 -8.16 -27.78
CA THR B 709 -34.29 -9.14 -28.84
C THR B 709 -33.00 -9.99 -29.12
N PRO B 710 -33.14 -11.21 -29.69
CA PRO B 710 -31.97 -12.06 -29.89
C PRO B 710 -31.19 -11.79 -31.19
N LYS B 711 -30.03 -12.46 -31.28
CA LYS B 711 -29.09 -12.43 -32.38
C LYS B 711 -28.86 -13.89 -32.82
N SER B 712 -28.03 -14.69 -32.11
CA SER B 712 -27.85 -16.11 -32.45
C SER B 712 -29.10 -16.95 -32.15
N MET B 713 -29.89 -16.62 -31.10
CA MET B 713 -31.12 -17.33 -30.73
C MET B 713 -32.18 -17.27 -31.87
N LEU B 714 -32.04 -16.33 -32.83
CA LEU B 714 -32.87 -16.28 -34.04
C LEU B 714 -32.78 -17.59 -34.83
N ARG B 715 -31.59 -18.25 -34.80
CA ARG B 715 -31.35 -19.49 -35.54
C ARG B 715 -31.19 -20.72 -34.64
N ASN B 716 -31.45 -20.57 -33.33
CA ASN B 716 -31.43 -21.69 -32.38
C ASN B 716 -32.63 -22.58 -32.67
N LYS B 717 -32.40 -23.88 -33.02
CA LYS B 717 -33.47 -24.81 -33.40
C LYS B 717 -34.36 -25.23 -32.22
N ALA B 718 -33.91 -24.96 -30.98
CA ALA B 718 -34.74 -25.22 -29.80
C ALA B 718 -35.70 -24.04 -29.57
N ALA B 719 -35.34 -22.84 -30.07
CA ALA B 719 -36.11 -21.60 -29.90
C ALA B 719 -37.13 -21.40 -31.05
N VAL B 720 -38.04 -22.36 -31.20
CA VAL B 720 -39.13 -22.37 -32.17
C VAL B 720 -40.45 -22.62 -31.41
N SER B 721 -41.57 -22.21 -32.00
CA SER B 721 -42.87 -22.34 -31.36
C SER B 721 -43.87 -23.12 -32.21
N ASP B 722 -44.81 -23.79 -31.54
CA ASP B 722 -45.88 -24.56 -32.17
C ASP B 722 -47.02 -23.64 -32.56
N ILE B 723 -47.85 -24.06 -33.55
CA ILE B 723 -49.02 -23.31 -34.02
C ILE B 723 -49.95 -22.94 -32.84
N ARG B 724 -50.19 -23.91 -31.91
CA ARG B 724 -51.07 -23.77 -30.73
C ARG B 724 -50.61 -22.68 -29.78
N ASP B 725 -49.30 -22.38 -29.76
CA ASP B 725 -48.76 -21.32 -28.91
C ASP B 725 -49.24 -19.94 -29.39
N PHE B 726 -49.64 -19.82 -30.68
CA PHE B 726 -50.14 -18.58 -31.30
C PHE B 726 -51.67 -18.53 -31.32
N THR B 727 -52.33 -19.69 -31.43
CA THR B 727 -53.77 -19.82 -31.59
C THR B 727 -54.54 -20.10 -30.28
N GLU B 728 -53.86 -20.61 -29.24
CA GLU B 728 -54.54 -20.95 -28.00
C GLU B 728 -53.83 -20.48 -26.74
N SER B 729 -52.94 -19.51 -26.87
CA SER B 729 -52.22 -19.01 -25.71
C SER B 729 -52.27 -17.50 -25.66
N LYS B 730 -51.49 -16.91 -24.76
CA LYS B 730 -51.38 -15.47 -24.61
C LYS B 730 -49.99 -15.17 -24.05
N PHE B 731 -49.65 -13.88 -23.84
CA PHE B 731 -48.34 -13.52 -23.30
C PHE B 731 -48.19 -14.08 -21.90
N ARG B 732 -47.05 -14.75 -21.63
CA ARG B 732 -46.73 -15.33 -20.34
C ARG B 732 -45.51 -14.62 -19.79
N SER B 733 -45.72 -13.84 -18.72
CA SER B 733 -44.68 -13.04 -18.06
C SER B 733 -43.66 -13.91 -17.32
N VAL B 734 -44.06 -15.11 -16.92
CA VAL B 734 -43.23 -16.08 -16.22
C VAL B 734 -43.41 -17.42 -16.95
N LEU B 735 -42.30 -18.07 -17.34
CA LEU B 735 -42.37 -19.35 -18.02
C LEU B 735 -41.65 -20.44 -17.28
N GLU B 736 -42.30 -21.59 -17.17
CA GLU B 736 -41.72 -22.81 -16.62
C GLU B 736 -41.24 -23.65 -17.76
N GLU B 737 -40.42 -24.66 -17.46
CA GLU B 737 -39.96 -25.66 -18.43
C GLU B 737 -41.17 -26.46 -18.93
N PRO B 738 -41.27 -26.72 -20.25
CA PRO B 738 -42.41 -27.50 -20.79
C PRO B 738 -42.58 -28.91 -20.18
N MET B 739 -41.51 -29.51 -19.61
CA MET B 739 -41.61 -30.84 -18.96
C MET B 739 -42.56 -30.81 -17.74
N TYR B 740 -42.74 -29.64 -17.09
CA TYR B 740 -43.61 -29.53 -15.91
C TYR B 740 -45.03 -29.14 -16.31
N THR B 741 -45.19 -28.29 -17.34
CA THR B 741 -46.50 -27.83 -17.79
C THR B 741 -47.19 -28.76 -18.81
N ASP B 742 -46.40 -29.41 -19.69
CA ASP B 742 -46.92 -30.29 -20.74
C ASP B 742 -46.38 -31.73 -20.64
N GLY B 743 -45.13 -31.87 -20.18
CA GLY B 743 -44.45 -33.18 -20.05
C GLY B 743 -44.73 -33.95 -18.78
N GLU B 744 -43.87 -34.96 -18.49
CA GLU B 744 -44.02 -35.84 -17.33
C GLU B 744 -42.99 -35.52 -16.21
N GLY B 745 -42.53 -34.27 -16.14
CA GLY B 745 -41.59 -33.81 -15.11
C GLY B 745 -42.26 -33.68 -13.76
N ASP B 746 -41.49 -33.97 -12.69
CA ASP B 746 -41.99 -33.90 -11.31
C ASP B 746 -41.37 -32.71 -10.56
N ARG B 747 -42.19 -31.67 -10.32
CA ARG B 747 -41.86 -30.45 -9.59
C ARG B 747 -41.41 -30.70 -8.14
N ASN B 748 -41.86 -31.82 -7.52
CA ASN B 748 -41.54 -32.13 -6.12
C ASN B 748 -40.09 -32.62 -5.92
N LYS B 749 -39.42 -33.07 -6.99
CA LYS B 749 -38.03 -33.51 -6.93
C LYS B 749 -37.06 -32.30 -6.92
N VAL B 750 -37.57 -31.10 -7.24
CA VAL B 750 -36.78 -29.87 -7.33
C VAL B 750 -36.39 -29.36 -5.93
N THR B 751 -35.07 -29.16 -5.74
CA THR B 751 -34.41 -28.63 -4.53
C THR B 751 -33.66 -27.32 -4.82
N ARG B 752 -33.25 -27.09 -6.09
CA ARG B 752 -32.54 -25.89 -6.54
C ARG B 752 -33.32 -25.21 -7.67
N LEU B 753 -33.67 -23.94 -7.46
CA LEU B 753 -34.40 -23.19 -8.45
C LEU B 753 -33.51 -22.12 -9.08
N LEU B 754 -33.39 -22.16 -10.41
CA LEU B 754 -32.64 -21.19 -11.19
C LEU B 754 -33.62 -20.25 -11.86
N LEU B 755 -33.51 -18.95 -11.54
CA LEU B 755 -34.34 -17.89 -12.13
C LEU B 755 -33.50 -17.15 -13.13
N THR B 756 -34.03 -16.96 -14.33
CA THR B 756 -33.25 -16.37 -15.40
C THR B 756 -34.15 -15.64 -16.41
N SER B 757 -33.54 -15.15 -17.48
CA SER B 757 -34.20 -14.46 -18.57
C SER B 757 -33.35 -14.55 -19.85
N GLY B 758 -34.02 -14.71 -20.99
CA GLY B 758 -33.36 -14.76 -22.29
C GLY B 758 -32.76 -16.11 -22.67
N LYS B 759 -31.91 -16.07 -23.70
CA LYS B 759 -31.28 -17.20 -24.36
C LYS B 759 -30.48 -18.15 -23.45
N ILE B 760 -29.96 -17.73 -22.27
CA ILE B 760 -29.17 -18.62 -21.40
C ILE B 760 -30.02 -19.82 -20.91
N TYR B 761 -31.37 -19.67 -20.93
CA TYR B 761 -32.31 -20.73 -20.57
C TYR B 761 -32.01 -22.02 -21.36
N TYR B 762 -31.81 -21.92 -22.69
CA TYR B 762 -31.56 -23.07 -23.55
C TYR B 762 -30.29 -23.83 -23.20
N GLU B 763 -29.22 -23.08 -22.84
CA GLU B 763 -27.95 -23.66 -22.44
C GLU B 763 -28.09 -24.37 -21.08
N LEU B 764 -28.85 -23.75 -20.14
CA LEU B 764 -29.15 -24.31 -18.82
C LEU B 764 -30.02 -25.57 -18.97
N ALA B 765 -31.03 -25.52 -19.88
CA ALA B 765 -31.94 -26.64 -20.15
C ALA B 765 -31.19 -27.83 -20.76
N ALA B 766 -30.29 -27.57 -21.73
CA ALA B 766 -29.45 -28.58 -22.39
C ALA B 766 -28.55 -29.28 -21.36
N ARG B 767 -27.94 -28.49 -20.44
CA ARG B 767 -27.07 -29.02 -19.37
C ARG B 767 -27.90 -29.87 -18.38
N LYS B 768 -29.13 -29.45 -18.05
CA LYS B 768 -30.02 -30.21 -17.16
C LYS B 768 -30.34 -31.58 -17.79
N ALA B 769 -30.68 -31.57 -19.10
CA ALA B 769 -31.02 -32.75 -19.89
C ALA B 769 -29.83 -33.70 -20.02
N LYS B 770 -28.61 -33.17 -20.28
CA LYS B 770 -27.42 -33.98 -20.48
C LYS B 770 -27.06 -34.78 -19.22
N GLU B 771 -27.25 -34.20 -18.03
CA GLU B 771 -26.96 -34.95 -16.81
C GLU B 771 -28.23 -35.32 -15.98
N ASN B 772 -29.42 -35.31 -16.64
CA ASN B 772 -30.75 -35.70 -16.09
C ASN B 772 -31.01 -35.14 -14.67
N ARG B 773 -30.69 -33.84 -14.46
CA ARG B 773 -30.82 -33.20 -13.14
C ARG B 773 -32.28 -32.79 -12.85
N GLU B 774 -33.01 -33.74 -12.28
CA GLU B 774 -34.41 -33.65 -11.88
C GLU B 774 -34.57 -32.78 -10.63
N ASP B 775 -33.47 -32.58 -9.87
CA ASP B 775 -33.40 -31.80 -8.64
C ASP B 775 -33.31 -30.27 -8.92
N VAL B 776 -33.08 -29.89 -10.19
CA VAL B 776 -32.95 -28.49 -10.62
C VAL B 776 -34.11 -28.13 -11.59
N ALA B 777 -34.68 -26.92 -11.43
CA ALA B 777 -35.73 -26.38 -12.31
C ALA B 777 -35.35 -24.97 -12.74
N ILE B 778 -35.65 -24.61 -13.99
CA ILE B 778 -35.31 -23.30 -14.56
C ILE B 778 -36.59 -22.52 -14.83
N VAL B 779 -36.73 -21.34 -14.20
CA VAL B 779 -37.91 -20.49 -14.36
C VAL B 779 -37.47 -19.21 -15.04
N ARG B 780 -38.19 -18.78 -16.09
CA ARG B 780 -37.86 -17.59 -16.84
C ARG B 780 -38.76 -16.43 -16.50
N ILE B 781 -38.17 -15.24 -16.38
CA ILE B 781 -38.89 -14.00 -16.17
C ILE B 781 -38.83 -13.30 -17.53
N GLU B 782 -39.96 -13.35 -18.26
CA GLU B 782 -40.09 -12.79 -19.61
C GLU B 782 -40.33 -11.28 -19.56
N GLN B 783 -41.12 -10.82 -18.56
CA GLN B 783 -41.41 -9.42 -18.35
C GLN B 783 -40.60 -8.95 -17.15
N LEU B 784 -39.57 -8.14 -17.40
CA LEU B 784 -38.66 -7.66 -16.35
C LEU B 784 -39.26 -6.50 -15.54
N ALA B 785 -40.00 -5.62 -16.21
CA ALA B 785 -40.66 -4.51 -15.56
C ALA B 785 -41.97 -4.15 -16.29
N PRO B 786 -43.12 -4.01 -15.57
CA PRO B 786 -43.31 -4.24 -14.12
C PRO B 786 -43.10 -5.72 -13.81
N LEU B 787 -42.51 -5.99 -12.64
CA LEU B 787 -42.26 -7.34 -12.18
C LEU B 787 -43.58 -8.09 -11.99
N PRO B 788 -43.74 -9.29 -12.62
CA PRO B 788 -44.97 -10.07 -12.45
C PRO B 788 -45.01 -10.75 -11.07
N ARG B 789 -45.17 -9.96 -10.01
CA ARG B 789 -45.17 -10.35 -8.60
C ARG B 789 -46.11 -11.54 -8.34
N ARG B 790 -47.39 -11.39 -8.75
CA ARG B 790 -48.47 -12.38 -8.61
C ARG B 790 -48.09 -13.71 -9.26
N ARG B 791 -47.79 -13.69 -10.58
CA ARG B 791 -47.42 -14.86 -11.37
C ARG B 791 -46.11 -15.51 -10.88
N LEU B 792 -45.15 -14.70 -10.41
CA LEU B 792 -43.89 -15.20 -9.88
C LEU B 792 -44.13 -16.00 -8.59
N ALA B 793 -44.91 -15.44 -7.63
CA ALA B 793 -45.26 -16.09 -6.36
C ALA B 793 -45.99 -17.43 -6.55
N GLU B 794 -47.03 -17.46 -7.44
CA GLU B 794 -47.82 -18.66 -7.76
C GLU B 794 -46.95 -19.75 -8.42
N THR B 795 -45.98 -19.35 -9.27
CA THR B 795 -45.09 -20.31 -9.96
C THR B 795 -44.14 -20.98 -8.96
N LEU B 796 -43.51 -20.19 -8.08
CA LEU B 796 -42.54 -20.72 -7.12
C LEU B 796 -43.22 -21.59 -6.05
N ASP B 797 -44.52 -21.35 -5.78
CA ASP B 797 -45.31 -22.12 -4.82
C ASP B 797 -45.53 -23.57 -5.28
N ARG B 798 -45.35 -23.84 -6.59
CA ARG B 798 -45.51 -25.14 -7.22
C ARG B 798 -44.26 -26.05 -7.03
N TYR B 799 -43.18 -25.52 -6.42
CA TYR B 799 -41.93 -26.23 -6.13
C TYR B 799 -41.70 -26.22 -4.60
N PRO B 800 -42.39 -27.09 -3.84
CA PRO B 800 -42.30 -26.99 -2.37
C PRO B 800 -40.99 -27.45 -1.72
N ASN B 801 -40.16 -28.23 -2.42
CA ASN B 801 -38.96 -28.75 -1.77
C ASN B 801 -37.68 -27.97 -2.14
N VAL B 802 -37.82 -26.74 -2.66
CA VAL B 802 -36.71 -25.88 -3.04
C VAL B 802 -36.02 -25.40 -1.75
N LYS B 803 -34.70 -25.63 -1.67
CA LYS B 803 -33.86 -25.26 -0.53
C LYS B 803 -32.94 -24.06 -0.88
N GLU B 804 -32.73 -23.78 -2.20
CA GLU B 804 -31.88 -22.67 -2.64
C GLU B 804 -32.37 -22.10 -3.96
N LYS B 805 -32.27 -20.76 -4.08
CA LYS B 805 -32.71 -20.02 -5.26
C LYS B 805 -31.57 -19.16 -5.78
N PHE B 806 -31.41 -19.11 -7.11
CA PHE B 806 -30.36 -18.34 -7.78
C PHE B 806 -30.89 -17.56 -8.96
N TRP B 807 -30.45 -16.30 -9.07
CA TRP B 807 -30.70 -15.48 -10.24
C TRP B 807 -29.49 -15.71 -11.13
N VAL B 808 -29.72 -16.27 -12.34
CA VAL B 808 -28.65 -16.62 -13.28
C VAL B 808 -28.71 -15.69 -14.48
N GLN B 809 -27.56 -15.09 -14.84
CA GLN B 809 -27.48 -14.18 -15.97
C GLN B 809 -26.10 -14.22 -16.62
N GLU B 810 -26.06 -13.89 -17.90
CA GLU B 810 -24.84 -13.77 -18.69
C GLU B 810 -24.08 -12.46 -18.39
N GLU B 811 -24.82 -11.39 -18.08
CA GLU B 811 -24.23 -10.06 -17.89
C GLU B 811 -23.41 -9.94 -16.62
N PRO B 812 -22.37 -9.05 -16.62
CA PRO B 812 -21.61 -8.80 -15.38
C PRO B 812 -22.52 -8.45 -14.19
N ALA B 813 -22.04 -8.72 -12.95
CA ALA B 813 -22.77 -8.52 -11.69
C ALA B 813 -23.38 -7.11 -11.54
N ASN B 814 -22.72 -6.07 -12.07
CA ASN B 814 -23.20 -4.65 -12.01
C ASN B 814 -24.12 -4.31 -13.18
N GLN B 815 -24.44 -5.32 -14.01
CA GLN B 815 -25.26 -5.14 -15.22
C GLN B 815 -26.37 -6.18 -15.26
N GLY B 816 -27.17 -6.15 -16.33
CA GLY B 816 -28.31 -7.05 -16.46
C GLY B 816 -29.42 -6.71 -15.48
N ALA B 817 -30.25 -7.70 -15.13
CA ALA B 817 -31.36 -7.48 -14.19
C ALA B 817 -30.95 -7.58 -12.70
N TRP B 818 -29.77 -8.15 -12.37
CA TRP B 818 -29.35 -8.36 -10.98
C TRP B 818 -29.31 -7.07 -10.13
N PRO B 819 -28.70 -5.93 -10.55
CA PRO B 819 -28.70 -4.72 -9.68
C PRO B 819 -30.10 -4.29 -9.20
N SER B 820 -31.15 -4.51 -9.98
CA SER B 820 -32.51 -4.15 -9.53
C SER B 820 -33.21 -5.35 -8.88
N PHE B 821 -33.15 -6.55 -9.48
CA PHE B 821 -33.78 -7.76 -8.92
C PHE B 821 -33.18 -8.16 -7.57
N GLY B 822 -31.87 -8.02 -7.42
CA GLY B 822 -31.15 -8.34 -6.20
C GLY B 822 -31.63 -7.54 -5.02
N LEU B 823 -32.10 -6.31 -5.28
CA LEU B 823 -32.64 -5.40 -4.27
C LEU B 823 -34.17 -5.52 -4.14
N THR B 824 -34.88 -5.63 -5.27
CA THR B 824 -36.34 -5.63 -5.33
C THR B 824 -36.98 -6.96 -4.91
N LEU B 825 -36.60 -8.11 -5.52
CA LEU B 825 -37.19 -9.43 -5.25
C LEU B 825 -37.24 -9.76 -3.73
N PRO B 826 -36.16 -9.62 -2.92
CA PRO B 826 -36.32 -9.90 -1.47
C PRO B 826 -37.28 -8.95 -0.74
N GLU B 827 -37.52 -7.73 -1.28
CA GLU B 827 -38.40 -6.75 -0.65
C GLU B 827 -39.88 -6.98 -1.07
N ILE B 828 -40.15 -7.15 -2.38
CA ILE B 828 -41.48 -7.38 -2.95
C ILE B 828 -42.04 -8.78 -2.55
N LEU B 829 -41.18 -9.85 -2.54
CA LEU B 829 -41.58 -11.21 -2.17
C LEU B 829 -40.64 -11.76 -1.09
N PRO B 830 -40.73 -11.24 0.17
CA PRO B 830 -39.79 -11.67 1.24
C PRO B 830 -39.85 -13.16 1.59
N ASP B 831 -41.02 -13.80 1.48
CA ASP B 831 -41.16 -15.21 1.82
C ASP B 831 -40.59 -16.13 0.72
N HIS B 832 -40.43 -15.60 -0.52
CA HIS B 832 -39.89 -16.39 -1.63
C HIS B 832 -38.43 -16.09 -1.94
N PHE B 833 -37.98 -14.83 -1.82
CA PHE B 833 -36.62 -14.49 -2.27
C PHE B 833 -35.63 -14.01 -1.21
N THR B 834 -35.90 -14.23 0.08
CA THR B 834 -34.91 -13.92 1.12
C THR B 834 -33.84 -15.00 0.97
N GLY B 835 -32.60 -14.57 0.78
CA GLY B 835 -31.48 -15.51 0.60
C GLY B 835 -31.18 -15.81 -0.86
N LEU B 836 -31.78 -15.02 -1.77
CA LEU B 836 -31.55 -15.13 -3.22
C LEU B 836 -30.09 -14.84 -3.51
N LYS B 837 -29.44 -15.73 -4.26
CA LYS B 837 -28.03 -15.58 -4.62
C LYS B 837 -27.88 -15.34 -6.13
N ARG B 838 -26.75 -14.73 -6.52
CA ARG B 838 -26.48 -14.38 -7.91
C ARG B 838 -25.42 -15.32 -8.54
N ILE B 839 -25.69 -15.73 -9.80
CA ILE B 839 -24.76 -16.46 -10.67
C ILE B 839 -24.69 -15.62 -11.91
N SER B 840 -23.53 -14.99 -12.15
CA SER B 840 -23.32 -14.10 -13.28
C SER B 840 -21.85 -13.98 -13.64
N ARG B 841 -21.54 -13.06 -14.57
CA ARG B 841 -20.15 -12.71 -14.86
C ARG B 841 -19.75 -11.72 -13.75
N ARG B 842 -18.45 -11.58 -13.48
CA ARG B 842 -17.95 -10.65 -12.47
C ARG B 842 -18.28 -9.21 -12.91
N ALA B 843 -18.33 -8.25 -11.96
CA ALA B 843 -18.60 -6.85 -12.29
C ALA B 843 -17.50 -6.34 -13.24
N MET B 844 -17.90 -5.67 -14.34
CA MET B 844 -16.97 -5.17 -15.36
C MET B 844 -17.27 -3.72 -15.70
N SER B 845 -16.23 -2.95 -16.04
CA SER B 845 -16.33 -1.56 -16.45
C SER B 845 -16.77 -1.43 -17.93
N ALA B 846 -16.96 -2.56 -18.62
CA ALA B 846 -17.44 -2.66 -20.01
C ALA B 846 -18.53 -3.76 -20.07
N PRO B 847 -19.43 -3.81 -21.10
CA PRO B 847 -20.48 -4.86 -21.10
C PRO B 847 -19.93 -6.30 -21.18
N SER B 848 -18.71 -6.46 -21.68
CA SER B 848 -18.08 -7.76 -21.82
C SER B 848 -16.59 -7.60 -22.11
N SER B 849 -15.90 -8.73 -22.24
CA SER B 849 -14.50 -8.83 -22.66
C SER B 849 -14.44 -8.63 -24.17
N GLY B 850 -13.28 -8.21 -24.66
CA GLY B 850 -13.07 -8.07 -26.09
C GLY B 850 -12.72 -9.39 -26.75
N SER B 851 -12.38 -10.42 -25.94
CA SER B 851 -11.97 -11.75 -26.41
C SER B 851 -13.13 -12.75 -26.42
N SER B 852 -13.32 -13.45 -27.54
CA SER B 852 -14.33 -14.51 -27.66
C SER B 852 -13.87 -15.77 -26.88
N LYS B 853 -12.54 -15.92 -26.66
CA LYS B 853 -12.01 -17.03 -25.88
C LYS B 853 -12.36 -16.82 -24.38
N VAL B 854 -12.20 -15.58 -23.87
CA VAL B 854 -12.56 -15.20 -22.48
C VAL B 854 -14.07 -15.35 -22.31
N HIS B 855 -14.85 -14.92 -23.31
CA HIS B 855 -16.32 -15.06 -23.27
C HIS B 855 -16.72 -16.54 -23.03
N ALA B 856 -16.15 -17.46 -23.84
CA ALA B 856 -16.44 -18.90 -23.79
C ALA B 856 -16.12 -19.52 -22.43
N VAL B 857 -15.00 -19.14 -21.80
CA VAL B 857 -14.58 -19.63 -20.49
C VAL B 857 -15.58 -19.14 -19.44
N GLU B 858 -15.94 -17.83 -19.47
CA GLU B 858 -16.90 -17.21 -18.55
C GLU B 858 -18.28 -17.83 -18.70
N GLN B 859 -18.71 -18.15 -19.95
CA GLN B 859 -20.01 -18.75 -20.24
C GLN B 859 -20.11 -20.14 -19.61
N GLN B 860 -19.05 -20.95 -19.75
CA GLN B 860 -18.98 -22.30 -19.19
C GLN B 860 -18.91 -22.25 -17.65
N GLU B 861 -18.19 -21.25 -17.10
CA GLU B 861 -18.06 -21.01 -15.66
C GLU B 861 -19.44 -20.79 -15.00
N ILE B 862 -20.35 -20.04 -15.69
CA ILE B 862 -21.72 -19.74 -15.23
C ILE B 862 -22.53 -21.05 -15.20
N LEU B 863 -22.47 -21.81 -16.31
CA LEU B 863 -23.18 -23.09 -16.43
C LEU B 863 -22.71 -24.10 -15.39
N ASP B 864 -21.39 -24.17 -15.13
CA ASP B 864 -20.84 -25.09 -14.13
C ASP B 864 -21.22 -24.67 -12.71
N THR B 865 -21.26 -23.35 -12.40
CA THR B 865 -21.64 -22.84 -11.08
C THR B 865 -23.12 -23.16 -10.80
N ALA B 866 -23.98 -23.02 -11.82
CA ALA B 866 -25.42 -23.29 -11.73
C ALA B 866 -25.71 -24.76 -11.42
N PHE B 867 -24.84 -25.70 -11.89
CA PHE B 867 -25.01 -27.14 -11.69
C PHE B 867 -23.94 -27.75 -10.77
N GLY B 868 -23.25 -26.89 -10.01
CA GLY B 868 -22.24 -27.31 -9.05
C GLY B 868 -22.81 -27.90 -7.78
N ASP C 6 24.39 -48.80 70.73
CA ASP C 6 25.33 -48.09 69.87
C ASP C 6 25.34 -48.65 68.45
N LYS C 7 24.96 -49.95 68.28
CA LYS C 7 24.94 -50.63 66.99
C LYS C 7 23.80 -50.10 66.10
N ASN C 8 22.58 -49.93 66.66
CA ASN C 8 21.37 -49.43 65.96
C ASN C 8 21.53 -47.94 65.57
N ALA C 9 22.52 -47.25 66.17
CA ALA C 9 22.88 -45.86 65.85
C ALA C 9 23.84 -45.84 64.66
N ARG C 10 24.70 -46.88 64.55
CA ARG C 10 25.65 -47.05 63.45
C ARG C 10 24.89 -47.34 62.13
N VAL C 11 23.75 -48.07 62.23
CA VAL C 11 22.87 -48.42 61.11
C VAL C 11 22.21 -47.12 60.58
N ILE C 12 21.73 -46.27 61.49
CA ILE C 12 21.11 -44.98 61.16
C ILE C 12 22.12 -44.11 60.39
N GLU C 13 23.39 -44.10 60.82
CA GLU C 13 24.48 -43.37 60.17
C GLU C 13 24.82 -43.99 58.81
N LEU C 14 24.74 -45.34 58.68
CA LEU C 14 25.01 -46.05 57.44
C LEU C 14 23.92 -45.74 56.41
N ILE C 15 22.64 -45.76 56.84
CA ILE C 15 21.49 -45.41 55.99
C ILE C 15 21.67 -43.96 55.47
N ALA C 16 21.97 -42.98 56.37
CA ALA C 16 22.17 -41.57 56.00
C ALA C 16 23.32 -41.43 55.00
N ALA C 17 24.43 -42.19 55.20
CA ALA C 17 25.59 -42.19 54.31
C ALA C 17 25.24 -42.60 52.89
N TYR C 18 24.41 -43.66 52.71
CA TYR C 18 23.97 -44.11 51.38
C TYR C 18 23.05 -43.08 50.72
N ARG C 19 22.10 -42.53 51.50
CA ARG C 19 21.17 -41.51 51.03
C ARG C 19 21.89 -40.21 50.64
N ASN C 20 22.89 -39.77 51.43
CA ASN C 20 23.62 -38.53 51.15
C ASN C 20 24.76 -38.68 50.15
N ARG C 21 25.55 -39.75 50.23
CA ARG C 21 26.75 -39.84 49.40
C ARG C 21 26.88 -41.12 48.56
N GLY C 22 25.87 -42.01 48.57
CA GLY C 22 25.87 -43.24 47.78
C GLY C 22 26.13 -43.01 46.29
N HIS C 23 25.67 -41.85 45.75
CA HIS C 23 25.86 -41.42 44.36
C HIS C 23 27.35 -41.32 43.96
N LEU C 24 28.27 -41.12 44.93
CA LEU C 24 29.70 -41.02 44.66
C LEU C 24 30.33 -42.40 44.34
N MET C 25 29.59 -43.49 44.65
CA MET C 25 30.04 -44.87 44.44
C MET C 25 29.16 -45.59 43.39
N ALA C 26 28.12 -44.92 42.89
CA ALA C 26 27.24 -45.50 41.88
C ALA C 26 27.99 -45.77 40.55
N ASP C 27 27.67 -46.85 39.85
CA ASP C 27 28.28 -47.21 38.58
C ASP C 27 27.51 -46.49 37.45
N ILE C 28 27.79 -45.17 37.30
CA ILE C 28 27.12 -44.27 36.36
C ILE C 28 27.90 -44.05 35.05
N ASP C 29 29.23 -44.23 35.04
CA ASP C 29 30.03 -43.99 33.83
C ASP C 29 30.11 -45.26 32.96
N PRO C 30 29.55 -45.25 31.72
CA PRO C 30 29.66 -46.45 30.85
C PRO C 30 31.09 -46.71 30.34
N LEU C 31 32.01 -45.73 30.47
CA LEU C 31 33.41 -45.90 30.06
C LEU C 31 34.32 -46.31 31.23
N ARG C 32 33.82 -46.19 32.49
CA ARG C 32 34.53 -46.50 33.73
C ARG C 32 35.95 -45.90 33.71
N LEU C 33 36.05 -44.60 33.34
CA LEU C 33 37.32 -43.89 33.20
C LEU C 33 38.04 -43.76 34.54
N ASP C 34 37.33 -43.40 35.61
CA ASP C 34 37.93 -43.27 36.92
C ASP C 34 37.86 -44.60 37.65
N ASN C 35 39.02 -45.23 37.80
CA ASN C 35 39.16 -46.52 38.47
C ASN C 35 39.08 -46.36 39.97
N THR C 36 39.64 -45.24 40.51
CA THR C 36 39.70 -44.92 41.94
C THR C 36 38.30 -44.74 42.57
N ARG C 37 37.26 -44.58 41.72
CA ARG C 37 35.85 -44.38 42.10
C ARG C 37 35.33 -45.46 43.07
N PHE C 38 35.66 -46.74 42.83
CA PHE C 38 35.18 -47.85 43.65
C PHE C 38 36.17 -48.24 44.74
N HIS C 41 35.36 -45.82 49.90
CA HIS C 41 34.27 -45.13 50.58
C HIS C 41 34.08 -45.69 52.00
N PRO C 42 34.82 -45.17 53.02
CA PRO C 42 34.65 -45.70 54.39
C PRO C 42 33.28 -45.38 55.00
N ASP C 43 32.66 -44.25 54.61
CA ASP C 43 31.34 -43.84 55.12
C ASP C 43 30.23 -44.82 54.65
N LEU C 44 30.44 -45.55 53.51
CA LEU C 44 29.49 -46.57 53.01
C LEU C 44 29.91 -47.98 53.48
N ASP C 45 31.15 -48.13 53.98
CA ASP C 45 31.73 -49.39 54.47
C ASP C 45 31.17 -49.71 55.86
N THR C 52 29.76 -55.59 61.84
CA THR C 52 30.45 -56.78 61.35
C THR C 52 29.49 -57.71 60.58
N LEU C 53 29.99 -58.86 60.07
CA LEU C 53 29.24 -59.88 59.34
C LEU C 53 28.15 -60.55 60.21
N TRP C 54 28.37 -60.59 61.53
CA TRP C 54 27.44 -61.18 62.51
C TRP C 54 26.20 -60.30 62.71
N ASP C 55 26.34 -58.98 62.48
CA ASP C 55 25.28 -57.98 62.60
C ASP C 55 24.35 -57.98 61.37
N LEU C 56 24.82 -58.51 60.22
CA LEU C 56 24.10 -58.57 58.94
C LEU C 56 22.78 -59.32 59.01
N ASP C 57 22.71 -60.36 59.86
CA ASP C 57 21.52 -61.19 60.03
C ASP C 57 20.61 -60.71 61.17
N ARG C 58 21.06 -59.70 61.95
CA ARG C 58 20.31 -59.12 63.06
C ARG C 58 19.27 -58.13 62.57
N GLU C 59 18.05 -58.15 63.15
CA GLU C 59 16.98 -57.21 62.79
C GLU C 59 17.17 -55.88 63.51
N PHE C 60 16.88 -54.76 62.82
CA PHE C 60 17.04 -53.38 63.32
C PHE C 60 15.78 -52.55 63.11
N GLN C 69 9.75 -49.57 61.31
CA GLN C 69 9.81 -50.91 60.69
C GLN C 69 11.04 -51.69 61.15
N ARG C 70 10.88 -53.03 61.27
CA ARG C 70 11.92 -53.97 61.67
C ARG C 70 12.39 -54.79 60.47
N LYS C 71 13.65 -54.56 60.04
CA LYS C 71 14.26 -55.26 58.90
C LYS C 71 15.72 -55.65 59.20
N LYS C 72 16.18 -56.77 58.62
CA LYS C 72 17.56 -57.24 58.79
C LYS C 72 18.55 -56.27 58.16
N LEU C 73 19.76 -56.16 58.74
CA LEU C 73 20.81 -55.28 58.22
C LEU C 73 21.15 -55.62 56.76
N ARG C 74 21.22 -56.93 56.41
CA ARG C 74 21.51 -57.40 55.05
C ARG C 74 20.46 -56.89 54.03
N ASP C 75 19.17 -56.83 54.44
CA ASP C 75 18.07 -56.36 53.61
C ASP C 75 18.07 -54.85 53.49
N ILE C 76 18.44 -54.14 54.57
CA ILE C 76 18.53 -52.68 54.57
C ILE C 76 19.63 -52.25 53.57
N LEU C 77 20.83 -52.86 53.68
CA LEU C 77 21.99 -52.55 52.85
C LEU C 77 21.79 -52.94 51.39
N SER C 78 21.08 -54.05 51.10
CA SER C 78 20.83 -54.48 49.72
C SER C 78 19.88 -53.48 49.04
N VAL C 79 18.88 -52.97 49.79
CA VAL C 79 17.91 -51.97 49.31
C VAL C 79 18.68 -50.66 49.03
N LEU C 80 19.61 -50.27 49.94
CA LEU C 80 20.45 -49.08 49.83
C LEU C 80 21.41 -49.15 48.62
N ARG C 81 22.06 -50.31 48.41
CA ARG C 81 22.99 -50.51 47.30
C ARG C 81 22.26 -50.49 45.96
N ASP C 82 21.11 -51.19 45.86
CA ASP C 82 20.32 -51.24 44.64
C ASP C 82 19.78 -49.86 44.27
N ALA C 83 19.32 -49.09 45.25
CA ALA C 83 18.73 -47.76 45.05
C ALA C 83 19.74 -46.67 44.78
N TYR C 84 20.88 -46.71 45.48
CA TYR C 84 21.85 -45.61 45.39
C TYR C 84 23.22 -45.91 44.77
N CYS C 85 23.60 -47.20 44.64
CA CYS C 85 24.94 -47.51 44.15
C CYS C 85 24.92 -48.44 42.95
N ARG C 86 23.85 -48.45 42.15
CA ARG C 86 23.84 -49.29 40.95
C ARG C 86 24.05 -48.38 39.73
N HIS C 87 23.10 -48.26 38.79
CA HIS C 87 23.30 -47.43 37.60
C HIS C 87 22.70 -46.04 37.73
N VAL C 88 22.08 -45.73 38.91
CA VAL C 88 21.48 -44.43 39.18
C VAL C 88 22.10 -43.81 40.43
N GLY C 89 22.66 -42.60 40.27
CA GLY C 89 23.21 -41.81 41.36
C GLY C 89 22.19 -40.77 41.71
N VAL C 90 21.61 -40.86 42.91
CA VAL C 90 20.54 -39.96 43.34
C VAL C 90 21.05 -38.89 44.32
N GLU C 91 20.89 -37.61 43.96
CA GLU C 91 21.21 -36.46 44.82
C GLU C 91 19.94 -35.77 45.21
N TYR C 92 19.55 -35.86 46.49
CA TYR C 92 18.29 -35.26 46.91
C TYR C 92 18.29 -34.75 48.36
N THR C 93 19.29 -35.10 49.19
CA THR C 93 19.26 -34.72 50.61
C THR C 93 19.60 -33.22 50.83
N HIS C 94 19.89 -32.47 49.74
CA HIS C 94 20.12 -31.01 49.74
C HIS C 94 18.79 -30.28 49.65
N ILE C 95 17.69 -31.01 49.35
CA ILE C 95 16.36 -30.44 49.21
C ILE C 95 15.86 -30.04 50.62
N LEU C 96 15.50 -28.75 50.80
CA LEU C 96 15.07 -28.27 52.11
C LEU C 96 13.66 -28.73 52.49
N GLU C 97 12.81 -29.09 51.51
CA GLU C 97 11.42 -29.52 51.75
C GLU C 97 11.43 -30.99 52.21
N PRO C 98 11.06 -31.28 53.50
CA PRO C 98 11.12 -32.69 53.97
C PRO C 98 10.18 -33.62 53.21
N GLU C 99 9.04 -33.11 52.74
CA GLU C 99 8.04 -33.91 52.00
C GLU C 99 8.58 -34.32 50.62
N GLN C 100 9.47 -33.50 50.03
CA GLN C 100 10.08 -33.81 48.73
C GLN C 100 11.14 -34.90 48.88
N GLN C 101 11.97 -34.83 49.94
CA GLN C 101 12.97 -35.85 50.29
C GLN C 101 12.29 -37.18 50.54
N ARG C 102 11.19 -37.15 51.32
CA ARG C 102 10.36 -38.31 51.68
C ARG C 102 9.77 -38.97 50.44
N TRP C 103 9.22 -38.18 49.52
CA TRP C 103 8.62 -38.64 48.25
C TRP C 103 9.64 -39.42 47.39
N ILE C 104 10.86 -38.87 47.19
CA ILE C 104 11.93 -39.50 46.40
C ILE C 104 12.35 -40.81 47.08
N GLN C 105 12.70 -40.73 48.38
CA GLN C 105 13.10 -41.81 49.27
C GLN C 105 12.19 -43.01 49.15
N GLU C 106 10.87 -42.79 49.25
CA GLU C 106 9.86 -43.86 49.16
C GLU C 106 9.86 -44.54 47.79
N ARG C 107 9.96 -43.76 46.68
CA ARG C 107 9.92 -44.30 45.32
C ARG C 107 11.23 -44.96 44.87
N VAL C 108 12.36 -44.53 45.43
CA VAL C 108 13.69 -45.02 45.08
C VAL C 108 14.05 -46.26 45.95
N GLU C 109 13.64 -46.26 47.23
CA GLU C 109 13.97 -47.33 48.16
C GLU C 109 12.97 -48.52 48.18
N THR C 110 11.97 -48.55 47.28
CA THR C 110 11.06 -49.70 47.22
C THR C 110 11.50 -50.63 46.11
N LYS C 111 11.30 -51.95 46.29
CA LYS C 111 11.66 -52.94 45.26
C LYS C 111 10.62 -52.88 44.13
N HIS C 112 10.97 -52.21 43.02
CA HIS C 112 10.11 -52.06 41.84
C HIS C 112 10.02 -53.36 41.06
N ASP C 113 8.82 -53.64 40.52
CA ASP C 113 8.58 -54.82 39.69
C ASP C 113 9.32 -54.62 38.37
N LYS C 114 10.12 -55.63 37.95
CA LYS C 114 10.93 -55.59 36.71
C LYS C 114 10.05 -55.22 35.50
N PRO C 115 10.54 -54.45 34.49
CA PRO C 115 9.67 -54.11 33.36
C PRO C 115 9.25 -55.35 32.57
N THR C 116 8.03 -55.33 32.01
CA THR C 116 7.50 -56.45 31.22
C THR C 116 8.27 -56.56 29.91
N VAL C 117 8.31 -57.77 29.34
CA VAL C 117 9.00 -58.06 28.07
C VAL C 117 8.50 -57.07 27.00
N ALA C 118 7.18 -56.75 27.00
CA ALA C 118 6.55 -55.78 26.10
C ALA C 118 7.18 -54.38 26.24
N GLU C 119 7.45 -53.95 27.50
CA GLU C 119 8.08 -52.66 27.82
C GLU C 119 9.55 -52.68 27.39
N GLN C 120 10.25 -53.80 27.67
CA GLN C 120 11.66 -54.01 27.31
C GLN C 120 11.86 -54.00 25.79
N LYS C 121 10.96 -54.68 25.04
CA LYS C 121 11.01 -54.72 23.58
C LYS C 121 10.70 -53.33 23.01
N TYR C 122 9.80 -52.58 23.68
CA TYR C 122 9.46 -51.22 23.25
C TYR C 122 10.68 -50.29 23.39
N ILE C 123 11.41 -50.38 24.53
CA ILE C 123 12.62 -49.61 24.78
C ILE C 123 13.65 -49.98 23.72
N LEU C 124 13.82 -51.30 23.42
CA LEU C 124 14.73 -51.85 22.41
C LEU C 124 14.39 -51.31 21.02
N SER C 125 13.10 -51.27 20.65
CA SER C 125 12.63 -50.70 19.38
C SER C 125 13.02 -49.21 19.24
N LYS C 126 13.02 -48.46 20.38
CA LYS C 126 13.36 -47.02 20.40
C LYS C 126 14.85 -46.81 20.19
N LEU C 127 15.67 -47.70 20.79
CA LEU C 127 17.12 -47.72 20.60
C LEU C 127 17.45 -48.08 19.15
N ASN C 128 16.75 -49.12 18.60
CA ASN C 128 16.86 -49.60 17.22
C ASN C 128 16.67 -48.44 16.25
N ALA C 129 15.54 -47.71 16.40
CA ALA C 129 15.19 -46.53 15.60
C ALA C 129 16.26 -45.48 15.68
N ALA C 130 16.74 -45.17 16.92
CA ALA C 130 17.78 -44.15 17.19
C ALA C 130 19.12 -44.50 16.53
N GLU C 131 19.61 -45.76 16.69
CA GLU C 131 20.85 -46.20 16.08
C GLU C 131 20.74 -46.31 14.58
N ALA C 132 19.57 -46.68 14.05
CA ALA C 132 19.39 -46.77 12.60
C ALA C 132 19.47 -45.40 11.94
N PHE C 133 18.92 -44.35 12.61
CA PHE C 133 18.98 -42.99 12.11
C PHE C 133 20.43 -42.48 12.08
N GLU C 134 21.21 -42.76 13.17
CA GLU C 134 22.63 -42.40 13.25
C GLU C 134 23.45 -43.05 12.14
N THR C 135 23.23 -44.36 11.84
CA THR C 135 23.95 -45.06 10.78
C THR C 135 23.61 -44.42 9.41
N PHE C 136 22.32 -44.22 9.12
CA PHE C 136 21.86 -43.56 7.91
C PHE C 136 22.54 -42.17 7.76
N LEU C 137 22.50 -41.31 8.81
CA LEU C 137 23.08 -39.95 8.76
C LEU C 137 24.57 -39.93 8.40
N GLN C 138 25.38 -40.76 9.06
CA GLN C 138 26.82 -40.83 8.83
C GLN C 138 27.15 -41.52 7.51
N THR C 139 26.31 -42.46 7.04
CA THR C 139 26.55 -43.24 5.81
C THR C 139 26.07 -42.49 4.55
N LYS C 140 24.87 -41.88 4.58
CA LYS C 140 24.29 -41.20 3.40
C LYS C 140 24.95 -39.86 3.12
N TYR C 141 25.21 -39.05 4.15
CA TYR C 141 25.77 -37.72 3.95
C TYR C 141 27.16 -37.54 4.57
N VAL C 142 27.89 -36.52 4.04
CA VAL C 142 29.20 -36.08 4.48
C VAL C 142 29.03 -34.77 5.27
N GLY C 143 29.94 -34.52 6.21
CA GLY C 143 29.91 -33.35 7.08
C GLY C 143 28.85 -33.44 8.17
N GLN C 144 28.46 -34.68 8.56
CA GLN C 144 27.42 -34.90 9.58
C GLN C 144 27.99 -35.39 10.92
N LYS C 145 29.33 -35.59 11.03
CA LYS C 145 30.00 -36.06 12.26
C LYS C 145 29.71 -35.17 13.49
N ARG C 146 29.65 -33.83 13.32
CA ARG C 146 29.41 -32.89 14.44
C ARG C 146 28.03 -33.05 15.08
N PHE C 147 27.08 -33.61 14.30
CA PHE C 147 25.70 -33.80 14.72
C PHE C 147 25.41 -35.18 15.31
N SER C 148 26.42 -36.07 15.29
CA SER C 148 26.31 -37.47 15.71
C SER C 148 25.90 -37.63 17.18
N LEU C 149 24.87 -38.48 17.38
CA LEU C 149 24.33 -38.88 18.67
C LEU C 149 24.91 -40.26 19.05
N GLU C 150 25.89 -40.76 18.26
CA GLU C 150 26.56 -42.04 18.52
C GLU C 150 27.28 -42.08 19.90
N GLY C 151 26.87 -43.03 20.73
CA GLY C 151 27.37 -43.17 22.09
C GLY C 151 26.42 -42.52 23.10
N ALA C 152 25.29 -41.92 22.61
CA ALA C 152 24.28 -41.21 23.42
C ALA C 152 22.83 -41.48 22.94
N GLU C 153 22.61 -42.59 22.20
CA GLU C 153 21.31 -42.95 21.62
C GLU C 153 20.24 -43.29 22.65
N THR C 154 20.65 -43.53 23.91
CA THR C 154 19.72 -43.81 25.00
C THR C 154 18.89 -42.55 25.32
N VAL C 155 19.32 -41.35 24.88
CA VAL C 155 18.56 -40.13 25.10
C VAL C 155 17.19 -40.21 24.37
N ILE C 156 17.09 -40.98 23.25
CA ILE C 156 15.84 -41.15 22.48
C ILE C 156 14.81 -41.97 23.34
N PRO C 157 15.03 -43.24 23.79
CA PRO C 157 14.01 -43.87 24.68
C PRO C 157 13.81 -43.11 26.02
N MET C 158 14.81 -42.33 26.47
CA MET C 158 14.66 -41.50 27.67
C MET C 158 13.64 -40.36 27.43
N MET C 159 13.78 -39.64 26.29
CA MET C 159 12.85 -38.55 25.92
C MET C 159 11.45 -39.10 25.64
N ASP C 160 11.38 -40.30 25.03
CA ASP C 160 10.13 -41.00 24.75
C ASP C 160 9.35 -41.29 26.05
N ALA C 161 10.08 -41.72 27.10
CA ALA C 161 9.51 -42.02 28.41
C ALA C 161 9.00 -40.72 29.08
N VAL C 162 9.73 -39.60 28.92
CA VAL C 162 9.33 -38.30 29.46
C VAL C 162 7.95 -37.93 28.87
N ILE C 163 7.85 -37.92 27.53
CA ILE C 163 6.67 -37.51 26.78
C ILE C 163 5.49 -38.45 27.04
N ASP C 164 5.74 -39.76 27.05
CA ASP C 164 4.72 -40.78 27.34
C ASP C 164 4.19 -40.63 28.79
N GLN C 165 5.06 -40.30 29.77
CA GLN C 165 4.63 -40.09 31.16
C GLN C 165 3.83 -38.77 31.25
N CYS C 166 4.17 -37.75 30.45
CA CYS C 166 3.43 -36.47 30.40
C CYS C 166 2.02 -36.72 29.83
N ALA C 167 1.91 -37.61 28.82
CA ALA C 167 0.64 -38.02 28.21
C ALA C 167 -0.19 -38.84 29.22
N GLU C 168 0.48 -39.65 30.06
CA GLU C 168 -0.16 -40.45 31.11
C GLU C 168 -0.77 -39.55 32.22
N HIS C 169 -0.22 -38.33 32.43
CA HIS C 169 -0.74 -37.35 33.39
C HIS C 169 -1.85 -36.50 32.73
N GLY C 170 -2.13 -36.78 31.46
CA GLY C 170 -3.15 -36.07 30.67
C GLY C 170 -2.77 -34.66 30.31
N LEU C 171 -1.46 -34.37 30.18
CA LEU C 171 -0.96 -33.02 29.89
C LEU C 171 -1.17 -32.65 28.40
N ASP C 172 -1.10 -31.35 28.09
CA ASP C 172 -1.43 -30.84 26.75
C ASP C 172 -0.25 -30.78 25.76
N GLU C 173 0.93 -30.37 26.21
CA GLU C 173 2.08 -30.27 25.30
C GLU C 173 3.40 -30.38 26.03
N VAL C 174 4.40 -30.88 25.31
CA VAL C 174 5.79 -30.92 25.73
C VAL C 174 6.53 -30.03 24.72
N VAL C 175 7.26 -29.02 25.23
CA VAL C 175 8.01 -28.14 24.32
C VAL C 175 9.47 -28.39 24.60
N ILE C 176 10.21 -28.71 23.54
CA ILE C 176 11.64 -29.06 23.62
C ILE C 176 12.53 -27.92 23.11
N ALA C 177 13.63 -27.73 23.81
CA ALA C 177 14.75 -26.86 23.46
C ALA C 177 16.00 -27.68 23.59
N MET C 178 16.86 -27.66 22.58
CA MET C 178 18.08 -28.46 22.63
C MET C 178 19.22 -27.88 21.76
N PRO C 179 20.50 -28.25 22.01
CA PRO C 179 21.55 -27.87 21.03
C PRO C 179 21.45 -28.80 19.79
N HIS C 180 22.40 -28.71 18.83
CA HIS C 180 22.31 -29.45 17.56
C HIS C 180 22.55 -30.99 17.63
N ARG C 181 23.31 -31.51 18.61
CA ARG C 181 23.63 -32.95 18.67
C ARG C 181 22.37 -33.84 18.79
N GLY C 182 22.13 -34.68 17.76
CA GLY C 182 21.01 -35.60 17.69
C GLY C 182 19.67 -34.95 17.40
N ARG C 183 19.67 -33.67 16.96
CA ARG C 183 18.46 -32.93 16.70
C ARG C 183 17.54 -33.56 15.67
N LEU C 184 18.06 -34.00 14.50
CA LEU C 184 17.22 -34.61 13.45
C LEU C 184 16.66 -35.98 13.90
N ASN C 185 17.40 -36.70 14.80
CA ASN C 185 17.01 -37.98 15.40
C ASN C 185 15.78 -37.74 16.31
N VAL C 186 15.76 -36.58 17.01
CA VAL C 186 14.67 -36.12 17.89
C VAL C 186 13.48 -35.78 16.99
N LEU C 187 13.73 -35.06 15.88
CA LEU C 187 12.68 -34.73 14.92
C LEU C 187 11.97 -35.98 14.39
N ALA C 188 12.74 -37.03 14.03
CA ALA C 188 12.18 -38.26 13.51
C ALA C 188 11.58 -39.17 14.58
N ASN C 189 12.28 -39.39 15.72
CA ASN C 189 11.84 -40.40 16.68
C ASN C 189 11.14 -39.88 17.95
N ILE C 190 10.94 -38.56 18.09
CA ILE C 190 10.28 -37.96 19.25
C ILE C 190 9.14 -37.05 18.75
N VAL C 191 9.47 -36.06 17.90
CA VAL C 191 8.49 -35.13 17.32
C VAL C 191 7.63 -35.92 16.29
N GLY C 192 8.21 -36.96 15.72
CA GLY C 192 7.56 -37.82 14.75
C GLY C 192 7.44 -37.23 13.36
N LYS C 193 8.36 -36.30 12.98
CA LYS C 193 8.34 -35.69 11.64
C LYS C 193 8.73 -36.73 10.59
N PRO C 194 8.03 -36.82 9.43
CA PRO C 194 8.42 -37.82 8.43
C PRO C 194 9.75 -37.47 7.79
N TYR C 195 10.43 -38.52 7.31
CA TYR C 195 11.74 -38.43 6.66
C TYR C 195 11.70 -37.48 5.46
N SER C 196 10.59 -37.48 4.70
CA SER C 196 10.35 -36.63 3.51
C SER C 196 10.41 -35.13 3.87
N GLN C 197 9.89 -34.74 5.06
CA GLN C 197 9.93 -33.37 5.55
C GLN C 197 11.34 -33.03 6.10
N ILE C 198 11.97 -33.99 6.83
CA ILE C 198 13.30 -33.79 7.43
C ILE C 198 14.41 -33.62 6.38
N PHE C 199 14.52 -34.53 5.39
CA PHE C 199 15.64 -34.49 4.45
C PHE C 199 15.30 -33.85 3.08
N SER C 200 14.26 -32.98 3.01
CA SER C 200 13.87 -32.29 1.78
C SER C 200 14.89 -31.20 1.43
N GLU C 201 15.38 -31.19 0.18
CA GLU C 201 16.37 -30.23 -0.34
C GLU C 201 15.67 -29.13 -1.14
N ASP C 216 23.58 -26.97 8.26
CA ASP C 216 22.25 -26.75 7.71
C ASP C 216 21.31 -26.01 8.71
N VAL C 217 20.43 -25.17 8.13
CA VAL C 217 19.41 -24.37 8.83
C VAL C 217 18.46 -25.27 9.57
N LYS C 218 18.25 -26.51 9.06
CA LYS C 218 17.36 -27.55 9.60
C LYS C 218 17.66 -27.84 11.07
N TYR C 219 18.92 -27.62 11.50
CA TYR C 219 19.36 -27.83 12.87
C TYR C 219 19.05 -26.65 13.80
N HIS C 220 18.41 -25.63 13.25
CA HIS C 220 18.07 -24.45 14.01
C HIS C 220 16.58 -24.12 13.94
N LEU C 221 15.81 -24.77 13.05
CA LEU C 221 14.37 -24.49 12.87
C LEU C 221 13.47 -25.17 13.91
N GLY C 222 12.31 -24.55 14.12
CA GLY C 222 11.27 -25.06 14.98
C GLY C 222 10.49 -26.17 14.29
N ALA C 223 9.63 -26.88 15.07
CA ALA C 223 8.81 -27.98 14.55
C ALA C 223 7.68 -28.33 15.51
N THR C 224 6.59 -28.90 14.98
CA THR C 224 5.46 -29.35 15.80
C THR C 224 5.01 -30.73 15.30
N GLY C 225 4.56 -31.55 16.23
CA GLY C 225 4.07 -32.90 15.96
C GLY C 225 3.16 -33.41 17.05
N THR C 226 2.64 -34.64 16.88
CA THR C 226 1.74 -35.26 17.84
C THR C 226 2.31 -36.60 18.27
N TYR C 227 2.43 -36.79 19.59
CA TYR C 227 2.87 -38.04 20.17
C TYR C 227 1.63 -38.85 20.52
N ILE C 228 1.56 -40.11 20.05
CA ILE C 228 0.47 -41.02 20.32
C ILE C 228 1.03 -42.16 21.17
N GLN C 229 0.46 -42.39 22.38
CA GLN C 229 0.90 -43.43 23.29
C GLN C 229 0.81 -44.82 22.64
N MET C 230 1.86 -45.61 22.85
CA MET C 230 1.97 -46.98 22.33
C MET C 230 1.05 -47.92 23.12
N PHE C 231 1.15 -47.91 24.47
CA PHE C 231 0.37 -48.79 25.35
C PHE C 231 -0.73 -48.03 26.11
N GLY C 232 -1.00 -46.81 25.70
CA GLY C 232 -2.03 -45.98 26.31
C GLY C 232 -3.00 -45.44 25.29
N ASP C 233 -4.02 -44.72 25.78
CA ASP C 233 -5.04 -44.14 24.90
C ASP C 233 -4.95 -42.61 24.88
N ASN C 234 -3.84 -42.04 25.39
CA ASN C 234 -3.64 -40.59 25.38
C ASN C 234 -2.71 -40.14 24.26
N ASP C 235 -2.86 -38.89 23.86
CA ASP C 235 -1.98 -38.22 22.92
C ASP C 235 -1.57 -36.90 23.51
N ILE C 236 -0.44 -36.38 23.03
CA ILE C 236 0.12 -35.12 23.52
C ILE C 236 0.86 -34.42 22.37
N GLU C 237 0.77 -33.08 22.33
CA GLU C 237 1.46 -32.25 21.35
C GLU C 237 2.94 -32.19 21.74
N VAL C 238 3.80 -32.24 20.73
CA VAL C 238 5.25 -32.17 20.93
C VAL C 238 5.80 -31.13 19.97
N SER C 239 6.51 -30.13 20.51
CA SER C 239 7.10 -29.09 19.67
C SER C 239 8.56 -28.87 20.04
N LEU C 240 9.32 -28.37 19.06
CA LEU C 240 10.75 -28.08 19.15
C LEU C 240 10.93 -26.61 18.79
N THR C 241 11.60 -25.85 19.63
CA THR C 241 11.77 -24.43 19.35
C THR C 241 13.07 -24.18 18.55
N ALA C 242 13.11 -23.05 17.85
CA ALA C 242 14.26 -22.62 17.04
C ALA C 242 15.35 -22.11 17.97
N ASN C 243 16.64 -22.19 17.55
CA ASN C 243 17.73 -21.69 18.39
C ASN C 243 18.97 -21.34 17.57
N PRO C 244 19.89 -20.47 18.09
CA PRO C 244 21.16 -20.24 17.35
C PRO C 244 22.21 -21.29 17.70
N SER C 245 23.47 -21.10 17.21
CA SER C 245 24.55 -21.99 17.60
C SER C 245 25.01 -21.70 19.05
N HIS C 246 24.67 -20.51 19.60
CA HIS C 246 25.00 -20.06 20.97
C HIS C 246 24.34 -20.96 21.95
N LEU C 247 25.16 -21.83 22.57
CA LEU C 247 24.74 -22.85 23.51
C LEU C 247 24.07 -22.23 24.72
N GLU C 248 22.91 -22.80 25.13
CA GLU C 248 22.10 -22.43 26.30
C GLU C 248 21.36 -21.11 26.15
N ALA C 249 21.62 -20.30 25.11
CA ALA C 249 20.92 -18.99 24.93
C ALA C 249 19.38 -19.13 24.81
N VAL C 250 18.90 -20.30 24.34
CA VAL C 250 17.48 -20.62 24.12
C VAL C 250 16.79 -20.99 25.44
N ASP C 251 17.57 -21.35 26.49
CA ASP C 251 16.98 -21.77 27.77
C ASP C 251 15.86 -20.82 28.30
N PRO C 252 16.06 -19.49 28.50
CA PRO C 252 14.93 -18.64 28.98
C PRO C 252 13.82 -18.45 27.93
N VAL C 253 14.20 -18.55 26.64
CA VAL C 253 13.27 -18.42 25.51
C VAL C 253 12.21 -19.53 25.62
N LEU C 254 12.67 -20.79 25.91
CA LEU C 254 11.78 -21.95 26.06
C LEU C 254 10.79 -21.71 27.20
N GLU C 255 11.30 -21.24 28.34
CA GLU C 255 10.49 -20.92 29.52
C GLU C 255 9.41 -19.88 29.18
N GLY C 256 9.80 -18.76 28.55
CA GLY C 256 8.83 -17.73 28.14
C GLY C 256 7.74 -18.27 27.23
N LEU C 257 8.15 -19.06 26.22
CA LEU C 257 7.27 -19.69 25.22
C LEU C 257 6.27 -20.61 25.93
N VAL C 258 6.76 -21.46 26.85
CA VAL C 258 5.91 -22.39 27.61
C VAL C 258 4.94 -21.62 28.52
N ARG C 259 5.45 -20.60 29.24
CA ARG C 259 4.60 -19.73 30.07
C ARG C 259 3.48 -19.07 29.25
N ALA C 260 3.79 -18.62 28.04
CA ALA C 260 2.79 -17.99 27.13
C ALA C 260 1.68 -18.95 26.77
N LYS C 261 2.03 -20.23 26.60
CA LYS C 261 1.10 -21.31 26.26
C LYS C 261 0.26 -21.69 27.48
N GLN C 262 0.91 -21.80 28.67
CA GLN C 262 0.18 -22.11 29.90
C GLN C 262 -0.86 -21.02 30.21
N ASP C 263 -0.49 -19.71 30.09
CA ASP C 263 -1.45 -18.63 30.33
C ASP C 263 -2.67 -18.76 29.41
N LEU C 264 -2.43 -19.03 28.09
CA LEU C 264 -3.49 -19.21 27.08
C LEU C 264 -4.42 -20.38 27.43
N LEU C 265 -3.87 -21.47 27.98
CA LEU C 265 -4.64 -22.66 28.35
C LEU C 265 -5.31 -22.55 29.70
N ASP C 266 -5.15 -21.41 30.40
CA ASP C 266 -5.70 -21.13 31.72
C ASP C 266 -5.19 -22.18 32.73
N THR C 267 -3.90 -22.56 32.56
CA THR C 267 -3.23 -23.54 33.41
C THR C 267 -2.01 -22.89 34.06
N GLY C 268 -1.78 -23.22 35.31
CA GLY C 268 -0.65 -22.73 36.08
C GLY C 268 -0.87 -21.53 36.98
N GLU C 269 0.14 -20.63 37.00
CA GLU C 269 0.26 -19.43 37.82
C GLU C 269 -0.85 -18.38 37.54
N GLU C 270 -1.19 -18.15 36.27
CA GLU C 270 -2.21 -17.18 35.87
C GLU C 270 -3.57 -17.85 35.54
N GLY C 271 -3.64 -19.19 35.69
CA GLY C 271 -4.86 -19.95 35.41
C GLY C 271 -5.62 -20.42 36.64
N SER C 272 -6.86 -20.91 36.42
CA SER C 272 -7.73 -21.44 37.47
C SER C 272 -7.19 -22.78 37.97
N ASP C 273 -6.66 -23.61 37.06
CA ASP C 273 -6.08 -24.90 37.42
C ASP C 273 -4.57 -24.74 37.62
N ASN C 274 -3.99 -25.60 38.46
CA ASN C 274 -2.55 -25.60 38.72
C ASN C 274 -1.92 -26.86 38.12
N ARG C 275 -2.47 -27.34 36.97
CA ARG C 275 -1.92 -28.53 36.31
C ARG C 275 -0.60 -28.21 35.60
N PHE C 276 -0.40 -26.94 35.12
CA PHE C 276 0.81 -26.50 34.39
C PHE C 276 1.01 -27.47 33.20
N SER C 277 -0.08 -27.69 32.49
CA SER C 277 -0.29 -28.67 31.44
C SER C 277 0.67 -28.56 30.18
N VAL C 278 1.60 -27.59 30.13
CA VAL C 278 2.61 -27.45 29.07
C VAL C 278 3.95 -27.61 29.77
N VAL C 279 4.72 -28.64 29.35
CA VAL C 279 5.97 -28.98 29.99
C VAL C 279 7.20 -28.56 29.17
N PRO C 280 8.14 -27.80 29.79
CA PRO C 280 9.43 -27.56 29.11
C PRO C 280 10.36 -28.78 29.28
N LEU C 281 10.89 -29.29 28.18
CA LEU C 281 11.89 -30.37 28.17
C LEU C 281 13.15 -29.77 27.59
N MET C 282 14.13 -29.50 28.46
CA MET C 282 15.34 -28.78 28.08
C MET C 282 16.55 -29.71 28.00
N LEU C 283 17.17 -29.79 26.81
CA LEU C 283 18.37 -30.62 26.63
C LEU C 283 19.62 -29.81 26.68
N HIS C 284 20.67 -30.40 27.22
CA HIS C 284 21.96 -29.71 27.37
C HIS C 284 23.13 -30.63 27.09
N GLY C 285 24.30 -30.01 26.89
CA GLY C 285 25.62 -30.64 26.83
C GLY C 285 26.25 -30.36 28.21
N ASP C 286 27.24 -31.17 28.62
CA ASP C 286 27.87 -31.10 29.95
C ASP C 286 28.80 -29.88 30.11
N ALA C 287 29.61 -29.54 29.06
CA ALA C 287 30.51 -28.39 29.21
C ALA C 287 29.70 -27.08 29.25
N ALA C 288 28.68 -26.95 28.40
CA ALA C 288 27.84 -25.74 28.31
C ALA C 288 26.93 -25.54 29.55
N PHE C 289 26.39 -26.63 30.14
CA PHE C 289 25.52 -26.56 31.33
C PHE C 289 26.27 -26.00 32.53
N ALA C 290 27.58 -26.33 32.64
CA ALA C 290 28.38 -25.83 33.76
C ALA C 290 28.99 -24.43 33.51
N GLY C 291 29.24 -24.08 32.26
CA GLY C 291 29.92 -22.83 31.94
C GLY C 291 29.10 -21.61 31.63
N GLN C 292 27.86 -21.79 31.14
CA GLN C 292 27.06 -20.65 30.71
C GLN C 292 26.21 -20.09 31.83
N GLY C 293 26.38 -18.78 32.09
CA GLY C 293 25.69 -18.04 33.14
C GLY C 293 24.19 -18.01 33.00
N VAL C 294 23.70 -18.11 31.76
CA VAL C 294 22.27 -18.08 31.46
C VAL C 294 21.54 -19.30 32.07
N VAL C 295 22.27 -20.41 32.29
CA VAL C 295 21.73 -21.59 32.93
C VAL C 295 21.24 -21.21 34.32
N ALA C 296 22.13 -20.64 35.19
CA ALA C 296 21.77 -20.18 36.55
C ALA C 296 20.65 -19.10 36.54
N GLU C 297 20.68 -18.18 35.55
CA GLU C 297 19.68 -17.12 35.42
C GLU C 297 18.30 -17.71 35.14
N THR C 298 18.26 -18.81 34.33
CA THR C 298 17.00 -19.46 33.92
C THR C 298 16.47 -20.34 35.05
N LEU C 299 17.35 -21.05 35.74
CA LEU C 299 17.04 -21.82 36.96
C LEU C 299 16.44 -20.90 38.03
N ASN C 300 16.97 -19.67 38.16
CA ASN C 300 16.52 -18.69 39.12
C ASN C 300 15.07 -18.24 38.92
N LEU C 301 14.55 -18.38 37.66
CA LEU C 301 13.17 -18.02 37.30
C LEU C 301 12.13 -19.09 37.70
N ALA C 302 12.56 -20.35 37.93
CA ALA C 302 11.75 -21.56 38.08
C ALA C 302 10.56 -21.48 39.07
N LEU C 303 10.69 -20.69 40.16
CA LEU C 303 9.59 -20.60 41.12
C LEU C 303 9.04 -19.19 41.26
N LEU C 304 9.46 -18.26 40.38
CA LEU C 304 8.98 -16.85 40.43
C LEU C 304 7.56 -16.75 39.91
N ARG C 305 6.69 -15.95 40.57
CA ARG C 305 5.28 -15.82 40.13
C ARG C 305 5.16 -15.33 38.67
N GLY C 306 6.06 -14.47 38.22
CA GLY C 306 6.03 -13.95 36.85
C GLY C 306 6.69 -14.81 35.79
N TYR C 307 7.42 -15.85 36.21
CA TYR C 307 8.21 -16.65 35.27
C TYR C 307 8.08 -18.17 35.42
N ARG C 308 7.54 -18.69 36.55
CA ARG C 308 7.50 -20.16 36.72
C ARG C 308 6.67 -20.84 35.63
N THR C 309 7.02 -22.08 35.29
CA THR C 309 6.32 -22.90 34.30
C THR C 309 5.91 -24.25 34.93
N GLY C 310 5.96 -24.35 36.26
CA GLY C 310 5.58 -25.56 36.97
C GLY C 310 6.66 -26.64 36.96
N GLY C 311 7.89 -26.24 36.68
CA GLY C 311 9.04 -27.13 36.64
C GLY C 311 9.42 -27.61 35.25
N THR C 312 10.72 -27.53 34.96
CA THR C 312 11.36 -27.95 33.73
C THR C 312 12.05 -29.31 33.93
N ILE C 313 11.89 -30.23 32.95
CA ILE C 313 12.63 -31.51 32.94
C ILE C 313 13.93 -31.24 32.16
N HIS C 314 15.08 -31.29 32.85
CA HIS C 314 16.37 -31.07 32.20
C HIS C 314 17.03 -32.39 31.90
N ILE C 315 17.57 -32.55 30.68
CA ILE C 315 18.34 -33.74 30.36
C ILE C 315 19.70 -33.27 29.90
N VAL C 316 20.76 -33.64 30.63
CA VAL C 316 22.12 -33.31 30.23
C VAL C 316 22.72 -34.52 29.54
N VAL C 317 23.12 -34.35 28.26
CA VAL C 317 23.79 -35.39 27.47
C VAL C 317 25.26 -35.26 27.85
N ASN C 318 25.64 -35.94 28.93
CA ASN C 318 26.95 -35.85 29.53
C ASN C 318 27.90 -36.87 28.95
N ASN C 319 28.57 -36.47 27.84
CA ASN C 319 29.53 -37.33 27.14
C ASN C 319 30.95 -37.13 27.69
N GLN C 320 31.09 -36.39 28.82
CA GLN C 320 32.32 -36.18 29.59
C GLN C 320 33.42 -35.56 28.70
N ILE C 321 33.03 -34.57 27.90
CA ILE C 321 33.90 -33.85 26.96
C ILE C 321 33.15 -32.62 26.42
N GLY C 322 33.92 -31.61 26.07
CA GLY C 322 33.45 -30.40 25.43
C GLY C 322 34.45 -30.06 24.36
N PHE C 323 34.18 -30.54 23.12
CA PHE C 323 35.06 -30.44 21.94
C PHE C 323 36.37 -31.23 22.23
N THR C 324 37.48 -30.55 22.62
CA THR C 324 38.77 -31.18 22.99
C THR C 324 39.08 -31.05 24.51
N THR C 325 38.20 -30.35 25.25
CA THR C 325 38.36 -30.01 26.66
C THR C 325 37.80 -31.06 27.61
N ALA C 326 38.63 -31.45 28.58
CA ALA C 326 38.25 -32.42 29.62
C ALA C 326 37.39 -31.73 30.68
N PRO C 327 36.45 -32.46 31.36
CA PRO C 327 35.64 -31.85 32.44
C PRO C 327 36.44 -31.08 33.52
N THR C 328 37.69 -31.50 33.82
CA THR C 328 38.52 -30.83 34.85
C THR C 328 38.90 -29.40 34.46
N ASP C 329 38.83 -29.04 33.16
CA ASP C 329 39.07 -27.68 32.67
C ASP C 329 37.75 -26.96 32.38
N SER C 330 36.60 -27.65 32.46
CA SER C 330 35.28 -27.10 32.16
C SER C 330 34.46 -26.70 33.39
N ARG C 331 34.72 -27.32 34.57
CA ARG C 331 33.95 -27.03 35.78
C ARG C 331 34.78 -27.25 37.05
N SER C 332 34.35 -26.60 38.15
CA SER C 332 34.97 -26.62 39.46
C SER C 332 34.18 -27.49 40.46
N SER C 333 33.27 -28.32 39.95
CA SER C 333 32.44 -29.19 40.80
C SER C 333 32.49 -30.63 40.32
N GLU C 334 32.03 -31.57 41.18
CA GLU C 334 32.01 -33.01 40.92
C GLU C 334 31.15 -33.33 39.68
N TYR C 335 29.97 -32.71 39.59
CA TYR C 335 29.02 -32.92 38.50
C TYR C 335 28.75 -31.67 37.70
N CYS C 336 28.45 -31.83 36.38
CA CYS C 336 28.16 -30.69 35.48
C CYS C 336 26.82 -30.05 35.85
N THR C 337 25.98 -30.78 36.62
CA THR C 337 24.62 -30.42 37.04
C THR C 337 24.54 -29.73 38.40
N ASP C 338 25.69 -29.55 39.11
CA ASP C 338 25.71 -28.99 40.47
C ASP C 338 25.08 -27.56 40.59
N VAL C 339 24.99 -26.79 39.50
CA VAL C 339 24.33 -25.49 39.46
C VAL C 339 22.81 -25.65 39.80
N ALA C 340 22.19 -26.80 39.45
CA ALA C 340 20.76 -27.06 39.70
C ALA C 340 20.44 -27.20 41.21
N LYS C 341 21.48 -27.35 42.04
CA LYS C 341 21.33 -27.41 43.51
C LYS C 341 20.88 -26.03 44.04
N MET C 342 21.18 -24.95 43.29
CA MET C 342 20.80 -23.55 43.54
C MET C 342 19.33 -23.42 43.89
N ILE C 343 18.44 -24.22 43.24
CA ILE C 343 16.99 -24.15 43.45
C ILE C 343 16.46 -25.42 44.15
N GLY C 344 17.37 -26.24 44.69
CA GLY C 344 17.02 -27.46 45.39
C GLY C 344 16.33 -28.48 44.51
N ALA C 345 16.78 -28.59 43.25
CA ALA C 345 16.24 -29.54 42.30
C ALA C 345 16.81 -30.95 42.56
N PRO C 346 16.02 -32.04 42.51
CA PRO C 346 16.63 -33.39 42.64
C PRO C 346 17.44 -33.73 41.39
N ILE C 347 18.59 -34.40 41.55
CA ILE C 347 19.46 -34.72 40.41
C ILE C 347 19.67 -36.23 40.32
N PHE C 348 19.45 -36.77 39.10
CA PHE C 348 19.65 -38.18 38.84
C PHE C 348 20.75 -38.36 37.82
N HIS C 349 21.87 -38.94 38.24
CA HIS C 349 23.00 -39.28 37.38
C HIS C 349 22.73 -40.71 36.94
N VAL C 350 22.59 -40.94 35.62
CA VAL C 350 22.23 -42.28 35.18
C VAL C 350 23.15 -42.75 34.06
N ASN C 351 23.48 -44.06 34.12
CA ASN C 351 24.32 -44.76 33.15
C ASN C 351 23.58 -44.90 31.80
N GLY C 352 24.12 -44.25 30.78
CA GLY C 352 23.55 -44.24 29.43
C GLY C 352 23.58 -45.60 28.73
N ASP C 353 24.30 -46.57 29.31
CA ASP C 353 24.34 -47.92 28.76
C ASP C 353 23.25 -48.79 29.40
N ASP C 354 22.40 -48.19 30.28
CA ASP C 354 21.26 -48.88 30.90
C ASP C 354 19.97 -48.14 30.50
N PRO C 355 19.39 -48.50 29.33
CA PRO C 355 18.18 -47.80 28.84
C PRO C 355 16.95 -47.93 29.74
N GLU C 356 16.85 -49.02 30.54
CA GLU C 356 15.74 -49.26 31.46
C GLU C 356 15.81 -48.30 32.65
N ALA C 357 17.00 -48.12 33.24
CA ALA C 357 17.22 -47.19 34.35
C ALA C 357 16.96 -45.77 33.86
N CYS C 358 17.36 -45.46 32.61
CA CYS C 358 17.17 -44.18 31.94
C CYS C 358 15.68 -43.87 31.71
N ALA C 359 14.89 -44.87 31.29
CA ALA C 359 13.46 -44.68 31.07
C ALA C 359 12.74 -44.55 32.41
N TRP C 360 13.16 -45.33 33.42
CA TRP C 360 12.59 -45.30 34.76
C TRP C 360 12.81 -43.91 35.42
N VAL C 361 14.02 -43.36 35.33
CA VAL C 361 14.39 -42.06 35.90
C VAL C 361 13.61 -40.93 35.19
N ALA C 362 13.38 -41.06 33.86
CA ALA C 362 12.61 -40.08 33.08
C ALA C 362 11.16 -39.98 33.56
N ARG C 363 10.52 -41.14 33.86
CA ARG C 363 9.13 -41.22 34.34
C ARG C 363 9.01 -40.71 35.77
N LEU C 364 10.01 -41.02 36.64
CA LEU C 364 10.09 -40.53 38.01
C LEU C 364 10.23 -39.00 38.04
N ALA C 365 11.01 -38.44 37.07
CA ALA C 365 11.23 -37.01 36.91
C ALA C 365 9.92 -36.28 36.60
N VAL C 366 9.10 -36.84 35.68
CA VAL C 366 7.80 -36.27 35.30
C VAL C 366 6.86 -36.29 36.51
N ASP C 367 6.85 -37.40 37.29
CA ASP C 367 6.02 -37.56 38.49
C ASP C 367 6.40 -36.54 39.57
N PHE C 368 7.71 -36.27 39.76
CA PHE C 368 8.19 -35.30 40.74
C PHE C 368 7.77 -33.90 40.35
N ARG C 369 7.93 -33.56 39.05
CA ARG C 369 7.56 -32.27 38.49
C ARG C 369 6.06 -32.07 38.68
N GLN C 370 5.25 -33.10 38.44
CA GLN C 370 3.78 -33.02 38.62
C GLN C 370 3.41 -32.85 40.08
N ALA C 371 4.11 -33.57 40.99
CA ALA C 371 3.82 -33.50 42.41
C ALA C 371 4.28 -32.18 43.07
N PHE C 372 5.42 -31.60 42.66
CA PHE C 372 5.91 -30.43 43.37
C PHE C 372 6.07 -29.15 42.54
N LYS C 373 5.83 -29.20 41.20
CA LYS C 373 5.89 -28.07 40.27
C LYS C 373 7.26 -27.38 40.33
N LYS C 374 8.31 -28.22 40.38
CA LYS C 374 9.71 -27.82 40.48
C LYS C 374 10.57 -28.61 39.46
N ASP C 375 11.73 -28.04 39.07
CA ASP C 375 12.69 -28.62 38.12
C ASP C 375 13.31 -29.93 38.60
N VAL C 376 13.55 -30.84 37.64
CA VAL C 376 14.25 -32.13 37.84
C VAL C 376 15.37 -32.17 36.83
N VAL C 377 16.55 -32.62 37.24
CA VAL C 377 17.70 -32.72 36.34
C VAL C 377 18.13 -34.17 36.20
N ILE C 378 18.21 -34.63 34.95
CA ILE C 378 18.71 -35.96 34.62
C ILE C 378 20.05 -35.76 33.93
N ASP C 379 21.10 -36.31 34.52
CA ASP C 379 22.48 -36.27 34.03
C ASP C 379 22.76 -37.62 33.37
N MET C 380 22.63 -37.71 32.02
CA MET C 380 22.85 -38.98 31.34
C MET C 380 24.32 -39.16 30.96
N LEU C 381 25.00 -40.05 31.67
CA LEU C 381 26.41 -40.33 31.39
C LEU C 381 26.53 -41.23 30.18
N CYS C 382 27.28 -40.76 29.20
CA CYS C 382 27.45 -41.41 27.92
C CYS C 382 28.83 -41.04 27.35
N TYR C 383 28.99 -41.12 26.02
CA TYR C 383 30.26 -40.81 25.37
C TYR C 383 29.96 -40.34 23.97
N ARG C 384 30.98 -39.72 23.34
CA ARG C 384 30.89 -39.21 21.98
C ARG C 384 31.79 -40.12 21.16
N ARG C 385 31.20 -41.04 20.35
CA ARG C 385 31.94 -42.05 19.59
C ARG C 385 32.91 -41.43 18.57
N ARG C 386 32.48 -40.44 17.80
CA ARG C 386 33.38 -39.80 16.82
C ARG C 386 34.08 -38.58 17.45
N GLY C 387 34.84 -37.87 16.62
CA GLY C 387 35.46 -36.61 16.99
C GLY C 387 34.37 -35.56 16.99
N HIS C 388 34.73 -34.33 17.37
CA HIS C 388 33.79 -33.23 17.46
C HIS C 388 33.25 -32.84 16.06
N ASN C 389 34.12 -32.85 15.04
CA ASN C 389 33.78 -32.51 13.66
C ASN C 389 34.71 -33.25 12.70
N GLU C 390 34.55 -33.01 11.39
CA GLU C 390 35.28 -33.68 10.29
C GLU C 390 36.80 -33.65 10.46
N GLY C 391 37.34 -32.52 10.90
CA GLY C 391 38.77 -32.35 11.12
C GLY C 391 39.27 -32.68 12.51
N ASP C 392 38.60 -33.62 13.22
CA ASP C 392 39.01 -33.98 14.58
C ASP C 392 39.28 -35.48 14.73
N ASP C 393 40.54 -35.83 15.09
CA ASP C 393 40.98 -37.16 15.52
C ASP C 393 41.07 -36.98 17.04
N PRO C 394 40.02 -37.42 17.78
CA PRO C 394 39.94 -37.08 19.22
C PRO C 394 41.02 -37.69 20.12
N SER C 395 41.79 -38.67 19.62
CA SER C 395 42.90 -39.25 20.37
C SER C 395 44.12 -38.28 20.42
N MET C 396 44.13 -37.20 19.61
CA MET C 396 45.22 -36.20 19.64
C MET C 396 45.22 -35.46 20.98
N THR C 397 44.00 -35.15 21.49
CA THR C 397 43.83 -34.39 22.71
C THR C 397 43.34 -35.27 23.87
N GLN C 398 42.63 -36.36 23.58
CA GLN C 398 42.13 -37.23 24.65
C GLN C 398 42.47 -38.70 24.35
N PRO C 399 43.79 -39.07 24.31
CA PRO C 399 44.17 -40.44 23.93
C PRO C 399 43.55 -41.55 24.77
N TYR C 400 43.51 -41.39 26.11
CA TYR C 400 42.99 -42.40 27.03
C TYR C 400 41.49 -42.66 26.82
N MET C 401 40.67 -41.61 26.82
CA MET C 401 39.23 -41.73 26.61
C MET C 401 38.91 -42.46 25.28
N TYR C 402 39.58 -42.04 24.19
CA TYR C 402 39.32 -42.64 22.89
C TYR C 402 39.92 -44.02 22.74
N ASP C 403 40.92 -44.42 23.55
CA ASP C 403 41.38 -45.82 23.47
C ASP C 403 40.31 -46.71 24.17
N VAL C 404 39.59 -46.14 25.15
CA VAL C 404 38.50 -46.83 25.86
C VAL C 404 37.23 -46.85 24.94
N ILE C 405 36.87 -45.71 24.27
CA ILE C 405 35.69 -45.58 23.38
C ILE C 405 35.75 -46.57 22.22
N ASP C 406 36.96 -46.87 21.67
CA ASP C 406 37.20 -47.84 20.59
C ASP C 406 36.83 -49.27 20.98
N THR C 407 37.00 -49.60 22.26
CA THR C 407 36.72 -50.90 22.87
C THR C 407 35.19 -51.09 23.11
N LYS C 408 34.42 -49.99 23.12
CA LYS C 408 32.99 -49.99 23.37
C LYS C 408 32.15 -50.28 22.12
N ARG C 409 31.13 -51.14 22.27
CA ARG C 409 30.13 -51.49 21.27
C ARG C 409 28.88 -50.70 21.62
N GLY C 410 28.02 -50.44 20.62
CA GLY C 410 26.81 -49.65 20.78
C GLY C 410 25.86 -50.01 21.91
N SER C 411 25.08 -49.01 22.39
CA SER C 411 24.06 -49.13 23.44
C SER C 411 22.96 -50.15 23.07
N ARG C 412 22.59 -50.19 21.77
CA ARG C 412 21.60 -51.12 21.21
C ARG C 412 22.14 -52.56 21.22
N LYS C 413 23.37 -52.76 20.71
CA LYS C 413 23.97 -54.10 20.67
C LYS C 413 24.19 -54.61 22.09
N ALA C 414 24.63 -53.74 23.02
CA ALA C 414 24.83 -54.10 24.44
C ALA C 414 23.52 -54.50 25.11
N TYR C 415 22.45 -53.68 24.95
CA TYR C 415 21.13 -53.93 25.53
C TYR C 415 20.46 -55.19 24.95
N THR C 416 20.63 -55.46 23.63
CA THR C 416 20.10 -56.67 22.97
C THR C 416 20.76 -57.90 23.59
N GLU C 417 22.11 -57.85 23.73
CA GLU C 417 22.93 -58.92 24.29
C GLU C 417 22.70 -59.08 25.80
N ALA C 418 22.25 -58.01 26.47
CA ALA C 418 21.96 -58.03 27.90
C ALA C 418 20.60 -58.69 28.18
N LEU C 419 19.61 -58.55 27.25
CA LEU C 419 18.26 -59.13 27.37
C LEU C 419 18.26 -60.64 27.10
N ILE C 420 19.22 -61.11 26.28
CA ILE C 420 19.36 -62.52 25.94
C ILE C 420 20.07 -63.27 27.11
N GLY C 421 21.07 -62.63 27.73
CA GLY C 421 21.81 -63.15 28.88
C GLY C 421 20.95 -63.24 30.13
N ARG C 422 20.11 -62.20 30.36
CA ARG C 422 19.19 -62.12 31.48
C ARG C 422 17.99 -63.09 31.32
N GLY C 423 17.88 -63.73 30.15
CA GLY C 423 16.79 -64.65 29.81
C GLY C 423 15.46 -63.96 29.58
N ASP C 424 15.48 -62.62 29.46
CA ASP C 424 14.30 -61.78 29.29
C ASP C 424 13.64 -61.97 27.92
N ILE C 425 14.43 -62.24 26.86
CA ILE C 425 13.93 -62.49 25.51
C ILE C 425 14.56 -63.79 24.95
N SER C 426 13.88 -64.44 23.98
CA SER C 426 14.38 -65.66 23.32
C SER C 426 15.31 -65.27 22.16
N MET C 427 15.99 -66.27 21.57
CA MET C 427 16.92 -66.10 20.44
C MET C 427 16.18 -65.59 19.20
N LYS C 428 14.92 -66.06 19.00
CA LYS C 428 14.04 -65.64 17.91
C LYS C 428 13.64 -64.15 18.09
N GLU C 429 13.38 -63.75 19.35
CA GLU C 429 13.01 -62.39 19.76
C GLU C 429 14.19 -61.43 19.58
N ALA C 430 15.43 -61.92 19.80
CA ALA C 430 16.67 -61.14 19.62
C ALA C 430 16.91 -60.91 18.12
N GLU C 431 16.66 -61.96 17.29
CA GLU C 431 16.78 -61.97 15.83
C GLU C 431 15.75 -61.02 15.20
N ASP C 432 14.50 -61.01 15.75
CA ASP C 432 13.40 -60.13 15.35
C ASP C 432 13.75 -58.67 15.64
N ALA C 433 14.48 -58.43 16.75
CA ALA C 433 14.93 -57.10 17.17
C ALA C 433 16.01 -56.58 16.23
N LEU C 434 16.80 -57.51 15.63
CA LEU C 434 17.86 -57.21 14.67
C LEU C 434 17.23 -57.01 13.28
N ARG C 435 16.08 -57.68 13.02
CA ARG C 435 15.27 -57.52 11.81
C ARG C 435 14.59 -56.15 11.85
N ASP C 436 14.09 -55.75 13.04
CA ASP C 436 13.48 -54.44 13.28
C ASP C 436 14.52 -53.32 13.05
N TYR C 437 15.76 -53.48 13.55
CA TYR C 437 16.84 -52.51 13.32
C TYR C 437 17.17 -52.38 11.80
N GLN C 438 17.27 -53.52 11.08
CA GLN C 438 17.58 -53.57 9.67
C GLN C 438 16.48 -52.92 8.82
N GLY C 439 15.23 -53.26 9.13
CA GLY C 439 14.05 -52.68 8.47
C GLY C 439 13.96 -51.18 8.71
N GLN C 440 14.30 -50.74 9.95
CA GLN C 440 14.35 -49.32 10.34
C GLN C 440 15.44 -48.61 9.54
N LEU C 441 16.63 -49.25 9.39
CA LEU C 441 17.76 -48.71 8.62
C LEU C 441 17.37 -48.65 7.11
N GLU C 442 16.67 -49.69 6.61
CA GLU C 442 16.22 -49.73 5.22
C GLU C 442 15.14 -48.65 4.94
N ARG C 443 14.13 -48.54 5.83
CA ARG C 443 13.03 -47.58 5.72
C ARG C 443 13.53 -46.14 5.46
N VAL C 444 14.53 -45.65 6.26
CA VAL C 444 15.09 -44.30 6.08
C VAL C 444 15.72 -44.14 4.70
N PHE C 445 16.67 -45.03 4.35
CA PHE C 445 17.41 -45.04 3.09
C PHE C 445 16.49 -44.98 1.87
N ASN C 446 15.44 -45.83 1.86
CA ASN C 446 14.47 -45.93 0.78
C ASN C 446 13.52 -44.73 0.72
N GLU C 447 12.99 -44.26 1.89
CA GLU C 447 12.07 -43.12 1.93
C GLU C 447 12.78 -41.88 1.40
N VAL C 448 14.07 -41.70 1.75
CA VAL C 448 14.91 -40.62 1.27
C VAL C 448 15.27 -40.87 -0.22
N ARG C 449 15.50 -42.15 -0.65
CA ARG C 449 15.78 -42.48 -2.07
C ARG C 449 14.60 -42.02 -2.94
N GLU C 450 13.36 -42.40 -2.56
CA GLU C 450 12.10 -42.03 -3.21
C GLU C 450 11.92 -40.51 -3.22
N LEU C 451 12.30 -39.82 -2.11
CA LEU C 451 12.22 -38.37 -1.95
C LEU C 451 13.18 -37.68 -2.94
N GLU C 452 14.39 -38.24 -3.13
CA GLU C 452 15.41 -37.74 -4.06
C GLU C 452 14.97 -37.90 -5.52
N LYS C 453 14.16 -38.95 -5.82
CA LYS C 453 13.64 -39.28 -7.14
C LYS C 453 12.57 -38.29 -7.60
N HIS C 454 11.72 -37.82 -6.66
CA HIS C 454 10.63 -36.87 -6.95
C HIS C 454 11.05 -35.42 -6.72
N LYS C 471 -4.53 2.03 6.94
CA LYS C 471 -4.15 1.18 8.06
C LYS C 471 -5.17 1.31 9.21
N LEU C 472 -5.04 0.46 10.28
CA LEU C 472 -5.94 0.47 11.45
C LEU C 472 -5.87 1.80 12.22
N ALA C 473 -7.02 2.21 12.81
CA ALA C 473 -7.10 3.46 13.57
C ALA C 473 -6.74 3.21 15.04
N THR C 474 -5.86 4.04 15.58
CA THR C 474 -5.41 3.85 16.96
C THR C 474 -6.10 4.83 17.93
N ALA C 475 -6.83 5.85 17.42
CA ALA C 475 -7.54 6.83 18.25
C ALA C 475 -8.67 6.18 19.03
N VAL C 476 -8.84 6.59 20.29
CA VAL C 476 -9.91 6.04 21.11
C VAL C 476 -10.95 7.14 21.37
N ASP C 477 -12.10 6.81 21.97
CA ASP C 477 -13.07 7.84 22.31
C ASP C 477 -12.69 8.40 23.69
N LYS C 478 -13.06 9.67 23.97
CA LYS C 478 -12.74 10.35 25.23
C LYS C 478 -13.28 9.56 26.45
N ALA C 479 -14.42 8.85 26.30
CA ALA C 479 -14.98 8.01 27.35
C ALA C 479 -14.01 6.86 27.74
N MET C 480 -13.19 6.39 26.78
CA MET C 480 -12.18 5.34 27.04
C MET C 480 -11.10 5.88 27.97
N LEU C 481 -10.62 7.12 27.68
CA LEU C 481 -9.63 7.82 28.49
C LEU C 481 -10.18 8.07 29.90
N GLN C 482 -11.46 8.51 30.00
CA GLN C 482 -12.13 8.79 31.27
C GLN C 482 -12.25 7.53 32.13
N ARG C 483 -12.57 6.39 31.48
CA ARG C 483 -12.72 5.07 32.12
C ARG C 483 -11.39 4.62 32.74
N ILE C 484 -10.26 4.79 32.02
CA ILE C 484 -8.93 4.40 32.50
C ILE C 484 -8.54 5.33 33.68
N GLY C 485 -8.94 6.61 33.59
CA GLY C 485 -8.74 7.60 34.64
C GLY C 485 -9.55 7.29 35.88
N ASP C 486 -10.84 6.94 35.70
CA ASP C 486 -11.74 6.56 36.78
C ASP C 486 -11.28 5.28 37.48
N ALA C 487 -10.67 4.31 36.72
CA ALA C 487 -10.14 3.04 37.23
C ALA C 487 -9.10 3.24 38.34
N HIS C 488 -8.32 4.33 38.27
CA HIS C 488 -7.27 4.66 39.25
C HIS C 488 -7.85 5.07 40.61
N LEU C 489 -9.14 5.44 40.63
CA LEU C 489 -9.83 5.81 41.86
C LEU C 489 -10.91 4.78 42.25
N ALA C 490 -11.10 3.71 41.45
CA ALA C 490 -12.06 2.65 41.75
C ALA C 490 -11.41 1.57 42.61
N LEU C 491 -11.02 1.97 43.82
CA LEU C 491 -10.32 1.16 44.80
C LEU C 491 -11.19 0.08 45.41
N PRO C 492 -10.64 -1.12 45.74
CA PRO C 492 -11.44 -2.14 46.43
C PRO C 492 -11.84 -1.66 47.82
N GLU C 493 -13.00 -2.14 48.33
CA GLU C 493 -13.52 -1.74 49.62
C GLU C 493 -12.48 -1.98 50.74
N GLY C 494 -12.25 -0.95 51.54
CA GLY C 494 -11.30 -0.96 52.66
C GLY C 494 -9.83 -0.84 52.30
N PHE C 495 -9.51 -0.55 51.01
CA PHE C 495 -8.11 -0.42 50.56
C PHE C 495 -7.51 0.90 51.09
N THR C 496 -6.26 0.84 51.59
CA THR C 496 -5.55 2.02 52.11
C THR C 496 -4.43 2.37 51.13
N VAL C 497 -4.59 3.48 50.42
CA VAL C 497 -3.58 3.96 49.47
C VAL C 497 -2.51 4.69 50.26
N HIS C 498 -1.23 4.47 49.88
CA HIS C 498 -0.09 5.20 50.46
C HIS C 498 -0.32 6.71 50.18
N PRO C 499 -0.15 7.57 51.19
CA PRO C 499 -0.45 9.01 50.99
C PRO C 499 0.27 9.68 49.80
N ARG C 500 1.47 9.22 49.42
CA ARG C 500 2.21 9.81 48.30
C ARG C 500 1.70 9.25 46.91
N VAL C 501 0.96 8.12 46.89
CA VAL C 501 0.42 7.48 45.66
C VAL C 501 -0.97 8.11 45.33
N ARG C 502 -1.78 8.42 46.37
CA ARG C 502 -3.12 9.01 46.20
C ARG C 502 -3.11 10.24 45.24
N PRO C 503 -2.17 11.25 45.33
CA PRO C 503 -2.23 12.37 44.36
C PRO C 503 -1.99 11.92 42.91
N VAL C 504 -1.20 10.83 42.70
CA VAL C 504 -0.93 10.27 41.36
C VAL C 504 -2.26 9.76 40.77
N LEU C 505 -3.05 9.02 41.57
CA LEU C 505 -4.36 8.47 41.18
C LEU C 505 -5.35 9.59 40.84
N GLU C 506 -5.41 10.63 41.66
CA GLU C 506 -6.31 11.78 41.46
C GLU C 506 -5.89 12.61 40.24
N LYS C 507 -4.56 12.80 40.02
CA LYS C 507 -4.03 13.54 38.87
C LYS C 507 -4.34 12.81 37.57
N ARG C 508 -4.44 11.48 37.59
CA ARG C 508 -4.71 10.70 36.40
C ARG C 508 -6.19 10.83 36.00
N ARG C 509 -7.10 10.83 36.99
CA ARG C 509 -8.53 11.06 36.71
C ARG C 509 -8.70 12.49 36.15
N GLU C 510 -7.93 13.47 36.67
CA GLU C 510 -7.97 14.86 36.18
C GLU C 510 -7.47 14.95 34.73
N MET C 511 -6.34 14.31 34.42
CA MET C 511 -5.75 14.29 33.05
C MET C 511 -6.69 13.67 32.03
N ALA C 512 -7.37 12.58 32.42
CA ALA C 512 -8.31 11.86 31.54
C ALA C 512 -9.49 12.74 31.11
N TYR C 513 -9.92 13.66 32.00
CA TYR C 513 -11.07 14.54 31.72
C TYR C 513 -10.66 15.91 31.22
N GLU C 514 -9.50 16.44 31.68
CA GLU C 514 -9.11 17.83 31.39
C GLU C 514 -7.87 17.99 30.50
N GLY C 515 -7.09 16.91 30.31
CA GLY C 515 -5.90 16.99 29.45
C GLY C 515 -4.60 17.21 30.20
N ARG C 516 -3.55 17.64 29.46
CA ARG C 516 -2.17 17.80 29.93
C ARG C 516 -1.67 16.39 30.38
N ILE C 517 -2.02 15.36 29.57
CA ILE C 517 -1.65 13.96 29.81
C ILE C 517 -0.11 13.79 29.67
N ASP C 518 0.56 13.36 30.76
CA ASP C 518 2.01 13.13 30.80
C ASP C 518 2.35 11.75 30.20
N TRP C 519 3.66 11.47 30.01
CA TRP C 519 4.16 10.23 29.39
C TRP C 519 3.68 8.97 30.08
N ALA C 520 3.85 8.92 31.41
CA ALA C 520 3.57 7.74 32.21
C ALA C 520 2.12 7.36 32.14
N PHE C 521 1.19 8.33 32.15
CA PHE C 521 -0.23 8.02 32.06
C PHE C 521 -0.61 7.62 30.62
N ALA C 522 -0.01 8.26 29.59
CA ALA C 522 -0.25 7.94 28.17
C ALA C 522 0.05 6.45 27.87
N GLU C 523 1.11 5.94 28.48
CA GLU C 523 1.52 4.53 28.37
C GLU C 523 0.41 3.61 28.91
N LEU C 524 -0.13 3.92 30.08
CA LEU C 524 -1.21 3.16 30.71
C LEU C 524 -2.53 3.33 29.96
N LEU C 525 -2.73 4.50 29.32
CA LEU C 525 -3.91 4.76 28.47
C LEU C 525 -3.87 3.84 27.27
N ALA C 526 -2.69 3.63 26.66
CA ALA C 526 -2.51 2.72 25.53
C ALA C 526 -2.72 1.25 25.95
N LEU C 527 -2.07 0.83 27.04
CA LEU C 527 -2.18 -0.56 27.52
C LEU C 527 -3.60 -0.86 27.99
N GLY C 528 -4.21 0.08 28.74
CA GLY C 528 -5.58 -0.02 29.24
C GLY C 528 -6.63 -0.15 28.15
N SER C 529 -6.50 0.65 27.08
CA SER C 529 -7.43 0.61 25.95
C SER C 529 -7.31 -0.72 25.17
N LEU C 530 -6.11 -1.31 25.12
CA LEU C 530 -5.88 -2.61 24.47
C LEU C 530 -6.56 -3.73 25.26
N ILE C 531 -6.44 -3.72 26.62
CA ILE C 531 -7.10 -4.69 27.52
C ILE C 531 -8.61 -4.58 27.34
N ALA C 532 -9.15 -3.32 27.31
CA ALA C 532 -10.58 -3.05 27.10
C ALA C 532 -11.07 -3.61 25.75
N GLU C 533 -10.19 -3.68 24.75
CA GLU C 533 -10.50 -4.24 23.42
C GLU C 533 -10.30 -5.77 23.37
N GLY C 534 -9.83 -6.38 24.47
CA GLY C 534 -9.66 -7.83 24.56
C GLY C 534 -8.25 -8.35 24.45
N LYS C 535 -7.23 -7.46 24.45
CA LYS C 535 -5.84 -7.90 24.33
C LYS C 535 -5.22 -8.29 25.67
N LEU C 536 -4.33 -9.31 25.66
CA LEU C 536 -3.52 -9.72 26.79
C LEU C 536 -2.27 -8.85 26.74
N VAL C 537 -2.01 -8.14 27.85
CA VAL C 537 -0.85 -7.26 27.98
C VAL C 537 0.04 -7.83 29.07
N ARG C 538 1.29 -8.13 28.71
CA ARG C 538 2.28 -8.58 29.65
C ARG C 538 3.39 -7.55 29.67
N LEU C 539 3.61 -6.95 30.85
CA LEU C 539 4.61 -5.92 31.10
C LEU C 539 5.50 -6.33 32.28
N SER C 540 6.82 -6.28 32.07
CA SER C 540 7.74 -6.67 33.12
C SER C 540 9.10 -6.01 32.93
N GLY C 541 9.89 -6.07 33.98
CA GLY C 541 11.22 -5.49 34.05
C GLY C 541 11.58 -5.17 35.47
N GLN C 542 12.82 -4.66 35.69
CA GLN C 542 13.28 -4.37 37.05
C GLN C 542 12.51 -3.20 37.63
N ASP C 543 11.78 -3.46 38.74
CA ASP C 543 10.96 -2.48 39.46
C ASP C 543 9.87 -1.84 38.57
N THR C 544 9.39 -2.60 37.58
CA THR C 544 8.43 -2.14 36.57
C THR C 544 7.01 -1.84 37.16
N GLN C 545 6.60 -2.51 38.26
CA GLN C 545 5.25 -2.27 38.81
C GLN C 545 5.10 -0.81 39.28
N ARG C 546 6.09 -0.31 40.00
CA ARG C 546 6.08 1.07 40.47
C ARG C 546 6.65 1.99 39.40
N GLY C 547 7.74 1.50 38.81
CA GLY C 547 8.53 2.19 37.83
C GLY C 547 9.81 2.64 38.50
N THR C 548 10.90 2.71 37.73
CA THR C 548 12.22 3.12 38.17
C THR C 548 12.22 4.57 38.62
N PHE C 549 11.45 5.42 37.90
CA PHE C 549 11.40 6.87 38.15
C PHE C 549 10.14 7.25 38.91
N THR C 550 9.56 6.28 39.68
CA THR C 550 8.36 6.40 40.53
C THR C 550 7.18 6.99 39.72
N GLN C 551 7.14 6.68 38.42
CA GLN C 551 6.15 7.25 37.52
C GLN C 551 5.01 6.31 37.10
N ARG C 552 5.18 4.97 37.13
CA ARG C 552 4.17 4.09 36.57
C ARG C 552 2.99 3.79 37.54
N HIS C 553 3.25 3.18 38.72
CA HIS C 553 2.21 2.75 39.66
C HIS C 553 1.15 1.84 38.97
N ALA C 554 1.63 0.84 38.21
CA ALA C 554 0.81 -0.16 37.50
C ALA C 554 0.12 -1.06 38.53
N VAL C 555 0.81 -1.25 39.65
CA VAL C 555 0.36 -1.96 40.83
C VAL C 555 0.53 -1.02 42.01
N ILE C 556 -0.49 -0.89 42.85
CA ILE C 556 -0.40 -0.05 44.05
C ILE C 556 -0.56 -0.98 45.26
N VAL C 557 0.12 -0.64 46.37
CA VAL C 557 0.20 -1.52 47.53
C VAL C 557 -0.55 -0.94 48.74
N ASP C 558 -1.42 -1.76 49.36
CA ASP C 558 -2.19 -1.35 50.54
C ASP C 558 -1.22 -1.04 51.67
N ARG C 559 -1.25 0.23 52.14
CA ARG C 559 -0.39 0.79 53.17
C ARG C 559 -0.44 -0.02 54.49
N LYS C 560 -1.56 -0.69 54.79
CA LYS C 560 -1.74 -1.48 56.01
C LYS C 560 -1.60 -3.00 55.83
N THR C 561 -2.02 -3.57 54.67
CA THR C 561 -1.98 -5.04 54.51
C THR C 561 -0.91 -5.54 53.54
N GLY C 562 -0.47 -4.68 52.62
CA GLY C 562 0.49 -5.10 51.60
C GLY C 562 -0.19 -5.68 50.39
N GLU C 563 -1.54 -5.74 50.38
CA GLU C 563 -2.30 -6.26 49.24
C GLU C 563 -2.06 -5.41 48.00
N GLU C 564 -1.93 -6.07 46.87
CA GLU C 564 -1.70 -5.43 45.59
C GLU C 564 -3.02 -5.14 44.89
N PHE C 565 -3.11 -4.00 44.21
CA PHE C 565 -4.27 -3.60 43.42
C PHE C 565 -3.76 -3.10 42.08
N THR C 566 -4.34 -3.63 40.99
CA THR C 566 -3.94 -3.29 39.63
C THR C 566 -5.09 -2.52 38.96
N PRO C 567 -5.08 -1.16 38.96
CA PRO C 567 -6.18 -0.40 38.32
C PRO C 567 -6.50 -0.82 36.87
N LEU C 568 -5.50 -1.08 35.99
CA LEU C 568 -5.79 -1.45 34.58
C LEU C 568 -6.53 -2.81 34.43
N GLN C 569 -6.47 -3.69 35.45
CA GLN C 569 -7.16 -5.00 35.41
C GLN C 569 -8.71 -4.83 35.43
N LEU C 570 -9.23 -3.67 35.87
CA LEU C 570 -10.66 -3.36 35.88
C LEU C 570 -11.19 -3.17 34.44
N LEU C 571 -10.29 -2.88 33.49
CA LEU C 571 -10.67 -2.65 32.09
C LEU C 571 -10.84 -3.96 31.31
N ALA C 572 -10.56 -5.11 31.96
CA ALA C 572 -10.76 -6.46 31.44
C ALA C 572 -12.24 -6.87 31.54
N THR C 573 -13.06 -6.01 32.18
CA THR C 573 -14.49 -6.21 32.37
C THR C 573 -15.22 -5.02 31.75
N ASN C 574 -16.17 -5.28 30.84
CA ASN C 574 -16.98 -4.25 30.20
C ASN C 574 -17.96 -3.63 31.22
N PRO C 575 -18.50 -2.41 30.99
CA PRO C 575 -19.43 -1.81 31.96
C PRO C 575 -20.65 -2.69 32.33
N ASP C 576 -21.09 -3.58 31.41
CA ASP C 576 -22.20 -4.52 31.63
C ASP C 576 -21.79 -5.74 32.50
N GLY C 577 -20.50 -5.85 32.83
CA GLY C 577 -19.98 -6.92 33.67
C GLY C 577 -19.42 -8.12 32.93
N THR C 578 -19.53 -8.14 31.60
CA THR C 578 -19.00 -9.23 30.78
C THR C 578 -17.49 -9.08 30.58
N PRO C 579 -16.70 -10.18 30.51
CA PRO C 579 -15.27 -10.02 30.26
C PRO C 579 -14.97 -9.52 28.85
N THR C 580 -13.85 -8.79 28.68
CA THR C 580 -13.43 -8.28 27.38
C THR C 580 -12.60 -9.33 26.67
N GLY C 581 -12.04 -10.25 27.46
CA GLY C 581 -11.14 -11.29 27.00
C GLY C 581 -9.70 -10.86 27.24
N GLY C 582 -9.54 -9.59 27.63
CA GLY C 582 -8.25 -8.97 27.91
C GLY C 582 -7.76 -9.23 29.33
N LYS C 583 -6.46 -8.96 29.56
CA LYS C 583 -5.82 -9.17 30.84
C LYS C 583 -4.58 -8.30 30.98
N PHE C 584 -4.25 -7.88 32.21
CA PHE C 584 -3.04 -7.13 32.47
C PHE C 584 -2.16 -7.96 33.39
N LEU C 585 -0.99 -8.37 32.88
CA LEU C 585 -0.02 -9.17 33.59
C LEU C 585 1.23 -8.32 33.79
N VAL C 586 1.45 -7.86 35.02
CA VAL C 586 2.58 -6.98 35.27
C VAL C 586 3.39 -7.50 36.44
N TYR C 587 4.69 -7.63 36.20
CA TYR C 587 5.61 -8.16 37.18
C TYR C 587 6.88 -7.38 37.30
N ASN C 588 7.48 -7.48 38.49
CA ASN C 588 8.83 -7.06 38.76
C ASN C 588 9.70 -8.25 38.37
N SER C 589 10.71 -8.03 37.56
CA SER C 589 11.61 -9.12 37.17
C SER C 589 12.71 -9.35 38.22
N ALA C 590 13.40 -10.48 38.10
CA ALA C 590 14.61 -10.77 38.86
C ALA C 590 15.68 -9.81 38.33
N LEU C 591 16.84 -9.71 38.99
CA LEU C 591 17.88 -8.81 38.52
C LEU C 591 18.70 -9.51 37.44
N SER C 592 18.02 -9.74 36.28
CA SER C 592 18.55 -10.40 35.10
C SER C 592 18.20 -9.63 33.86
N GLU C 593 19.12 -9.58 32.91
CA GLU C 593 18.83 -8.97 31.62
C GLU C 593 18.74 -10.09 30.59
N PHE C 594 19.76 -10.96 30.51
CA PHE C 594 19.82 -12.07 29.56
C PHE C 594 18.61 -12.99 29.68
N ALA C 595 18.32 -13.54 30.88
CA ALA C 595 17.17 -14.44 31.04
C ALA C 595 15.83 -13.71 30.91
N ALA C 596 15.69 -12.48 31.44
CA ALA C 596 14.43 -11.73 31.34
C ALA C 596 14.06 -11.35 29.91
N VAL C 597 15.01 -10.83 29.11
CA VAL C 597 14.78 -10.46 27.69
C VAL C 597 14.49 -11.76 26.89
N GLY C 598 15.26 -12.83 27.17
CA GLY C 598 15.04 -14.13 26.53
C GLY C 598 13.63 -14.64 26.75
N PHE C 599 13.15 -14.54 27.99
CA PHE C 599 11.82 -14.96 28.42
C PHE C 599 10.73 -14.20 27.69
N GLU C 600 10.84 -12.87 27.62
CA GLU C 600 9.85 -12.01 26.99
C GLU C 600 9.82 -12.23 25.48
N TYR C 601 10.99 -12.47 24.84
CA TYR C 601 11.03 -12.79 23.42
C TYR C 601 10.24 -14.12 23.21
N GLY C 602 10.54 -15.10 24.07
CA GLY C 602 9.92 -16.42 24.02
C GLY C 602 8.42 -16.32 24.20
N TYR C 603 7.98 -15.49 25.17
CA TYR C 603 6.56 -15.23 25.46
C TYR C 603 5.84 -14.67 24.20
N SER C 604 6.43 -13.70 23.47
CA SER C 604 5.78 -13.18 22.25
C SER C 604 5.69 -14.25 21.14
N VAL C 605 6.62 -15.20 21.11
CA VAL C 605 6.58 -16.32 20.14
C VAL C 605 5.47 -17.32 20.61
N GLY C 606 5.40 -17.60 21.91
CA GLY C 606 4.41 -18.52 22.49
C GLY C 606 2.97 -18.05 22.33
N ASN C 607 2.73 -16.72 22.40
CA ASN C 607 1.41 -16.11 22.21
C ASN C 607 1.59 -14.89 21.29
N PRO C 608 1.46 -15.09 19.95
CA PRO C 608 1.61 -13.98 18.99
C PRO C 608 0.56 -12.86 19.15
N ASP C 609 -0.58 -13.15 19.82
CA ASP C 609 -1.70 -12.22 20.04
C ASP C 609 -1.49 -11.35 21.29
N ALA C 610 -0.47 -11.67 22.11
CA ALA C 610 -0.17 -10.89 23.32
C ALA C 610 0.62 -9.64 23.01
N MET C 611 0.44 -8.60 23.82
CA MET C 611 1.22 -7.36 23.82
C MET C 611 2.28 -7.64 24.89
N VAL C 612 3.53 -7.77 24.50
CA VAL C 612 4.61 -8.15 25.41
C VAL C 612 5.62 -7.07 25.46
N LEU C 613 5.86 -6.52 26.65
CA LEU C 613 6.81 -5.42 26.83
C LEU C 613 7.80 -5.75 27.95
N TRP C 614 9.09 -5.54 27.65
CA TRP C 614 10.17 -5.68 28.61
C TRP C 614 10.80 -4.33 28.82
N GLU C 615 11.03 -3.95 30.09
CA GLU C 615 11.61 -2.66 30.37
C GLU C 615 12.96 -2.76 31.08
N ALA C 616 13.99 -2.13 30.48
CA ALA C 616 15.31 -2.04 31.13
C ALA C 616 15.22 -0.97 32.22
N GLN C 617 15.97 -1.11 33.32
CA GLN C 617 15.97 -0.12 34.40
C GLN C 617 16.46 1.19 33.79
N PHE C 618 17.57 1.07 33.04
CA PHE C 618 18.17 2.10 32.17
C PHE C 618 18.59 1.33 30.91
N GLY C 619 18.48 1.96 29.72
CA GLY C 619 18.86 1.32 28.46
C GLY C 619 20.29 0.78 28.47
N ASP C 620 21.18 1.39 29.30
CA ASP C 620 22.59 1.04 29.45
C ASP C 620 22.85 -0.41 29.88
N PHE C 621 21.84 -1.05 30.50
CA PHE C 621 21.98 -2.42 31.02
C PHE C 621 21.50 -3.48 30.06
N VAL C 622 20.86 -3.11 28.94
CA VAL C 622 20.37 -4.09 27.98
C VAL C 622 21.55 -4.88 27.29
N ASN C 623 22.78 -4.32 27.27
CA ASN C 623 23.94 -5.01 26.70
C ASN C 623 24.23 -6.36 27.46
N GLY C 624 23.66 -6.54 28.68
CA GLY C 624 23.69 -7.79 29.41
C GLY C 624 22.87 -8.87 28.71
N ALA C 625 21.97 -8.46 27.78
CA ALA C 625 21.15 -9.38 26.98
C ALA C 625 21.54 -9.30 25.48
N GLN C 626 22.79 -8.95 25.19
CA GLN C 626 23.23 -8.82 23.79
C GLN C 626 23.01 -10.08 22.94
N SER C 627 23.28 -11.28 23.49
CA SER C 627 23.10 -12.53 22.75
C SER C 627 21.64 -12.70 22.30
N ILE C 628 20.65 -12.36 23.14
CA ILE C 628 19.22 -12.45 22.78
C ILE C 628 18.92 -11.44 21.70
N ILE C 629 19.41 -10.19 21.83
CA ILE C 629 19.18 -9.14 20.83
C ILE C 629 19.77 -9.56 19.48
N ASP C 630 21.03 -10.02 19.48
CA ASP C 630 21.74 -10.43 18.27
C ASP C 630 21.18 -11.72 17.64
N GLU C 631 20.95 -12.75 18.47
CA GLU C 631 20.61 -14.09 18.00
C GLU C 631 19.13 -14.39 17.81
N PHE C 632 18.24 -13.67 18.47
CA PHE C 632 16.80 -13.97 18.41
C PHE C 632 15.99 -12.79 17.92
N ILE C 633 16.00 -11.70 18.65
CA ILE C 633 15.16 -10.51 18.39
C ILE C 633 15.38 -9.91 16.99
N SER C 634 16.62 -9.47 16.73
CA SER C 634 16.93 -8.77 15.48
C SER C 634 16.99 -9.67 14.26
N SER C 635 17.23 -10.98 14.44
CA SER C 635 17.54 -11.87 13.34
C SER C 635 16.71 -13.16 13.22
N GLY C 636 15.88 -13.47 14.21
CA GLY C 636 15.05 -14.69 14.20
C GLY C 636 14.15 -14.91 12.99
N GLU C 637 13.57 -13.83 12.47
CA GLU C 637 12.66 -13.88 11.32
C GLU C 637 13.40 -14.24 10.03
N ALA C 638 14.55 -13.59 9.75
CA ALA C 638 15.34 -13.88 8.53
C ALA C 638 15.98 -15.25 8.55
N LYS C 639 16.40 -15.73 9.73
CA LYS C 639 17.12 -16.99 9.83
C LYS C 639 16.19 -18.20 9.91
N TRP C 640 15.08 -18.06 10.66
CA TRP C 640 14.23 -19.23 10.90
C TRP C 640 12.77 -19.06 10.49
N GLY C 641 12.36 -17.86 10.13
CA GLY C 641 10.94 -17.60 9.85
C GLY C 641 10.14 -17.47 11.13
N GLN C 642 10.86 -17.40 12.30
CA GLN C 642 10.23 -17.24 13.62
C GLN C 642 9.93 -15.76 13.85
N LEU C 643 8.65 -15.45 14.15
CA LEU C 643 8.23 -14.07 14.31
C LEU C 643 8.04 -13.67 15.78
N SER C 644 8.49 -12.48 16.14
CA SER C 644 8.33 -11.95 17.48
C SER C 644 7.85 -10.51 17.45
N ASP C 645 6.85 -10.22 18.25
CA ASP C 645 6.27 -8.89 18.44
C ASP C 645 6.76 -8.23 19.74
N VAL C 646 7.85 -8.75 20.34
CA VAL C 646 8.35 -8.23 21.63
C VAL C 646 8.69 -6.72 21.58
N VAL C 647 8.37 -6.01 22.65
CA VAL C 647 8.69 -4.58 22.82
C VAL C 647 9.82 -4.47 23.86
N LEU C 648 10.87 -3.69 23.54
CA LEU C 648 11.92 -3.36 24.51
C LEU C 648 11.84 -1.86 24.81
N LEU C 649 11.61 -1.52 26.09
CA LEU C 649 11.54 -0.13 26.56
C LEU C 649 12.89 0.20 27.18
N LEU C 650 13.65 1.12 26.57
CA LEU C 650 14.99 1.42 26.99
C LEU C 650 15.16 2.86 27.41
N PRO C 651 15.14 3.17 28.75
CA PRO C 651 15.29 4.56 29.22
C PRO C 651 16.63 5.11 28.76
N HIS C 652 16.58 6.24 28.04
CA HIS C 652 17.72 6.80 27.35
C HIS C 652 17.70 8.33 27.46
N GLY C 653 18.89 8.91 27.52
CA GLY C 653 19.03 10.37 27.54
C GLY C 653 20.18 10.91 28.37
N HIS C 654 20.90 11.88 27.81
CA HIS C 654 22.02 12.57 28.46
C HIS C 654 21.47 13.55 29.48
N GLU C 655 21.75 13.32 30.77
CA GLU C 655 21.28 14.14 31.90
C GLU C 655 22.35 14.32 33.00
N GLY C 656 23.59 13.90 32.74
CA GLY C 656 24.68 14.02 33.70
C GLY C 656 24.79 12.90 34.72
N GLN C 657 24.14 11.75 34.47
CA GLN C 657 24.20 10.65 35.45
C GLN C 657 25.26 9.59 35.10
N GLY C 658 26.17 9.92 34.21
CA GLY C 658 27.29 9.03 33.90
C GLY C 658 27.13 8.09 32.72
N PRO C 659 28.23 7.38 32.35
CA PRO C 659 28.19 6.52 31.15
C PRO C 659 27.31 5.27 31.24
N ASP C 660 26.80 4.92 32.44
CA ASP C 660 25.93 3.76 32.60
C ASP C 660 24.49 4.16 32.92
N HIS C 661 24.15 5.44 32.81
CA HIS C 661 22.79 5.93 33.06
C HIS C 661 22.48 7.00 32.02
N THR C 662 22.92 6.76 30.77
CA THR C 662 22.74 7.73 29.70
C THR C 662 22.27 7.13 28.36
N SER C 663 22.77 5.96 27.96
CA SER C 663 22.48 5.48 26.63
C SER C 663 22.01 4.04 26.54
N GLY C 664 20.98 3.85 25.69
CA GLY C 664 20.44 2.54 25.33
C GLY C 664 21.12 2.00 24.07
N ARG C 665 22.16 2.71 23.59
CA ARG C 665 22.98 2.41 22.43
C ARG C 665 22.13 2.32 21.15
N ILE C 666 21.46 3.43 20.81
CA ILE C 666 20.63 3.60 19.60
C ILE C 666 21.40 3.13 18.34
N GLU C 667 22.69 3.53 18.22
CA GLU C 667 23.59 3.24 17.11
C GLU C 667 23.74 1.71 16.88
N ARG C 668 23.71 0.91 17.95
CA ARG C 668 23.84 -0.54 17.87
C ARG C 668 22.56 -1.16 17.29
N PHE C 669 21.36 -0.67 17.71
CA PHE C 669 20.10 -1.19 17.20
C PHE C 669 19.94 -0.79 15.73
N LEU C 670 20.37 0.42 15.37
CA LEU C 670 20.27 0.92 13.99
C LEU C 670 21.20 0.12 13.08
N GLN C 671 22.35 -0.33 13.62
CA GLN C 671 23.34 -1.17 12.90
C GLN C 671 22.79 -2.57 12.65
N LEU C 672 22.04 -3.12 13.62
CA LEU C 672 21.43 -4.46 13.52
C LEU C 672 20.22 -4.50 12.53
N TRP C 673 19.50 -3.36 12.39
CA TRP C 673 18.33 -3.24 11.56
C TRP C 673 18.70 -3.45 10.10
N ALA C 674 17.83 -4.13 9.37
CA ALA C 674 17.89 -4.33 7.92
C ALA C 674 16.59 -4.88 7.44
N GLU C 675 16.19 -4.50 6.22
CA GLU C 675 15.02 -5.02 5.51
C GLU C 675 13.73 -5.08 6.37
N GLY C 676 13.44 -4.02 7.08
CA GLY C 676 12.27 -3.91 7.95
C GLY C 676 12.14 -4.92 9.07
N SER C 677 13.27 -5.46 9.57
CA SER C 677 13.29 -6.51 10.61
C SER C 677 12.65 -6.07 11.95
N MET C 678 12.77 -4.78 12.31
CA MET C 678 12.26 -4.18 13.56
C MET C 678 11.76 -2.75 13.37
N THR C 679 11.00 -2.23 14.35
CA THR C 679 10.64 -0.81 14.41
C THR C 679 11.50 -0.22 15.53
N ILE C 680 12.16 0.92 15.27
CA ILE C 680 13.01 1.60 16.24
C ILE C 680 12.46 3.03 16.39
N ALA C 681 12.03 3.40 17.60
CA ALA C 681 11.46 4.74 17.80
C ALA C 681 11.98 5.44 19.04
N MET C 682 11.96 6.79 18.98
CA MET C 682 12.31 7.64 20.11
C MET C 682 11.24 8.77 20.17
N PRO C 683 10.03 8.48 20.73
CA PRO C 683 8.98 9.50 20.75
C PRO C 683 9.31 10.63 21.72
N SER C 684 8.88 11.85 21.38
CA SER C 684 9.11 13.08 22.15
C SER C 684 7.84 13.55 22.87
N THR C 685 6.71 12.92 22.58
CA THR C 685 5.42 13.31 23.09
C THR C 685 4.64 12.11 23.70
N PRO C 686 3.89 12.33 24.81
CA PRO C 686 3.08 11.24 25.38
C PRO C 686 2.05 10.64 24.40
N ALA C 687 1.32 11.45 23.65
CA ALA C 687 0.31 10.98 22.67
C ALA C 687 0.94 10.19 21.52
N ASN C 688 2.16 10.58 21.09
CA ASN C 688 2.85 9.87 20.03
C ASN C 688 3.31 8.51 20.52
N TYR C 689 3.73 8.41 21.82
CA TYR C 689 4.09 7.14 22.41
C TYR C 689 2.85 6.24 22.50
N PHE C 690 1.72 6.81 22.98
CA PHE C 690 0.43 6.12 23.07
C PHE C 690 0.04 5.50 21.71
N HIS C 691 0.09 6.30 20.62
CA HIS C 691 -0.27 5.82 19.27
C HIS C 691 0.73 4.79 18.76
N LEU C 692 2.03 4.92 19.13
CA LEU C 692 3.07 3.95 18.75
C LEU C 692 2.77 2.56 19.37
N LEU C 693 2.39 2.52 20.68
CA LEU C 693 2.06 1.25 21.36
C LEU C 693 0.76 0.63 20.81
N ARG C 694 -0.27 1.47 20.56
CA ARG C 694 -1.52 0.96 20.03
C ARG C 694 -1.37 0.45 18.58
N ARG C 695 -0.55 1.14 17.74
CA ARG C 695 -0.30 0.67 16.36
C ARG C 695 0.40 -0.69 16.43
N HIS C 696 1.43 -0.83 17.27
CA HIS C 696 2.16 -2.08 17.46
C HIS C 696 1.23 -3.20 17.94
N GLY C 697 0.34 -2.89 18.86
CA GLY C 697 -0.59 -3.88 19.38
C GLY C 697 -1.74 -4.25 18.45
N LYS C 698 -2.01 -3.44 17.41
CA LYS C 698 -3.17 -3.67 16.52
C LYS C 698 -2.82 -3.86 15.02
N ASP C 699 -1.59 -3.56 14.57
CA ASP C 699 -1.19 -3.63 13.16
C ASP C 699 -1.03 -5.08 12.58
N GLY C 700 -0.96 -6.09 13.44
CA GLY C 700 -0.77 -7.46 12.98
C GLY C 700 0.62 -7.80 12.43
N ILE C 701 1.58 -6.85 12.49
CA ILE C 701 2.95 -7.02 12.02
C ILE C 701 3.76 -7.60 13.17
N GLN C 702 4.11 -8.91 13.12
CA GLN C 702 4.84 -9.58 14.17
C GLN C 702 6.35 -9.31 14.06
N ARG C 703 6.75 -8.08 14.41
CA ARG C 703 8.15 -7.65 14.38
C ARG C 703 8.49 -6.85 15.63
N PRO C 704 9.71 -6.98 16.17
CA PRO C 704 10.02 -6.29 17.44
C PRO C 704 9.94 -4.77 17.35
N LEU C 705 9.66 -4.13 18.49
CA LEU C 705 9.60 -2.68 18.61
C LEU C 705 10.62 -2.25 19.66
N ILE C 706 11.54 -1.34 19.27
CA ILE C 706 12.56 -0.83 20.20
C ILE C 706 12.22 0.62 20.50
N VAL C 707 11.93 0.92 21.77
CA VAL C 707 11.55 2.27 22.18
C VAL C 707 12.58 2.85 23.13
N PHE C 708 13.14 4.02 22.78
CA PHE C 708 14.06 4.77 23.61
C PHE C 708 13.19 5.74 24.36
N THR C 709 12.97 5.41 25.67
CA THR C 709 12.01 6.08 26.53
C THR C 709 12.66 7.12 27.47
N PRO C 710 11.90 8.11 27.95
CA PRO C 710 12.53 9.17 28.74
C PRO C 710 12.71 8.84 30.22
N LYS C 711 13.44 9.73 30.90
CA LYS C 711 13.76 9.71 32.33
C LYS C 711 13.31 11.07 32.91
N SER C 712 14.08 12.18 32.76
CA SER C 712 13.63 13.51 33.21
C SER C 712 12.43 14.05 32.38
N MET C 713 12.37 13.77 31.06
CA MET C 713 11.27 14.21 30.17
C MET C 713 9.87 13.69 30.62
N LEU C 714 9.84 12.64 31.49
CA LEU C 714 8.62 12.13 32.12
C LEU C 714 7.93 13.25 32.89
N ARG C 715 8.73 14.16 33.49
CA ARG C 715 8.20 15.24 34.32
C ARG C 715 8.36 16.63 33.70
N ASN C 716 8.80 16.71 32.44
CA ASN C 716 8.92 17.96 31.73
C ASN C 716 7.49 18.47 31.43
N LYS C 717 7.14 19.68 31.93
CA LYS C 717 5.78 20.23 31.80
C LYS C 717 5.43 20.65 30.37
N ALA C 718 6.44 20.78 29.49
CA ALA C 718 6.21 21.06 28.07
C ALA C 718 5.88 19.76 27.35
N ALA C 719 6.32 18.59 27.89
CA ALA C 719 6.12 17.27 27.28
C ALA C 719 4.80 16.61 27.76
N VAL C 720 3.66 17.29 27.51
CA VAL C 720 2.30 16.84 27.86
C VAL C 720 1.45 16.89 26.60
N SER C 721 0.35 16.13 26.56
CA SER C 721 -0.51 16.05 25.38
C SER C 721 -1.97 16.35 25.71
N ASP C 722 -2.70 16.89 24.72
CA ASP C 722 -4.13 17.22 24.83
C ASP C 722 -4.98 15.98 24.58
N ILE C 723 -6.21 15.98 25.09
CA ILE C 723 -7.17 14.88 24.92
C ILE C 723 -7.35 14.55 23.41
N ARG C 724 -7.47 15.58 22.54
CA ARG C 724 -7.70 15.43 21.09
C ARG C 724 -6.53 14.72 20.39
N ASP C 725 -5.30 14.79 20.96
CA ASP C 725 -4.13 14.10 20.40
C ASP C 725 -4.31 12.58 20.50
N PHE C 726 -5.16 12.10 21.44
CA PHE C 726 -5.45 10.69 21.68
C PHE C 726 -6.72 10.24 20.97
N THR C 727 -7.69 11.16 20.82
CA THR C 727 -9.01 10.82 20.29
C THR C 727 -9.17 11.16 18.81
N GLU C 728 -8.32 12.04 18.23
CA GLU C 728 -8.52 12.42 16.83
C GLU C 728 -7.22 12.45 16.04
N SER C 729 -6.19 11.76 16.52
CA SER C 729 -4.93 11.72 15.80
C SER C 729 -4.45 10.28 15.65
N LYS C 730 -3.19 10.11 15.20
CA LYS C 730 -2.55 8.82 14.99
C LYS C 730 -1.06 9.02 15.15
N PHE C 731 -0.28 7.92 15.06
CA PHE C 731 1.18 7.98 15.20
C PHE C 731 1.77 8.84 14.10
N ARG C 732 2.64 9.79 14.47
CA ARG C 732 3.32 10.70 13.55
C ARG C 732 4.81 10.40 13.61
N SER C 733 5.35 9.83 12.51
CA SER C 733 6.74 9.44 12.39
C SER C 733 7.67 10.65 12.29
N VAL C 734 7.15 11.78 11.79
CA VAL C 734 7.88 13.04 11.67
C VAL C 734 7.01 14.14 12.32
N LEU C 735 7.58 14.95 13.23
CA LEU C 735 6.83 16.03 13.88
C LEU C 735 7.44 17.41 13.66
N GLU C 736 6.60 18.35 13.34
CA GLU C 736 6.96 19.76 13.20
C GLU C 736 6.62 20.46 14.49
N GLU C 737 7.13 21.68 14.65
CA GLU C 737 6.81 22.57 15.78
C GLU C 737 5.35 22.98 15.71
N PRO C 738 4.63 22.97 16.86
CA PRO C 738 3.19 23.35 16.85
C PRO C 738 2.91 24.78 16.35
N MET C 739 3.91 25.71 16.39
CA MET C 739 3.71 27.08 15.88
C MET C 739 3.45 27.08 14.35
N TYR C 740 3.92 26.05 13.61
CA TYR C 740 3.71 25.98 12.17
C TYR C 740 2.43 25.22 11.82
N THR C 741 2.08 24.18 12.59
CA THR C 741 0.90 23.35 12.35
C THR C 741 -0.39 23.91 12.99
N ASP C 742 -0.28 24.53 14.17
CA ASP C 742 -1.44 25.05 14.92
C ASP C 742 -1.35 26.56 15.20
N GLY C 743 -0.15 27.12 15.17
CA GLY C 743 0.06 28.52 15.49
C GLY C 743 0.15 29.47 14.31
N GLU C 744 0.81 30.61 14.56
CA GLU C 744 1.00 31.68 13.58
C GLU C 744 2.46 31.82 13.11
N GLY C 745 3.22 30.73 13.19
CA GLY C 745 4.60 30.67 12.71
C GLY C 745 4.68 30.66 11.19
N ASP C 746 5.73 31.30 10.60
CA ASP C 746 5.94 31.39 9.16
C ASP C 746 7.14 30.51 8.73
N ARG C 747 6.85 29.36 8.08
CA ARG C 747 7.85 28.42 7.57
C ARG C 747 8.77 29.08 6.52
N ASN C 748 8.30 30.15 5.82
CA ASN C 748 9.09 30.81 4.77
C ASN C 748 10.27 31.63 5.30
N LYS C 749 10.24 31.98 6.59
CA LYS C 749 11.32 32.70 7.25
C LYS C 749 12.50 31.77 7.57
N VAL C 750 12.28 30.44 7.51
CA VAL C 750 13.28 29.45 7.91
C VAL C 750 14.37 29.24 6.83
N THR C 751 15.62 29.53 7.25
CA THR C 751 16.83 29.40 6.43
C THR C 751 17.71 28.24 6.96
N ARG C 752 17.56 27.88 8.26
CA ARG C 752 18.30 26.81 8.91
C ARG C 752 17.36 25.77 9.49
N LEU C 753 17.55 24.51 9.07
CA LEU C 753 16.72 23.44 9.55
C LEU C 753 17.51 22.50 10.46
N LEU C 754 16.98 22.31 11.69
CA LEU C 754 17.57 21.41 12.68
C LEU C 754 16.73 20.14 12.75
N LEU C 755 17.35 19.01 12.45
CA LEU C 755 16.70 17.70 12.50
C LEU C 755 17.20 16.99 13.72
N THR C 756 16.27 16.45 14.51
CA THR C 756 16.63 15.84 15.77
C THR C 756 15.63 14.74 16.16
N SER C 757 15.80 14.19 17.36
CA SER C 757 14.98 13.15 17.94
C SER C 757 15.11 13.18 19.47
N GLY C 758 14.00 13.00 20.17
CA GLY C 758 13.97 12.94 21.62
C GLY C 758 13.89 14.28 22.31
N LYS C 759 14.18 14.25 23.62
CA LYS C 759 14.08 15.35 24.57
C LYS C 759 14.85 16.62 24.20
N ILE C 760 15.96 16.56 23.40
CA ILE C 760 16.74 17.77 23.07
C ILE C 760 15.87 18.81 22.30
N TYR C 761 14.76 18.34 21.66
CA TYR C 761 13.81 19.20 20.97
C TYR C 761 13.34 20.33 21.88
N TYR C 762 12.98 20.02 23.14
CA TYR C 762 12.43 21.01 24.09
C TYR C 762 13.45 22.09 24.45
N GLU C 763 14.74 21.71 24.57
CA GLU C 763 15.83 22.64 24.85
C GLU C 763 16.08 23.55 23.66
N LEU C 764 16.03 22.97 22.42
CA LEU C 764 16.19 23.71 21.18
C LEU C 764 15.02 24.67 20.98
N ALA C 765 13.78 24.22 21.30
CA ALA C 765 12.56 25.01 21.18
C ALA C 765 12.57 26.19 22.15
N ALA C 766 13.00 25.96 23.42
CA ALA C 766 13.13 27.01 24.45
C ALA C 766 14.14 28.08 24.02
N ARG C 767 15.29 27.64 23.45
CA ARG C 767 16.32 28.56 22.95
C ARG C 767 15.80 29.37 21.75
N LYS C 768 15.03 28.74 20.83
CA LYS C 768 14.44 29.42 19.68
C LYS C 768 13.47 30.52 20.16
N ALA C 769 12.62 30.19 21.15
CA ALA C 769 11.64 31.10 21.74
C ALA C 769 12.32 32.26 22.47
N LYS C 770 13.42 31.99 23.20
CA LYS C 770 14.18 32.97 23.95
C LYS C 770 14.74 34.08 23.05
N GLU C 771 15.36 33.70 21.92
CA GLU C 771 15.98 34.64 20.97
C GLU C 771 15.04 35.04 19.82
N ASN C 772 13.77 34.55 19.81
CA ASN C 772 12.76 34.78 18.75
C ASN C 772 13.40 34.47 17.37
N ARG C 773 13.96 33.26 17.23
CA ARG C 773 14.64 32.89 15.99
C ARG C 773 13.70 32.19 14.99
N GLU C 774 13.09 33.01 14.14
CA GLU C 774 12.13 32.66 13.09
C GLU C 774 12.83 32.04 11.87
N ASP C 775 14.14 32.29 11.75
CA ASP C 775 15.05 31.83 10.71
C ASP C 775 15.43 30.35 10.92
N VAL C 776 15.10 29.77 12.12
CA VAL C 776 15.42 28.40 12.51
C VAL C 776 14.14 27.56 12.82
N ALA C 777 14.04 26.34 12.23
CA ALA C 777 12.93 25.40 12.49
C ALA C 777 13.47 24.07 12.94
N ILE C 778 12.76 23.40 13.86
CA ILE C 778 13.18 22.12 14.44
C ILE C 778 12.20 21.02 14.03
N VAL C 779 12.74 19.99 13.36
CA VAL C 779 11.92 18.87 12.88
C VAL C 779 12.37 17.61 13.61
N ARG C 780 11.40 16.86 14.16
CA ARG C 780 11.70 15.63 14.90
C ARG C 780 11.43 14.38 14.09
N ILE C 781 12.35 13.43 14.17
CA ILE C 781 12.19 12.10 13.57
C ILE C 781 11.85 11.18 14.74
N GLU C 782 10.57 10.80 14.85
CA GLU C 782 10.01 9.97 15.93
C GLU C 782 10.30 8.48 15.66
N GLN C 783 10.21 8.06 14.39
CA GLN C 783 10.49 6.70 13.96
C GLN C 783 11.85 6.68 13.29
N LEU C 784 12.86 6.10 13.94
CA LEU C 784 14.24 6.06 13.43
C LEU C 784 14.42 4.97 12.37
N ALA C 785 13.77 3.82 12.56
CA ALA C 785 13.77 2.69 11.62
C ALA C 785 12.41 1.99 11.59
N PRO C 786 11.84 1.70 10.40
CA PRO C 786 12.31 2.12 9.07
C PRO C 786 12.11 3.63 8.91
N LEU C 787 13.08 4.30 8.24
CA LEU C 787 13.07 5.75 8.04
C LEU C 787 11.82 6.19 7.28
N PRO C 788 11.08 7.20 7.79
CA PRO C 788 9.87 7.65 7.09
C PRO C 788 10.26 8.60 5.95
N ARG C 789 10.90 8.02 4.90
CA ARG C 789 11.42 8.70 3.72
C ARG C 789 10.43 9.69 3.11
N ARG C 790 9.20 9.25 2.82
CA ARG C 790 8.16 10.05 2.19
C ARG C 790 7.74 11.18 3.15
N ARG C 791 7.36 10.83 4.39
CA ARG C 791 6.94 11.80 5.41
C ARG C 791 8.03 12.84 5.66
N LEU C 792 9.32 12.43 5.65
CA LEU C 792 10.46 13.32 5.82
C LEU C 792 10.59 14.30 4.64
N ALA C 793 10.52 13.78 3.39
CA ALA C 793 10.59 14.57 2.16
C ALA C 793 9.47 15.61 2.07
N GLU C 794 8.21 15.22 2.36
CA GLU C 794 7.03 16.11 2.34
C GLU C 794 7.13 17.22 3.40
N THR C 795 7.72 16.92 4.57
CA THR C 795 7.87 17.90 5.64
C THR C 795 8.89 18.95 5.25
N LEU C 796 10.07 18.52 4.78
CA LEU C 796 11.15 19.46 4.42
C LEU C 796 10.77 20.33 3.20
N ASP C 797 9.86 19.83 2.33
CA ASP C 797 9.39 20.56 1.16
C ASP C 797 8.57 21.78 1.55
N ARG C 798 8.07 21.83 2.80
CA ARG C 798 7.25 22.93 3.31
C ARG C 798 8.10 24.13 3.83
N TYR C 799 9.44 24.00 3.78
CA TYR C 799 10.42 25.01 4.18
C TYR C 799 11.29 25.36 2.95
N PRO C 800 10.78 26.17 2.00
CA PRO C 800 11.51 26.37 0.74
C PRO C 800 12.78 27.23 0.82
N ASN C 801 12.97 28.03 1.87
CA ASN C 801 14.11 28.92 1.90
C ASN C 801 15.25 28.42 2.77
N VAL C 802 15.28 27.12 3.05
CA VAL C 802 16.33 26.51 3.86
C VAL C 802 17.62 26.47 3.02
N LYS C 803 18.71 26.98 3.61
CA LYS C 803 20.03 27.05 2.97
C LYS C 803 21.01 26.07 3.65
N GLU C 804 20.70 25.63 4.88
CA GLU C 804 21.56 24.67 5.63
C GLU C 804 20.74 23.74 6.52
N LYS C 805 21.18 22.47 6.63
CA LYS C 805 20.54 21.43 7.42
C LYS C 805 21.53 20.77 8.40
N PHE C 806 21.05 20.53 9.61
CA PHE C 806 21.87 19.91 10.63
C PHE C 806 21.14 18.82 11.34
N TRP C 807 21.82 17.67 11.54
CA TRP C 807 21.34 16.62 12.40
C TRP C 807 21.90 16.93 13.79
N VAL C 808 21.01 17.19 14.77
CA VAL C 808 21.39 17.58 16.12
C VAL C 808 21.09 16.44 17.07
N GLN C 809 22.08 16.07 17.90
CA GLN C 809 21.92 14.99 18.87
C GLN C 809 22.79 15.22 20.09
N GLU C 810 22.33 14.69 21.22
CA GLU C 810 23.05 14.73 22.49
C GLU C 810 24.21 13.72 22.51
N GLU C 811 24.06 12.59 21.82
CA GLU C 811 25.03 11.49 21.86
C GLU C 811 26.34 11.83 21.13
N PRO C 812 27.48 11.24 21.57
CA PRO C 812 28.76 11.43 20.85
C PRO C 812 28.64 11.12 19.35
N ALA C 813 29.51 11.74 18.52
CA ALA C 813 29.51 11.63 17.04
C ALA C 813 29.52 10.16 16.52
N ASN C 814 30.12 9.22 17.25
CA ASN C 814 30.17 7.81 16.88
C ASN C 814 28.99 7.02 17.42
N GLN C 815 28.04 7.74 18.06
CA GLN C 815 26.87 7.13 18.72
C GLN C 815 25.59 7.84 18.30
N GLY C 816 24.46 7.40 18.84
CA GLY C 816 23.15 7.94 18.47
C GLY C 816 22.78 7.55 17.04
N ALA C 817 21.95 8.36 16.39
CA ALA C 817 21.48 8.07 15.03
C ALA C 817 22.45 8.55 13.93
N TRP C 818 23.41 9.44 14.25
CA TRP C 818 24.32 10.02 13.24
C TRP C 818 25.12 8.98 12.45
N PRO C 819 25.81 7.97 13.03
CA PRO C 819 26.55 7.00 12.18
C PRO C 819 25.71 6.36 11.06
N SER C 820 24.40 6.15 11.26
CA SER C 820 23.57 5.56 10.20
C SER C 820 22.88 6.67 9.38
N PHE C 821 22.31 7.71 10.02
CA PHE C 821 21.66 8.83 9.31
C PHE C 821 22.62 9.61 8.44
N GLY C 822 23.83 9.83 8.93
CA GLY C 822 24.88 10.57 8.21
C GLY C 822 25.26 9.90 6.90
N LEU C 823 25.12 8.57 6.83
CA LEU C 823 25.40 7.79 5.63
C LEU C 823 24.13 7.55 4.79
N THR C 824 23.00 7.25 5.44
CA THR C 824 21.73 6.94 4.78
C THR C 824 21.00 8.15 4.18
N LEU C 825 20.69 9.20 4.97
CA LEU C 825 19.92 10.38 4.53
C LEU C 825 20.48 11.01 3.22
N PRO C 826 21.81 11.26 3.03
CA PRO C 826 22.28 11.83 1.77
C PRO C 826 22.17 10.89 0.56
N GLU C 827 22.01 9.58 0.81
CA GLU C 827 21.85 8.57 -0.24
C GLU C 827 20.37 8.36 -0.57
N ILE C 828 19.54 8.17 0.46
CA ILE C 828 18.10 7.91 0.36
C ILE C 828 17.34 9.18 -0.17
N LEU C 829 17.67 10.39 0.32
CA LEU C 829 17.05 11.67 -0.12
C LEU C 829 18.15 12.65 -0.57
N PRO C 830 18.78 12.41 -1.77
CA PRO C 830 19.89 13.28 -2.22
C PRO C 830 19.52 14.74 -2.44
N ASP C 831 18.29 15.04 -2.86
CA ASP C 831 17.89 16.42 -3.12
C ASP C 831 17.61 17.19 -1.82
N HIS C 832 17.38 16.48 -0.70
CA HIS C 832 17.09 17.12 0.58
C HIS C 832 18.28 17.14 1.53
N PHE C 833 19.11 16.07 1.55
CA PHE C 833 20.17 15.96 2.55
C PHE C 833 21.62 15.99 2.05
N THR C 834 21.87 16.42 0.83
CA THR C 834 23.25 16.56 0.35
C THR C 834 23.79 17.81 1.07
N GLY C 835 24.91 17.63 1.77
CA GLY C 835 25.50 18.72 2.55
C GLY C 835 25.04 18.75 3.99
N LEU C 836 24.34 17.66 4.45
CA LEU C 836 23.87 17.50 5.83
C LEU C 836 25.04 17.50 6.77
N LYS C 837 24.99 18.34 7.80
CA LYS C 837 26.05 18.46 8.78
C LYS C 837 25.59 17.97 10.14
N ARG C 838 26.53 17.55 10.98
CA ARG C 838 26.27 17.02 12.32
C ARG C 838 26.60 18.05 13.43
N ILE C 839 25.69 18.14 14.43
CA ILE C 839 25.89 18.87 15.68
C ILE C 839 25.65 17.84 16.75
N SER C 840 26.69 17.48 17.47
CA SER C 840 26.63 16.47 18.52
C SER C 840 27.75 16.66 19.51
N ARG C 841 27.85 15.71 20.45
CA ARG C 841 28.98 15.59 21.35
C ARG C 841 30.14 15.01 20.51
N ARG C 842 31.39 15.24 20.90
CA ARG C 842 32.55 14.67 20.19
C ARG C 842 32.52 13.15 20.33
N ALA C 843 33.19 12.41 19.44
CA ALA C 843 33.24 10.95 19.50
C ALA C 843 33.89 10.53 20.82
N MET C 844 33.28 9.56 21.54
CA MET C 844 33.77 9.09 22.83
C MET C 844 33.80 7.58 22.89
N SER C 845 34.73 6.99 23.65
CA SER C 845 34.85 5.55 23.82
C SER C 845 33.86 5.02 24.87
N ALA C 846 33.11 5.93 25.53
CA ALA C 846 32.05 5.66 26.51
C ALA C 846 30.78 6.46 26.13
N PRO C 847 29.55 6.10 26.60
CA PRO C 847 28.35 6.85 26.15
C PRO C 847 28.33 8.33 26.57
N SER C 848 29.07 8.66 27.60
CA SER C 848 29.16 10.05 28.11
C SER C 848 30.34 10.18 29.07
N SER C 849 30.53 11.40 29.60
CA SER C 849 31.53 11.71 30.62
C SER C 849 30.97 11.24 31.97
N GLY C 850 31.85 11.03 32.94
CA GLY C 850 31.44 10.66 34.27
C GLY C 850 31.01 11.87 35.10
N SER C 851 31.35 13.09 34.62
CA SER C 851 31.08 14.34 35.34
C SER C 851 29.80 15.03 34.84
N SER C 852 28.92 15.43 35.78
CA SER C 852 27.69 16.15 35.45
C SER C 852 28.03 17.60 35.04
N LYS C 853 29.21 18.11 35.51
CA LYS C 853 29.70 19.45 35.15
C LYS C 853 30.10 19.46 33.68
N VAL C 854 30.85 18.43 33.23
CA VAL C 854 31.29 18.25 31.84
C VAL C 854 30.05 18.07 30.97
N HIS C 855 29.08 17.24 31.40
CA HIS C 855 27.82 17.05 30.66
C HIS C 855 27.13 18.40 30.36
N ALA C 856 26.95 19.24 31.39
CA ALA C 856 26.28 20.56 31.30
C ALA C 856 26.97 21.50 30.30
N VAL C 857 28.32 21.53 30.30
CA VAL C 857 29.11 22.37 29.40
C VAL C 857 28.91 21.87 27.95
N GLU C 858 28.98 20.56 27.74
CA GLU C 858 28.78 19.92 26.43
C GLU C 858 27.37 20.13 25.91
N GLN C 859 26.34 20.08 26.81
CA GLN C 859 24.94 20.29 26.46
C GLN C 859 24.73 21.71 25.95
N GLN C 860 25.32 22.71 26.64
CA GLN C 860 25.23 24.11 26.24
C GLN C 860 25.96 24.37 24.93
N GLU C 861 27.13 23.72 24.75
CA GLU C 861 27.95 23.81 23.53
C GLU C 861 27.14 23.40 22.28
N ILE C 862 26.31 22.31 22.40
CA ILE C 862 25.43 21.80 21.33
C ILE C 862 24.38 22.85 20.98
N LEU C 863 23.70 23.41 22.02
CA LEU C 863 22.66 24.43 21.89
C LEU C 863 23.22 25.70 21.25
N ASP C 864 24.44 26.12 21.64
CA ASP C 864 25.07 27.32 21.10
C ASP C 864 25.51 27.11 19.64
N THR C 865 25.99 25.90 19.29
CA THR C 865 26.43 25.58 17.91
C THR C 865 25.21 25.58 16.98
N ALA C 866 24.06 25.07 17.47
CA ALA C 866 22.81 25.00 16.70
C ALA C 866 22.25 26.39 16.39
N PHE C 867 22.50 27.39 17.27
CA PHE C 867 22.01 28.77 17.10
C PHE C 867 23.15 29.78 16.82
N GLY C 868 24.32 29.27 16.47
CA GLY C 868 25.49 30.08 16.14
C GLY C 868 25.42 30.74 14.77
N GLU D 5 14.22 -47.66 74.02
CA GLU D 5 15.37 -48.51 73.75
C GLU D 5 16.18 -47.99 72.57
N ASP D 6 15.54 -47.16 71.71
CA ASP D 6 16.14 -46.52 70.55
C ASP D 6 16.33 -45.01 70.80
N LYS D 7 16.60 -44.64 72.08
CA LYS D 7 16.82 -43.27 72.53
C LYS D 7 18.15 -42.70 72.01
N ASN D 8 19.24 -43.50 72.06
CA ASN D 8 20.54 -43.07 71.57
C ASN D 8 20.52 -42.85 70.05
N ALA D 9 19.62 -43.55 69.34
CA ALA D 9 19.43 -43.43 67.90
C ALA D 9 18.71 -42.12 67.56
N ARG D 10 17.74 -41.74 68.41
CA ARG D 10 16.96 -40.50 68.30
C ARG D 10 17.85 -39.27 68.56
N VAL D 11 18.97 -39.47 69.29
CA VAL D 11 19.99 -38.46 69.62
C VAL D 11 20.87 -38.23 68.37
N ILE D 12 21.31 -39.33 67.71
CA ILE D 12 22.12 -39.32 66.47
C ILE D 12 21.36 -38.58 65.35
N GLU D 13 20.03 -38.82 65.25
CA GLU D 13 19.15 -38.17 64.29
C GLU D 13 18.96 -36.68 64.64
N LEU D 14 18.93 -36.34 65.95
CA LEU D 14 18.78 -34.98 66.43
C LEU D 14 20.03 -34.17 66.11
N ILE D 15 21.24 -34.75 66.34
CA ILE D 15 22.54 -34.14 66.02
C ILE D 15 22.58 -33.84 64.49
N ALA D 16 22.24 -34.85 63.64
CA ALA D 16 22.24 -34.70 62.18
C ALA D 16 21.26 -33.60 61.74
N ALA D 17 20.08 -33.53 62.37
CA ALA D 17 19.05 -32.52 62.08
C ALA D 17 19.55 -31.10 62.31
N TYR D 18 20.28 -30.86 63.42
CA TYR D 18 20.84 -29.55 63.72
C TYR D 18 21.94 -29.19 62.72
N ARG D 19 22.84 -30.14 62.42
CA ARG D 19 23.93 -29.96 61.48
C ARG D 19 23.42 -29.69 60.05
N ASN D 20 22.37 -30.42 59.61
CA ASN D 20 21.83 -30.27 58.26
C ASN D 20 20.86 -29.12 58.10
N ARG D 21 19.93 -28.94 59.05
CA ARG D 21 18.86 -27.98 58.87
C ARG D 21 18.70 -26.92 59.97
N GLY D 22 19.60 -26.90 60.96
CA GLY D 22 19.56 -25.94 62.07
C GLY D 22 19.49 -24.50 61.61
N HIS D 23 20.16 -24.19 60.46
CA HIS D 23 20.21 -22.88 59.80
C HIS D 23 18.81 -22.34 59.46
N LEU D 24 17.81 -23.22 59.27
CA LEU D 24 16.43 -22.82 58.93
C LEU D 24 15.68 -22.24 60.13
N MET D 25 16.21 -22.47 61.36
CA MET D 25 15.64 -22.00 62.62
C MET D 25 16.55 -20.96 63.31
N ALA D 26 17.74 -20.69 62.74
CA ALA D 26 18.64 -19.72 63.32
C ALA D 26 18.04 -18.28 63.29
N ASP D 27 18.32 -17.48 64.32
CA ASP D 27 17.84 -16.09 64.41
C ASP D 27 18.84 -15.18 63.66
N ILE D 28 18.74 -15.21 62.31
CA ILE D 28 19.63 -14.50 61.39
C ILE D 28 19.07 -13.15 60.87
N ASP D 29 17.74 -12.98 60.87
CA ASP D 29 17.15 -11.75 60.35
C ASP D 29 17.02 -10.70 61.47
N PRO D 30 17.74 -9.55 61.37
CA PRO D 30 17.60 -8.52 62.44
C PRO D 30 16.23 -7.84 62.48
N LEU D 31 15.42 -7.98 61.42
CA LEU D 31 14.09 -7.38 61.33
C LEU D 31 13.00 -8.37 61.76
N ARG D 32 13.33 -9.68 61.84
CA ARG D 32 12.42 -10.78 62.20
C ARG D 32 11.10 -10.65 61.41
N LEU D 33 11.20 -10.46 60.08
CA LEU D 33 10.05 -10.27 59.21
C LEU D 33 9.18 -11.52 59.13
N ASP D 34 9.79 -12.69 58.98
CA ASP D 34 9.03 -13.94 58.95
C ASP D 34 8.85 -14.48 60.37
N ASN D 35 7.60 -14.43 60.84
CA ASN D 35 7.24 -14.89 62.17
C ASN D 35 7.13 -16.42 62.20
N THR D 36 6.62 -17.02 61.08
CA THR D 36 6.42 -18.47 60.92
C THR D 36 7.75 -19.27 61.02
N ARG D 37 8.90 -18.59 60.87
CA ARG D 37 10.27 -19.15 60.94
C ARG D 37 10.53 -19.89 62.26
N PHE D 38 10.04 -19.27 63.37
CA PHE D 38 10.15 -19.65 64.78
C PHE D 38 11.63 -19.62 65.19
N TRP D 54 13.38 -34.31 81.10
CA TRP D 54 13.06 -35.68 80.71
C TRP D 54 14.37 -36.50 80.65
N ASP D 55 14.85 -36.82 79.42
CA ASP D 55 16.09 -37.57 79.17
C ASP D 55 17.29 -36.62 79.05
N LEU D 56 17.07 -35.33 79.34
CA LEU D 56 18.04 -34.26 79.26
C LEU D 56 19.21 -34.41 80.23
N ASP D 57 18.95 -34.97 81.42
CA ASP D 57 19.97 -35.13 82.47
C ASP D 57 20.73 -36.47 82.36
N ARG D 58 20.32 -37.36 81.42
CA ARG D 58 20.98 -38.64 81.19
C ARG D 58 22.20 -38.46 80.28
N GLU D 59 23.29 -39.17 80.60
CA GLU D 59 24.55 -39.12 79.83
C GLU D 59 24.46 -40.05 78.60
N PHE D 60 25.01 -39.58 77.46
CA PHE D 60 25.03 -40.28 76.17
C PHE D 60 26.42 -40.32 75.55
N LYS D 61 26.72 -41.39 74.79
CA LYS D 61 27.99 -41.56 74.09
C LYS D 61 27.92 -40.84 72.75
N VAL D 62 28.83 -39.86 72.53
CA VAL D 62 28.91 -39.07 71.31
C VAL D 62 30.38 -38.85 70.90
N ASP D 63 30.64 -38.69 69.58
CA ASP D 63 31.98 -38.48 69.03
C ASP D 63 32.50 -37.07 69.33
N VAL D 68 35.19 -41.23 71.53
CA VAL D 68 33.93 -41.49 72.21
C VAL D 68 33.93 -40.78 73.58
N GLN D 69 33.06 -39.75 73.70
CA GLN D 69 32.87 -38.91 74.88
C GLN D 69 31.49 -39.12 75.51
N ARG D 70 31.40 -38.94 76.84
CA ARG D 70 30.15 -39.07 77.60
C ARG D 70 29.70 -37.68 78.09
N LYS D 71 28.58 -37.20 77.53
CA LYS D 71 28.00 -35.89 77.84
C LYS D 71 26.48 -35.97 78.02
N LYS D 72 25.92 -35.16 78.95
CA LYS D 72 24.47 -35.09 79.19
C LYS D 72 23.76 -34.55 77.94
N LEU D 73 22.55 -35.04 77.66
CA LEU D 73 21.74 -34.63 76.51
C LEU D 73 21.54 -33.11 76.48
N ARG D 74 21.30 -32.48 77.66
CA ARG D 74 21.13 -31.03 77.77
C ARG D 74 22.37 -30.27 77.26
N ASP D 75 23.59 -30.79 77.53
CA ASP D 75 24.84 -30.16 77.12
C ASP D 75 25.11 -30.36 75.62
N ILE D 76 24.76 -31.53 75.06
CA ILE D 76 24.88 -31.81 73.63
C ILE D 76 23.96 -30.85 72.85
N LEU D 77 22.70 -30.75 73.29
CA LEU D 77 21.66 -29.93 72.67
C LEU D 77 21.96 -28.41 72.76
N SER D 78 22.57 -27.95 73.87
CA SER D 78 22.93 -26.54 74.05
C SER D 78 24.09 -26.18 73.13
N VAL D 79 25.04 -27.12 72.91
CA VAL D 79 26.17 -26.96 71.98
C VAL D 79 25.62 -26.82 70.52
N LEU D 80 24.64 -27.68 70.14
CA LEU D 80 23.99 -27.66 68.82
C LEU D 80 23.23 -26.35 68.60
N ARG D 81 22.47 -25.89 69.62
CA ARG D 81 21.66 -24.66 69.52
C ARG D 81 22.55 -23.43 69.40
N ASP D 82 23.61 -23.34 70.23
CA ASP D 82 24.55 -22.23 70.19
C ASP D 82 25.27 -22.14 68.82
N ALA D 83 25.69 -23.30 68.30
CA ALA D 83 26.44 -23.38 67.05
C ALA D 83 25.58 -23.18 65.82
N TYR D 84 24.35 -23.73 65.81
CA TYR D 84 23.54 -23.71 64.58
C TYR D 84 22.23 -22.91 64.62
N CYS D 85 21.72 -22.56 65.81
CA CYS D 85 20.42 -21.89 65.87
C CYS D 85 20.47 -20.58 66.61
N ARG D 86 21.62 -19.90 66.63
CA ARG D 86 21.68 -18.61 67.34
C ARG D 86 21.73 -17.51 66.30
N HIS D 87 22.83 -16.73 66.19
CA HIS D 87 22.86 -15.66 65.19
C HIS D 87 23.61 -16.06 63.91
N VAL D 88 24.11 -17.31 63.84
CA VAL D 88 24.83 -17.83 62.69
C VAL D 88 24.11 -19.07 62.13
N GLY D 89 23.72 -19.03 60.87
CA GLY D 89 23.14 -20.16 60.15
C GLY D 89 24.25 -20.78 59.32
N VAL D 90 24.67 -22.00 59.65
CA VAL D 90 25.78 -22.69 58.97
C VAL D 90 25.28 -23.76 57.96
N GLU D 91 25.64 -23.60 56.68
CA GLU D 91 25.35 -24.58 55.63
C GLU D 91 26.66 -25.21 55.18
N TYR D 92 26.87 -26.48 55.52
CA TYR D 92 28.12 -27.13 55.14
C TYR D 92 27.98 -28.63 54.83
N THR D 93 26.85 -29.27 55.12
CA THR D 93 26.74 -30.73 54.94
C THR D 93 26.55 -31.12 53.47
N HIS D 94 26.50 -30.12 52.56
CA HIS D 94 26.45 -30.30 51.11
C HIS D 94 27.87 -30.46 50.55
N ILE D 95 28.90 -30.18 51.38
CA ILE D 95 30.30 -30.28 50.98
C ILE D 95 30.65 -31.76 50.82
N LEU D 96 31.15 -32.14 49.62
CA LEU D 96 31.46 -33.55 49.32
C LEU D 96 32.75 -34.04 50.03
N GLU D 97 33.65 -33.13 50.40
CA GLU D 97 34.92 -33.48 51.07
C GLU D 97 34.66 -33.73 52.58
N PRO D 98 34.82 -34.97 53.08
CA PRO D 98 34.56 -35.24 54.52
C PRO D 98 35.46 -34.46 55.47
N GLU D 99 36.73 -34.21 55.07
CA GLU D 99 37.69 -33.46 55.88
C GLU D 99 37.27 -31.96 56.02
N GLN D 100 36.57 -31.39 55.03
CA GLN D 100 36.09 -30.01 55.09
C GLN D 100 34.87 -29.88 56.03
N GLN D 101 33.97 -30.88 56.01
CA GLN D 101 32.82 -30.97 56.90
C GLN D 101 33.30 -31.10 58.34
N ARG D 102 34.30 -31.98 58.58
CA ARG D 102 34.88 -32.20 59.92
C ARG D 102 35.56 -30.94 60.46
N TRP D 103 36.30 -30.22 59.59
CA TRP D 103 37.01 -28.98 59.93
C TRP D 103 36.03 -27.93 60.46
N ILE D 104 34.92 -27.67 59.72
CA ILE D 104 33.88 -26.69 60.08
C ILE D 104 33.20 -27.12 61.39
N GLN D 105 32.71 -28.39 61.44
CA GLN D 105 32.05 -29.05 62.56
C GLN D 105 32.82 -28.85 63.86
N GLU D 106 34.14 -29.13 63.86
CA GLU D 106 35.02 -29.01 65.03
C GLU D 106 35.11 -27.55 65.51
N ARG D 107 35.24 -26.57 64.58
CA ARG D 107 35.41 -25.16 64.93
C ARG D 107 34.12 -24.47 65.35
N VAL D 108 32.99 -24.94 64.82
CA VAL D 108 31.66 -24.37 65.08
C VAL D 108 31.04 -25.00 66.35
N GLU D 109 31.26 -26.30 66.59
CA GLU D 109 30.68 -27.02 67.73
C GLU D 109 31.51 -26.96 69.03
N THR D 110 32.61 -26.19 69.08
CA THR D 110 33.39 -26.08 70.33
C THR D 110 32.97 -24.79 71.05
N LYS D 111 32.97 -24.79 72.39
CA LYS D 111 32.62 -23.59 73.16
C LYS D 111 33.80 -22.61 73.10
N HIS D 112 33.67 -21.57 72.26
CA HIS D 112 34.71 -20.54 72.08
C HIS D 112 34.70 -19.58 73.25
N ASP D 113 35.90 -19.13 73.66
CA ASP D 113 36.06 -18.15 74.73
C ASP D 113 35.53 -16.81 74.21
N LYS D 114 34.65 -16.15 75.01
CA LYS D 114 34.02 -14.86 74.67
C LYS D 114 35.08 -13.84 74.26
N PRO D 115 34.83 -12.91 73.30
CA PRO D 115 35.87 -11.93 72.93
C PRO D 115 36.24 -11.04 74.11
N THR D 116 37.52 -10.62 74.17
CA THR D 116 38.00 -9.75 75.24
C THR D 116 37.36 -8.37 75.11
N VAL D 117 37.24 -7.65 76.23
CA VAL D 117 36.67 -6.30 76.29
C VAL D 117 37.41 -5.41 75.26
N ALA D 118 38.74 -5.58 75.12
CA ALA D 118 39.59 -4.88 74.16
C ALA D 118 39.11 -5.13 72.72
N GLU D 119 38.78 -6.40 72.38
CA GLU D 119 38.29 -6.81 71.06
C GLU D 119 36.89 -6.26 70.84
N GLN D 120 36.02 -6.31 71.89
CA GLN D 120 34.65 -5.79 71.85
C GLN D 120 34.63 -4.27 71.63
N LYS D 121 35.51 -3.54 72.35
CA LYS D 121 35.64 -2.08 72.20
C LYS D 121 36.20 -1.74 70.81
N TYR D 122 37.09 -2.59 70.27
CA TYR D 122 37.67 -2.36 68.94
C TYR D 122 36.58 -2.51 67.87
N ILE D 123 35.72 -3.56 67.99
CA ILE D 123 34.59 -3.80 67.07
C ILE D 123 33.65 -2.59 67.18
N LEU D 124 33.36 -2.11 68.40
CA LEU D 124 32.52 -0.94 68.65
C LEU D 124 33.11 0.33 67.99
N SER D 125 34.44 0.56 68.09
CA SER D 125 35.12 1.71 67.49
C SER D 125 34.94 1.70 65.96
N LYS D 126 35.04 0.48 65.33
CA LYS D 126 34.84 0.24 63.90
C LYS D 126 33.41 0.61 63.50
N LEU D 127 32.43 0.23 64.33
CA LEU D 127 31.02 0.58 64.10
C LEU D 127 30.81 2.11 64.19
N ASN D 128 31.44 2.75 65.20
CA ASN D 128 31.42 4.20 65.45
C ASN D 128 31.91 4.97 64.25
N ALA D 129 33.10 4.56 63.70
CA ALA D 129 33.71 5.15 62.50
C ALA D 129 32.78 4.97 61.32
N ALA D 130 32.21 3.75 61.16
CA ALA D 130 31.30 3.43 60.06
C ALA D 130 30.04 4.30 60.09
N GLU D 131 29.34 4.35 61.23
CA GLU D 131 28.11 5.13 61.37
C GLU D 131 28.38 6.64 61.31
N ALA D 132 29.52 7.12 61.86
CA ALA D 132 29.87 8.55 61.81
C ALA D 132 30.09 8.99 60.35
N PHE D 133 30.75 8.12 59.56
CA PHE D 133 30.98 8.38 58.15
C PHE D 133 29.64 8.48 57.41
N GLU D 134 28.70 7.59 57.72
CA GLU D 134 27.37 7.56 57.08
C GLU D 134 26.51 8.78 57.43
N THR D 135 26.48 9.25 58.68
CA THR D 135 25.66 10.39 59.06
C THR D 135 26.30 11.66 58.48
N PHE D 136 27.66 11.74 58.37
CA PHE D 136 28.36 12.88 57.74
C PHE D 136 27.98 12.97 56.25
N LEU D 137 28.00 11.81 55.54
CA LEU D 137 27.71 11.72 54.11
C LEU D 137 26.32 12.26 53.78
N GLN D 138 25.33 11.88 54.59
CA GLN D 138 23.93 12.24 54.38
C GLN D 138 23.63 13.70 54.80
N THR D 139 24.44 14.25 55.72
CA THR D 139 24.27 15.61 56.23
C THR D 139 25.03 16.65 55.38
N LYS D 140 26.28 16.37 54.99
CA LYS D 140 27.12 17.32 54.26
C LYS D 140 26.72 17.44 52.78
N TYR D 141 26.44 16.31 52.11
CA TYR D 141 26.14 16.34 50.68
C TYR D 141 24.72 15.88 50.37
N VAL D 142 24.24 16.27 49.18
CA VAL D 142 22.91 15.94 48.65
C VAL D 142 23.09 14.88 47.55
N GLY D 143 22.08 14.01 47.41
CA GLY D 143 22.07 12.93 46.43
C GLY D 143 22.99 11.78 46.76
N GLN D 144 23.30 11.59 48.06
CA GLN D 144 24.23 10.52 48.48
C GLN D 144 23.47 9.31 49.07
N LYS D 145 22.11 9.37 49.14
CA LYS D 145 21.23 8.36 49.73
C LYS D 145 21.41 6.97 49.08
N ARG D 146 21.61 6.88 47.75
CA ARG D 146 21.77 5.63 47.00
C ARG D 146 23.07 4.86 47.39
N PHE D 147 24.00 5.52 48.08
CA PHE D 147 25.23 4.87 48.50
C PHE D 147 25.21 4.61 49.96
N SER D 148 24.05 4.83 50.61
CA SER D 148 23.97 4.71 52.08
C SER D 148 24.17 3.26 52.55
N LEU D 149 25.02 3.12 53.55
CA LEU D 149 25.33 1.85 54.19
C LEU D 149 24.55 1.73 55.54
N GLU D 150 23.62 2.66 55.83
CA GLU D 150 22.88 2.60 57.07
C GLU D 150 21.98 1.37 57.11
N GLY D 151 22.13 0.61 58.20
CA GLY D 151 21.44 -0.65 58.44
C GLY D 151 22.34 -1.82 58.11
N ALA D 152 23.53 -1.54 57.55
CA ALA D 152 24.51 -2.53 57.06
C ALA D 152 25.95 -2.14 57.45
N GLU D 153 26.10 -1.21 58.41
CA GLU D 153 27.39 -0.72 58.94
C GLU D 153 28.29 -1.86 59.51
N THR D 154 27.70 -3.00 59.90
CA THR D 154 28.44 -4.17 60.41
C THR D 154 29.37 -4.76 59.32
N VAL D 155 29.15 -4.46 58.02
CA VAL D 155 30.02 -4.93 56.96
C VAL D 155 31.46 -4.36 57.14
N ILE D 156 31.60 -3.15 57.74
CA ILE D 156 32.90 -2.51 58.01
C ILE D 156 33.69 -3.35 59.07
N PRO D 157 33.26 -3.60 60.35
CA PRO D 157 34.06 -4.48 61.23
C PRO D 157 34.19 -5.92 60.68
N MET D 158 33.26 -6.38 59.82
CA MET D 158 33.33 -7.69 59.18
C MET D 158 34.51 -7.73 58.18
N MET D 159 34.62 -6.70 57.32
CA MET D 159 35.69 -6.60 56.31
C MET D 159 37.04 -6.41 57.01
N ASP D 160 37.05 -5.63 58.10
CA ASP D 160 38.21 -5.38 58.91
C ASP D 160 38.76 -6.69 59.47
N ALA D 161 37.87 -7.59 59.94
CA ALA D 161 38.24 -8.89 60.50
C ALA D 161 38.81 -9.80 59.41
N VAL D 162 38.25 -9.74 58.18
CA VAL D 162 38.74 -10.51 57.03
C VAL D 162 40.22 -10.12 56.78
N ILE D 163 40.48 -8.82 56.59
CA ILE D 163 41.78 -8.27 56.25
C ILE D 163 42.79 -8.49 57.39
N ASP D 164 42.37 -8.29 58.65
CA ASP D 164 43.20 -8.51 59.84
C ASP D 164 43.57 -10.00 59.98
N GLN D 165 42.64 -10.92 59.62
CA GLN D 165 42.93 -12.36 59.67
C GLN D 165 43.88 -12.73 58.51
N CYS D 166 43.76 -12.06 57.33
CA CYS D 166 44.66 -12.30 56.19
C CYS D 166 46.08 -11.84 56.56
N ALA D 167 46.21 -10.70 57.29
CA ALA D 167 47.48 -10.18 57.82
C ALA D 167 48.08 -11.12 58.87
N GLU D 168 47.20 -11.76 59.68
CA GLU D 168 47.61 -12.72 60.71
C GLU D 168 48.20 -14.01 60.05
N HIS D 169 47.76 -14.35 58.81
CA HIS D 169 48.29 -15.50 58.06
C HIS D 169 49.57 -15.11 57.29
N GLY D 170 50.00 -13.85 57.43
CA GLY D 170 51.16 -13.28 56.75
C GLY D 170 50.99 -13.14 55.24
N LEU D 171 49.77 -12.89 54.78
CA LEU D 171 49.47 -12.79 53.33
C LEU D 171 49.93 -11.41 52.77
N ASP D 172 50.03 -11.30 51.44
CA ASP D 172 50.60 -10.11 50.79
C ASP D 172 49.59 -9.02 50.46
N GLU D 173 48.42 -9.38 49.92
CA GLU D 173 47.44 -8.38 49.55
C GLU D 173 46.04 -8.94 49.60
N VAL D 174 45.08 -8.06 49.84
CA VAL D 174 43.65 -8.31 49.76
C VAL D 174 43.14 -7.38 48.64
N VAL D 175 42.51 -7.94 47.61
CA VAL D 175 41.98 -7.10 46.53
C VAL D 175 40.48 -7.18 46.62
N ILE D 176 39.83 -6.01 46.75
CA ILE D 176 38.38 -5.89 46.88
C ILE D 176 37.71 -5.46 45.57
N ALA D 177 36.53 -6.07 45.34
CA ALA D 177 35.61 -5.71 44.28
C ALA D 177 34.26 -5.55 44.95
N MET D 178 33.55 -4.46 44.66
CA MET D 178 32.26 -4.25 45.29
C MET D 178 31.33 -3.39 44.43
N PRO D 179 29.98 -3.44 44.63
CA PRO D 179 29.12 -2.40 44.02
C PRO D 179 29.28 -1.04 44.78
N HIS D 180 28.51 -0.01 44.43
CA HIS D 180 28.67 1.34 45.01
C HIS D 180 28.22 1.55 46.50
N ARG D 181 27.30 0.72 47.03
CA ARG D 181 26.80 0.91 48.41
C ARG D 181 27.91 0.80 49.47
N GLY D 182 28.14 1.90 50.18
CA GLY D 182 29.14 1.97 51.24
C GLY D 182 30.58 2.04 50.74
N ARG D 183 30.79 2.30 49.44
CA ARG D 183 32.12 2.33 48.82
C ARG D 183 33.06 3.33 49.45
N LEU D 184 32.63 4.59 49.69
CA LEU D 184 33.50 5.61 50.28
C LEU D 184 33.83 5.28 51.74
N ASN D 185 32.92 4.55 52.43
CA ASN D 185 33.13 4.13 53.80
C ASN D 185 34.23 3.05 53.83
N VAL D 186 34.25 2.18 52.82
CA VAL D 186 35.27 1.15 52.64
C VAL D 186 36.58 1.87 52.36
N LEU D 187 36.57 2.90 51.50
CA LEU D 187 37.78 3.66 51.20
C LEU D 187 38.39 4.28 52.47
N ALA D 188 37.54 4.84 53.35
CA ALA D 188 38.03 5.48 54.57
C ALA D 188 38.36 4.50 55.68
N ASN D 189 37.49 3.50 55.95
CA ASN D 189 37.69 2.66 57.13
C ASN D 189 38.28 1.25 56.87
N ILE D 190 38.60 0.90 55.62
CA ILE D 190 39.17 -0.40 55.26
C ILE D 190 40.46 -0.18 54.43
N VAL D 191 40.38 0.55 53.31
CA VAL D 191 41.53 0.87 52.45
C VAL D 191 42.42 1.90 53.21
N GLY D 192 41.79 2.66 54.09
CA GLY D 192 42.47 3.66 54.92
C GLY D 192 42.82 4.94 54.20
N LYS D 193 42.11 5.28 53.09
CA LYS D 193 42.37 6.51 52.34
C LYS D 193 42.00 7.74 53.18
N PRO D 194 42.83 8.81 53.22
CA PRO D 194 42.45 10.00 54.02
C PRO D 194 41.27 10.74 53.38
N TYR D 195 40.52 11.48 54.22
CA TYR D 195 39.37 12.27 53.82
C TYR D 195 39.71 13.31 52.76
N SER D 196 40.94 13.88 52.81
CA SER D 196 41.43 14.87 51.84
C SER D 196 41.50 14.28 50.42
N GLN D 197 41.88 13.00 50.29
CA GLN D 197 41.93 12.29 49.02
C GLN D 197 40.53 11.86 48.57
N ILE D 198 39.67 11.39 49.52
CA ILE D 198 38.31 10.92 49.25
C ILE D 198 37.39 12.05 48.77
N PHE D 199 37.34 13.17 49.51
CA PHE D 199 36.40 14.26 49.22
C PHE D 199 37.00 15.45 48.42
N SER D 200 38.09 15.21 47.66
CA SER D 200 38.71 16.25 46.81
C SER D 200 37.93 16.40 45.49
N GLU D 201 37.68 17.66 45.05
CA GLU D 201 36.97 18.02 43.83
C GLU D 201 35.64 17.24 43.64
N GLY D 215 31.17 14.62 42.79
CA GLY D 215 31.76 13.84 41.71
C GLY D 215 31.63 12.33 41.94
N ASP D 216 30.48 11.78 41.53
CA ASP D 216 30.14 10.37 41.71
C ASP D 216 31.05 9.38 40.88
N VAL D 217 32.07 9.91 40.16
CA VAL D 217 33.08 9.11 39.43
C VAL D 217 33.89 8.29 40.46
N LYS D 218 34.12 8.88 41.66
CA LYS D 218 34.84 8.34 42.83
C LYS D 218 34.30 6.98 43.25
N TYR D 219 33.02 6.68 42.96
CA TYR D 219 32.34 5.42 43.24
C TYR D 219 32.68 4.31 42.22
N HIS D 220 33.56 4.60 41.26
CA HIS D 220 33.91 3.62 40.23
C HIS D 220 35.43 3.46 40.10
N LEU D 221 36.21 4.37 40.72
CA LEU D 221 37.68 4.34 40.61
C LEU D 221 38.36 3.30 41.51
N GLY D 222 39.55 2.86 41.07
CA GLY D 222 40.39 1.96 41.85
C GLY D 222 41.10 2.71 42.97
N ALA D 223 41.70 1.98 43.90
CA ALA D 223 42.43 2.56 45.04
C ALA D 223 43.39 1.55 45.67
N THR D 224 44.47 2.04 46.28
CA THR D 224 45.43 1.19 46.98
C THR D 224 45.75 1.83 48.32
N GLY D 225 45.96 0.98 49.31
CA GLY D 225 46.32 1.38 50.66
C GLY D 225 47.02 0.29 51.42
N THR D 226 47.39 0.59 52.67
CA THR D 226 48.06 -0.37 53.54
C THR D 226 47.25 -0.53 54.82
N TYR D 227 46.93 -1.76 55.16
CA TYR D 227 46.25 -2.08 56.41
C TYR D 227 47.31 -2.42 57.45
N ILE D 228 47.25 -1.75 58.61
CA ILE D 228 48.17 -1.97 59.72
C ILE D 228 47.36 -2.57 60.87
N GLN D 229 47.74 -3.78 61.35
CA GLN D 229 47.05 -4.47 62.45
C GLN D 229 47.03 -3.61 63.70
N MET D 230 45.88 -3.57 64.37
CA MET D 230 45.66 -2.81 65.61
C MET D 230 46.37 -3.51 66.79
N PHE D 231 46.09 -4.82 66.99
CA PHE D 231 46.67 -5.62 68.09
C PHE D 231 47.72 -6.62 67.61
N GLY D 232 48.22 -6.42 66.39
CA GLY D 232 49.25 -7.28 65.82
C GLY D 232 50.40 -6.46 65.29
N ASP D 233 51.44 -7.14 64.80
CA ASP D 233 52.61 -6.46 64.27
C ASP D 233 52.72 -6.68 62.74
N ASN D 234 51.65 -7.19 62.11
CA ASN D 234 51.65 -7.39 60.65
C ASN D 234 50.91 -6.29 59.91
N ASP D 235 51.27 -6.13 58.63
CA ASP D 235 50.62 -5.24 57.71
C ASP D 235 50.34 -6.01 56.44
N ILE D 236 49.37 -5.52 55.67
CA ILE D 236 48.95 -6.12 54.41
C ILE D 236 48.45 -5.03 53.45
N GLU D 237 48.75 -5.20 52.14
CA GLU D 237 48.29 -4.29 51.10
C GLU D 237 46.80 -4.51 50.88
N VAL D 238 46.05 -3.43 50.71
CA VAL D 238 44.60 -3.48 50.46
C VAL D 238 44.34 -2.64 49.21
N SER D 239 43.68 -3.23 48.22
CA SER D 239 43.33 -2.48 47.02
C SER D 239 41.87 -2.72 46.65
N LEU D 240 41.31 -1.76 45.94
CA LEU D 240 39.94 -1.74 45.46
C LEU D 240 39.99 -1.57 43.95
N THR D 241 39.30 -2.42 43.22
CA THR D 241 39.36 -2.35 41.77
C THR D 241 38.24 -1.45 41.23
N ALA D 242 38.44 -0.93 40.01
CA ALA D 242 37.47 -0.08 39.31
C ALA D 242 36.33 -0.92 38.79
N ASN D 243 35.12 -0.36 38.66
CA ASN D 243 33.98 -1.13 38.13
C ASN D 243 32.89 -0.24 37.52
N PRO D 244 32.03 -0.78 36.61
CA PRO D 244 30.91 0.04 36.11
C PRO D 244 29.71 -0.05 37.05
N SER D 245 28.56 0.53 36.64
CA SER D 245 27.33 0.42 37.41
C SER D 245 26.70 -0.96 37.21
N HIS D 246 27.11 -1.70 36.15
CA HIS D 246 26.66 -3.09 35.86
C HIS D 246 27.07 -3.99 36.99
N LEU D 247 26.10 -4.37 37.82
CA LEU D 247 26.30 -5.19 39.02
C LEU D 247 26.83 -6.58 38.66
N GLU D 248 27.83 -7.03 39.41
CA GLU D 248 28.51 -8.33 39.31
C GLU D 248 29.43 -8.46 38.08
N ALA D 249 29.42 -7.52 37.12
CA ALA D 249 30.29 -7.59 35.92
C ALA D 249 31.79 -7.61 36.26
N VAL D 250 32.17 -7.02 37.40
CA VAL D 250 33.56 -6.90 37.89
C VAL D 250 34.03 -8.23 38.52
N ASP D 251 33.09 -9.14 38.86
CA ASP D 251 33.45 -10.42 39.53
C ASP D 251 34.59 -11.19 38.82
N PRO D 252 34.54 -11.55 37.51
CA PRO D 252 35.67 -12.32 36.96
C PRO D 252 36.88 -11.45 36.65
N VAL D 253 36.69 -10.10 36.58
CA VAL D 253 37.77 -9.12 36.42
C VAL D 253 38.67 -9.18 37.69
N LEU D 254 38.06 -9.25 38.89
CA LEU D 254 38.77 -9.31 40.17
C LEU D 254 39.61 -10.58 40.21
N GLU D 255 38.99 -11.71 39.81
CA GLU D 255 39.67 -13.01 39.76
C GLU D 255 40.93 -12.95 38.86
N GLY D 256 40.81 -12.43 37.63
CA GLY D 256 41.97 -12.33 36.74
C GLY D 256 43.05 -11.39 37.24
N LEU D 257 42.64 -10.27 37.82
CA LEU D 257 43.55 -9.30 38.42
C LEU D 257 44.34 -9.98 39.57
N VAL D 258 43.64 -10.70 40.47
CA VAL D 258 44.27 -11.39 41.60
C VAL D 258 45.21 -12.49 41.09
N ARG D 259 44.80 -13.29 40.05
CA ARG D 259 45.64 -14.35 39.48
C ARG D 259 46.94 -13.76 38.86
N ALA D 260 46.83 -12.61 38.15
CA ALA D 260 48.02 -11.94 37.59
C ALA D 260 49.00 -11.59 38.70
N LYS D 261 48.51 -11.06 39.83
CA LYS D 261 49.32 -10.69 41.02
C LYS D 261 49.93 -11.94 41.68
N GLN D 262 49.14 -13.03 41.78
CA GLN D 262 49.64 -14.31 42.33
C GLN D 262 50.77 -14.82 41.44
N ASP D 263 50.57 -14.87 40.10
CA ASP D 263 51.59 -15.29 39.13
C ASP D 263 52.88 -14.49 39.29
N LEU D 264 52.77 -13.13 39.46
CA LEU D 264 53.93 -12.25 39.67
C LEU D 264 54.69 -12.55 40.98
N LEU D 265 53.95 -12.92 42.04
CA LEU D 265 54.57 -13.22 43.33
C LEU D 265 55.09 -14.67 43.41
N ASP D 266 54.93 -15.46 42.32
CA ASP D 266 55.30 -16.88 42.25
C ASP D 266 54.53 -17.67 43.38
N THR D 267 53.25 -17.28 43.59
CA THR D 267 52.40 -17.90 44.60
C THR D 267 51.21 -18.56 43.93
N GLY D 268 50.82 -19.70 44.49
CA GLY D 268 49.68 -20.46 44.02
C GLY D 268 49.93 -21.43 42.90
N GLU D 269 48.95 -21.52 41.98
CA GLU D 269 48.86 -22.44 40.85
C GLU D 269 50.10 -22.45 39.95
N GLU D 270 50.57 -21.27 39.50
CA GLU D 270 51.74 -21.21 38.61
C GLU D 270 53.06 -20.97 39.38
N GLY D 271 52.98 -20.88 40.70
CA GLY D 271 54.13 -20.65 41.55
C GLY D 271 54.59 -21.81 42.42
N SER D 272 55.85 -21.73 42.88
CA SER D 272 56.52 -22.73 43.74
C SER D 272 55.82 -22.79 45.11
N ASP D 273 55.33 -21.64 45.56
CA ASP D 273 54.59 -21.41 46.79
C ASP D 273 53.11 -21.83 46.54
N ASN D 274 52.48 -22.41 47.58
CA ASN D 274 51.08 -22.88 47.59
C ASN D 274 50.18 -22.00 48.49
N ARG D 275 50.63 -20.78 48.83
CA ARG D 275 49.92 -19.90 49.76
C ARG D 275 48.79 -19.12 49.11
N PHE D 276 48.90 -18.80 47.75
CA PHE D 276 47.89 -17.97 47.05
C PHE D 276 47.76 -16.70 47.88
N SER D 277 48.90 -16.01 48.07
CA SER D 277 49.09 -14.93 49.03
C SER D 277 48.35 -13.62 48.71
N VAL D 278 47.61 -13.57 47.59
CA VAL D 278 46.77 -12.43 47.20
C VAL D 278 45.36 -12.95 47.27
N VAL D 279 44.52 -12.32 48.11
CA VAL D 279 43.17 -12.77 48.39
C VAL D 279 42.11 -11.90 47.70
N PRO D 280 41.19 -12.52 46.93
CA PRO D 280 40.05 -11.74 46.41
C PRO D 280 38.96 -11.63 47.50
N LEU D 281 38.50 -10.40 47.77
CA LEU D 281 37.41 -10.14 48.71
C LEU D 281 36.30 -9.52 47.87
N MET D 282 35.25 -10.30 47.59
CA MET D 282 34.19 -9.90 46.68
C MET D 282 32.91 -9.57 47.41
N LEU D 283 32.47 -8.31 47.34
CA LEU D 283 31.22 -7.93 47.98
C LEU D 283 30.10 -7.97 46.97
N HIS D 284 28.88 -8.24 47.43
CA HIS D 284 27.69 -8.34 46.58
C HIS D 284 26.45 -7.81 47.29
N GLY D 285 25.39 -7.69 46.50
CA GLY D 285 24.02 -7.40 46.91
C GLY D 285 23.19 -8.67 46.80
N ASP D 286 22.10 -8.77 47.53
CA ASP D 286 21.31 -9.99 47.54
C ASP D 286 20.54 -10.23 46.24
N ALA D 287 19.92 -9.20 45.67
CA ALA D 287 19.16 -9.38 44.40
C ALA D 287 20.10 -9.68 43.24
N ALA D 288 21.29 -8.98 43.15
CA ALA D 288 22.24 -9.18 42.05
C ALA D 288 22.98 -10.53 42.15
N PHE D 289 23.30 -11.00 43.38
CA PHE D 289 24.01 -12.27 43.58
C PHE D 289 23.19 -13.44 43.09
N ALA D 290 21.86 -13.37 43.24
CA ALA D 290 20.99 -14.45 42.78
C ALA D 290 20.60 -14.35 41.28
N GLY D 291 20.49 -13.12 40.75
CA GLY D 291 20.02 -12.92 39.38
C GLY D 291 21.03 -12.83 38.26
N GLN D 292 22.28 -12.46 38.53
CA GLN D 292 23.27 -12.31 37.47
C GLN D 292 24.03 -13.62 37.18
N GLY D 293 23.99 -14.05 35.92
CA GLY D 293 24.62 -15.25 35.40
C GLY D 293 26.13 -15.29 35.56
N VAL D 294 26.76 -14.10 35.55
CA VAL D 294 28.22 -13.98 35.68
C VAL D 294 28.70 -14.48 37.08
N VAL D 295 27.80 -14.50 38.08
CA VAL D 295 28.12 -14.99 39.41
C VAL D 295 28.48 -16.49 39.26
N ALA D 296 27.56 -17.31 38.68
CA ALA D 296 27.77 -18.74 38.45
C ALA D 296 29.00 -19.01 37.55
N GLU D 297 29.22 -18.19 36.52
CA GLU D 297 30.36 -18.33 35.58
C GLU D 297 31.67 -18.13 36.31
N THR D 298 31.71 -17.17 37.26
CA THR D 298 32.92 -16.82 38.03
C THR D 298 33.17 -17.88 39.11
N LEU D 299 32.09 -18.37 39.78
CA LEU D 299 32.19 -19.46 40.76
C LEU D 299 32.74 -20.73 40.08
N ASN D 300 32.33 -20.97 38.80
CA ASN D 300 32.77 -22.11 38.02
C ASN D 300 34.28 -22.10 37.70
N LEU D 301 34.93 -20.94 37.77
CA LEU D 301 36.38 -20.79 37.56
C LEU D 301 37.23 -21.13 38.82
N ALA D 302 36.60 -21.16 40.03
CA ALA D 302 37.23 -21.24 41.37
C ALA D 302 38.28 -22.30 41.58
N LEU D 303 38.15 -23.47 40.93
CA LEU D 303 39.13 -24.54 41.13
C LEU D 303 39.82 -24.94 39.85
N LEU D 304 39.61 -24.19 38.73
CA LEU D 304 40.24 -24.51 37.44
C LEU D 304 41.72 -24.14 37.46
N ARG D 305 42.59 -24.99 36.91
CA ARG D 305 44.04 -24.72 36.88
C ARG D 305 44.39 -23.36 36.18
N GLY D 306 43.65 -22.97 35.15
CA GLY D 306 43.95 -21.70 34.48
C GLY D 306 43.36 -20.46 35.12
N TYR D 307 42.44 -20.65 36.10
CA TYR D 307 41.68 -19.53 36.65
C TYR D 307 41.63 -19.45 38.18
N ARG D 308 41.99 -20.51 38.90
CA ARG D 308 41.92 -20.51 40.37
C ARG D 308 42.76 -19.46 41.06
N THR D 309 42.23 -18.91 42.15
CA THR D 309 42.95 -17.89 42.92
C THR D 309 43.12 -18.33 44.39
N GLY D 310 42.91 -19.62 44.65
CA GLY D 310 43.05 -20.18 46.00
C GLY D 310 41.88 -19.88 46.92
N GLY D 311 40.74 -19.54 46.31
CA GLY D 311 39.52 -19.24 47.04
C GLY D 311 39.26 -17.77 47.27
N THR D 312 38.03 -17.36 47.01
CA THR D 312 37.50 -15.99 47.16
C THR D 312 36.62 -15.91 48.41
N ILE D 313 36.78 -14.83 49.19
CA ILE D 313 35.93 -14.56 50.34
C ILE D 313 34.78 -13.70 49.80
N HIS D 314 33.55 -14.23 49.80
CA HIS D 314 32.38 -13.49 49.32
C HIS D 314 31.61 -12.95 50.47
N ILE D 315 31.23 -11.67 50.40
CA ILE D 315 30.37 -11.07 51.41
C ILE D 315 29.13 -10.56 50.70
N VAL D 316 27.96 -11.09 51.04
CA VAL D 316 26.70 -10.60 50.47
C VAL D 316 26.05 -9.68 51.48
N VAL D 317 25.87 -8.41 51.10
CA VAL D 317 25.19 -7.41 51.94
C VAL D 317 23.69 -7.64 51.65
N ASN D 318 23.10 -8.55 52.42
CA ASN D 318 21.74 -9.00 52.24
C ASN D 318 20.76 -8.16 53.03
N ASN D 319 20.30 -7.06 52.42
CA ASN D 319 19.36 -6.12 53.06
C ASN D 319 17.92 -6.50 52.75
N GLN D 320 17.72 -7.75 52.22
CA GLN D 320 16.44 -8.42 51.88
C GLN D 320 15.58 -7.52 50.99
N ILE D 321 16.22 -6.79 50.08
CA ILE D 321 15.53 -5.91 49.14
C ILE D 321 16.43 -5.63 47.97
N GLY D 322 15.81 -5.39 46.82
CA GLY D 322 16.52 -5.02 45.60
C GLY D 322 15.75 -3.86 44.98
N PHE D 323 16.11 -2.63 45.35
CA PHE D 323 15.44 -1.36 44.91
C PHE D 323 14.00 -1.39 45.52
N THR D 324 12.97 -1.71 44.72
CA THR D 324 11.59 -1.85 45.26
C THR D 324 11.14 -3.32 45.29
N THR D 325 12.00 -4.29 44.86
CA THR D 325 11.64 -5.71 44.65
C THR D 325 11.94 -6.59 45.89
N ALA D 326 10.93 -7.39 46.30
CA ALA D 326 11.07 -8.31 47.43
C ALA D 326 11.84 -9.58 47.00
N PRO D 327 12.59 -10.24 47.91
CA PRO D 327 13.31 -11.48 47.54
C PRO D 327 12.45 -12.54 46.84
N THR D 328 11.14 -12.64 47.13
CA THR D 328 10.27 -13.64 46.51
C THR D 328 10.11 -13.42 45.00
N ASP D 329 10.40 -12.20 44.49
CA ASP D 329 10.38 -11.90 43.04
C ASP D 329 11.80 -11.88 42.46
N SER D 330 12.84 -11.98 43.32
CA SER D 330 14.26 -11.92 42.91
C SER D 330 14.93 -13.29 42.79
N ARG D 331 14.43 -14.32 43.53
CA ARG D 331 15.06 -15.65 43.50
C ARG D 331 14.05 -16.75 43.76
N SER D 332 14.40 -17.98 43.32
CA SER D 332 13.58 -19.19 43.47
C SER D 332 14.15 -20.13 44.51
N SER D 333 15.04 -19.64 45.36
CA SER D 333 15.67 -20.46 46.41
C SER D 333 15.53 -19.79 47.76
N GLU D 334 15.75 -20.57 48.84
CA GLU D 334 15.63 -20.08 50.23
C GLU D 334 16.60 -18.92 50.50
N TYR D 335 17.86 -19.04 50.03
CA TYR D 335 18.89 -18.04 50.25
C TYR D 335 19.41 -17.47 48.94
N CYS D 336 19.85 -16.19 48.96
CA CYS D 336 20.39 -15.49 47.81
C CYS D 336 21.75 -16.07 47.41
N THR D 337 22.39 -16.82 48.35
CA THR D 337 23.71 -17.44 48.21
C THR D 337 23.70 -18.90 47.71
N ASP D 338 22.52 -19.49 47.49
CA ASP D 338 22.38 -20.89 47.10
C ASP D 338 23.15 -21.30 45.82
N VAL D 339 23.46 -20.34 44.93
CA VAL D 339 24.27 -20.57 43.73
C VAL D 339 25.68 -21.06 44.12
N ALA D 340 26.22 -20.62 45.27
CA ALA D 340 27.56 -21.00 45.77
C ALA D 340 27.67 -22.48 46.14
N LYS D 341 26.53 -23.18 46.25
CA LYS D 341 26.49 -24.62 46.53
C LYS D 341 27.01 -25.41 45.32
N MET D 342 26.93 -24.82 44.13
CA MET D 342 27.43 -25.30 42.83
C MET D 342 28.88 -25.80 42.94
N ILE D 343 29.73 -25.15 43.78
CA ILE D 343 31.14 -25.52 43.94
C ILE D 343 31.44 -26.05 45.34
N GLY D 344 30.39 -26.40 46.09
CA GLY D 344 30.50 -26.93 47.44
C GLY D 344 31.15 -25.98 48.42
N ALA D 345 30.86 -24.68 48.29
CA ALA D 345 31.40 -23.65 49.19
C ALA D 345 30.63 -23.65 50.51
N PRO D 346 31.29 -23.52 51.69
CA PRO D 346 30.52 -23.39 52.95
C PRO D 346 29.84 -22.01 52.99
N ILE D 347 28.61 -21.96 53.50
CA ILE D 347 27.85 -20.70 53.55
C ILE D 347 27.48 -20.37 54.99
N PHE D 348 27.77 -19.11 55.39
CA PHE D 348 27.43 -18.64 56.72
C PHE D 348 26.47 -17.49 56.61
N HIS D 349 25.23 -17.69 57.09
CA HIS D 349 24.20 -16.67 57.17
C HIS D 349 24.35 -16.04 58.56
N VAL D 350 24.61 -14.71 58.63
CA VAL D 350 24.86 -14.09 59.92
C VAL D 350 24.02 -12.85 60.13
N ASN D 351 23.56 -12.71 61.40
CA ASN D 351 22.77 -11.58 61.84
C ASN D 351 23.63 -10.32 61.89
N GLY D 352 23.32 -9.34 61.02
CA GLY D 352 24.03 -8.07 60.92
C GLY D 352 23.93 -7.18 62.13
N ASP D 353 23.03 -7.51 63.08
CA ASP D 353 22.88 -6.77 64.31
C ASP D 353 23.78 -7.37 65.41
N ASP D 354 24.56 -8.42 65.07
CA ASP D 354 25.53 -9.05 65.97
C ASP D 354 26.93 -8.90 65.34
N PRO D 355 27.60 -7.76 65.58
CA PRO D 355 28.93 -7.52 64.99
C PRO D 355 30.01 -8.52 65.43
N GLU D 356 29.89 -9.13 66.64
CA GLU D 356 30.84 -10.13 67.14
C GLU D 356 30.75 -11.42 66.37
N ALA D 357 29.51 -11.93 66.15
CA ALA D 357 29.27 -13.13 65.36
C ALA D 357 29.75 -12.90 63.92
N CYS D 358 29.56 -11.67 63.40
CA CYS D 358 29.97 -11.25 62.05
C CYS D 358 31.50 -11.23 61.90
N ALA D 359 32.22 -10.72 62.92
CA ALA D 359 33.68 -10.69 62.92
C ALA D 359 34.25 -12.09 63.08
N TRP D 360 33.61 -12.92 63.93
CA TRP D 360 34.00 -14.30 64.17
C TRP D 360 33.88 -15.14 62.87
N VAL D 361 32.75 -15.01 62.15
CA VAL D 361 32.49 -15.73 60.90
C VAL D 361 33.50 -15.27 59.79
N ALA D 362 33.87 -13.99 59.78
CA ALA D 362 34.85 -13.44 58.83
C ALA D 362 36.24 -14.09 59.01
N ARG D 363 36.69 -14.28 60.28
CA ARG D 363 37.98 -14.87 60.61
C ARG D 363 37.98 -16.38 60.31
N LEU D 364 36.86 -17.07 60.60
CA LEU D 364 36.67 -18.49 60.30
C LEU D 364 36.72 -18.72 58.76
N ALA D 365 36.14 -17.77 57.97
CA ALA D 365 36.10 -17.82 56.52
C ALA D 365 37.53 -17.76 55.95
N VAL D 366 38.39 -16.86 56.50
CA VAL D 366 39.78 -16.70 56.07
C VAL D 366 40.55 -17.99 56.38
N ASP D 367 40.33 -18.59 57.57
CA ASP D 367 40.99 -19.83 57.98
C ASP D 367 40.60 -21.00 57.07
N PHE D 368 39.31 -21.11 56.69
CA PHE D 368 38.82 -22.16 55.77
C PHE D 368 39.45 -22.00 54.37
N ARG D 369 39.52 -20.77 53.86
CA ARG D 369 40.10 -20.45 52.57
C ARG D 369 41.58 -20.82 52.59
N GLN D 370 42.30 -20.51 53.70
CA GLN D 370 43.70 -20.85 53.85
C GLN D 370 43.91 -22.38 53.92
N ALA D 371 43.03 -23.09 54.64
CA ALA D 371 43.13 -24.53 54.80
C ALA D 371 42.76 -25.30 53.53
N PHE D 372 41.75 -24.86 52.75
CA PHE D 372 41.32 -25.67 51.62
C PHE D 372 41.44 -25.03 50.24
N LYS D 373 41.84 -23.75 50.15
CA LYS D 373 42.03 -23.00 48.89
C LYS D 373 40.75 -23.02 48.02
N LYS D 374 39.61 -22.84 48.71
CA LYS D 374 38.27 -22.86 48.15
C LYS D 374 37.46 -21.63 48.67
N ASP D 375 36.44 -21.20 47.89
CA ASP D 375 35.56 -20.07 48.20
C ASP D 375 34.73 -20.28 49.48
N VAL D 376 34.51 -19.19 50.22
CA VAL D 376 33.64 -19.12 51.40
C VAL D 376 32.65 -17.99 51.15
N VAL D 377 31.38 -18.20 51.49
CA VAL D 377 30.35 -17.18 51.32
C VAL D 377 29.77 -16.78 52.65
N ILE D 378 29.79 -15.47 52.93
CA ILE D 378 29.19 -14.89 54.12
C ILE D 378 27.97 -14.11 53.67
N ASP D 379 26.80 -14.50 54.14
CA ASP D 379 25.51 -13.87 53.85
C ASP D 379 25.16 -13.00 55.06
N MET D 380 25.42 -11.67 54.96
CA MET D 380 25.16 -10.79 56.10
C MET D 380 23.75 -10.24 56.03
N LEU D 381 22.88 -10.72 56.91
CA LEU D 381 21.49 -10.27 56.95
C LEU D 381 21.42 -8.92 57.65
N CYS D 382 20.88 -7.95 56.95
CA CYS D 382 20.82 -6.58 57.42
C CYS D 382 19.58 -5.90 56.81
N TYR D 383 19.61 -4.56 56.71
CA TYR D 383 18.50 -3.81 56.15
C TYR D 383 19.01 -2.55 55.51
N ARG D 384 18.15 -1.93 54.69
CA ARG D 384 18.47 -0.68 54.01
C ARG D 384 17.62 0.36 54.71
N ARG D 385 18.23 1.17 55.58
CA ARG D 385 17.52 2.18 56.38
C ARG D 385 16.73 3.17 55.50
N ARG D 386 17.38 3.68 54.46
CA ARG D 386 16.81 4.67 53.57
C ARG D 386 16.20 4.01 52.36
N GLY D 387 15.53 4.86 51.57
CA GLY D 387 14.99 4.53 50.27
C GLY D 387 16.18 4.30 49.37
N HIS D 388 15.92 3.68 48.19
CA HIS D 388 16.98 3.33 47.25
C HIS D 388 17.73 4.56 46.76
N ASN D 389 17.01 5.66 46.52
CA ASN D 389 17.55 6.92 46.02
C ASN D 389 16.67 8.09 46.49
N GLU D 390 17.04 9.32 46.09
CA GLU D 390 16.40 10.59 46.44
C GLU D 390 14.86 10.57 46.24
N GLY D 391 14.40 9.98 45.13
CA GLY D 391 12.99 9.90 44.81
C GLY D 391 12.29 8.65 45.26
N ASP D 392 12.74 8.04 46.38
CA ASP D 392 12.11 6.81 46.88
C ASP D 392 11.63 6.93 48.32
N ASP D 393 10.29 6.77 48.52
CA ASP D 393 9.64 6.62 49.81
C ASP D 393 9.40 5.12 49.83
N PRO D 394 10.29 4.32 50.50
CA PRO D 394 10.23 2.87 50.34
C PRO D 394 8.97 2.22 50.89
N SER D 395 8.22 2.90 51.73
CA SER D 395 6.96 2.35 52.26
C SER D 395 5.86 2.28 51.17
N MET D 396 6.10 2.88 50.00
CA MET D 396 5.14 2.82 48.88
C MET D 396 5.02 1.41 48.30
N THR D 397 6.14 0.67 48.24
CA THR D 397 6.20 -0.70 47.70
C THR D 397 6.48 -1.75 48.79
N GLN D 398 7.05 -1.32 49.94
CA GLN D 398 7.32 -2.26 51.03
C GLN D 398 6.85 -1.64 52.35
N PRO D 399 5.52 -1.43 52.52
CA PRO D 399 5.04 -0.79 53.77
C PRO D 399 5.39 -1.53 55.06
N TYR D 400 5.25 -2.87 55.08
CA TYR D 400 5.50 -3.71 56.25
C TYR D 400 6.97 -3.66 56.67
N MET D 401 7.90 -3.92 55.72
CA MET D 401 9.35 -3.90 55.99
C MET D 401 9.77 -2.55 56.60
N TYR D 402 9.38 -1.43 55.96
CA TYR D 402 9.78 -0.09 56.45
C TYR D 402 9.05 0.32 57.71
N ASP D 403 7.88 -0.26 58.05
CA ASP D 403 7.30 0.10 59.36
C ASP D 403 8.12 -0.59 60.45
N VAL D 404 8.71 -1.77 60.14
CA VAL D 404 9.58 -2.51 61.07
C VAL D 404 10.95 -1.76 61.15
N ILE D 405 11.49 -1.31 59.99
CA ILE D 405 12.77 -0.60 59.94
C ILE D 405 12.71 0.70 60.79
N ASP D 406 11.61 1.44 60.71
CA ASP D 406 11.39 2.69 61.44
C ASP D 406 11.44 2.50 62.98
N THR D 407 11.31 1.25 63.45
CA THR D 407 11.36 0.88 64.87
C THR D 407 12.80 0.49 65.29
N LYS D 408 13.68 0.27 64.30
CA LYS D 408 15.06 -0.15 64.53
C LYS D 408 16.00 1.01 64.86
N ARG D 409 16.87 0.77 65.85
CA ARG D 409 17.94 1.65 66.26
C ARG D 409 19.18 1.15 65.56
N GLY D 410 20.17 2.02 65.32
CA GLY D 410 21.41 1.63 64.64
C GLY D 410 22.11 0.43 65.24
N SER D 411 22.81 -0.38 64.40
CA SER D 411 23.54 -1.58 64.86
C SER D 411 24.58 -1.22 65.93
N ARG D 412 25.10 0.03 65.88
CA ARG D 412 26.05 0.65 66.81
C ARG D 412 25.39 0.80 68.16
N LYS D 413 24.24 1.55 68.21
CA LYS D 413 23.46 1.79 69.42
C LYS D 413 22.97 0.47 70.00
N ALA D 414 22.53 -0.45 69.11
CA ALA D 414 22.07 -1.79 69.48
C ALA D 414 23.19 -2.54 70.18
N TYR D 415 24.37 -2.63 69.53
CA TYR D 415 25.56 -3.28 70.07
C TYR D 415 26.04 -2.58 71.38
N THR D 416 25.92 -1.22 71.48
CA THR D 416 26.34 -0.45 72.67
C THR D 416 25.47 -0.83 73.88
N GLU D 417 24.13 -0.85 73.71
CA GLU D 417 23.15 -1.20 74.75
C GLU D 417 23.27 -2.67 75.17
N ALA D 418 23.68 -3.53 74.21
CA ALA D 418 23.86 -4.98 74.39
C ALA D 418 25.09 -5.27 75.22
N LEU D 419 26.12 -4.39 75.15
CA LEU D 419 27.35 -4.57 75.93
C LEU D 419 27.11 -4.15 77.38
N ILE D 420 26.11 -3.26 77.64
CA ILE D 420 25.75 -2.82 79.00
C ILE D 420 25.02 -3.98 79.68
N GLY D 421 23.96 -4.47 79.02
CA GLY D 421 23.12 -5.58 79.48
C GLY D 421 23.90 -6.82 79.84
N ARG D 422 24.88 -7.18 78.99
CA ARG D 422 25.77 -8.33 79.19
C ARG D 422 26.79 -8.09 80.32
N GLY D 423 26.91 -6.84 80.79
CA GLY D 423 27.86 -6.43 81.82
C GLY D 423 29.29 -6.32 81.31
N ASP D 424 29.45 -6.27 79.95
CA ASP D 424 30.74 -6.18 79.27
C ASP D 424 31.37 -4.80 79.44
N ILE D 425 30.56 -3.72 79.34
CA ILE D 425 31.01 -2.32 79.50
C ILE D 425 30.10 -1.64 80.52
N SER D 426 30.59 -0.56 81.17
CA SER D 426 29.81 0.20 82.14
C SER D 426 28.98 1.30 81.45
N MET D 427 28.07 1.96 82.19
CA MET D 427 27.21 3.04 81.71
C MET D 427 28.05 4.26 81.26
N LYS D 428 29.15 4.53 82.01
CA LYS D 428 30.12 5.60 81.72
C LYS D 428 30.86 5.31 80.39
N GLU D 429 31.26 4.03 80.20
CA GLU D 429 31.97 3.54 79.00
C GLU D 429 31.07 3.64 77.77
N ALA D 430 29.74 3.44 77.96
CA ALA D 430 28.71 3.58 76.93
C ALA D 430 28.57 5.04 76.50
N GLU D 431 28.68 5.97 77.48
CA GLU D 431 28.64 7.42 77.24
C GLU D 431 29.93 7.85 76.54
N ASP D 432 31.05 7.18 76.87
CA ASP D 432 32.37 7.43 76.26
C ASP D 432 32.40 6.91 74.81
N ALA D 433 31.65 5.82 74.53
CA ALA D 433 31.50 5.22 73.20
C ALA D 433 30.70 6.17 72.32
N LEU D 434 29.75 6.91 72.95
CA LEU D 434 28.91 7.92 72.27
C LEU D 434 29.77 9.13 71.96
N ARG D 435 30.71 9.47 72.86
CA ARG D 435 31.67 10.57 72.69
C ARG D 435 32.70 10.18 71.61
N ASP D 436 33.07 8.88 71.53
CA ASP D 436 33.97 8.39 70.48
C ASP D 436 33.28 8.57 69.13
N TYR D 437 31.96 8.28 69.06
CA TYR D 437 31.17 8.45 67.84
C TYR D 437 31.04 9.95 67.48
N GLN D 438 30.78 10.81 68.48
CA GLN D 438 30.66 12.26 68.34
C GLN D 438 31.99 12.87 67.83
N GLY D 439 33.10 12.43 68.43
CA GLY D 439 34.45 12.84 68.04
C GLY D 439 34.74 12.45 66.60
N GLN D 440 34.46 11.16 66.24
CA GLN D 440 34.65 10.63 64.89
C GLN D 440 33.80 11.38 63.87
N LEU D 441 32.57 11.77 64.25
CA LEU D 441 31.66 12.55 63.41
C LEU D 441 32.20 13.97 63.19
N GLU D 442 32.81 14.56 64.23
CA GLU D 442 33.38 15.91 64.23
C GLU D 442 34.64 16.00 63.34
N ARG D 443 35.56 15.02 63.43
CA ARG D 443 36.79 15.08 62.62
C ARG D 443 36.54 14.96 61.10
N VAL D 444 35.45 14.29 60.65
CA VAL D 444 35.18 14.22 59.20
C VAL D 444 34.82 15.61 58.67
N PHE D 445 33.92 16.33 59.39
CA PHE D 445 33.47 17.68 59.03
C PHE D 445 34.64 18.64 58.98
N ASN D 446 35.49 18.62 60.02
CA ASN D 446 36.68 19.47 60.20
C ASN D 446 37.72 19.23 59.12
N GLU D 447 38.00 17.95 58.79
CA GLU D 447 39.00 17.60 57.78
C GLU D 447 38.54 18.06 56.41
N VAL D 448 37.25 17.86 56.10
CA VAL D 448 36.67 18.25 54.80
C VAL D 448 36.56 19.79 54.72
N ARG D 449 36.13 20.48 55.80
CA ARG D 449 36.05 21.95 55.81
C ARG D 449 37.42 22.57 55.47
N GLU D 450 38.49 22.13 56.16
CA GLU D 450 39.88 22.57 55.95
C GLU D 450 40.35 22.21 54.52
N LEU D 451 39.85 21.10 53.94
CA LEU D 451 40.15 20.70 52.58
C LEU D 451 39.48 21.69 51.59
N GLU D 452 38.28 22.22 51.95
CA GLU D 452 37.54 23.21 51.15
C GLU D 452 38.22 24.60 51.22
N LYS D 453 38.99 24.86 52.30
CA LYS D 453 39.73 26.11 52.50
C LYS D 453 40.89 26.22 51.50
N HIS D 454 41.55 25.08 51.19
CA HIS D 454 42.67 25.04 50.25
C HIS D 454 42.17 24.76 48.80
N GLU D 455 41.30 23.74 48.62
CA GLU D 455 40.72 23.36 47.33
C GLU D 455 39.49 24.22 47.01
N SER D 470 57.41 3.97 20.95
CA SER D 470 58.81 3.72 21.31
C SER D 470 59.72 3.55 20.07
N LYS D 471 59.12 3.50 18.85
CA LYS D 471 59.78 3.34 17.53
C LYS D 471 60.56 2.01 17.41
N LEU D 472 60.34 1.07 18.38
CA LEU D 472 60.96 -0.24 18.53
C LEU D 472 60.83 -1.12 17.29
N ALA D 473 61.86 -1.95 17.05
CA ALA D 473 61.93 -2.86 15.91
C ALA D 473 61.34 -4.20 16.30
N THR D 474 60.50 -4.77 15.43
CA THR D 474 59.82 -6.04 15.71
C THR D 474 60.47 -7.22 14.97
N ALA D 475 61.39 -6.94 14.02
CA ALA D 475 62.10 -7.99 13.27
C ALA D 475 63.02 -8.80 14.19
N VAL D 476 63.06 -10.14 14.01
CA VAL D 476 63.97 -11.01 14.79
C VAL D 476 65.03 -11.59 13.85
N ASP D 477 66.15 -12.08 14.38
CA ASP D 477 67.19 -12.68 13.54
C ASP D 477 66.71 -14.09 13.14
N LYS D 478 67.20 -14.61 11.99
CA LYS D 478 66.82 -15.93 11.48
C LYS D 478 67.10 -17.05 12.51
N ALA D 479 68.14 -16.89 13.36
CA ALA D 479 68.45 -17.86 14.43
C ALA D 479 67.32 -17.94 15.46
N MET D 480 66.57 -16.83 15.68
CA MET D 480 65.42 -16.81 16.61
C MET D 480 64.31 -17.69 16.05
N LEU D 481 64.02 -17.56 14.73
CA LEU D 481 63.03 -18.35 14.01
C LEU D 481 63.42 -19.83 14.05
N GLN D 482 64.70 -20.14 13.81
CA GLN D 482 65.23 -21.50 13.80
C GLN D 482 65.09 -22.16 15.17
N ARG D 483 65.35 -21.39 16.25
CA ARG D 483 65.26 -21.84 17.64
C ARG D 483 63.81 -22.24 17.99
N ILE D 484 62.82 -21.45 17.56
CA ILE D 484 61.40 -21.71 17.82
C ILE D 484 60.98 -22.98 17.00
N GLY D 485 61.55 -23.12 15.80
CA GLY D 485 61.32 -24.28 14.94
C GLY D 485 61.93 -25.54 15.52
N ASP D 486 63.17 -25.45 16.00
CA ASP D 486 63.88 -26.55 16.67
C ASP D 486 63.16 -27.00 17.97
N ALA D 487 62.57 -26.06 18.71
CA ALA D 487 61.81 -26.29 19.96
C ALA D 487 60.65 -27.29 19.78
N HIS D 488 59.99 -27.28 18.60
CA HIS D 488 58.89 -28.18 18.24
C HIS D 488 59.34 -29.65 18.10
N LEU D 489 60.65 -29.88 17.90
CA LEU D 489 61.19 -31.22 17.80
C LEU D 489 62.06 -31.58 19.03
N ALA D 490 62.24 -30.65 19.98
CA ALA D 490 63.03 -30.91 21.21
C ALA D 490 62.12 -31.52 22.28
N LEU D 491 61.64 -32.74 21.99
CA LEU D 491 60.73 -33.50 22.82
C LEU D 491 61.38 -34.04 24.09
N PRO D 492 60.63 -34.10 25.23
CA PRO D 492 61.21 -34.70 26.45
C PRO D 492 61.49 -36.18 26.23
N GLU D 493 62.48 -36.72 26.94
CA GLU D 493 62.89 -38.13 26.79
C GLU D 493 61.70 -39.06 27.10
N GLY D 494 61.46 -40.01 26.19
CA GLY D 494 60.38 -40.98 26.29
C GLY D 494 59.01 -40.49 25.85
N PHE D 495 58.91 -39.23 25.33
CA PHE D 495 57.63 -38.67 24.88
C PHE D 495 57.15 -39.32 23.57
N THR D 496 55.84 -39.68 23.49
CA THR D 496 55.24 -40.29 22.30
C THR D 496 54.29 -39.27 21.66
N VAL D 497 54.68 -38.75 20.51
CA VAL D 497 53.88 -37.80 19.78
C VAL D 497 52.82 -38.56 19.00
N HIS D 498 51.58 -38.04 18.99
CA HIS D 498 50.48 -38.60 18.21
C HIS D 498 50.89 -38.55 16.75
N PRO D 499 50.72 -39.65 15.99
CA PRO D 499 51.19 -39.68 14.58
C PRO D 499 50.71 -38.54 13.69
N ARG D 500 49.57 -37.92 13.97
CA ARG D 500 49.03 -36.79 13.17
C ARG D 500 49.60 -35.43 13.58
N VAL D 501 50.21 -35.36 14.78
CA VAL D 501 50.81 -34.12 15.31
C VAL D 501 52.30 -34.02 14.86
N ARG D 502 53.00 -35.17 14.78
CA ARG D 502 54.41 -35.25 14.36
C ARG D 502 54.68 -34.49 13.05
N PRO D 503 53.88 -34.65 11.93
CA PRO D 503 54.18 -33.86 10.71
C PRO D 503 54.09 -32.35 10.93
N VAL D 504 53.22 -31.87 11.84
CA VAL D 504 53.06 -30.43 12.18
C VAL D 504 54.39 -29.92 12.78
N LEU D 505 54.98 -30.69 13.71
CA LEU D 505 56.24 -30.36 14.36
C LEU D 505 57.40 -30.30 13.37
N GLU D 506 57.49 -31.30 12.46
CA GLU D 506 58.52 -31.39 11.42
C GLU D 506 58.34 -30.28 10.36
N LYS D 507 57.10 -29.97 9.97
CA LYS D 507 56.82 -28.90 9.00
C LYS D 507 57.16 -27.51 9.61
N ARG D 508 57.09 -27.38 10.95
CA ARG D 508 57.46 -26.17 11.68
C ARG D 508 58.97 -25.97 11.64
N ARG D 509 59.75 -27.03 11.87
CA ARG D 509 61.22 -26.96 11.74
C ARG D 509 61.58 -26.52 10.32
N GLU D 510 60.94 -27.13 9.29
CA GLU D 510 61.15 -26.83 7.87
C GLU D 510 60.80 -25.36 7.56
N MET D 511 59.64 -24.86 7.98
CA MET D 511 59.25 -23.46 7.76
C MET D 511 60.27 -22.47 8.34
N ALA D 512 60.74 -22.70 9.60
CA ALA D 512 61.71 -21.87 10.32
C ALA D 512 63.02 -21.70 9.55
N TYR D 513 63.46 -22.72 8.78
CA TYR D 513 64.70 -22.71 8.03
C TYR D 513 64.51 -22.41 6.56
N GLU D 514 63.37 -22.80 5.97
CA GLU D 514 63.20 -22.69 4.51
C GLU D 514 62.15 -21.67 4.04
N GLY D 515 61.27 -21.23 4.92
CA GLY D 515 60.24 -20.27 4.56
C GLY D 515 58.85 -20.86 4.36
N ARG D 516 57.99 -20.14 3.60
CA ARG D 516 56.57 -20.48 3.36
C ARG D 516 55.87 -20.65 4.75
N ILE D 517 56.20 -19.75 5.69
CA ILE D 517 55.65 -19.74 7.04
C ILE D 517 54.13 -19.41 7.00
N ASP D 518 53.28 -20.32 7.51
CA ASP D 518 51.83 -20.16 7.57
C ASP D 518 51.42 -19.32 8.79
N TRP D 519 50.10 -18.97 8.87
CA TRP D 519 49.54 -18.11 9.93
C TRP D 519 49.78 -18.66 11.35
N ALA D 520 49.42 -19.92 11.59
CA ALA D 520 49.52 -20.59 12.88
C ALA D 520 50.95 -20.61 13.40
N PHE D 521 51.95 -20.85 12.53
CA PHE D 521 53.33 -20.87 12.99
C PHE D 521 53.82 -19.44 13.26
N ALA D 522 53.42 -18.46 12.43
CA ALA D 522 53.81 -17.05 12.60
C ALA D 522 53.38 -16.51 13.97
N GLU D 523 52.17 -16.91 14.42
CA GLU D 523 51.63 -16.59 15.71
C GLU D 523 52.56 -17.08 16.81
N LEU D 524 53.00 -18.36 16.74
CA LEU D 524 53.88 -18.97 17.72
C LEU D 524 55.28 -18.38 17.64
N LEU D 525 55.70 -17.95 16.43
CA LEU D 525 56.99 -17.28 16.24
C LEU D 525 57.00 -15.96 16.99
N ALA D 526 55.87 -15.20 16.94
CA ALA D 526 55.74 -13.93 17.66
C ALA D 526 55.73 -14.15 19.18
N LEU D 527 54.90 -15.10 19.67
CA LEU D 527 54.77 -15.39 21.09
C LEU D 527 56.08 -15.95 21.64
N GLY D 528 56.68 -16.88 20.90
CA GLY D 528 57.95 -17.52 21.25
C GLY D 528 59.12 -16.55 21.39
N SER D 529 59.22 -15.59 20.46
CA SER D 529 60.28 -14.58 20.47
C SER D 529 60.11 -13.61 21.65
N LEU D 530 58.84 -13.34 22.06
CA LEU D 530 58.54 -12.48 23.20
C LEU D 530 58.98 -13.15 24.50
N ILE D 531 58.69 -14.47 24.68
CA ILE D 531 59.10 -15.28 25.83
C ILE D 531 60.63 -15.27 25.91
N ALA D 532 61.31 -15.47 24.75
CA ALA D 532 62.78 -15.48 24.65
C ALA D 532 63.38 -14.14 25.10
N GLU D 533 62.62 -13.04 24.92
CA GLU D 533 63.02 -11.69 25.32
C GLU D 533 62.66 -11.39 26.79
N GLY D 534 61.97 -12.31 27.46
CA GLY D 534 61.60 -12.19 28.87
C GLY D 534 60.15 -11.84 29.18
N LYS D 535 59.29 -11.85 28.17
CA LYS D 535 57.88 -11.53 28.38
C LYS D 535 57.05 -12.73 28.85
N LEU D 536 56.07 -12.45 29.74
CA LEU D 536 55.09 -13.43 30.17
C LEU D 536 53.98 -13.40 29.14
N VAL D 537 53.68 -14.57 28.55
CA VAL D 537 52.63 -14.72 27.56
C VAL D 537 51.55 -15.62 28.13
N ARG D 538 50.33 -15.09 28.26
CA ARG D 538 49.19 -15.85 28.73
C ARG D 538 48.18 -15.89 27.58
N LEU D 539 47.90 -17.11 27.10
CA LEU D 539 47.00 -17.39 25.99
C LEU D 539 45.91 -18.38 26.44
N SER D 540 44.63 -18.03 26.20
CA SER D 540 43.53 -18.90 26.59
C SER D 540 42.29 -18.66 25.73
N GLY D 541 41.32 -19.55 25.83
CA GLY D 541 40.07 -19.53 25.08
C GLY D 541 39.59 -20.96 24.94
N GLN D 542 38.46 -21.17 24.28
CA GLN D 542 37.89 -22.52 24.12
C GLN D 542 38.72 -23.35 23.14
N ASP D 543 39.26 -24.47 23.63
CA ASP D 543 40.10 -25.42 22.87
C ASP D 543 41.33 -24.74 22.25
N THR D 544 41.86 -23.71 22.92
CA THR D 544 42.97 -22.89 22.46
C THR D 544 44.33 -23.66 22.43
N GLN D 545 44.53 -24.67 23.30
CA GLN D 545 45.80 -25.40 23.29
C GLN D 545 46.04 -26.09 21.92
N ARG D 546 45.01 -26.78 21.40
CA ARG D 546 45.12 -27.45 20.11
C ARG D 546 44.80 -26.48 18.99
N GLY D 547 43.77 -25.66 19.20
CA GLY D 547 43.25 -24.73 18.21
C GLY D 547 41.97 -25.32 17.67
N THR D 548 40.94 -24.46 17.53
CA THR D 548 39.62 -24.80 17.00
C THR D 548 39.74 -25.43 15.61
N PHE D 549 40.70 -24.94 14.81
CA PHE D 549 40.88 -25.37 13.44
C PHE D 549 42.07 -26.32 13.33
N THR D 550 42.41 -27.01 14.47
CA THR D 550 43.49 -28.01 14.61
C THR D 550 44.81 -27.43 14.07
N GLN D 551 45.00 -26.12 14.23
CA GLN D 551 46.15 -25.45 13.68
C GLN D 551 47.24 -25.05 14.70
N ARG D 552 46.91 -24.85 15.99
CA ARG D 552 47.88 -24.28 16.92
C ARG D 552 48.87 -25.31 17.50
N HIS D 553 48.39 -26.31 18.22
CA HIS D 553 49.23 -27.32 18.89
C HIS D 553 50.28 -26.61 19.81
N ALA D 554 49.78 -25.68 20.64
CA ALA D 554 50.58 -24.92 21.64
C ALA D 554 51.01 -25.88 22.74
N VAL D 555 50.14 -26.86 23.00
CA VAL D 555 50.36 -27.98 23.91
C VAL D 555 50.14 -29.26 23.12
N ILE D 556 51.05 -30.22 23.23
CA ILE D 556 50.89 -31.51 22.55
C ILE D 556 50.78 -32.59 23.65
N VAL D 557 50.02 -33.66 23.36
CA VAL D 557 49.69 -34.67 24.37
C VAL D 557 50.34 -36.03 24.04
N ASP D 558 51.01 -36.60 25.06
CA ASP D 558 51.68 -37.92 24.92
C ASP D 558 50.62 -38.98 24.62
N ARG D 559 50.77 -39.61 23.45
CA ARG D 559 49.87 -40.65 22.92
C ARG D 559 49.67 -41.84 23.89
N LYS D 560 50.68 -42.15 24.73
CA LYS D 560 50.61 -43.25 25.69
C LYS D 560 50.32 -42.83 27.15
N THR D 561 50.75 -41.62 27.60
CA THR D 561 50.57 -41.25 29.02
C THR D 561 49.55 -40.14 29.24
N GLY D 562 49.36 -39.30 28.23
CA GLY D 562 48.48 -38.14 28.37
C GLY D 562 49.22 -36.93 28.90
N GLU D 563 50.55 -37.05 29.12
CA GLU D 563 51.39 -35.94 29.58
C GLU D 563 51.40 -34.81 28.56
N GLU D 564 51.32 -33.58 29.04
CA GLU D 564 51.32 -32.37 28.20
C GLU D 564 52.76 -31.87 28.02
N PHE D 565 53.07 -31.34 26.82
CA PHE D 565 54.37 -30.76 26.48
C PHE D 565 54.12 -29.48 25.74
N THR D 566 54.77 -28.40 26.18
CA THR D 566 54.62 -27.06 25.61
C THR D 566 55.93 -26.64 24.93
N PRO D 567 56.06 -26.81 23.59
CA PRO D 567 57.32 -26.43 22.92
C PRO D 567 57.81 -24.99 23.18
N LEU D 568 56.91 -23.96 23.17
CA LEU D 568 57.33 -22.57 23.40
C LEU D 568 57.92 -22.31 24.81
N GLN D 569 57.63 -23.17 25.81
CA GLN D 569 58.15 -23.03 27.18
C GLN D 569 59.69 -23.23 27.24
N LEU D 570 60.28 -23.88 26.22
CA LEU D 570 61.73 -24.08 26.11
C LEU D 570 62.45 -22.75 25.82
N LEU D 571 61.73 -21.75 25.28
CA LEU D 571 62.29 -20.45 24.94
C LEU D 571 62.37 -19.50 26.16
N ALA D 572 61.87 -19.94 27.32
CA ALA D 572 61.96 -19.25 28.61
C ALA D 572 63.34 -19.46 29.25
N THR D 573 64.15 -20.32 28.64
CA THR D 573 65.52 -20.61 29.07
C THR D 573 66.47 -20.26 27.91
N ASN D 574 67.48 -19.42 28.23
CA ASN D 574 68.54 -18.99 27.30
C ASN D 574 69.44 -20.19 26.93
N PRO D 575 70.12 -20.22 25.75
CA PRO D 575 70.99 -21.36 25.43
C PRO D 575 72.01 -21.73 26.53
N ASP D 576 72.44 -20.74 27.36
CA ASP D 576 73.38 -20.97 28.47
C ASP D 576 72.70 -21.60 29.72
N GLY D 577 71.39 -21.77 29.68
CA GLY D 577 70.63 -22.39 30.76
C GLY D 577 70.02 -21.42 31.76
N THR D 578 70.30 -20.11 31.62
CA THR D 578 69.74 -19.09 32.51
C THR D 578 68.31 -18.75 32.08
N PRO D 579 67.39 -18.43 33.04
CA PRO D 579 66.04 -18.06 32.63
C PRO D 579 66.02 -16.71 31.90
N THR D 580 65.06 -16.54 30.98
CA THR D 580 64.88 -15.27 30.25
C THR D 580 64.03 -14.32 31.08
N GLY D 581 63.26 -14.90 32.00
CA GLY D 581 62.31 -14.17 32.84
C GLY D 581 60.92 -14.31 32.25
N GLY D 582 60.86 -14.88 31.03
CA GLY D 582 59.64 -15.13 30.28
C GLY D 582 58.97 -16.44 30.65
N LYS D 583 57.71 -16.58 30.22
CA LYS D 583 56.91 -17.77 30.50
C LYS D 583 55.78 -17.90 29.50
N PHE D 584 55.37 -19.15 29.19
CA PHE D 584 54.22 -19.39 28.33
C PHE D 584 53.14 -20.09 29.14
N LEU D 585 52.03 -19.39 29.35
CA LEU D 585 50.88 -19.88 30.10
C LEU D 585 49.71 -20.06 29.12
N VAL D 586 49.39 -21.31 28.79
CA VAL D 586 48.36 -21.57 27.81
C VAL D 586 47.32 -22.54 28.37
N TYR D 587 46.05 -22.14 28.30
CA TYR D 587 44.97 -22.94 28.84
C TYR D 587 43.79 -23.04 27.92
N ASN D 588 43.06 -24.15 28.10
CA ASN D 588 41.73 -24.36 27.56
C ASN D 588 40.80 -23.76 28.59
N SER D 589 39.94 -22.85 28.14
CA SER D 589 39.00 -22.18 29.04
C SER D 589 37.76 -23.03 29.27
N ALA D 590 36.95 -22.62 30.26
CA ALA D 590 35.62 -23.17 30.50
C ALA D 590 34.73 -22.69 29.36
N LEU D 591 33.52 -23.25 29.20
CA LEU D 591 32.64 -22.82 28.12
C LEU D 591 31.91 -21.54 28.55
N SER D 592 32.68 -20.45 28.69
CA SER D 592 32.24 -19.11 29.10
C SER D 592 32.84 -18.07 28.21
N GLU D 593 32.08 -17.02 27.95
CA GLU D 593 32.62 -15.89 27.21
C GLU D 593 32.72 -14.71 28.19
N PHE D 594 31.63 -14.42 28.92
CA PHE D 594 31.57 -13.30 29.87
C PHE D 594 32.65 -13.40 30.96
N ALA D 595 32.72 -14.52 31.68
CA ALA D 595 33.71 -14.68 32.73
C ALA D 595 35.13 -14.81 32.17
N ALA D 596 35.32 -15.52 31.01
CA ALA D 596 36.66 -15.70 30.44
C ALA D 596 37.26 -14.38 29.92
N VAL D 597 36.48 -13.57 29.19
CA VAL D 597 36.93 -12.26 28.66
C VAL D 597 37.21 -11.31 29.86
N GLY D 598 36.31 -11.32 30.84
CA GLY D 598 36.45 -10.54 32.07
C GLY D 598 37.73 -10.84 32.79
N PHE D 599 38.05 -12.15 32.91
CA PHE D 599 39.25 -12.66 33.57
C PHE D 599 40.52 -12.17 32.89
N GLU D 600 40.56 -12.29 31.55
CA GLU D 600 41.73 -11.91 30.76
C GLU D 600 41.94 -10.40 30.79
N TYR D 601 40.85 -9.58 30.78
CA TYR D 601 40.97 -8.13 30.92
C TYR D 601 41.60 -7.82 32.29
N GLY D 602 41.09 -8.44 33.36
CA GLY D 602 41.59 -8.27 34.72
C GLY D 602 43.05 -8.73 34.89
N TYR D 603 43.40 -9.82 34.20
CA TYR D 603 44.78 -10.30 34.18
C TYR D 603 45.71 -9.23 33.56
N SER D 604 45.31 -8.60 32.43
CA SER D 604 46.11 -7.55 31.79
C SER D 604 46.29 -6.30 32.71
N VAL D 605 45.27 -5.96 33.53
CA VAL D 605 45.32 -4.88 34.51
C VAL D 605 46.23 -5.31 35.70
N GLY D 606 46.07 -6.55 36.18
CA GLY D 606 46.87 -7.11 37.28
C GLY D 606 48.36 -7.17 37.00
N ASN D 607 48.76 -7.44 35.72
CA ASN D 607 50.15 -7.49 35.27
C ASN D 607 50.23 -6.74 33.92
N PRO D 608 50.49 -5.41 33.96
CA PRO D 608 50.60 -4.63 32.71
C PRO D 608 51.75 -5.06 31.78
N ASP D 609 52.76 -5.79 32.31
CA ASP D 609 53.93 -6.26 31.56
C ASP D 609 53.66 -7.60 30.84
N ALA D 610 52.53 -8.24 31.12
CA ALA D 610 52.16 -9.51 30.48
C ALA D 610 51.54 -9.29 29.11
N MET D 611 51.74 -10.27 28.21
CA MET D 611 51.09 -10.36 26.89
C MET D 611 49.92 -11.28 27.16
N VAL D 612 48.70 -10.74 27.13
CA VAL D 612 47.48 -11.48 27.48
C VAL D 612 46.58 -11.56 26.29
N LEU D 613 46.28 -12.79 25.84
CA LEU D 613 45.44 -13.01 24.67
C LEU D 613 44.29 -13.94 24.99
N TRP D 614 43.08 -13.54 24.59
CA TRP D 614 41.89 -14.36 24.72
C TRP D 614 41.40 -14.69 23.31
N GLU D 615 41.07 -15.96 23.06
CA GLU D 615 40.60 -16.37 21.75
C GLU D 615 39.18 -16.90 21.78
N ALA D 616 38.32 -16.29 20.93
CA ALA D 616 36.96 -16.79 20.74
C ALA D 616 37.02 -18.05 19.86
N GLN D 617 36.11 -19.02 20.07
CA GLN D 617 36.06 -20.24 19.25
C GLN D 617 35.78 -19.77 17.81
N PHE D 618 34.80 -18.85 17.69
CA PHE D 618 34.42 -18.09 16.51
C PHE D 618 34.11 -16.71 17.03
N GLY D 619 34.43 -15.66 16.28
CA GLY D 619 34.16 -14.29 16.72
C GLY D 619 32.69 -14.04 17.05
N ASP D 620 31.79 -14.82 16.44
CA ASP D 620 30.32 -14.75 16.60
C ASP D 620 29.82 -14.94 18.05
N PHE D 621 30.65 -15.58 18.90
CA PHE D 621 30.29 -15.87 20.28
C PHE D 621 30.76 -14.84 21.28
N VAL D 622 31.58 -13.86 20.83
CA VAL D 622 32.10 -12.82 21.74
C VAL D 622 30.95 -11.91 22.27
N ASN D 623 29.77 -11.86 21.56
CA ASN D 623 28.64 -11.02 22.04
C ASN D 623 28.14 -11.49 23.43
N GLY D 624 28.50 -12.73 23.83
CA GLY D 624 28.22 -13.26 25.16
C GLY D 624 29.03 -12.55 26.21
N ALA D 625 30.11 -11.83 25.81
CA ALA D 625 30.95 -11.00 26.70
C ALA D 625 30.76 -9.50 26.39
N GLN D 626 29.65 -9.09 25.78
CA GLN D 626 29.40 -7.70 25.40
C GLN D 626 29.54 -6.69 26.58
N SER D 627 29.11 -7.04 27.81
CA SER D 627 29.25 -6.18 28.99
C SER D 627 30.70 -5.86 29.28
N ILE D 628 31.60 -6.83 29.14
CA ILE D 628 33.04 -6.63 29.41
C ILE D 628 33.63 -5.75 28.34
N ILE D 629 33.26 -6.00 27.08
CA ILE D 629 33.72 -5.23 25.93
C ILE D 629 33.27 -3.77 26.10
N ASP D 630 31.98 -3.54 26.37
CA ASP D 630 31.38 -2.21 26.51
C ASP D 630 31.85 -1.47 27.76
N GLU D 631 31.87 -2.14 28.91
CA GLU D 631 32.10 -1.53 30.21
C GLU D 631 33.55 -1.48 30.67
N PHE D 632 34.42 -2.35 30.16
CA PHE D 632 35.79 -2.39 30.65
C PHE D 632 36.80 -2.15 29.54
N ILE D 633 36.83 -3.04 28.56
CA ILE D 633 37.84 -3.02 27.48
C ILE D 633 37.84 -1.71 26.67
N SER D 634 36.72 -1.36 26.06
CA SER D 634 36.66 -0.21 25.16
C SER D 634 36.65 1.12 25.88
N SER D 635 36.23 1.15 27.15
CA SER D 635 35.96 2.39 27.85
C SER D 635 36.66 2.64 29.21
N GLY D 636 37.27 1.62 29.81
CA GLY D 636 37.92 1.76 31.12
C GLY D 636 38.99 2.83 31.25
N GLU D 637 39.79 3.10 30.19
CA GLU D 637 40.84 4.14 30.21
C GLU D 637 40.23 5.57 30.31
N ALA D 638 39.22 5.86 29.49
CA ALA D 638 38.55 7.18 29.49
C ALA D 638 37.76 7.42 30.77
N LYS D 639 37.13 6.37 31.31
CA LYS D 639 36.26 6.55 32.49
C LYS D 639 37.03 6.52 33.80
N TRP D 640 38.04 5.65 33.92
CA TRP D 640 38.71 5.47 35.21
C TRP D 640 40.22 5.65 35.20
N GLY D 641 40.82 5.82 34.03
CA GLY D 641 42.28 5.89 33.93
C GLY D 641 42.91 4.51 34.04
N GLN D 642 42.07 3.45 34.01
CA GLN D 642 42.52 2.07 34.10
C GLN D 642 42.95 1.61 32.72
N LEU D 643 44.18 1.11 32.59
CA LEU D 643 44.74 0.70 31.30
C LEU D 643 44.76 -0.80 31.15
N SER D 644 44.43 -1.27 29.95
CA SER D 644 44.47 -2.70 29.64
C SER D 644 45.12 -2.93 28.28
N ASP D 645 46.01 -3.90 28.22
CA ASP D 645 46.72 -4.31 27.01
C ASP D 645 46.16 -5.64 26.47
N VAL D 646 44.95 -6.04 26.91
CA VAL D 646 44.33 -7.31 26.54
C VAL D 646 44.16 -7.43 25.00
N VAL D 647 44.41 -8.65 24.47
CA VAL D 647 44.26 -8.99 23.05
C VAL D 647 43.04 -9.89 22.91
N LEU D 648 42.14 -9.57 21.95
CA LEU D 648 41.01 -10.45 21.64
C LEU D 648 41.23 -10.98 20.23
N LEU D 649 41.32 -12.31 20.08
CA LEU D 649 41.48 -12.99 18.78
C LEU D 649 40.12 -13.51 18.36
N LEU D 650 39.58 -12.95 17.30
CA LEU D 650 38.21 -13.29 16.90
C LEU D 650 38.15 -13.90 15.48
N PRO D 651 38.05 -15.26 15.35
CA PRO D 651 37.99 -15.88 14.00
C PRO D 651 36.79 -15.36 13.23
N HIS D 652 37.09 -14.79 12.06
CA HIS D 652 36.13 -14.06 11.26
C HIS D 652 36.29 -14.40 9.79
N GLY D 653 35.17 -14.41 9.07
CA GLY D 653 35.18 -14.65 7.63
C GLY D 653 34.00 -15.40 7.07
N HIS D 654 33.49 -14.91 5.94
CA HIS D 654 32.38 -15.48 5.19
C HIS D 654 32.87 -16.71 4.44
N GLU D 655 32.39 -17.91 4.82
CA GLU D 655 32.80 -19.19 4.20
C GLU D 655 31.64 -20.19 4.03
N GLY D 656 30.42 -19.74 4.26
CA GLY D 656 29.23 -20.56 4.12
C GLY D 656 28.87 -21.41 5.31
N GLN D 657 29.38 -21.07 6.52
CA GLN D 657 29.07 -21.86 7.70
C GLN D 657 27.95 -21.26 8.56
N GLY D 658 27.20 -20.32 8.01
CA GLY D 658 26.05 -19.74 8.68
C GLY D 658 26.27 -18.47 9.48
N PRO D 659 25.16 -17.87 9.99
CA PRO D 659 25.24 -16.59 10.69
C PRO D 659 25.95 -16.60 12.06
N ASP D 660 26.24 -17.78 12.62
CA ASP D 660 26.96 -17.90 13.90
C ASP D 660 28.38 -18.43 13.72
N HIS D 661 28.86 -18.51 12.46
CA HIS D 661 30.23 -18.99 12.20
C HIS D 661 30.80 -18.16 11.06
N THR D 662 30.53 -16.84 11.09
CA THR D 662 30.93 -15.95 10.04
C THR D 662 31.51 -14.61 10.53
N SER D 663 30.92 -13.98 11.54
CA SER D 663 31.37 -12.65 11.87
C SER D 663 31.70 -12.40 13.35
N GLY D 664 32.81 -11.70 13.57
CA GLY D 664 33.21 -11.20 14.87
C GLY D 664 32.63 -9.82 15.14
N ARG D 665 31.72 -9.37 14.28
CA ARG D 665 31.05 -8.06 14.33
C ARG D 665 32.06 -6.90 14.35
N ILE D 666 32.85 -6.76 13.26
CA ILE D 666 33.86 -5.68 13.07
C ILE D 666 33.22 -4.29 13.28
N GLU D 667 32.02 -4.07 12.68
CA GLU D 667 31.24 -2.83 12.71
C GLU D 667 30.94 -2.38 14.15
N ARG D 668 30.74 -3.32 15.08
CA ARG D 668 30.47 -3.02 16.49
C ARG D 668 31.75 -2.51 17.19
N PHE D 669 32.90 -3.14 16.93
CA PHE D 669 34.17 -2.69 17.52
C PHE D 669 34.57 -1.33 16.95
N LEU D 670 34.33 -1.10 15.64
CA LEU D 670 34.67 0.16 14.99
C LEU D 670 33.77 1.30 15.53
N GLN D 671 32.52 1.00 15.89
CA GLN D 671 31.54 1.91 16.48
C GLN D 671 31.95 2.30 17.91
N LEU D 672 32.52 1.35 18.66
CA LEU D 672 32.97 1.56 20.06
C LEU D 672 34.25 2.39 20.12
N TRP D 673 35.12 2.27 19.09
CA TRP D 673 36.41 2.94 19.01
C TRP D 673 36.20 4.46 18.98
N ALA D 674 37.08 5.17 19.68
CA ALA D 674 37.17 6.63 19.65
C ALA D 674 38.47 7.05 20.28
N GLU D 675 39.05 8.16 19.78
CA GLU D 675 40.25 8.83 20.30
C GLU D 675 41.38 7.85 20.68
N GLY D 676 41.66 6.94 19.76
CA GLY D 676 42.70 5.94 19.90
C GLY D 676 42.63 5.03 21.10
N SER D 677 41.41 4.67 21.56
CA SER D 677 41.15 3.81 22.72
C SER D 677 41.64 2.36 22.54
N MET D 678 41.63 1.83 21.30
CA MET D 678 42.02 0.45 20.96
C MET D 678 42.69 0.36 19.61
N THR D 679 43.37 -0.78 19.33
CA THR D 679 43.88 -1.06 17.98
C THR D 679 42.96 -2.14 17.41
N ILE D 680 42.46 -1.95 16.19
CA ILE D 680 41.57 -2.92 15.54
C ILE D 680 42.25 -3.32 14.21
N ALA D 681 42.56 -4.63 14.06
CA ALA D 681 43.25 -5.08 12.87
C ALA D 681 42.66 -6.34 12.28
N MET D 682 42.82 -6.49 10.95
CA MET D 682 42.43 -7.69 10.21
C MET D 682 43.61 -8.04 9.25
N PRO D 683 44.69 -8.67 9.77
CA PRO D 683 45.85 -8.96 8.89
C PRO D 683 45.53 -10.05 7.87
N SER D 684 46.12 -9.93 6.66
CA SER D 684 45.93 -10.85 5.54
C SER D 684 47.15 -11.76 5.36
N THR D 685 48.23 -11.50 6.09
CA THR D 685 49.49 -12.22 5.91
C THR D 685 50.04 -12.72 7.27
N PRO D 686 50.65 -13.94 7.30
CA PRO D 686 51.24 -14.44 8.55
C PRO D 686 52.30 -13.50 9.15
N ALA D 687 53.23 -12.97 8.32
CA ALA D 687 54.29 -12.07 8.79
C ALA D 687 53.72 -10.75 9.34
N ASN D 688 52.66 -10.23 8.73
CA ASN D 688 52.03 -9.00 9.20
C ASN D 688 51.35 -9.23 10.54
N TYR D 689 50.79 -10.44 10.76
CA TYR D 689 50.18 -10.79 12.05
C TYR D 689 51.29 -10.90 13.11
N PHE D 690 52.42 -11.53 12.73
CA PHE D 690 53.60 -11.68 13.60
C PHE D 690 54.08 -10.30 14.09
N HIS D 691 54.25 -9.35 13.15
CA HIS D 691 54.73 -8.00 13.48
C HIS D 691 53.69 -7.22 14.28
N LEU D 692 52.39 -7.47 14.06
CA LEU D 692 51.29 -6.85 14.82
C LEU D 692 51.36 -7.27 16.30
N LEU D 693 51.54 -8.58 16.57
CA LEU D 693 51.64 -9.10 17.95
C LEU D 693 52.90 -8.62 18.65
N ARG D 694 54.05 -8.60 17.93
CA ARG D 694 55.31 -8.15 18.53
C ARG D 694 55.29 -6.65 18.81
N ARG D 695 54.70 -5.82 17.92
CA ARG D 695 54.56 -4.37 18.15
C ARG D 695 53.71 -4.15 19.43
N HIS D 696 52.56 -4.86 19.55
CA HIS D 696 51.69 -4.78 20.71
C HIS D 696 52.42 -5.18 21.99
N GLY D 697 53.23 -6.23 21.92
CA GLY D 697 53.97 -6.70 23.08
C GLY D 697 55.18 -5.86 23.46
N LYS D 698 55.66 -4.98 22.55
CA LYS D 698 56.89 -4.21 22.79
C LYS D 698 56.73 -2.67 22.74
N ASP D 699 55.59 -2.14 22.25
CA ASP D 699 55.38 -0.68 22.09
C ASP D 699 55.17 0.10 23.42
N GLY D 700 54.87 -0.60 24.52
CA GLY D 700 54.58 0.01 25.82
C GLY D 700 53.29 0.79 25.89
N ILE D 701 52.41 0.70 24.86
CA ILE D 701 51.11 1.38 24.80
C ILE D 701 50.09 0.42 25.42
N GLN D 702 49.62 0.72 26.66
CA GLN D 702 48.66 -0.13 27.34
C GLN D 702 47.24 0.13 26.83
N ARG D 703 46.92 -0.42 25.65
CA ARG D 703 45.60 -0.27 25.01
C ARG D 703 45.18 -1.59 24.37
N PRO D 704 43.88 -1.97 24.43
CA PRO D 704 43.48 -3.27 23.87
C PRO D 704 43.73 -3.42 22.36
N LEU D 705 43.94 -4.67 21.92
CA LEU D 705 44.15 -5.01 20.52
C LEU D 705 43.06 -5.99 20.10
N ILE D 706 42.32 -5.65 19.03
CA ILE D 706 41.25 -6.51 18.51
C ILE D 706 41.71 -7.06 17.18
N VAL D 707 41.83 -8.39 17.10
CA VAL D 707 42.31 -9.01 15.87
C VAL D 707 41.24 -9.93 15.30
N PHE D 708 40.87 -9.68 14.02
CA PHE D 708 39.95 -10.53 13.28
C PHE D 708 40.85 -11.51 12.53
N THR D 709 40.93 -12.74 13.05
CA THR D 709 41.81 -13.82 12.61
C THR D 709 41.12 -14.77 11.65
N PRO D 710 41.89 -15.53 10.82
CA PRO D 710 41.28 -16.38 9.80
C PRO D 710 40.87 -17.77 10.28
N LYS D 711 40.18 -18.48 9.40
CA LYS D 711 39.66 -19.84 9.55
C LYS D 711 40.19 -20.67 8.34
N SER D 712 39.59 -20.54 7.14
CA SER D 712 40.10 -21.24 5.95
C SER D 712 41.44 -20.66 5.45
N MET D 713 41.66 -19.34 5.60
CA MET D 713 42.91 -18.65 5.18
C MET D 713 44.15 -19.20 5.96
N LEU D 714 43.94 -19.91 7.10
CA LEU D 714 45.01 -20.61 7.82
C LEU D 714 45.70 -21.63 6.92
N ARG D 715 44.94 -22.24 5.99
CA ARG D 715 45.42 -23.29 5.10
C ARG D 715 45.52 -22.84 3.63
N ASN D 716 45.30 -21.54 3.37
CA ASN D 716 45.44 -20.98 2.02
C ASN D 716 46.94 -20.93 1.68
N LYS D 717 47.37 -21.65 0.62
CA LYS D 717 48.78 -21.76 0.24
C LYS D 717 49.35 -20.43 -0.33
N ALA D 718 48.48 -19.47 -0.69
CA ALA D 718 48.94 -18.16 -1.13
C ALA D 718 49.22 -17.28 0.09
N ALA D 719 48.58 -17.59 1.25
CA ALA D 719 48.71 -16.84 2.50
C ALA D 719 49.86 -17.38 3.38
N VAL D 720 51.08 -17.36 2.84
CA VAL D 720 52.33 -17.80 3.50
C VAL D 720 53.34 -16.66 3.37
N SER D 721 54.33 -16.62 4.29
CA SER D 721 55.32 -15.56 4.29
C SER D 721 56.76 -16.09 4.19
N ASP D 722 57.66 -15.26 3.63
CA ASP D 722 59.09 -15.57 3.50
C ASP D 722 59.81 -15.21 4.78
N ILE D 723 60.98 -15.84 5.03
CA ILE D 723 61.82 -15.59 6.22
C ILE D 723 62.14 -14.09 6.36
N ARG D 724 62.47 -13.41 5.24
CA ARG D 724 62.84 -11.99 5.17
C ARG D 724 61.70 -11.07 5.64
N ASP D 725 60.43 -11.52 5.51
CA ASP D 725 59.27 -10.75 5.97
C ASP D 725 59.26 -10.64 7.51
N PHE D 726 59.94 -11.59 8.20
CA PHE D 726 60.05 -11.63 9.66
C PHE D 726 61.35 -10.99 10.16
N THR D 727 62.45 -11.09 9.38
CA THR D 727 63.79 -10.63 9.75
C THR D 727 64.16 -9.23 9.23
N GLU D 728 63.47 -8.73 8.18
CA GLU D 728 63.82 -7.44 7.59
C GLU D 728 62.62 -6.55 7.29
N SER D 729 61.51 -6.77 7.98
CA SER D 729 60.34 -5.95 7.78
C SER D 729 59.78 -5.52 9.12
N LYS D 730 58.64 -4.83 9.07
CA LYS D 730 57.91 -4.35 10.24
C LYS D 730 56.42 -4.39 9.88
N PHE D 731 55.53 -4.16 10.88
CA PHE D 731 54.08 -4.17 10.64
C PHE D 731 53.74 -3.12 9.59
N ARG D 732 52.96 -3.54 8.59
CA ARG D 732 52.52 -2.66 7.51
C ARG D 732 50.99 -2.51 7.62
N SER D 733 50.54 -1.29 7.96
CA SER D 733 49.14 -0.96 8.16
C SER D 733 48.37 -0.94 6.83
N VAL D 734 49.07 -0.69 5.74
CA VAL D 734 48.52 -0.66 4.37
C VAL D 734 49.42 -1.55 3.51
N LEU D 735 48.84 -2.48 2.75
CA LEU D 735 49.62 -3.36 1.87
C LEU D 735 49.20 -3.25 0.42
N GLU D 736 50.20 -3.17 -0.46
CA GLU D 736 50.01 -3.20 -1.90
C GLU D 736 50.26 -4.61 -2.39
N GLU D 737 49.86 -4.89 -3.63
CA GLU D 737 50.14 -6.18 -4.28
C GLU D 737 51.65 -6.31 -4.48
N PRO D 738 52.24 -7.50 -4.20
CA PRO D 738 53.69 -7.68 -4.39
C PRO D 738 54.22 -7.40 -5.82
N MET D 739 53.34 -7.48 -6.86
CA MET D 739 53.76 -7.19 -8.24
C MET D 739 54.20 -5.72 -8.40
N TYR D 740 53.70 -4.80 -7.56
CA TYR D 740 54.06 -3.38 -7.65
C TYR D 740 55.28 -3.05 -6.77
N THR D 741 55.38 -3.69 -5.59
CA THR D 741 56.49 -3.44 -4.65
C THR D 741 57.75 -4.28 -4.96
N ASP D 742 57.59 -5.54 -5.40
CA ASP D 742 58.69 -6.44 -5.65
C ASP D 742 58.77 -6.94 -7.10
N GLY D 743 57.64 -6.93 -7.80
CA GLY D 743 57.56 -7.44 -9.17
C GLY D 743 57.75 -6.41 -10.27
N GLU D 744 57.21 -6.75 -11.46
CA GLU D 744 57.29 -5.92 -12.67
C GLU D 744 55.90 -5.35 -13.06
N GLY D 745 55.06 -5.10 -12.07
CA GLY D 745 53.75 -4.49 -12.28
C GLY D 745 53.87 -2.99 -12.50
N ASP D 746 52.99 -2.44 -13.37
CA ASP D 746 52.98 -1.01 -13.67
C ASP D 746 51.74 -0.32 -13.06
N ARG D 747 51.98 0.46 -11.99
CA ARG D 747 51.00 1.26 -11.26
C ARG D 747 50.30 2.32 -12.13
N ASN D 748 50.95 2.79 -13.22
CA ASN D 748 50.40 3.84 -14.09
C ASN D 748 49.29 3.35 -15.02
N LYS D 749 49.20 2.04 -15.27
CA LYS D 749 48.13 1.47 -16.10
C LYS D 749 46.81 1.32 -15.27
N VAL D 750 46.89 1.52 -13.95
CA VAL D 750 45.77 1.39 -12.99
C VAL D 750 44.78 2.58 -13.09
N THR D 751 43.48 2.24 -13.33
CA THR D 751 42.35 3.16 -13.48
C THR D 751 41.26 2.92 -12.41
N ARG D 752 41.19 1.67 -11.88
CA ARG D 752 40.23 1.27 -10.84
C ARG D 752 40.98 0.75 -9.62
N LEU D 753 40.71 1.37 -8.48
CA LEU D 753 41.35 0.97 -7.24
C LEU D 753 40.34 0.29 -6.31
N LEU D 754 40.65 -0.95 -5.92
CA LEU D 754 39.85 -1.74 -4.99
C LEU D 754 40.53 -1.71 -3.61
N LEU D 755 39.84 -1.17 -2.62
CA LEU D 755 40.31 -1.12 -1.23
C LEU D 755 39.57 -2.16 -0.46
N THR D 756 40.31 -2.96 0.31
CA THR D 756 39.72 -4.07 1.02
C THR D 756 40.52 -4.42 2.29
N SER D 757 40.10 -5.50 2.97
CA SER D 757 40.73 -6.03 4.16
C SER D 757 40.42 -7.52 4.31
N GLY D 758 41.41 -8.29 4.74
CA GLY D 758 41.21 -9.72 4.98
C GLY D 758 41.33 -10.62 3.76
N LYS D 759 40.89 -11.87 3.93
CA LYS D 759 41.02 -12.98 3.00
C LYS D 759 40.44 -12.72 1.59
N ILE D 760 39.45 -11.80 1.39
CA ILE D 760 38.86 -11.56 0.06
C ILE D 760 39.93 -11.03 -0.92
N TYR D 761 41.06 -10.49 -0.41
CA TYR D 761 42.19 -10.03 -1.22
C TYR D 761 42.67 -11.14 -2.15
N TYR D 762 42.85 -12.37 -1.63
CA TYR D 762 43.36 -13.51 -2.40
C TYR D 762 42.42 -13.88 -3.55
N GLU D 763 41.10 -13.82 -3.33
CA GLU D 763 40.10 -14.13 -4.35
C GLU D 763 40.11 -13.05 -5.44
N LEU D 764 40.25 -11.76 -5.03
CA LEU D 764 40.34 -10.61 -5.92
C LEU D 764 41.63 -10.69 -6.72
N ALA D 765 42.76 -11.07 -6.07
CA ALA D 765 44.08 -11.19 -6.70
C ALA D 765 44.09 -12.32 -7.74
N ALA D 766 43.49 -13.50 -7.39
CA ALA D 766 43.35 -14.66 -8.30
C ALA D 766 42.55 -14.28 -9.55
N ARG D 767 41.44 -13.52 -9.39
CA ARG D 767 40.59 -13.06 -10.48
C ARG D 767 41.34 -12.06 -11.34
N LYS D 768 42.15 -11.17 -10.72
CA LYS D 768 43.00 -10.21 -11.45
C LYS D 768 43.99 -10.96 -12.37
N ALA D 769 44.66 -11.99 -11.80
CA ALA D 769 45.66 -12.84 -12.47
C ALA D 769 45.03 -13.64 -13.60
N LYS D 770 43.82 -14.18 -13.39
CA LYS D 770 43.08 -14.98 -14.37
C LYS D 770 42.77 -14.16 -15.65
N GLU D 771 42.29 -12.91 -15.48
CA GLU D 771 41.91 -12.03 -16.59
C GLU D 771 43.05 -11.08 -17.01
N ASN D 772 44.29 -11.23 -16.44
CA ASN D 772 45.48 -10.39 -16.72
C ASN D 772 45.07 -8.90 -16.63
N ARG D 773 44.44 -8.53 -15.48
CA ARG D 773 43.82 -7.24 -15.26
C ARG D 773 44.79 -6.17 -14.71
N GLU D 774 45.54 -5.51 -15.62
CA GLU D 774 46.55 -4.48 -15.33
C GLU D 774 45.93 -3.14 -14.97
N ASP D 775 44.66 -2.90 -15.38
CA ASP D 775 43.91 -1.65 -15.10
C ASP D 775 43.36 -1.58 -13.66
N VAL D 776 43.32 -2.72 -12.96
CA VAL D 776 42.79 -2.83 -11.60
C VAL D 776 43.91 -3.14 -10.59
N ALA D 777 43.95 -2.42 -9.43
CA ALA D 777 44.90 -2.66 -8.33
C ALA D 777 44.15 -2.86 -7.02
N ILE D 778 44.66 -3.76 -6.15
CA ILE D 778 44.02 -4.09 -4.87
C ILE D 778 44.91 -3.64 -3.72
N VAL D 779 44.38 -2.74 -2.88
CA VAL D 779 45.11 -2.21 -1.73
C VAL D 779 44.41 -2.72 -0.46
N ARG D 780 45.19 -3.23 0.49
CA ARG D 780 44.65 -3.75 1.75
C ARG D 780 44.87 -2.82 2.90
N ILE D 781 43.85 -2.66 3.75
CA ILE D 781 43.92 -1.91 4.99
C ILE D 781 44.00 -2.95 6.09
N GLU D 782 45.20 -3.15 6.63
CA GLU D 782 45.50 -4.15 7.66
C GLU D 782 45.08 -3.64 9.04
N GLN D 783 45.29 -2.35 9.31
CA GLN D 783 44.93 -1.70 10.55
C GLN D 783 43.67 -0.87 10.31
N LEU D 784 42.52 -1.34 10.82
CA LEU D 784 41.23 -0.68 10.60
C LEU D 784 41.06 0.52 11.51
N ALA D 785 41.64 0.47 12.70
CA ALA D 785 41.59 1.53 13.69
C ALA D 785 42.84 1.50 14.61
N PRO D 786 43.53 2.64 14.79
CA PRO D 786 43.29 3.94 14.15
C PRO D 786 43.58 3.86 12.65
N LEU D 787 42.84 4.61 11.85
CA LEU D 787 43.06 4.58 10.41
C LEU D 787 44.46 5.09 10.04
N PRO D 788 45.22 4.34 9.21
CA PRO D 788 46.56 4.81 8.80
C PRO D 788 46.45 5.87 7.70
N ARG D 789 45.97 7.08 8.08
CA ARG D 789 45.74 8.22 7.18
C ARG D 789 46.94 8.54 6.27
N ARG D 790 48.15 8.78 6.85
CA ARG D 790 49.36 9.11 6.07
C ARG D 790 49.78 7.97 5.15
N ARG D 791 49.87 6.70 5.65
CA ARG D 791 50.23 5.55 4.82
C ARG D 791 49.22 5.37 3.68
N LEU D 792 47.92 5.52 3.99
CA LEU D 792 46.86 5.39 3.00
C LEU D 792 47.01 6.43 1.88
N ALA D 793 47.22 7.70 2.25
CA ALA D 793 47.41 8.81 1.31
C ALA D 793 48.64 8.61 0.40
N GLU D 794 49.80 8.22 0.99
CA GLU D 794 51.05 7.96 0.26
C GLU D 794 50.93 6.81 -0.74
N THR D 795 50.22 5.71 -0.39
CA THR D 795 50.11 4.56 -1.30
C THR D 795 49.17 4.88 -2.46
N LEU D 796 48.05 5.61 -2.21
CA LEU D 796 47.10 5.96 -3.29
C LEU D 796 47.72 6.99 -4.26
N ASP D 797 48.67 7.81 -3.78
CA ASP D 797 49.38 8.82 -4.59
C ASP D 797 50.28 8.16 -5.65
N ARG D 798 50.60 6.87 -5.46
CA ARG D 798 51.44 6.09 -6.38
C ARG D 798 50.65 5.54 -7.61
N TYR D 799 49.32 5.79 -7.65
CA TYR D 799 48.41 5.35 -8.72
C TYR D 799 47.78 6.62 -9.32
N PRO D 800 48.51 7.38 -10.19
CA PRO D 800 47.97 8.67 -10.65
C PRO D 800 46.80 8.62 -11.64
N ASN D 801 46.58 7.48 -12.32
CA ASN D 801 45.55 7.42 -13.34
C ASN D 801 44.24 6.74 -12.87
N VAL D 802 44.04 6.63 -11.54
CA VAL D 802 42.83 6.06 -10.93
C VAL D 802 41.66 7.04 -11.18
N LYS D 803 40.56 6.51 -11.75
CA LYS D 803 39.35 7.27 -12.08
C LYS D 803 38.17 6.86 -11.17
N GLU D 804 38.25 5.68 -10.52
CA GLU D 804 37.21 5.19 -9.60
C GLU D 804 37.80 4.37 -8.47
N LYS D 805 37.24 4.53 -7.24
CA LYS D 805 37.67 3.85 -5.99
C LYS D 805 36.51 3.12 -5.31
N PHE D 806 36.73 1.82 -5.00
CA PHE D 806 35.72 1.00 -4.34
C PHE D 806 36.22 0.37 -3.07
N TRP D 807 35.38 0.38 -2.04
CA TRP D 807 35.62 -0.36 -0.80
C TRP D 807 34.93 -1.70 -1.02
N VAL D 808 35.70 -2.79 -1.03
CA VAL D 808 35.19 -4.14 -1.29
C VAL D 808 35.23 -4.95 0.00
N GLN D 809 34.10 -5.59 0.36
CA GLN D 809 34.02 -6.42 1.56
C GLN D 809 33.02 -7.56 1.38
N GLU D 810 33.24 -8.64 2.13
CA GLU D 810 32.39 -9.81 2.17
C GLU D 810 31.13 -9.56 2.99
N GLU D 811 31.23 -8.74 4.04
CA GLU D 811 30.15 -8.51 5.00
C GLU D 811 29.00 -7.71 4.40
N PRO D 812 27.75 -7.94 4.90
CA PRO D 812 26.61 -7.11 4.45
C PRO D 812 26.90 -5.59 4.59
N ALA D 813 26.25 -4.76 3.76
CA ALA D 813 26.42 -3.30 3.69
C ALA D 813 26.31 -2.58 5.06
N ASN D 814 25.50 -3.11 6.01
CA ASN D 814 25.32 -2.53 7.36
C ASN D 814 26.32 -3.10 8.35
N GLN D 815 27.26 -3.94 7.85
CA GLN D 815 28.25 -4.63 8.67
C GLN D 815 29.64 -4.45 8.08
N GLY D 816 30.66 -5.04 8.74
CA GLY D 816 32.05 -4.88 8.32
C GLY D 816 32.56 -3.48 8.57
N ALA D 817 33.56 -3.04 7.79
CA ALA D 817 34.15 -1.73 7.96
C ALA D 817 33.39 -0.61 7.22
N TRP D 818 32.51 -0.94 6.24
CA TRP D 818 31.82 0.07 5.42
C TRP D 818 31.01 1.12 6.24
N PRO D 819 30.14 0.76 7.22
CA PRO D 819 29.41 1.81 7.96
C PRO D 819 30.30 2.91 8.57
N SER D 820 31.56 2.59 8.99
CA SER D 820 32.44 3.64 9.52
C SER D 820 33.35 4.20 8.41
N PHE D 821 33.95 3.35 7.55
CA PHE D 821 34.82 3.82 6.44
C PHE D 821 34.08 4.67 5.44
N GLY D 822 32.83 4.30 5.13
CA GLY D 822 31.98 5.01 4.18
C GLY D 822 31.73 6.45 4.59
N LEU D 823 31.74 6.70 5.92
CA LEU D 823 31.55 8.03 6.48
C LEU D 823 32.90 8.73 6.77
N THR D 824 33.87 7.99 7.30
CA THR D 824 35.17 8.53 7.73
C THR D 824 36.13 8.85 6.56
N LEU D 825 36.44 7.88 5.67
CA LEU D 825 37.40 8.07 4.56
C LEU D 825 37.12 9.33 3.72
N PRO D 826 35.88 9.64 3.24
CA PRO D 826 35.71 10.91 2.49
C PRO D 826 35.95 12.17 3.34
N GLU D 827 35.82 12.09 4.68
CA GLU D 827 36.04 13.22 5.58
C GLU D 827 37.52 13.40 5.94
N ILE D 828 38.20 12.31 6.33
CA ILE D 828 39.62 12.30 6.74
C ILE D 828 40.55 12.55 5.53
N LEU D 829 40.22 11.97 4.32
CA LEU D 829 41.02 12.14 3.10
C LEU D 829 40.10 12.59 1.95
N PRO D 830 39.59 13.86 1.96
CA PRO D 830 38.66 14.30 0.92
C PRO D 830 39.19 14.29 -0.49
N ASP D 831 40.50 14.52 -0.68
CA ASP D 831 41.07 14.56 -2.03
C ASP D 831 41.28 13.15 -2.61
N HIS D 832 41.28 12.11 -1.75
CA HIS D 832 41.46 10.74 -2.19
C HIS D 832 40.16 9.94 -2.23
N PHE D 833 39.22 10.16 -1.29
CA PHE D 833 38.03 9.30 -1.19
C PHE D 833 36.67 9.95 -1.45
N THR D 834 36.62 11.15 -2.05
CA THR D 834 35.33 11.74 -2.43
C THR D 834 34.87 10.93 -3.64
N GLY D 835 33.68 10.36 -3.55
CA GLY D 835 33.13 9.52 -4.61
C GLY D 835 33.38 8.04 -4.40
N LEU D 836 33.87 7.66 -3.20
CA LEU D 836 34.13 6.28 -2.82
C LEU D 836 32.83 5.48 -2.86
N LYS D 837 32.86 4.33 -3.54
CA LYS D 837 31.68 3.49 -3.68
C LYS D 837 31.89 2.16 -2.97
N ARG D 838 30.79 1.50 -2.58
CA ARG D 838 30.83 0.22 -1.86
C ARG D 838 30.48 -0.98 -2.76
N ILE D 839 31.23 -2.08 -2.62
CA ILE D 839 30.97 -3.39 -3.20
C ILE D 839 30.95 -4.32 -2.02
N SER D 840 29.77 -4.87 -1.70
CA SER D 840 29.59 -5.75 -0.55
C SER D 840 28.38 -6.63 -0.73
N ARG D 841 28.05 -7.41 0.29
CA ARG D 841 26.79 -8.09 0.34
C ARG D 841 25.71 -7.03 0.67
N ARG D 842 24.45 -7.33 0.36
CA ARG D 842 23.33 -6.46 0.71
C ARG D 842 23.18 -6.41 2.24
N ALA D 843 22.57 -5.35 2.76
CA ALA D 843 22.32 -5.19 4.19
C ALA D 843 21.44 -6.37 4.67
N MET D 844 21.83 -7.01 5.79
CA MET D 844 21.13 -8.16 6.35
C MET D 844 20.93 -8.01 7.85
N SER D 845 19.81 -8.57 8.37
CA SER D 845 19.48 -8.55 9.79
C SER D 845 20.25 -9.64 10.57
N ALA D 846 21.09 -10.42 9.87
CA ALA D 846 21.95 -11.48 10.41
C ALA D 846 23.35 -11.37 9.74
N PRO D 847 24.45 -11.90 10.33
CA PRO D 847 25.78 -11.72 9.69
C PRO D 847 25.91 -12.33 8.29
N SER D 848 25.08 -13.33 7.98
CA SER D 848 25.07 -14.00 6.70
C SER D 848 23.81 -14.83 6.53
N SER D 849 23.70 -15.48 5.36
CA SER D 849 22.65 -16.45 5.05
C SER D 849 22.97 -17.77 5.74
N GLY D 850 21.95 -18.57 5.99
CA GLY D 850 22.10 -19.90 6.57
C GLY D 850 22.52 -20.93 5.54
N SER D 851 22.41 -20.60 4.24
CA SER D 851 22.74 -21.50 3.15
C SER D 851 24.16 -21.26 2.59
N SER D 852 24.94 -22.35 2.44
CA SER D 852 26.28 -22.27 1.84
C SER D 852 26.16 -22.04 0.31
N LYS D 853 25.02 -22.43 -0.29
CA LYS D 853 24.76 -22.21 -1.71
C LYS D 853 24.51 -20.71 -1.96
N VAL D 854 23.73 -20.04 -1.09
CA VAL D 854 23.46 -18.59 -1.16
C VAL D 854 24.77 -17.84 -0.93
N HIS D 855 25.59 -18.29 0.05
CA HIS D 855 26.90 -17.67 0.32
C HIS D 855 27.77 -17.64 -0.96
N ALA D 856 27.90 -18.79 -1.65
CA ALA D 856 28.70 -18.98 -2.86
C ALA D 856 28.28 -18.06 -4.00
N VAL D 857 26.95 -17.89 -4.21
CA VAL D 857 26.39 -17.03 -5.26
C VAL D 857 26.72 -15.57 -4.92
N GLU D 858 26.52 -15.16 -3.65
CA GLU D 858 26.81 -13.80 -3.18
C GLU D 858 28.31 -13.48 -3.27
N GLN D 859 29.17 -14.47 -2.91
CA GLN D 859 30.63 -14.33 -2.99
C GLN D 859 31.04 -14.01 -4.44
N GLN D 860 30.55 -14.79 -5.42
CA GLN D 860 30.83 -14.62 -6.86
C GLN D 860 30.28 -13.29 -7.39
N GLU D 861 29.10 -12.88 -6.92
CA GLU D 861 28.46 -11.61 -7.26
C GLU D 861 29.37 -10.39 -6.91
N ILE D 862 30.04 -10.44 -5.75
CA ILE D 862 30.98 -9.41 -5.26
C ILE D 862 32.19 -9.35 -6.20
N LEU D 863 32.79 -10.52 -6.51
CA LEU D 863 33.95 -10.65 -7.39
C LEU D 863 33.64 -10.16 -8.79
N ASP D 864 32.44 -10.48 -9.32
CA ASP D 864 32.03 -10.05 -10.66
C ASP D 864 31.78 -8.54 -10.71
N THR D 865 31.20 -7.96 -9.63
CA THR D 865 30.93 -6.51 -9.55
C THR D 865 32.26 -5.73 -9.53
N ALA D 866 33.26 -6.25 -8.79
CA ALA D 866 34.58 -5.64 -8.67
C ALA D 866 35.34 -5.60 -10.00
N PHE D 867 35.09 -6.59 -10.90
CA PHE D 867 35.76 -6.69 -12.19
C PHE D 867 34.80 -6.44 -13.38
N GLY D 868 33.63 -5.87 -13.10
CA GLY D 868 32.63 -5.52 -14.10
C GLY D 868 33.00 -4.30 -14.93
#